data_6AJU
#
_entry.id   6AJU
#
_cell.length_a   98.717
_cell.length_b   138.084
_cell.length_c   222.255
_cell.angle_alpha   90.00
_cell.angle_beta   90.00
_cell.angle_gamma   90.00
#
_symmetry.space_group_name_H-M   'P 21 21 21'
#
loop_
_entity.id
_entity.type
_entity.pdbx_description
1 polymer 'Xanthine dehydrogenase/oxidase'
2 non-polymer 'FE2/S2 (INORGANIC) CLUSTER'
3 non-polymer 'URIC ACID'
4 non-polymer 'BICARBONATE ION'
5 non-polymer 'FLAVIN-ADENINE DINUCLEOTIDE'
6 water water
#
_entity_poly.entity_id   1
_entity_poly.type   'polypeptide(L)'
_entity_poly.pdbx_seq_one_letter_code
;MTADELVFFVNGKKVVEKNADPETTLLVYLRRKLGLCGTKLGCGEGGCGACTVMISKYDRLQNKIVHFSVNACLAPICSL
HHVAVTTVEGIGNTQKLHPVQERIARSHGSQCGFCTPGIVMSMYTLLRNQPEPTVEEIENAFQGNLCRCTGYRPILQGFR
TFAKDGGCCGGSGNNPNCCMNQTKDQTVSLSPSLFNPEDFKPLDPTQEPIFPPELLRLKDTPQKKLRFEGERVTWIQAST
MEELLDLKAQHPDAKLVVGNTEIGIEMKFKNMLFPLIVCPAWIPELNSVVHGPEGISFGASCPLSLVESVLAEEIAKLPE
QKTEVFRGVMEQLRWFAGKQVKSVASIGGNIITASPISDLNPVFMASGAKLTLVSRGTRRTVRMDHTFFPGYRKTLLRPE
EILLSIEIPYSKEGEFFSAFKQASRREDDIAKVTSGMRVLFKPGTIEVQELSLCFGGMADRTISALKTTPKQLSKSWNEE
LLQSVCAGLAEELQLAPDAPGGMVEFRRTLTLSFFFKFYLTVLQKLGRADLEDMCGKLDPTFASATLLFQKDPPANVQLF
QEVPKDQSEEDMVGRPLPHLAANMQASGEAVYCDDIPRYENELSLRLVTSTRAHAKITSIDTSEAKKVPGFVCFLTAEDV
PNSNATGLFNDETVFAKDEVTCVGHIIGAVVADTPEHAQRAARGVKITYEDLPAIITIQDAINNNSFYGSEIKIEKGDLK
KGFSEADNVVSGELYIGGQEHFYLETNCTIAVPKGEAGEMELFVSTQNTMKTQSFVAKMLGVPDNRIVVRVKRMGGGFGG
KETRSTVVSTALALAAHKTGRPVRCMLDRDEDMLITGGRHPFLAKYKVGFMKTGTVVALEVAHFSNGGNTEDLSRSIMER
ALFHMDNAYKIPNIRGTGRICKTNLPSNTAFRGFGGPQGMLIAEYWMSEVAITCGLPAEEVRRKNMYKEGDLTHFNQKLE
GFTLPRCWDECIASSQYLARKREVEKFNRENCWKKRGLCIIPTKFGISFTLPFLNQGGALVHVYTDGSVLLTHGGTEMGQ
GLHTKMVQVASRALKIPTSKIHISETSTNTVPNTSPTAASASADLNGQGVYEACQTILKRLEPFKKKKPTGPWEAWVMDA
YTSAVSLSATGFYKTPNLGYSFETNSGNPFHYFSYGVACSEVEIDCLTGDHKNLRTDIVMDVGSSLNPAIDIGQVEGAFV
QGLGLFTMEELHYSPEGSLHTRGPSTYKIPAFGSIPIEFRVSLLRDCPNKRAIYASKAVGEPPLFLASSIFFAIKDAIRA
ARAQHGDNAKQLFQLDSPATPEKIRNACVDQFTTLCVTGVPENCKSWSVRI
;
_entity_poly.pdbx_strand_id   A,F
#
loop_
_chem_comp.id
_chem_comp.type
_chem_comp.name
_chem_comp.formula
BCT non-polymer 'BICARBONATE ION' 'C H O3 -1'
FAD non-polymer 'FLAVIN-ADENINE DINUCLEOTIDE' 'C27 H33 N9 O15 P2'
FES non-polymer 'FE2/S2 (INORGANIC) CLUSTER' 'Fe2 S2'
URC non-polymer 'URIC ACID' 'C5 H4 N4 O3'
#
# COMPACT_ATOMS: atom_id res chain seq x y z
N ALA A 3 8.16 -6.01 40.46
CA ALA A 3 7.38 -5.25 39.39
C ALA A 3 7.02 -6.19 38.24
N ASP A 4 6.86 -5.54 37.06
CA ASP A 4 6.01 -5.93 35.96
C ASP A 4 6.17 -5.02 34.71
N GLU A 5 6.85 -3.87 34.73
CA GLU A 5 7.35 -3.20 33.50
C GLU A 5 8.69 -3.82 33.02
N LEU A 6 8.81 -4.00 31.69
CA LEU A 6 10.06 -4.46 31.05
C LEU A 6 10.72 -3.25 30.41
N VAL A 7 11.96 -2.95 30.82
CA VAL A 7 12.70 -1.82 30.36
C VAL A 7 14.07 -2.24 29.78
N PHE A 8 14.29 -1.91 28.50
CA PHE A 8 15.56 -2.15 27.82
C PHE A 8 15.78 -1.06 26.77
N PHE A 9 16.91 -1.10 26.08
CA PHE A 9 17.24 -0.06 25.15
C PHE A 9 17.40 -0.71 23.78
N VAL A 10 17.01 0.02 22.72
CA VAL A 10 17.21 -0.42 21.35
C VAL A 10 17.83 0.73 20.57
N ASN A 11 19.04 0.50 20.03
CA ASN A 11 19.78 1.48 19.29
C ASN A 11 19.86 2.79 20.11
N GLY A 12 20.05 2.67 21.41
CA GLY A 12 20.28 3.86 22.25
C GLY A 12 18.98 4.48 22.76
N LYS A 13 17.82 4.04 22.30
CA LYS A 13 16.52 4.56 22.77
C LYS A 13 15.88 3.61 23.78
N LYS A 14 15.38 4.21 24.87
CA LYS A 14 14.70 3.45 25.90
C LYS A 14 13.34 2.93 25.41
N VAL A 15 13.10 1.66 25.68
CA VAL A 15 11.85 0.97 25.45
C VAL A 15 11.24 0.61 26.81
N VAL A 16 9.96 0.94 26.99
CA VAL A 16 9.18 0.59 28.17
C VAL A 16 7.98 -0.22 27.70
N GLU A 17 7.97 -1.50 28.03
CA GLU A 17 6.94 -2.41 27.62
C GLU A 17 6.16 -2.79 28.88
N LYS A 18 4.92 -2.31 28.98
CA LYS A 18 4.13 -2.45 30.23
C LYS A 18 3.43 -3.81 30.32
N ASN A 19 3.29 -4.54 29.19
CA ASN A 19 2.57 -5.82 29.20
C ASN A 19 3.35 -6.84 28.37
N ALA A 20 4.59 -7.11 28.77
CA ALA A 20 5.43 -8.06 28.06
C ALA A 20 4.80 -9.45 28.13
N ASP A 21 4.73 -10.10 26.97
CA ASP A 21 4.30 -11.46 26.87
C ASP A 21 5.55 -12.32 26.83
N PRO A 22 5.71 -13.32 27.72
CA PRO A 22 6.87 -14.23 27.68
C PRO A 22 7.07 -14.97 26.35
N GLU A 23 6.03 -15.06 25.54
CA GLU A 23 6.13 -15.77 24.31
C GLU A 23 6.71 -14.88 23.21
N THR A 24 6.92 -13.58 23.45
CA THR A 24 7.38 -12.68 22.42
C THR A 24 8.91 -12.75 22.31
N THR A 25 9.40 -13.03 21.10
CA THR A 25 10.83 -13.00 20.85
C THR A 25 11.24 -11.56 20.58
N LEU A 26 12.54 -11.31 20.74
CA LEU A 26 13.15 -10.04 20.35
C LEU A 26 12.93 -9.78 18.86
N LEU A 27 13.08 -10.81 18.03
CA LEU A 27 12.94 -10.60 16.58
C LEU A 27 11.57 -10.01 16.27
N VAL A 28 10.51 -10.64 16.81
CA VAL A 28 9.14 -10.21 16.59
C VAL A 28 8.94 -8.78 17.14
N TYR A 29 9.48 -8.51 18.33
CA TYR A 29 9.35 -7.24 18.95
C TYR A 29 9.98 -6.14 18.08
N LEU A 30 11.19 -6.41 17.60
CA LEU A 30 11.89 -5.41 16.77
C LEU A 30 11.09 -5.10 15.50
N ARG A 31 10.67 -6.17 14.81
CA ARG A 31 10.07 -6.05 13.52
C ARG A 31 8.62 -5.52 13.66
N ARG A 32 7.83 -6.12 14.53
CA ARG A 32 6.37 -5.84 14.52
C ARG A 32 6.05 -4.70 15.48
N LYS A 33 6.77 -4.58 16.59
CA LYS A 33 6.46 -3.54 17.55
C LYS A 33 7.25 -2.26 17.27
N LEU A 34 8.53 -2.35 16.94
CA LEU A 34 9.31 -1.12 16.72
C LEU A 34 9.50 -0.81 15.23
N GLY A 35 9.12 -1.72 14.34
CA GLY A 35 9.18 -1.44 12.89
C GLY A 35 10.59 -1.48 12.32
N LEU A 36 11.54 -2.06 13.06
CA LEU A 36 12.95 -2.16 12.64
C LEU A 36 13.17 -3.49 11.92
N CYS A 37 13.04 -3.47 10.59
CA CYS A 37 12.94 -4.71 9.82
C CYS A 37 14.27 -5.09 9.16
N GLY A 38 15.36 -4.41 9.54
CA GLY A 38 16.71 -4.83 9.14
C GLY A 38 17.05 -6.25 9.56
N THR A 39 16.70 -6.59 10.80
CA THR A 39 16.89 -7.91 11.40
C THR A 39 15.87 -8.87 10.78
N LYS A 40 16.34 -9.98 10.19
CA LYS A 40 15.47 -10.88 9.41
C LYS A 40 15.18 -12.22 10.10
N LEU A 41 14.06 -12.84 9.67
CA LEU A 41 13.73 -14.20 9.95
C LEU A 41 14.22 -15.06 8.79
N GLY A 42 15.12 -15.99 9.07
CA GLY A 42 15.61 -16.97 8.06
C GLY A 42 15.28 -18.42 8.40
N CYS A 43 15.08 -18.71 9.70
CA CYS A 43 14.85 -20.11 10.11
C CYS A 43 14.09 -20.26 11.44
N GLY A 44 14.25 -19.32 12.37
CA GLY A 44 13.63 -19.36 13.70
C GLY A 44 14.20 -20.43 14.65
N GLU A 45 15.33 -21.06 14.28
CA GLU A 45 15.87 -22.19 15.04
C GLU A 45 17.37 -22.03 15.36
N GLY A 46 17.89 -20.81 15.17
CA GLY A 46 19.24 -20.39 15.60
C GLY A 46 20.37 -20.84 14.68
N GLY A 47 20.05 -21.47 13.56
CA GLY A 47 21.15 -22.01 12.71
C GLY A 47 21.55 -21.12 11.52
N CYS A 48 20.93 -19.95 11.34
CA CYS A 48 21.19 -19.20 10.12
C CYS A 48 21.83 -17.84 10.39
N GLY A 49 21.58 -17.25 11.56
CA GLY A 49 22.16 -15.93 11.88
C GLY A 49 21.53 -14.71 11.23
N ALA A 50 20.44 -14.85 10.45
CA ALA A 50 19.88 -13.72 9.74
C ALA A 50 19.30 -12.71 10.74
N CYS A 51 18.98 -13.19 11.96
CA CYS A 51 18.38 -12.43 13.04
C CYS A 51 19.41 -11.91 14.06
N THR A 52 20.70 -11.97 13.69
CA THR A 52 21.77 -11.65 14.65
C THR A 52 21.69 -10.17 15.04
N VAL A 53 21.73 -9.92 16.35
CA VAL A 53 21.86 -8.57 16.88
C VAL A 53 22.93 -8.60 17.98
N MET A 54 23.32 -7.41 18.44
CA MET A 54 24.28 -7.31 19.52
C MET A 54 23.54 -6.83 20.77
N ILE A 55 23.91 -7.46 21.91
CA ILE A 55 23.50 -7.07 23.24
C ILE A 55 24.71 -6.50 23.96
N SER A 56 24.48 -5.40 24.70
CA SER A 56 25.43 -4.81 25.61
C SER A 56 24.80 -4.79 27.00
N LYS A 57 25.59 -5.12 28.02
CA LYS A 57 25.08 -4.93 29.38
C LYS A 57 26.23 -4.66 30.32
N TYR A 58 25.88 -4.14 31.50
CA TYR A 58 26.83 -3.97 32.56
C TYR A 58 26.94 -5.29 33.32
N ASP A 59 28.10 -5.91 33.35
CA ASP A 59 28.33 -7.17 34.09
C ASP A 59 28.78 -6.79 35.52
N ARG A 60 27.87 -7.01 36.48
CA ARG A 60 28.02 -6.64 37.91
C ARG A 60 29.18 -7.43 38.51
N LEU A 61 29.31 -8.69 38.08
CA LEU A 61 30.33 -9.59 38.57
C LEU A 61 31.73 -9.20 38.07
N GLN A 62 31.88 -8.28 37.10
CA GLN A 62 33.22 -7.90 36.58
C GLN A 62 33.40 -6.37 36.52
N ASN A 63 32.32 -5.63 36.81
CA ASN A 63 32.32 -4.18 36.84
C ASN A 63 32.83 -3.66 35.47
N LYS A 64 32.28 -4.25 34.39
CA LYS A 64 32.58 -3.77 33.07
C LYS A 64 31.40 -3.94 32.12
N ILE A 65 31.46 -3.17 31.03
CA ILE A 65 30.51 -3.25 29.99
C ILE A 65 30.92 -4.39 29.07
N VAL A 66 29.97 -5.30 28.74
CA VAL A 66 30.25 -6.44 27.84
C VAL A 66 29.32 -6.36 26.62
N HIS A 67 29.79 -6.95 25.51
CA HIS A 67 29.08 -6.94 24.26
C HIS A 67 29.10 -8.37 23.69
N PHE A 68 27.96 -8.85 23.18
CA PHE A 68 27.91 -10.14 22.60
C PHE A 68 26.75 -10.21 21.60
N SER A 69 26.84 -11.16 20.68
CA SER A 69 25.79 -11.32 19.63
C SER A 69 24.77 -12.37 20.11
N VAL A 70 23.50 -12.26 19.68
CA VAL A 70 22.50 -13.28 19.98
C VAL A 70 21.63 -13.45 18.75
N ASN A 71 20.96 -14.59 18.67
CA ASN A 71 19.91 -14.80 17.67
C ASN A 71 18.62 -14.17 18.22
N ALA A 72 18.14 -13.15 17.58
CA ALA A 72 16.93 -12.49 18.08
C ALA A 72 15.71 -13.44 17.99
N CYS A 73 15.74 -14.41 17.07
CA CYS A 73 14.64 -15.32 16.89
C CYS A 73 14.44 -16.23 18.12
N LEU A 74 15.46 -16.37 18.99
CA LEU A 74 15.34 -17.25 20.13
C LEU A 74 15.40 -16.49 21.45
N ALA A 75 15.63 -15.17 21.43
CA ALA A 75 15.76 -14.39 22.70
C ALA A 75 14.40 -13.90 23.19
N PRO A 76 13.89 -14.38 24.34
CA PRO A 76 12.65 -13.84 24.92
C PRO A 76 12.89 -12.39 25.36
N ILE A 77 11.99 -11.48 24.98
CA ILE A 77 12.17 -10.12 25.43
C ILE A 77 12.20 -10.10 26.97
N CYS A 78 11.52 -11.06 27.62
CA CYS A 78 11.37 -11.03 29.10
C CYS A 78 12.72 -11.32 29.77
N SER A 79 13.71 -11.77 28.97
CA SER A 79 15.06 -12.02 29.47
C SER A 79 15.93 -10.76 29.35
N LEU A 80 15.46 -9.68 28.70
CA LEU A 80 16.34 -8.59 28.28
C LEU A 80 16.19 -7.35 29.19
N HIS A 81 15.59 -7.49 30.37
CA HIS A 81 15.44 -6.29 31.25
C HIS A 81 16.83 -5.69 31.51
N HIS A 82 16.95 -4.40 31.25
CA HIS A 82 18.15 -3.60 31.55
C HIS A 82 19.35 -4.06 30.70
N VAL A 83 19.13 -4.44 29.44
CA VAL A 83 20.20 -4.51 28.49
C VAL A 83 19.95 -3.52 27.37
N ALA A 84 20.96 -3.38 26.51
CA ALA A 84 20.94 -2.52 25.37
C ALA A 84 21.18 -3.34 24.10
N VAL A 85 20.21 -3.28 23.18
CA VAL A 85 20.21 -4.00 21.91
C VAL A 85 20.73 -3.03 20.86
N THR A 86 21.54 -3.55 19.94
CA THR A 86 21.97 -2.87 18.77
C THR A 86 21.61 -3.73 17.56
N THR A 87 20.86 -3.12 16.64
CA THR A 87 20.56 -3.77 15.37
C THR A 87 21.39 -3.15 14.25
N VAL A 88 21.25 -3.66 13.03
CA VAL A 88 21.92 -3.13 11.86
C VAL A 88 21.60 -1.62 11.71
N GLU A 89 20.38 -1.17 12.03
CA GLU A 89 20.00 0.24 11.89
C GLU A 89 20.77 1.12 12.89
N GLY A 90 21.27 0.50 13.95
CA GLY A 90 21.91 1.20 15.02
C GLY A 90 23.36 1.53 14.75
N ILE A 91 23.98 0.91 13.72
CA ILE A 91 25.41 1.16 13.54
C ILE A 91 25.70 2.11 12.36
N GLY A 92 24.72 2.31 11.45
CA GLY A 92 24.83 3.18 10.31
C GLY A 92 23.70 2.95 9.31
N ASN A 93 23.71 3.76 8.27
CA ASN A 93 22.69 3.78 7.25
C ASN A 93 23.36 4.29 5.99
N THR A 94 22.60 4.37 4.89
CA THR A 94 23.19 4.75 3.58
C THR A 94 23.74 6.19 3.61
N GLN A 95 23.26 7.05 4.53
CA GLN A 95 23.78 8.42 4.65
C GLN A 95 25.17 8.38 5.33
N LYS A 96 25.39 7.40 6.20
CA LYS A 96 26.68 7.20 6.83
C LYS A 96 26.86 5.73 7.23
N LEU A 97 27.50 4.97 6.34
CA LEU A 97 27.66 3.54 6.54
C LEU A 97 28.79 3.29 7.54
N HIS A 98 28.57 2.33 8.41
CA HIS A 98 29.62 1.85 9.28
C HIS A 98 30.65 1.20 8.38
N PRO A 99 31.97 1.33 8.66
CA PRO A 99 32.96 0.53 7.93
C PRO A 99 32.55 -0.93 7.63
N VAL A 100 31.89 -1.63 8.55
CA VAL A 100 31.52 -3.02 8.33
C VAL A 100 30.52 -3.12 7.16
N GLN A 101 29.53 -2.21 7.15
CA GLN A 101 28.51 -2.06 6.09
C GLN A 101 29.15 -1.69 4.74
N GLU A 102 30.01 -0.67 4.75
CA GLU A 102 30.64 -0.20 3.55
C GLU A 102 31.48 -1.31 2.92
N ARG A 103 32.22 -2.04 3.75
CA ARG A 103 33.19 -3.04 3.22
C ARG A 103 32.47 -4.26 2.65
N ILE A 104 31.39 -4.73 3.30
CA ILE A 104 30.72 -5.92 2.74
C ILE A 104 30.05 -5.52 1.41
N ALA A 105 29.55 -4.30 1.30
CA ALA A 105 28.86 -3.88 0.09
C ALA A 105 29.86 -3.67 -1.05
N ARG A 106 30.97 -2.97 -0.77
CA ARG A 106 31.90 -2.57 -1.83
C ARG A 106 32.71 -3.77 -2.34
N SER A 107 32.83 -4.81 -1.51
CA SER A 107 33.62 -6.02 -1.84
C SER A 107 32.77 -7.10 -2.53
N HIS A 108 31.51 -6.77 -2.81
CA HIS A 108 30.59 -7.71 -3.51
C HIS A 108 30.25 -8.89 -2.61
N GLY A 109 30.17 -8.60 -1.31
CA GLY A 109 29.83 -9.54 -0.27
C GLY A 109 28.31 -9.65 -0.04
N SER A 110 27.50 -8.90 -0.80
CA SER A 110 26.03 -8.90 -0.73
C SER A 110 25.42 -9.06 -2.14
N GLN A 111 24.69 -10.17 -2.33
CA GLN A 111 23.97 -10.46 -3.53
C GLN A 111 22.48 -10.27 -3.21
N CYS A 112 21.74 -11.31 -2.75
CA CYS A 112 20.29 -11.08 -2.46
C CYS A 112 20.10 -10.13 -1.28
N GLY A 113 21.10 -10.13 -0.36
CA GLY A 113 21.17 -9.20 0.73
C GLY A 113 20.45 -9.63 2.00
N PHE A 114 19.77 -10.80 1.98
CA PHE A 114 18.92 -11.15 3.09
C PHE A 114 19.75 -11.56 4.32
N CYS A 115 20.91 -12.18 4.11
CA CYS A 115 21.84 -12.55 5.18
C CYS A 115 22.70 -11.36 5.63
N THR A 116 22.71 -10.25 4.88
CA THR A 116 23.73 -9.24 5.05
C THR A 116 23.63 -8.59 6.42
N PRO A 117 22.47 -8.13 6.93
CA PRO A 117 22.38 -7.55 8.28
C PRO A 117 22.94 -8.45 9.37
N GLY A 118 22.63 -9.75 9.32
CA GLY A 118 23.10 -10.70 10.30
C GLY A 118 24.61 -10.82 10.30
N ILE A 119 25.20 -10.84 9.10
CA ILE A 119 26.64 -11.00 8.97
C ILE A 119 27.33 -9.70 9.42
N VAL A 120 26.75 -8.57 9.04
CA VAL A 120 27.21 -7.29 9.51
C VAL A 120 27.25 -7.28 11.03
N MET A 121 26.19 -7.76 11.66
CA MET A 121 26.15 -7.67 13.10
C MET A 121 27.14 -8.65 13.76
N SER A 122 27.42 -9.80 13.16
CA SER A 122 28.42 -10.72 13.71
C SER A 122 29.80 -10.05 13.67
N MET A 123 30.09 -9.38 12.54
CA MET A 123 31.43 -8.73 12.28
C MET A 123 31.56 -7.52 13.19
N TYR A 124 30.48 -6.75 13.28
CA TYR A 124 30.43 -5.62 14.14
C TYR A 124 30.68 -5.99 15.60
N THR A 125 29.99 -7.06 16.07
CA THR A 125 30.12 -7.53 17.44
C THR A 125 31.59 -7.93 17.71
N LEU A 126 32.18 -8.68 16.77
CA LEU A 126 33.62 -9.06 16.88
C LEU A 126 34.47 -7.80 17.11
N LEU A 127 34.25 -6.75 16.33
CA LEU A 127 35.11 -5.58 16.38
C LEU A 127 34.92 -4.78 17.68
N ARG A 128 33.73 -4.84 18.29
CA ARG A 128 33.51 -4.23 19.60
C ARG A 128 34.27 -4.99 20.70
N ASN A 129 34.49 -6.30 20.55
CA ASN A 129 35.27 -7.10 21.49
C ASN A 129 36.77 -7.10 21.14
N GLN A 130 37.10 -6.97 19.87
CA GLN A 130 38.50 -7.09 19.40
C GLN A 130 38.68 -6.22 18.16
N PRO A 131 39.13 -4.96 18.33
CA PRO A 131 39.23 -4.02 17.22
C PRO A 131 40.28 -4.39 16.17
N GLU A 132 41.17 -5.31 16.50
CA GLU A 132 42.14 -5.83 15.53
C GLU A 132 42.17 -7.35 15.54
N PRO A 133 41.12 -8.02 15.02
CA PRO A 133 41.05 -9.46 15.13
C PRO A 133 41.99 -10.14 14.14
N THR A 134 42.28 -11.42 14.41
CA THR A 134 43.00 -12.23 13.46
C THR A 134 42.03 -12.71 12.37
N VAL A 135 42.60 -13.21 11.28
CA VAL A 135 41.84 -13.81 10.21
C VAL A 135 41.03 -14.98 10.75
N GLU A 136 41.63 -15.77 11.64
CA GLU A 136 40.94 -16.88 12.24
C GLU A 136 39.73 -16.40 13.06
N GLU A 137 39.90 -15.33 13.85
CA GLU A 137 38.81 -14.81 14.67
C GLU A 137 37.67 -14.29 13.77
N ILE A 138 38.03 -13.61 12.66
CA ILE A 138 37.03 -13.14 11.70
C ILE A 138 36.20 -14.34 11.16
N GLU A 139 36.86 -15.39 10.70
CA GLU A 139 36.15 -16.63 10.14
C GLU A 139 35.20 -17.17 11.23
N ASN A 140 35.70 -17.22 12.47
CA ASN A 140 34.98 -17.84 13.59
C ASN A 140 33.75 -17.02 13.97
N ALA A 141 33.77 -15.70 13.70
CA ALA A 141 32.63 -14.82 13.99
C ALA A 141 31.37 -15.33 13.28
N PHE A 142 31.55 -16.08 12.18
CA PHE A 142 30.43 -16.46 11.30
C PHE A 142 30.08 -17.95 11.33
N GLN A 143 30.48 -18.69 12.38
CA GLN A 143 30.11 -20.07 12.41
C GLN A 143 28.59 -20.25 12.47
N GLY A 144 27.88 -19.24 13.01
CA GLY A 144 26.39 -19.21 13.04
C GLY A 144 25.69 -18.35 11.97
N ASN A 145 26.33 -18.04 10.85
CA ASN A 145 25.76 -17.20 9.79
C ASN A 145 25.84 -17.98 8.48
N LEU A 146 24.67 -18.14 7.80
CA LEU A 146 24.63 -18.77 6.49
C LEU A 146 24.36 -17.71 5.42
N CYS A 147 24.99 -17.95 4.27
CA CYS A 147 24.75 -17.21 3.05
C CYS A 147 24.63 -18.24 1.91
N ARG A 148 23.55 -18.11 1.14
CA ARG A 148 23.23 -19.08 0.03
C ARG A 148 23.76 -18.58 -1.33
N CYS A 149 24.06 -17.29 -1.44
CA CYS A 149 24.34 -16.65 -2.74
C CYS A 149 25.83 -16.48 -3.08
N THR A 150 26.62 -16.00 -2.13
CA THR A 150 27.92 -15.41 -2.45
C THR A 150 29.03 -16.46 -2.56
N GLY A 151 28.86 -17.62 -1.94
CA GLY A 151 29.99 -18.57 -1.82
C GLY A 151 31.04 -18.08 -0.83
N TYR A 152 30.69 -17.08 -0.01
CA TYR A 152 31.38 -16.60 1.22
C TYR A 152 32.71 -15.88 0.97
N ARG A 153 33.44 -16.29 -0.05
CA ARG A 153 34.79 -15.70 -0.42
C ARG A 153 34.84 -14.18 -0.33
N PRO A 154 33.97 -13.39 -1.04
CA PRO A 154 34.04 -11.94 -1.00
C PRO A 154 33.80 -11.34 0.39
N ILE A 155 32.97 -11.99 1.21
CA ILE A 155 32.69 -11.48 2.55
C ILE A 155 34.00 -11.48 3.37
N LEU A 156 34.67 -12.63 3.37
CA LEU A 156 35.88 -12.82 4.18
C LEU A 156 37.00 -11.96 3.59
N GLN A 157 37.04 -11.86 2.26
CA GLN A 157 38.08 -11.07 1.62
C GLN A 157 37.92 -9.59 1.92
N GLY A 158 36.68 -9.08 1.89
CA GLY A 158 36.47 -7.68 2.24
C GLY A 158 36.75 -7.38 3.71
N PHE A 159 36.46 -8.34 4.57
CA PHE A 159 36.59 -8.19 5.99
C PHE A 159 38.06 -8.43 6.45
N ARG A 160 38.83 -9.13 5.63
CA ARG A 160 40.23 -9.42 5.93
C ARG A 160 40.97 -8.10 6.17
N THR A 161 40.47 -7.02 5.57
CA THR A 161 41.00 -5.69 5.74
C THR A 161 41.01 -5.23 7.19
N PHE A 162 40.14 -5.76 8.07
CA PHE A 162 40.16 -5.40 9.48
C PHE A 162 41.21 -6.19 10.29
N ALA A 163 41.84 -7.21 9.69
CA ALA A 163 42.70 -8.14 10.47
C ALA A 163 44.07 -7.50 10.76
N LYS A 164 44.64 -7.83 11.94
CA LYS A 164 46.09 -7.61 12.35
C LYS A 164 46.33 -6.14 12.74
N PRO A 192 43.42 -6.24 -13.06
CA PRO A 192 42.35 -5.29 -12.59
C PRO A 192 41.70 -5.90 -11.34
N SER A 193 41.21 -5.06 -10.42
CA SER A 193 40.74 -5.47 -9.06
C SER A 193 39.21 -5.36 -9.00
N LEU A 194 38.57 -6.24 -8.22
CA LEU A 194 37.09 -6.19 -8.13
C LEU A 194 36.67 -5.05 -7.18
N PHE A 195 37.56 -4.68 -6.25
CA PHE A 195 37.32 -3.57 -5.37
C PHE A 195 38.65 -2.97 -4.90
N ASN A 196 38.56 -1.76 -4.33
CA ASN A 196 39.79 -1.05 -3.94
C ASN A 196 39.78 -0.78 -2.42
N PRO A 197 40.43 -1.63 -1.63
CA PRO A 197 40.42 -1.51 -0.17
C PRO A 197 41.03 -0.21 0.35
N GLU A 198 41.86 0.47 -0.48
CA GLU A 198 42.48 1.72 -0.06
C GLU A 198 41.44 2.85 -0.01
N ASP A 199 40.27 2.71 -0.67
CA ASP A 199 39.23 3.72 -0.65
C ASP A 199 38.24 3.52 0.51
N PHE A 200 38.45 2.50 1.34
CA PHE A 200 37.56 2.20 2.48
C PHE A 200 37.78 3.22 3.58
N LYS A 201 36.71 3.70 4.21
CA LYS A 201 36.88 4.61 5.29
C LYS A 201 37.43 3.88 6.53
N PRO A 202 38.36 4.52 7.27
CA PRO A 202 39.01 3.88 8.39
C PRO A 202 38.03 3.80 9.54
N LEU A 203 38.28 2.85 10.42
CA LEU A 203 37.46 2.60 11.60
C LEU A 203 38.03 3.36 12.80
N ASP A 204 37.22 4.23 13.41
CA ASP A 204 37.53 4.86 14.68
C ASP A 204 36.65 4.28 15.78
N PRO A 205 37.17 3.37 16.63
CA PRO A 205 36.35 2.70 17.63
C PRO A 205 35.74 3.61 18.70
N THR A 206 36.27 4.82 18.90
CA THR A 206 35.68 5.77 19.84
C THR A 206 34.32 6.33 19.34
N GLN A 207 34.03 6.20 18.04
CA GLN A 207 32.80 6.79 17.46
C GLN A 207 31.62 5.79 17.51
N GLU A 208 31.73 4.70 18.27
CA GLU A 208 30.55 3.77 18.43
C GLU A 208 29.55 4.34 19.44
N PRO A 209 28.27 3.91 19.43
CA PRO A 209 27.27 4.45 20.35
C PRO A 209 27.62 4.22 21.83
N ILE A 210 27.34 5.23 22.67
CA ILE A 210 27.63 5.20 24.09
C ILE A 210 26.79 4.08 24.73
N PHE A 211 27.31 3.45 25.77
CA PHE A 211 26.51 2.59 26.62
C PHE A 211 25.52 3.49 27.36
N PRO A 212 24.19 3.24 27.28
CA PRO A 212 23.18 4.18 27.80
C PRO A 212 23.45 4.53 29.26
N PRO A 213 23.72 5.81 29.59
CA PRO A 213 24.05 6.19 30.97
C PRO A 213 22.99 5.77 32.01
N GLU A 214 21.71 5.75 31.63
CA GLU A 214 20.63 5.20 32.49
C GLU A 214 21.01 3.80 33.02
N LEU A 215 21.69 2.95 32.23
CA LEU A 215 21.89 1.55 32.65
C LEU A 215 23.05 1.46 33.63
N LEU A 216 23.95 2.43 33.55
CA LEU A 216 25.00 2.53 34.55
C LEU A 216 24.40 3.05 35.87
N ARG A 217 23.58 4.10 35.81
CA ARG A 217 22.88 4.54 37.02
C ARG A 217 22.09 3.35 37.59
N LEU A 218 21.30 2.69 36.73
CA LEU A 218 20.31 1.68 37.17
C LEU A 218 21.02 0.52 37.86
N LYS A 219 22.32 0.34 37.59
CA LYS A 219 23.07 -0.82 38.11
C LYS A 219 23.48 -0.60 39.58
N ASP A 220 23.25 0.61 40.09
CA ASP A 220 23.54 0.92 41.47
C ASP A 220 22.40 0.38 42.36
N THR A 221 21.17 0.39 41.84
CA THR A 221 20.01 -0.13 42.57
C THR A 221 20.01 -1.65 42.46
N PRO A 222 19.59 -2.41 43.50
CA PRO A 222 19.63 -3.88 43.45
C PRO A 222 18.47 -4.40 42.57
N GLN A 223 18.67 -5.60 42.01
CA GLN A 223 17.69 -6.31 41.22
C GLN A 223 16.57 -6.80 42.13
N LYS A 224 15.32 -6.57 41.73
CA LYS A 224 14.19 -7.30 42.33
C LYS A 224 13.58 -8.27 41.31
N LYS A 225 12.88 -9.27 41.84
CA LYS A 225 12.13 -10.23 41.09
C LYS A 225 11.12 -9.50 40.19
N LEU A 226 10.97 -9.97 38.94
CA LEU A 226 9.94 -9.49 38.02
C LEU A 226 9.01 -10.65 37.66
N ARG A 227 7.78 -10.27 37.33
CA ARG A 227 6.75 -11.20 36.86
C ARG A 227 6.08 -10.60 35.61
N PHE A 228 6.03 -11.38 34.52
CA PHE A 228 5.40 -10.99 33.29
C PHE A 228 4.32 -12.03 33.01
N GLU A 229 3.14 -11.56 32.58
CA GLU A 229 2.01 -12.46 32.32
C GLU A 229 1.56 -12.26 30.87
N GLY A 230 1.62 -13.32 30.06
CA GLY A 230 1.16 -13.27 28.68
C GLY A 230 -0.20 -13.92 28.48
N GLU A 231 -0.59 -14.20 27.23
CA GLU A 231 -1.84 -14.90 26.95
C GLU A 231 -1.81 -16.33 27.52
N ARG A 232 -0.67 -17.00 27.53
CA ARG A 232 -0.62 -18.36 28.00
C ARG A 232 0.45 -18.62 29.09
N VAL A 233 1.46 -17.77 29.21
CA VAL A 233 2.71 -18.08 29.94
C VAL A 233 2.97 -16.96 30.93
N THR A 234 3.35 -17.35 32.15
CA THR A 234 3.89 -16.48 33.17
C THR A 234 5.40 -16.75 33.27
N TRP A 235 6.17 -15.67 33.35
CA TRP A 235 7.60 -15.67 33.47
C TRP A 235 7.99 -14.91 34.75
N ILE A 236 8.76 -15.58 35.61
CA ILE A 236 9.36 -14.98 36.76
C ILE A 236 10.86 -14.85 36.53
N GLN A 237 11.35 -13.62 36.55
CA GLN A 237 12.78 -13.37 36.50
C GLN A 237 13.29 -13.37 37.96
N ALA A 238 13.89 -14.48 38.39
CA ALA A 238 14.28 -14.61 39.81
C ALA A 238 15.53 -13.77 40.09
N SER A 239 15.55 -13.08 41.25
CA SER A 239 16.73 -12.24 41.63
C SER A 239 17.69 -12.97 42.59
N THR A 240 17.22 -13.93 43.36
CA THR A 240 18.08 -14.60 44.36
C THR A 240 17.85 -16.10 44.31
N MET A 241 18.86 -16.84 44.79
CA MET A 241 18.74 -18.26 44.96
C MET A 241 17.52 -18.62 45.82
N GLU A 242 17.27 -17.84 46.88
CA GLU A 242 16.11 -18.16 47.76
C GLU A 242 14.80 -18.07 46.96
N GLU A 243 14.66 -17.07 46.10
CA GLU A 243 13.46 -16.92 45.27
C GLU A 243 13.28 -18.13 44.37
N LEU A 244 14.37 -18.53 43.71
CA LEU A 244 14.33 -19.61 42.79
C LEU A 244 13.90 -20.88 43.51
N LEU A 245 14.60 -21.23 44.62
CA LEU A 245 14.37 -22.54 45.25
C LEU A 245 12.99 -22.61 45.93
N ASP A 246 12.51 -21.47 46.48
CA ASP A 246 11.12 -21.39 47.04
C ASP A 246 10.10 -21.68 45.94
N LEU A 247 10.33 -21.10 44.75
CA LEU A 247 9.41 -21.26 43.62
C LEU A 247 9.37 -22.72 43.20
N LYS A 248 10.56 -23.35 43.11
CA LYS A 248 10.63 -24.74 42.68
C LYS A 248 10.11 -25.69 43.76
N ALA A 249 10.14 -25.27 45.02
CA ALA A 249 9.57 -26.10 46.12
C ALA A 249 8.03 -26.08 46.08
N GLN A 250 7.43 -24.88 45.96
CA GLN A 250 5.96 -24.70 45.87
C GLN A 250 5.44 -25.11 44.49
N HIS A 251 6.20 -24.83 43.40
CA HIS A 251 5.73 -25.19 42.02
C HIS A 251 6.83 -25.92 41.24
N PRO A 252 7.00 -27.23 41.45
CA PRO A 252 8.12 -27.96 40.84
C PRO A 252 8.04 -27.96 39.31
N ASP A 253 6.81 -27.77 38.83
CA ASP A 253 6.42 -27.59 37.44
C ASP A 253 7.11 -26.38 36.80
N ALA A 254 7.47 -25.35 37.58
CA ALA A 254 8.06 -24.15 37.07
C ALA A 254 9.24 -24.56 36.18
N LYS A 255 9.23 -24.10 34.91
CA LYS A 255 10.26 -24.49 33.97
C LYS A 255 11.40 -23.47 33.95
N LEU A 256 12.63 -23.95 34.23
CA LEU A 256 13.79 -23.03 34.15
C LEU A 256 14.08 -22.73 32.69
N VAL A 257 14.34 -21.45 32.41
CA VAL A 257 14.80 -20.99 31.12
C VAL A 257 16.02 -20.13 31.39
N VAL A 258 17.12 -20.43 30.68
CA VAL A 258 18.30 -19.57 30.80
C VAL A 258 18.55 -18.95 29.43
N GLY A 259 19.18 -19.67 28.50
CA GLY A 259 19.46 -19.17 27.17
C GLY A 259 18.31 -19.33 26.19
N ASN A 260 17.38 -20.24 26.52
CA ASN A 260 16.17 -20.50 25.73
C ASN A 260 16.50 -21.23 24.40
N THR A 261 17.74 -21.77 24.24
CA THR A 261 18.19 -22.34 22.96
C THR A 261 17.70 -23.78 22.84
N GLU A 262 17.18 -24.38 23.92
CA GLU A 262 16.47 -25.64 23.83
C GLU A 262 14.96 -25.40 24.06
N ILE A 263 14.57 -24.65 25.08
CA ILE A 263 13.14 -24.46 25.31
C ILE A 263 12.46 -23.72 24.14
N GLY A 264 13.18 -22.77 23.51
CA GLY A 264 12.63 -22.01 22.39
C GLY A 264 12.25 -22.93 21.24
N ILE A 265 13.05 -23.96 21.03
CA ILE A 265 12.85 -24.98 20.00
C ILE A 265 11.65 -25.87 20.39
N GLU A 266 11.57 -26.27 21.67
CA GLU A 266 10.47 -27.11 22.17
C GLU A 266 9.13 -26.38 21.98
N MET A 267 9.11 -25.07 22.23
CA MET A 267 7.88 -24.29 22.18
C MET A 267 7.49 -24.06 20.72
N LYS A 268 8.47 -23.70 19.88
CA LYS A 268 8.15 -23.20 18.55
C LYS A 268 7.93 -24.43 17.66
N PHE A 269 8.68 -25.53 17.85
CA PHE A 269 8.66 -26.63 16.87
C PHE A 269 8.04 -27.90 17.44
N LYS A 270 7.94 -28.04 18.75
CA LYS A 270 7.43 -29.31 19.26
C LYS A 270 6.08 -29.07 19.94
N ASN A 271 5.57 -27.84 19.78
CA ASN A 271 4.29 -27.38 20.28
C ASN A 271 4.19 -27.67 21.78
N MET A 272 5.30 -27.53 22.51
CA MET A 272 5.29 -27.73 23.93
C MET A 272 4.99 -26.38 24.60
N LEU A 273 4.25 -26.44 25.70
CA LEU A 273 3.81 -25.19 26.34
C LEU A 273 4.04 -25.32 27.83
N PHE A 274 4.90 -24.46 28.38
CA PHE A 274 5.25 -24.42 29.74
C PHE A 274 4.59 -23.18 30.35
N PRO A 275 3.45 -23.33 31.06
CA PRO A 275 2.68 -22.16 31.45
C PRO A 275 3.38 -21.33 32.54
N LEU A 276 4.36 -21.90 33.26
CA LEU A 276 5.14 -21.15 34.23
C LEU A 276 6.63 -21.37 33.97
N ILE A 277 7.34 -20.26 33.73
CA ILE A 277 8.76 -20.25 33.43
C ILE A 277 9.46 -19.43 34.50
N VAL A 278 10.64 -19.89 34.92
CA VAL A 278 11.46 -19.09 35.80
C VAL A 278 12.84 -18.97 35.17
N CYS A 279 13.26 -17.71 35.00
CA CYS A 279 14.57 -17.45 34.48
C CYS A 279 15.50 -17.06 35.63
N PRO A 280 16.53 -17.87 35.92
CA PRO A 280 17.45 -17.59 37.02
C PRO A 280 18.78 -16.93 36.62
N ALA A 281 18.86 -16.40 35.41
CA ALA A 281 20.12 -15.92 34.81
C ALA A 281 20.76 -14.83 35.66
N TRP A 282 19.97 -14.08 36.43
CA TRP A 282 20.56 -13.01 37.19
C TRP A 282 21.26 -13.49 38.47
N ILE A 283 20.96 -14.70 38.93
CA ILE A 283 21.39 -15.15 40.28
C ILE A 283 22.92 -15.34 40.31
N PRO A 284 23.66 -14.60 41.18
CA PRO A 284 25.14 -14.67 41.20
C PRO A 284 25.70 -16.11 41.37
N GLU A 285 25.13 -16.91 42.27
CA GLU A 285 25.66 -18.26 42.54
C GLU A 285 25.59 -19.16 41.28
N LEU A 286 24.64 -18.92 40.39
CA LEU A 286 24.52 -19.68 39.13
C LEU A 286 25.44 -19.16 38.01
N ASN A 287 26.21 -18.10 38.27
CA ASN A 287 27.07 -17.46 37.30
C ASN A 287 28.53 -17.39 37.77
N SER A 288 28.88 -18.03 38.89
CA SER A 288 30.22 -17.83 39.47
C SER A 288 31.19 -18.86 38.88
N VAL A 289 32.46 -18.53 38.98
CA VAL A 289 33.55 -19.34 38.49
C VAL A 289 34.55 -19.45 39.64
N VAL A 290 34.73 -20.66 40.20
CA VAL A 290 35.58 -20.78 41.37
C VAL A 290 36.62 -21.88 41.11
N HIS A 291 37.86 -21.51 41.37
CA HIS A 291 38.97 -22.44 41.36
C HIS A 291 38.97 -23.29 42.64
N GLY A 292 39.27 -24.56 42.46
CA GLY A 292 39.33 -25.51 43.54
C GLY A 292 40.58 -26.35 43.36
N PRO A 293 40.95 -27.19 44.34
CA PRO A 293 42.11 -28.06 44.20
C PRO A 293 41.91 -29.08 43.07
N GLU A 294 40.65 -29.50 42.84
CA GLU A 294 40.34 -30.61 41.89
C GLU A 294 39.98 -30.06 40.48
N GLY A 295 39.69 -28.76 40.37
CA GLY A 295 39.27 -28.20 39.07
C GLY A 295 38.52 -26.89 39.22
N ILE A 296 37.81 -26.51 38.14
CA ILE A 296 37.14 -25.24 38.04
C ILE A 296 35.63 -25.49 38.04
N SER A 297 34.93 -24.84 38.98
CA SER A 297 33.48 -24.91 39.10
C SER A 297 32.84 -23.74 38.37
N PHE A 298 31.91 -24.09 37.49
CA PHE A 298 31.08 -23.11 36.81
C PHE A 298 29.65 -23.21 37.32
N GLY A 299 29.10 -22.07 37.74
CA GLY A 299 27.66 -21.94 37.91
C GLY A 299 26.90 -22.41 36.68
N ALA A 300 25.81 -23.13 36.93
CA ALA A 300 25.08 -23.83 35.88
C ALA A 300 24.51 -22.85 34.84
N SER A 301 24.43 -21.55 35.12
CA SER A 301 23.84 -20.57 34.18
C SER A 301 24.93 -19.87 33.37
N CYS A 302 26.19 -20.18 33.68
CA CYS A 302 27.30 -19.64 32.92
C CYS A 302 27.10 -19.99 31.43
N PRO A 303 27.17 -18.98 30.55
CA PRO A 303 27.11 -19.20 29.11
C PRO A 303 28.39 -19.92 28.61
N LEU A 304 28.21 -20.71 27.56
CA LEU A 304 29.31 -21.50 27.01
C LEU A 304 30.44 -20.56 26.57
N SER A 305 30.14 -19.31 26.14
CA SER A 305 31.19 -18.39 25.74
C SER A 305 32.10 -18.08 26.94
N LEU A 306 31.53 -18.03 28.16
CA LEU A 306 32.31 -17.78 29.41
C LEU A 306 33.16 -19.00 29.76
N VAL A 307 32.57 -20.21 29.63
CA VAL A 307 33.29 -21.43 29.84
C VAL A 307 34.52 -21.44 28.89
N GLU A 308 34.30 -21.09 27.61
CA GLU A 308 35.38 -21.04 26.61
C GLU A 308 36.49 -20.06 27.02
N SER A 309 36.11 -18.83 27.37
CA SER A 309 37.10 -17.81 27.69
C SER A 309 37.88 -18.17 28.98
N VAL A 310 37.21 -18.74 29.99
CA VAL A 310 37.88 -19.12 31.22
C VAL A 310 38.84 -20.27 30.90
N LEU A 311 38.36 -21.33 30.25
CA LEU A 311 39.20 -22.49 30.00
C LEU A 311 40.37 -22.12 29.08
N ALA A 312 40.17 -21.18 28.15
CA ALA A 312 41.26 -20.78 27.23
C ALA A 312 42.42 -20.16 28.03
N GLU A 313 42.13 -19.29 29.01
CA GLU A 313 43.15 -18.67 29.86
C GLU A 313 43.88 -19.74 30.67
N GLU A 314 43.14 -20.68 31.26
CA GLU A 314 43.77 -21.73 32.06
C GLU A 314 44.68 -22.57 31.18
N ILE A 315 44.23 -22.90 29.96
CA ILE A 315 44.99 -23.76 29.06
C ILE A 315 46.30 -23.07 28.67
N ALA A 316 46.25 -21.75 28.53
CA ALA A 316 47.40 -20.98 28.10
C ALA A 316 48.41 -20.90 29.24
N LYS A 317 47.95 -20.83 30.49
CA LYS A 317 48.84 -20.55 31.59
C LYS A 317 49.25 -21.83 32.36
N LEU A 318 48.46 -22.90 32.35
CA LEU A 318 48.76 -24.04 33.16
C LEU A 318 49.59 -25.03 32.36
N PRO A 319 50.37 -25.90 33.04
CA PRO A 319 51.03 -27.00 32.36
C PRO A 319 50.03 -27.94 31.63
N GLU A 320 50.46 -28.35 30.45
CA GLU A 320 49.72 -29.21 29.58
C GLU A 320 49.18 -30.41 30.35
N GLN A 321 49.96 -30.97 31.29
CA GLN A 321 49.59 -32.17 31.97
C GLN A 321 48.30 -32.02 32.81
N LYS A 322 47.98 -30.80 33.22
CA LYS A 322 46.77 -30.50 34.06
C LYS A 322 45.50 -30.20 33.23
N THR A 323 45.65 -29.94 31.91
CA THR A 323 44.57 -29.30 31.10
C THR A 323 44.01 -30.23 30.02
N GLU A 324 44.16 -31.54 30.22
CA GLU A 324 43.68 -32.54 29.24
C GLU A 324 42.15 -32.47 29.10
N VAL A 325 41.43 -32.42 30.21
CA VAL A 325 39.95 -32.34 30.14
C VAL A 325 39.53 -30.98 29.62
N PHE A 326 40.16 -29.90 30.09
CA PHE A 326 39.85 -28.57 29.61
C PHE A 326 39.91 -28.52 28.05
N ARG A 327 40.97 -29.09 27.47
CA ARG A 327 41.16 -29.04 26.04
C ARG A 327 40.10 -29.90 25.33
N GLY A 328 39.67 -31.00 25.91
CA GLY A 328 38.53 -31.79 25.39
C GLY A 328 37.24 -30.97 25.30
N VAL A 329 36.92 -30.24 26.37
CA VAL A 329 35.76 -29.37 26.36
C VAL A 329 35.94 -28.34 25.25
N MET A 330 37.10 -27.65 25.18
CA MET A 330 37.32 -26.60 24.18
C MET A 330 37.16 -27.18 22.76
N GLU A 331 37.69 -28.38 22.53
CA GLU A 331 37.60 -29.02 21.19
C GLU A 331 36.12 -29.22 20.80
N GLN A 332 35.30 -29.73 21.72
CA GLN A 332 33.83 -29.80 21.48
C GLN A 332 33.24 -28.39 21.25
N LEU A 333 33.67 -27.35 21.99
CA LEU A 333 33.04 -26.05 21.88
C LEU A 333 33.37 -25.34 20.57
N ARG A 334 34.50 -25.68 19.94
CA ARG A 334 34.85 -25.22 18.58
C ARG A 334 33.72 -25.49 17.57
N TRP A 335 33.07 -26.64 17.73
CA TRP A 335 32.10 -27.16 16.79
C TRP A 335 30.69 -27.09 17.37
N PHE A 336 30.49 -26.29 18.43
CA PHE A 336 29.23 -26.21 19.14
C PHE A 336 28.52 -24.93 18.64
N ALA A 337 27.57 -25.10 17.72
CA ALA A 337 26.73 -23.99 17.27
C ALA A 337 27.64 -22.92 16.66
N GLY A 338 27.37 -21.64 16.97
CA GLY A 338 28.19 -20.46 16.63
C GLY A 338 28.23 -19.45 17.78
N LYS A 339 28.72 -18.24 17.54
CA LYS A 339 28.92 -17.24 18.61
C LYS A 339 27.58 -16.84 19.25
N GLN A 340 26.57 -16.67 18.40
CA GLN A 340 25.21 -16.25 18.85
C GLN A 340 24.63 -17.24 19.87
N VAL A 341 24.67 -18.57 19.61
CA VAL A 341 24.11 -19.53 20.54
C VAL A 341 25.02 -19.64 21.77
N LYS A 342 26.32 -19.70 21.58
CA LYS A 342 27.21 -19.88 22.75
C LYS A 342 27.24 -18.69 23.72
N SER A 343 26.79 -17.51 23.31
CA SER A 343 26.68 -16.33 24.14
C SER A 343 25.57 -16.44 25.19
N VAL A 344 24.56 -17.27 24.93
CA VAL A 344 23.41 -17.38 25.81
C VAL A 344 23.22 -18.80 26.31
N ALA A 345 23.59 -19.80 25.49
CA ALA A 345 23.46 -21.20 25.90
C ALA A 345 24.27 -21.45 27.18
N SER A 346 23.63 -22.03 28.19
CA SER A 346 24.28 -22.29 29.47
C SER A 346 24.86 -23.70 29.53
N ILE A 347 25.95 -23.85 30.29
CA ILE A 347 26.51 -25.15 30.54
C ILE A 347 25.51 -26.09 31.22
N GLY A 348 24.74 -25.55 32.18
CA GLY A 348 23.74 -26.33 32.86
C GLY A 348 22.59 -26.71 31.96
N GLY A 349 22.19 -25.79 31.08
CA GLY A 349 21.16 -26.11 30.11
C GLY A 349 21.54 -27.31 29.23
N ASN A 350 22.80 -27.38 28.81
CA ASN A 350 23.24 -28.52 27.99
C ASN A 350 23.11 -29.82 28.78
N ILE A 351 23.53 -29.80 30.03
CA ILE A 351 23.53 -31.00 30.87
C ILE A 351 22.11 -31.50 31.09
N ILE A 352 21.20 -30.59 31.48
CA ILE A 352 19.85 -31.00 31.88
C ILE A 352 18.97 -31.29 30.65
N THR A 353 19.25 -30.68 29.50
CA THR A 353 18.53 -31.04 28.29
C THR A 353 18.66 -32.55 28.07
N ALA A 354 19.82 -33.09 28.39
CA ALA A 354 20.13 -34.52 28.31
C ALA A 354 19.80 -35.07 26.92
N SER A 355 20.18 -34.33 25.86
CA SER A 355 19.96 -34.83 24.50
C SER A 355 20.84 -36.04 24.26
N PRO A 356 20.37 -37.07 23.54
CA PRO A 356 21.28 -38.15 23.17
C PRO A 356 22.53 -37.66 22.43
N ILE A 357 22.45 -36.50 21.79
CA ILE A 357 23.55 -36.07 20.96
C ILE A 357 24.25 -34.84 21.56
N SER A 358 24.06 -34.57 22.85
CA SER A 358 24.89 -33.58 23.56
C SER A 358 26.36 -33.86 23.30
N ASP A 359 27.13 -32.82 22.96
CA ASP A 359 28.55 -32.95 22.74
C ASP A 359 29.31 -32.79 24.05
N LEU A 360 28.67 -32.22 25.08
CA LEU A 360 29.38 -31.98 26.35
C LEU A 360 29.17 -33.11 27.36
N ASN A 361 27.95 -33.68 27.46
CA ASN A 361 27.65 -34.74 28.39
C ASN A 361 28.62 -35.92 28.26
N PRO A 362 29.01 -36.40 27.07
CA PRO A 362 30.01 -37.47 26.98
C PRO A 362 31.38 -37.11 27.56
N VAL A 363 31.75 -35.83 27.50
CA VAL A 363 33.00 -35.33 28.01
C VAL A 363 32.90 -35.20 29.55
N PHE A 364 31.79 -34.68 30.05
CA PHE A 364 31.58 -34.62 31.49
C PHE A 364 31.51 -36.02 32.09
N MET A 365 30.90 -36.98 31.36
CA MET A 365 30.72 -38.30 31.84
C MET A 365 32.10 -38.97 31.89
N ALA A 366 32.92 -38.76 30.84
CA ALA A 366 34.20 -39.51 30.70
C ALA A 366 35.17 -39.01 31.78
N SER A 367 35.05 -37.73 32.14
CA SER A 367 35.90 -37.10 33.14
C SER A 367 35.31 -37.13 34.56
N GLY A 368 34.13 -37.72 34.73
CA GLY A 368 33.46 -37.82 36.01
C GLY A 368 33.23 -36.46 36.66
N ALA A 369 32.82 -35.45 35.87
CA ALA A 369 32.69 -34.07 36.35
C ALA A 369 31.73 -34.07 37.54
N LYS A 370 32.01 -33.25 38.57
CA LYS A 370 31.20 -33.26 39.77
C LYS A 370 30.05 -32.24 39.64
N LEU A 371 28.82 -32.68 39.86
CA LEU A 371 27.63 -31.83 39.75
C LEU A 371 27.08 -31.57 41.15
N THR A 372 26.78 -30.30 41.45
CA THR A 372 26.07 -29.96 42.70
C THR A 372 24.61 -29.67 42.43
N LEU A 373 23.73 -30.41 43.11
CA LEU A 373 22.27 -30.27 43.02
C LEU A 373 21.71 -29.67 44.32
N VAL A 374 20.85 -28.64 44.21
CA VAL A 374 20.26 -28.02 45.39
C VAL A 374 18.73 -27.95 45.23
N SER A 375 18.04 -27.98 46.37
CA SER A 375 16.60 -27.66 46.51
C SER A 375 16.48 -26.75 47.74
N ARG A 376 15.30 -26.18 48.01
CA ARG A 376 15.14 -25.50 49.28
C ARG A 376 15.54 -26.53 50.34
N GLY A 377 16.54 -26.23 51.13
CA GLY A 377 16.83 -27.22 52.23
C GLY A 377 17.45 -28.57 51.83
N THR A 378 18.00 -28.79 50.61
CA THR A 378 18.88 -29.98 50.33
C THR A 378 20.01 -29.59 49.37
N ARG A 379 21.11 -30.35 49.48
CA ARG A 379 22.33 -30.11 48.75
C ARG A 379 23.09 -31.42 48.68
N ARG A 380 23.36 -31.85 47.44
CA ARG A 380 24.05 -33.08 47.24
C ARG A 380 24.93 -32.91 46.00
N THR A 381 25.84 -33.86 45.86
CA THR A 381 26.89 -33.85 44.90
C THR A 381 26.84 -35.22 44.19
N VAL A 382 27.05 -35.26 42.87
CA VAL A 382 27.18 -36.50 42.17
C VAL A 382 28.30 -36.31 41.14
N ARG A 383 29.13 -37.34 40.98
CA ARG A 383 30.09 -37.38 39.87
C ARG A 383 29.32 -37.99 38.70
N MET A 384 29.30 -37.29 37.54
CA MET A 384 28.47 -37.73 36.43
C MET A 384 28.94 -39.12 35.96
N ASP A 385 28.00 -40.06 35.79
CA ASP A 385 28.31 -41.38 35.30
C ASP A 385 27.07 -41.87 34.56
N HIS A 386 27.07 -43.15 34.14
CA HIS A 386 25.97 -43.70 33.33
C HIS A 386 24.61 -43.46 34.02
N THR A 387 24.62 -43.53 35.35
CA THR A 387 23.47 -43.44 36.27
C THR A 387 22.74 -42.09 36.19
N PHE A 388 23.47 -41.01 35.87
CA PHE A 388 22.93 -39.66 35.88
C PHE A 388 21.81 -39.48 34.85
N PHE A 389 21.88 -40.28 33.77
CA PHE A 389 20.90 -40.23 32.68
C PHE A 389 20.10 -41.53 32.64
N PRO A 390 19.00 -41.67 33.40
CA PRO A 390 18.33 -42.96 33.53
C PRO A 390 17.38 -43.32 32.39
N GLY A 391 17.20 -42.42 31.41
CA GLY A 391 16.33 -42.69 30.26
C GLY A 391 16.21 -41.45 29.40
N TYR A 392 15.35 -41.52 28.39
CA TYR A 392 15.30 -40.55 27.31
C TYR A 392 14.97 -39.15 27.87
N ARG A 393 15.93 -38.23 27.70
CA ARG A 393 15.93 -36.85 28.17
C ARG A 393 15.61 -36.73 29.67
N LYS A 394 16.01 -37.70 30.48
CA LYS A 394 15.82 -37.63 31.92
C LYS A 394 17.18 -37.52 32.61
N THR A 395 17.20 -36.88 33.78
CA THR A 395 18.34 -36.96 34.65
C THR A 395 17.85 -37.45 36.01
N LEU A 396 18.78 -37.59 36.97
CA LEU A 396 18.35 -38.04 38.30
C LEU A 396 17.99 -36.85 39.20
N LEU A 397 17.90 -35.62 38.66
CA LEU A 397 17.36 -34.49 39.44
C LEU A 397 15.92 -34.82 39.83
N ARG A 398 15.61 -34.49 41.07
CA ARG A 398 14.23 -34.49 41.56
C ARG A 398 13.54 -33.27 41.00
N PRO A 399 12.18 -33.25 40.89
CA PRO A 399 11.47 -32.11 40.31
C PRO A 399 11.73 -30.74 40.95
N GLU A 400 12.00 -30.72 42.26
CA GLU A 400 12.26 -29.46 43.03
C GLU A 400 13.75 -29.09 43.09
N GLU A 401 14.63 -29.92 42.51
CA GLU A 401 16.06 -29.59 42.52
C GLU A 401 16.41 -28.78 41.26
N ILE A 402 17.50 -28.01 41.35
CA ILE A 402 18.14 -27.34 40.22
C ILE A 402 19.61 -27.75 40.27
N LEU A 403 20.27 -27.72 39.10
CA LEU A 403 21.71 -27.84 39.03
C LEU A 403 22.35 -26.50 39.38
N LEU A 404 23.21 -26.51 40.42
CA LEU A 404 23.85 -25.34 40.86
C LEU A 404 25.15 -25.10 40.10
N SER A 405 25.97 -26.15 39.96
CA SER A 405 27.34 -25.97 39.44
C SER A 405 27.89 -27.30 38.88
N ILE A 406 28.90 -27.16 38.05
CA ILE A 406 29.65 -28.27 37.55
C ILE A 406 31.13 -27.93 37.68
N GLU A 407 31.87 -28.89 38.21
CA GLU A 407 33.30 -28.79 38.38
C GLU A 407 33.98 -29.59 37.28
N ILE A 408 34.70 -28.91 36.38
CA ILE A 408 35.47 -29.57 35.29
C ILE A 408 36.89 -29.84 35.82
N PRO A 409 37.29 -31.11 35.93
CA PRO A 409 38.54 -31.47 36.63
C PRO A 409 39.83 -31.13 35.88
N TYR A 410 40.87 -30.77 36.66
CA TYR A 410 42.23 -30.88 36.21
C TYR A 410 42.52 -32.34 35.91
N SER A 411 43.37 -32.55 34.91
CA SER A 411 43.89 -33.85 34.67
C SER A 411 45.13 -34.05 35.57
N LYS A 412 45.35 -35.30 35.94
CA LYS A 412 46.49 -35.72 36.75
C LYS A 412 47.64 -36.14 35.84
N GLU A 413 48.82 -36.34 36.44
CA GLU A 413 49.95 -36.95 35.72
C GLU A 413 49.54 -38.32 35.20
N GLY A 414 49.85 -38.59 33.94
CA GLY A 414 49.53 -39.91 33.34
C GLY A 414 48.04 -40.11 33.05
N GLU A 415 47.31 -39.00 32.99
CA GLU A 415 45.87 -38.99 32.64
C GLU A 415 45.72 -38.19 31.34
N PHE A 416 45.14 -38.87 30.34
CA PHE A 416 45.01 -38.24 29.02
C PHE A 416 43.56 -38.22 28.58
N PHE A 417 43.21 -37.17 27.76
CA PHE A 417 41.83 -37.05 27.36
C PHE A 417 41.74 -36.67 25.88
N SER A 418 40.76 -37.25 25.18
CA SER A 418 40.35 -36.76 23.84
C SER A 418 38.82 -36.60 23.75
N ALA A 419 38.38 -35.63 22.94
CA ALA A 419 36.95 -35.46 22.60
C ALA A 419 36.83 -35.54 21.08
N PHE A 420 35.75 -36.17 20.59
CA PHE A 420 35.50 -36.25 19.15
C PHE A 420 34.04 -35.88 18.86
N LYS A 421 33.83 -35.38 17.64
CA LYS A 421 32.49 -35.14 17.09
C LYS A 421 32.56 -35.34 15.58
N GLN A 422 31.69 -36.18 15.06
CA GLN A 422 31.51 -36.21 13.60
C GLN A 422 30.03 -35.96 13.36
N ALA A 423 29.76 -34.89 12.62
CA ALA A 423 28.41 -34.47 12.13
C ALA A 423 28.33 -34.58 10.59
N SER A 424 27.37 -33.90 9.97
CA SER A 424 27.30 -33.75 8.49
C SER A 424 28.23 -32.62 8.01
N ARG A 425 28.31 -31.56 8.82
CA ARG A 425 29.14 -30.39 8.58
C ARG A 425 29.95 -30.08 9.86
N ARG A 426 31.14 -29.49 9.72
CA ARG A 426 31.98 -29.23 10.90
C ARG A 426 31.28 -28.19 11.79
N GLU A 427 30.84 -27.06 11.21
CA GLU A 427 30.38 -25.90 12.01
C GLU A 427 28.86 -25.97 12.15
N ASP A 428 28.41 -25.68 13.38
CA ASP A 428 26.99 -25.53 13.69
C ASP A 428 26.20 -26.71 13.11
N ASP A 429 26.55 -27.91 13.57
CA ASP A 429 25.79 -29.14 13.24
C ASP A 429 25.50 -29.99 14.49
N ILE A 430 24.55 -30.91 14.32
CA ILE A 430 24.23 -31.97 15.28
C ILE A 430 25.20 -33.16 15.07
N ALA A 431 25.81 -33.63 16.17
CA ALA A 431 26.69 -34.79 16.16
C ALA A 431 25.98 -36.00 15.58
N LYS A 432 26.67 -36.78 14.75
CA LYS A 432 26.18 -38.14 14.46
C LYS A 432 26.63 -39.04 15.61
N VAL A 433 27.92 -39.01 15.88
CA VAL A 433 28.50 -39.66 17.04
C VAL A 433 29.38 -38.59 17.68
N THR A 434 29.37 -38.54 19.01
CA THR A 434 30.17 -37.64 19.76
C THR A 434 30.69 -38.38 20.99
N SER A 435 31.91 -38.05 21.42
CA SER A 435 32.58 -38.90 22.42
C SER A 435 33.54 -38.10 23.29
N GLY A 436 33.63 -38.59 24.53
CA GLY A 436 34.71 -38.26 25.42
C GLY A 436 35.45 -39.51 25.83
N MET A 437 36.79 -39.44 25.84
CA MET A 437 37.61 -40.61 26.19
C MET A 437 38.73 -40.17 27.13
N ARG A 438 38.91 -40.95 28.20
CA ARG A 438 39.88 -40.66 29.26
C ARG A 438 40.57 -41.98 29.66
N VAL A 439 41.87 -41.88 29.88
CA VAL A 439 42.65 -42.98 30.40
C VAL A 439 43.52 -42.40 31.51
N LEU A 440 43.62 -43.20 32.58
CA LEU A 440 44.54 -42.94 33.73
C LEU A 440 45.46 -44.16 33.89
N PHE A 441 46.76 -43.90 33.84
CA PHE A 441 47.79 -44.95 33.91
C PHE A 441 48.30 -45.06 35.36
N LYS A 442 48.56 -46.29 35.82
CA LYS A 442 49.32 -46.50 37.08
C LYS A 442 50.60 -45.67 36.98
N PRO A 443 50.96 -44.84 38.00
CA PRO A 443 52.05 -43.87 37.83
C PRO A 443 53.32 -44.60 37.38
N GLY A 444 54.10 -43.94 36.52
CA GLY A 444 55.34 -44.45 35.92
C GLY A 444 55.18 -45.50 34.81
N THR A 445 53.97 -46.05 34.58
CA THR A 445 53.75 -47.23 33.71
C THR A 445 52.91 -46.85 32.48
N ILE A 446 52.72 -47.84 31.59
CA ILE A 446 51.75 -47.73 30.49
C ILE A 446 50.60 -48.67 30.78
N GLU A 447 50.40 -48.98 32.08
CA GLU A 447 49.41 -49.96 32.45
C GLU A 447 48.18 -49.18 32.90
N VAL A 448 47.02 -49.65 32.46
CA VAL A 448 45.82 -48.89 32.65
C VAL A 448 45.34 -49.01 34.11
N GLN A 449 45.09 -47.86 34.75
CA GLN A 449 44.37 -47.82 36.03
C GLN A 449 42.88 -47.51 35.84
N GLU A 450 42.58 -46.48 35.03
CA GLU A 450 41.20 -46.19 34.65
C GLU A 450 41.09 -45.96 33.13
N LEU A 451 39.94 -46.34 32.58
CA LEU A 451 39.58 -46.08 31.17
C LEU A 451 38.09 -45.83 31.10
N SER A 452 37.69 -44.70 30.49
CA SER A 452 36.31 -44.25 30.34
C SER A 452 36.09 -43.83 28.87
N LEU A 453 35.20 -44.55 28.20
CA LEU A 453 34.80 -44.25 26.84
C LEU A 453 33.30 -43.99 26.83
N CYS A 454 32.91 -42.74 26.59
CA CYS A 454 31.51 -42.29 26.60
C CYS A 454 31.10 -41.71 25.25
N PHE A 455 29.84 -41.94 24.88
CA PHE A 455 29.32 -41.68 23.53
C PHE A 455 27.92 -41.07 23.57
N GLY A 456 27.71 -40.05 22.75
CA GLY A 456 26.42 -39.57 22.33
C GLY A 456 26.11 -40.14 20.94
N GLY A 457 24.82 -40.29 20.63
CA GLY A 457 24.40 -40.67 19.29
C GLY A 457 24.39 -42.17 19.05
N MET A 458 24.58 -42.96 20.09
CA MET A 458 24.61 -44.40 19.94
C MET A 458 23.48 -45.05 20.75
N ALA A 459 22.55 -44.26 21.27
CA ALA A 459 21.42 -44.75 22.10
C ALA A 459 20.51 -43.56 22.41
N ASP A 460 19.45 -43.76 23.21
CA ASP A 460 18.54 -42.67 23.54
C ASP A 460 19.07 -41.82 24.71
N ARG A 461 20.36 -41.91 25.02
CA ARG A 461 21.03 -41.13 26.06
C ARG A 461 22.54 -41.21 25.86
N THR A 462 23.26 -40.37 26.61
CA THR A 462 24.72 -40.48 26.67
C THR A 462 25.06 -41.78 27.38
N ILE A 463 25.95 -42.60 26.79
CA ILE A 463 26.31 -43.88 27.41
C ILE A 463 27.82 -44.02 27.58
N SER A 464 28.18 -44.91 28.50
CA SER A 464 29.55 -45.35 28.75
C SER A 464 29.70 -46.79 28.25
N ALA A 465 30.86 -47.09 27.69
CA ALA A 465 31.14 -48.46 27.22
C ALA A 465 31.59 -49.34 28.41
N LEU A 466 30.65 -49.57 29.34
CA LEU A 466 30.94 -50.16 30.65
C LEU A 466 31.20 -51.67 30.59
N LYS A 467 30.85 -52.36 29.50
CA LYS A 467 31.18 -53.79 29.37
C LYS A 467 32.61 -53.93 28.84
N THR A 468 33.07 -52.93 28.07
CA THR A 468 34.35 -53.02 27.36
C THR A 468 35.51 -52.53 28.22
N THR A 469 35.35 -51.36 28.86
CA THR A 469 36.44 -50.71 29.54
C THR A 469 36.98 -51.49 30.74
N PRO A 470 36.18 -52.16 31.59
CA PRO A 470 36.74 -52.80 32.78
C PRO A 470 37.76 -53.91 32.42
N LYS A 471 37.53 -54.57 31.30
CA LYS A 471 38.35 -55.67 30.83
C LYS A 471 39.77 -55.20 30.55
N GLN A 472 40.03 -53.89 30.46
CA GLN A 472 41.35 -53.40 30.06
C GLN A 472 42.18 -52.97 31.28
N LEU A 473 41.59 -52.98 32.49
CA LEU A 473 42.32 -52.47 33.63
C LEU A 473 43.55 -53.38 33.85
N SER A 474 44.72 -52.75 34.02
CA SER A 474 46.02 -53.36 34.26
C SER A 474 46.78 -53.70 32.97
N LYS A 475 46.06 -53.83 31.83
CA LYS A 475 46.71 -54.04 30.54
C LYS A 475 47.63 -52.89 30.17
N SER A 476 48.63 -53.20 29.36
CA SER A 476 49.52 -52.22 28.84
C SER A 476 48.88 -51.58 27.59
N TRP A 477 49.25 -50.34 27.30
CA TRP A 477 48.69 -49.58 26.16
C TRP A 477 49.42 -50.02 24.90
N ASN A 478 48.91 -51.05 24.26
CA ASN A 478 49.59 -51.67 23.11
C ASN A 478 48.56 -52.26 22.15
N GLU A 479 49.06 -52.94 21.11
CA GLU A 479 48.22 -53.37 20.04
C GLU A 479 47.14 -54.33 20.57
N GLU A 480 47.42 -55.16 21.58
CA GLU A 480 46.38 -56.10 22.05
C GLU A 480 45.23 -55.34 22.71
N LEU A 481 45.57 -54.27 23.43
CA LEU A 481 44.52 -53.44 24.02
C LEU A 481 43.65 -52.80 22.90
N LEU A 482 44.29 -52.24 21.87
CA LEU A 482 43.58 -51.64 20.69
C LEU A 482 42.55 -52.62 20.15
N GLN A 483 43.03 -53.85 19.91
CA GLN A 483 42.24 -54.88 19.27
C GLN A 483 41.15 -55.33 20.24
N SER A 484 41.49 -55.38 21.53
CA SER A 484 40.50 -55.79 22.51
C SER A 484 39.37 -54.76 22.64
N VAL A 485 39.74 -53.48 22.74
CA VAL A 485 38.74 -52.42 22.83
C VAL A 485 37.85 -52.43 21.57
N CYS A 486 38.49 -52.49 20.39
CA CYS A 486 37.71 -52.45 19.17
C CYS A 486 36.69 -53.61 19.11
N ALA A 487 37.11 -54.85 19.37
CA ALA A 487 36.15 -55.95 19.41
C ALA A 487 35.05 -55.68 20.43
N GLY A 488 35.45 -55.17 21.61
CA GLY A 488 34.51 -54.86 22.70
C GLY A 488 33.41 -53.88 22.26
N LEU A 489 33.85 -52.77 21.64
CA LEU A 489 32.95 -51.67 21.15
C LEU A 489 32.02 -52.19 20.04
N ALA A 490 32.56 -52.98 19.11
CA ALA A 490 31.77 -53.52 18.02
C ALA A 490 30.63 -54.41 18.54
N GLU A 491 30.85 -55.13 19.63
CA GLU A 491 29.85 -56.06 20.19
C GLU A 491 28.89 -55.27 21.10
N GLU A 492 29.44 -54.37 21.94
CA GLU A 492 28.69 -53.67 22.97
C GLU A 492 27.80 -52.54 22.39
N LEU A 493 28.32 -51.73 21.44
CA LEU A 493 27.55 -50.63 20.84
C LEU A 493 26.82 -51.16 19.59
N GLN A 494 25.92 -52.11 19.80
CA GLN A 494 25.11 -52.67 18.75
C GLN A 494 24.01 -51.66 18.39
N LEU A 495 23.62 -51.65 17.12
CA LEU A 495 22.46 -50.92 16.66
C LEU A 495 21.63 -51.87 15.80
N ALA A 496 20.32 -51.86 16.02
CA ALA A 496 19.42 -52.56 15.16
C ALA A 496 19.51 -51.96 13.76
N PRO A 497 19.22 -52.74 12.71
CA PRO A 497 19.25 -52.19 11.35
C PRO A 497 18.17 -51.10 11.15
N ASP A 498 17.20 -51.03 12.07
CA ASP A 498 16.13 -50.02 12.05
C ASP A 498 16.35 -48.97 13.15
N ALA A 499 17.57 -48.93 13.73
CA ALA A 499 17.89 -47.99 14.80
C ALA A 499 17.43 -46.58 14.40
N PRO A 500 16.92 -45.77 15.35
CA PRO A 500 16.50 -44.42 15.04
C PRO A 500 17.75 -43.68 14.55
N GLY A 501 17.62 -43.03 13.40
CA GLY A 501 18.65 -42.16 12.85
C GLY A 501 19.41 -42.81 11.72
N GLY A 502 19.27 -44.12 11.54
CA GLY A 502 19.92 -44.78 10.40
C GLY A 502 21.45 -44.68 10.52
N MET A 503 22.12 -44.75 9.38
CA MET A 503 23.58 -44.62 9.30
C MET A 503 24.24 -45.57 10.30
N VAL A 504 23.75 -46.82 10.42
CA VAL A 504 24.20 -47.67 11.52
C VAL A 504 25.65 -48.13 11.28
N GLU A 505 26.04 -48.46 10.04
CA GLU A 505 27.42 -48.90 9.83
C GLU A 505 28.38 -47.74 10.17
N PHE A 506 28.06 -46.53 9.70
CA PHE A 506 28.92 -45.39 9.84
C PHE A 506 29.08 -45.05 11.32
N ARG A 507 27.96 -45.00 12.06
CA ARG A 507 28.03 -44.67 13.49
C ARG A 507 28.94 -45.67 14.24
N ARG A 508 28.74 -46.97 14.01
CA ARG A 508 29.52 -48.01 14.68
C ARG A 508 31.00 -47.85 14.27
N THR A 509 31.23 -47.66 12.98
CA THR A 509 32.60 -47.43 12.45
C THR A 509 33.24 -46.22 13.15
N LEU A 510 32.48 -45.15 13.33
CA LEU A 510 33.00 -44.01 14.00
C LEU A 510 33.44 -44.32 15.42
N THR A 511 32.66 -45.08 16.20
CA THR A 511 33.08 -45.36 17.62
C THR A 511 34.47 -46.03 17.63
N LEU A 512 34.72 -46.99 16.74
CA LEU A 512 36.03 -47.65 16.70
C LEU A 512 37.10 -46.67 16.18
N SER A 513 36.77 -45.89 15.13
CA SER A 513 37.73 -44.97 14.49
C SER A 513 38.16 -43.90 15.48
N PHE A 514 37.19 -43.39 16.25
CA PHE A 514 37.48 -42.44 17.32
C PHE A 514 38.44 -43.10 18.34
N PHE A 515 38.10 -44.29 18.77
CA PHE A 515 38.95 -44.97 19.78
C PHE A 515 40.38 -45.14 19.20
N PHE A 516 40.47 -45.50 17.93
CA PHE A 516 41.81 -45.64 17.29
C PHE A 516 42.58 -44.32 17.37
N LYS A 517 41.92 -43.19 17.09
CA LYS A 517 42.60 -41.94 17.13
C LYS A 517 43.10 -41.65 18.55
N PHE A 518 42.24 -41.92 19.53
CA PHE A 518 42.60 -41.79 20.93
C PHE A 518 43.81 -42.69 21.28
N TYR A 519 43.76 -43.93 20.84
CA TYR A 519 44.80 -44.92 21.07
C TYR A 519 46.15 -44.35 20.61
N LEU A 520 46.18 -43.84 19.37
CA LEU A 520 47.39 -43.29 18.78
C LEU A 520 47.78 -42.02 19.52
N THR A 521 46.77 -41.25 19.91
CA THR A 521 47.12 -39.89 20.52
C THR A 521 47.81 -40.13 21.89
N VAL A 522 47.31 -41.12 22.60
CA VAL A 522 47.85 -41.51 23.89
C VAL A 522 49.31 -42.04 23.71
N LEU A 523 49.55 -42.84 22.67
CA LEU A 523 50.92 -43.28 22.39
C LEU A 523 51.81 -42.05 22.21
N GLN A 524 51.36 -41.04 21.47
CA GLN A 524 52.17 -39.86 21.28
C GLN A 524 52.44 -39.16 22.61
N LYS A 525 51.40 -39.01 23.42
CA LYS A 525 51.53 -38.34 24.70
C LYS A 525 52.47 -39.14 25.64
N LEU A 526 52.33 -40.45 25.69
CA LEU A 526 53.27 -41.29 26.46
C LEU A 526 54.72 -41.08 25.98
N GLY A 527 54.94 -41.04 24.67
CA GLY A 527 56.27 -40.79 24.07
C GLY A 527 56.93 -39.51 24.60
N ARG A 528 56.14 -38.48 24.97
CA ARG A 528 56.71 -37.20 25.43
C ARG A 528 57.09 -37.30 26.91
N ALA A 529 56.63 -38.34 27.61
CA ALA A 529 56.72 -38.44 29.05
C ALA A 529 58.11 -38.93 29.49
N ASP A 530 58.82 -39.66 28.62
CA ASP A 530 60.11 -40.22 29.01
C ASP A 530 59.86 -41.20 30.18
N LEU A 531 59.23 -42.33 29.86
CA LEU A 531 58.92 -43.42 30.79
C LEU A 531 60.12 -44.35 30.89
N GLU A 532 60.08 -45.23 31.88
CA GLU A 532 61.12 -46.20 32.10
C GLU A 532 60.71 -47.55 31.51
N ASP A 533 60.44 -47.79 30.20
CA ASP A 533 59.60 -48.88 29.72
C ASP A 533 58.95 -48.26 28.48
N MET A 534 59.37 -48.76 27.32
CA MET A 534 59.22 -48.16 25.99
C MET A 534 57.80 -48.44 25.49
N CYS A 535 57.11 -47.37 25.08
CA CYS A 535 55.81 -47.52 24.45
C CYS A 535 56.05 -47.65 22.94
N GLY A 536 55.03 -48.14 22.23
CA GLY A 536 54.99 -48.03 20.77
C GLY A 536 55.23 -46.59 20.30
N LYS A 537 55.95 -46.47 19.16
CA LYS A 537 56.15 -45.20 18.43
C LYS A 537 55.29 -45.25 17.17
N LEU A 538 54.71 -44.11 16.79
CA LEU A 538 53.94 -44.08 15.57
C LEU A 538 54.94 -44.09 14.42
N ASP A 539 54.64 -44.90 13.40
CA ASP A 539 55.22 -44.65 12.08
C ASP A 539 54.83 -43.23 11.63
N PRO A 540 55.70 -42.47 10.93
CA PRO A 540 55.28 -41.14 10.45
C PRO A 540 54.06 -41.15 9.52
N THR A 541 53.74 -42.28 8.88
CA THR A 541 52.55 -42.39 8.02
C THR A 541 51.26 -42.36 8.87
N PHE A 542 51.37 -42.55 10.19
CA PHE A 542 50.20 -42.58 11.07
C PHE A 542 49.98 -41.24 11.76
N ALA A 543 51.00 -40.37 11.72
CA ALA A 543 51.05 -39.15 12.51
C ALA A 543 49.80 -38.28 12.27
N SER A 544 49.38 -38.18 11.00
CA SER A 544 48.40 -37.18 10.59
C SER A 544 47.01 -37.61 11.11
N ALA A 545 46.89 -38.86 11.57
CA ALA A 545 45.63 -39.38 12.16
C ALA A 545 45.29 -38.65 13.46
N THR A 546 46.30 -38.07 14.14
CA THR A 546 46.08 -37.52 15.50
C THR A 546 45.89 -36.00 15.51
N LEU A 547 46.10 -35.34 14.36
CA LEU A 547 46.06 -33.90 14.25
C LEU A 547 44.64 -33.40 14.53
N LEU A 548 44.54 -32.36 15.37
CA LEU A 548 43.27 -31.61 15.51
C LEU A 548 43.02 -30.79 14.24
N PHE A 549 41.76 -30.74 13.81
CA PHE A 549 41.41 -30.00 12.58
C PHE A 549 41.97 -28.58 12.65
N GLN A 550 42.66 -28.15 11.59
CA GLN A 550 42.93 -26.72 11.32
C GLN A 550 43.00 -26.47 9.81
N LYS A 551 42.58 -25.29 9.38
CA LYS A 551 42.69 -24.87 7.97
C LYS A 551 43.65 -23.68 7.88
N ASP A 552 44.49 -23.69 6.84
CA ASP A 552 45.36 -22.56 6.52
C ASP A 552 44.46 -21.35 6.22
N PRO A 553 44.98 -20.11 6.27
CA PRO A 553 44.20 -18.94 5.86
C PRO A 553 43.96 -18.95 4.35
N PRO A 554 42.87 -18.33 3.85
CA PRO A 554 42.59 -18.33 2.40
C PRO A 554 43.62 -17.62 1.52
N ALA A 555 43.75 -18.06 0.26
CA ALA A 555 44.54 -17.34 -0.78
C ALA A 555 43.73 -17.33 -2.09
N ASN A 556 43.10 -16.19 -2.39
CA ASN A 556 42.09 -16.13 -3.45
C ASN A 556 42.61 -15.29 -4.61
N VAL A 557 42.25 -15.67 -5.82
CA VAL A 557 42.63 -14.93 -7.00
C VAL A 557 41.40 -14.76 -7.86
N GLN A 558 41.06 -13.53 -8.25
CA GLN A 558 39.99 -13.29 -9.23
C GLN A 558 40.59 -12.58 -10.43
N LEU A 559 40.51 -13.20 -11.62
CA LEU A 559 41.07 -12.63 -12.83
C LEU A 559 39.91 -12.32 -13.79
N PHE A 560 39.93 -11.09 -14.33
CA PHE A 560 38.96 -10.73 -15.37
C PHE A 560 39.62 -9.74 -16.33
N GLN A 561 38.89 -9.36 -17.39
CA GLN A 561 39.43 -8.53 -18.44
C GLN A 561 39.02 -7.08 -18.25
N GLU A 562 40.02 -6.19 -18.27
CA GLU A 562 39.87 -4.76 -18.35
C GLU A 562 39.11 -4.41 -19.62
N VAL A 563 38.26 -3.35 -19.54
CA VAL A 563 37.53 -2.89 -20.71
C VAL A 563 38.50 -2.14 -21.64
N PRO A 564 38.20 -1.94 -22.92
CA PRO A 564 39.08 -1.11 -23.76
C PRO A 564 39.43 0.26 -23.15
N LYS A 565 40.69 0.66 -23.35
CA LYS A 565 41.26 1.91 -22.83
C LYS A 565 40.42 3.12 -23.31
N ASP A 566 39.86 3.00 -24.52
CA ASP A 566 39.08 4.05 -25.19
C ASP A 566 37.63 4.12 -24.68
N GLN A 567 37.19 3.12 -23.92
CA GLN A 567 35.83 3.15 -23.38
C GLN A 567 35.70 4.33 -22.42
N SER A 568 34.64 5.11 -22.64
CA SER A 568 34.20 6.17 -21.75
C SER A 568 34.07 5.67 -20.30
N GLU A 569 34.44 6.57 -19.39
CA GLU A 569 34.34 6.33 -17.96
C GLU A 569 32.87 6.18 -17.54
N GLU A 570 31.93 6.71 -18.33
CA GLU A 570 30.53 6.66 -17.98
C GLU A 570 29.89 5.36 -18.51
N ASP A 571 30.53 4.68 -19.48
CA ASP A 571 30.03 3.44 -20.01
C ASP A 571 30.49 2.34 -19.05
N MET A 572 29.54 1.76 -18.28
CA MET A 572 29.87 0.84 -17.20
C MET A 572 29.78 -0.61 -17.64
N VAL A 573 29.42 -0.88 -18.89
CA VAL A 573 29.30 -2.27 -19.37
C VAL A 573 30.69 -2.88 -19.39
N GLY A 574 30.81 -4.02 -18.69
CA GLY A 574 32.06 -4.73 -18.51
C GLY A 574 32.90 -4.21 -17.37
N ARG A 575 32.43 -3.21 -16.63
CA ARG A 575 33.13 -2.77 -15.44
C ARG A 575 32.54 -3.42 -14.19
N PRO A 576 33.32 -3.56 -13.10
CA PRO A 576 32.82 -4.24 -11.90
C PRO A 576 32.00 -3.36 -10.94
N LEU A 577 30.90 -2.85 -11.45
CA LEU A 577 30.02 -1.97 -10.67
C LEU A 577 29.33 -2.80 -9.58
N PRO A 578 29.42 -2.45 -8.28
CA PRO A 578 28.70 -3.19 -7.26
C PRO A 578 27.18 -3.18 -7.47
N HIS A 579 26.57 -4.25 -7.02
CA HIS A 579 25.12 -4.39 -6.97
C HIS A 579 24.52 -3.07 -6.48
N LEU A 580 23.55 -2.56 -7.25
CA LEU A 580 22.97 -1.27 -6.97
C LEU A 580 22.34 -1.21 -5.59
N ALA A 581 21.86 -2.32 -5.02
CA ALA A 581 21.22 -2.25 -3.70
C ALA A 581 22.18 -2.68 -2.57
N ALA A 582 23.46 -2.89 -2.87
CA ALA A 582 24.39 -3.47 -1.86
C ALA A 582 24.48 -2.60 -0.61
N ASN A 583 24.55 -1.27 -0.74
CA ASN A 583 24.69 -0.42 0.46
C ASN A 583 23.45 -0.53 1.36
N MET A 584 22.26 -0.48 0.75
CA MET A 584 20.97 -0.61 1.44
C MET A 584 20.80 -2.01 2.05
N GLN A 585 21.33 -3.04 1.40
CA GLN A 585 21.26 -4.41 1.93
C GLN A 585 22.12 -4.52 3.19
N ALA A 586 23.31 -3.88 3.14
CA ALA A 586 24.23 -3.87 4.29
C ALA A 586 23.66 -3.08 5.47
N SER A 587 22.79 -2.09 5.17
CA SER A 587 22.23 -1.17 6.18
C SER A 587 20.89 -1.67 6.74
N GLY A 588 20.34 -2.71 6.13
CA GLY A 588 19.00 -3.19 6.48
C GLY A 588 17.86 -2.24 6.07
N GLU A 589 18.14 -1.36 5.11
CA GLU A 589 17.13 -0.45 4.60
C GLU A 589 16.40 -1.05 3.39
N ALA A 590 17.04 -2.01 2.69
CA ALA A 590 16.39 -2.73 1.56
C ALA A 590 15.15 -3.45 2.06
N VAL A 591 14.05 -3.28 1.32
CA VAL A 591 12.73 -3.80 1.75
C VAL A 591 12.46 -5.11 0.99
N TYR A 592 12.28 -6.16 1.77
CA TYR A 592 11.79 -7.47 1.33
C TYR A 592 10.31 -7.53 1.71
N CYS A 593 9.57 -8.43 1.08
CA CYS A 593 8.12 -8.51 1.25
C CYS A 593 7.65 -8.31 2.71
N ASP A 594 8.09 -9.14 3.65
CA ASP A 594 7.58 -9.07 5.06
C ASP A 594 8.06 -7.81 5.78
N ASP A 595 9.01 -7.09 5.20
CA ASP A 595 9.41 -5.79 5.79
C ASP A 595 8.39 -4.67 5.49
N ILE A 596 7.49 -4.87 4.52
CA ILE A 596 6.51 -3.88 4.18
C ILE A 596 5.63 -3.71 5.41
N PRO A 597 5.29 -2.48 5.83
CA PRO A 597 4.41 -2.30 6.98
C PRO A 597 3.03 -2.94 6.75
N ARG A 598 2.44 -3.52 7.80
CA ARG A 598 1.09 -4.04 7.73
C ARG A 598 0.09 -2.88 7.69
N TYR A 599 -1.02 -3.08 6.97
CA TYR A 599 -2.19 -2.22 7.16
C TYR A 599 -2.78 -2.47 8.55
N GLU A 600 -3.40 -1.45 9.12
CA GLU A 600 -4.11 -1.56 10.39
C GLU A 600 -5.11 -2.73 10.37
N ASN A 601 -5.74 -3.01 9.22
CA ASN A 601 -6.81 -4.04 9.09
C ASN A 601 -6.28 -5.38 8.47
N GLU A 602 -4.97 -5.56 8.41
CA GLU A 602 -4.35 -6.70 7.72
C GLU A 602 -4.44 -7.95 8.59
N LEU A 603 -4.72 -9.08 7.94
CA LEU A 603 -4.84 -10.38 8.56
C LEU A 603 -3.64 -11.24 8.19
N SER A 604 -3.46 -12.33 8.97
CA SER A 604 -2.41 -13.33 8.81
C SER A 604 -3.02 -14.67 8.40
N LEU A 605 -2.33 -15.37 7.50
CA LEU A 605 -2.73 -16.67 7.03
C LEU A 605 -1.68 -17.74 7.38
N ARG A 606 -2.17 -18.94 7.70
CA ARG A 606 -1.33 -20.12 7.89
C ARG A 606 -1.94 -21.33 7.18
N LEU A 607 -1.13 -21.97 6.36
CA LEU A 607 -1.51 -23.15 5.64
C LEU A 607 -1.65 -24.33 6.58
N VAL A 608 -2.65 -25.16 6.32
CA VAL A 608 -2.81 -26.45 6.96
C VAL A 608 -2.51 -27.55 5.94
N THR A 609 -1.58 -28.45 6.29
CA THR A 609 -1.10 -29.42 5.33
C THR A 609 -1.35 -30.86 5.81
N SER A 610 -1.37 -31.77 4.84
CA SER A 610 -1.54 -33.21 5.04
C SER A 610 -0.38 -33.78 5.85
N THR A 611 -0.70 -34.62 6.84
CA THR A 611 0.27 -35.43 7.55
C THR A 611 0.30 -36.88 7.01
N ARG A 612 -0.32 -37.15 5.85
CA ARG A 612 -0.34 -38.47 5.20
C ARG A 612 0.11 -38.35 3.75
N ALA A 613 0.89 -39.32 3.30
CA ALA A 613 1.35 -39.40 1.90
C ALA A 613 0.19 -39.60 0.90
N HIS A 614 -0.81 -40.44 1.24
CA HIS A 614 -1.91 -40.75 0.33
C HIS A 614 -3.08 -41.28 1.17
N ALA A 615 -4.14 -40.49 1.22
CA ALA A 615 -5.28 -40.77 2.06
C ALA A 615 -6.51 -40.05 1.53
N LYS A 616 -7.68 -40.62 1.83
CA LYS A 616 -8.91 -39.90 1.82
C LYS A 616 -8.97 -39.01 3.05
N ILE A 617 -9.48 -37.78 2.84
CA ILE A 617 -9.86 -36.96 3.97
C ILE A 617 -11.26 -37.40 4.37
N THR A 618 -11.42 -37.95 5.58
CA THR A 618 -12.72 -38.48 6.01
C THR A 618 -13.51 -37.36 6.70
N SER A 619 -12.84 -36.47 7.44
CA SER A 619 -13.51 -35.31 8.06
C SER A 619 -12.47 -34.27 8.52
N ILE A 620 -12.98 -33.05 8.73
CA ILE A 620 -12.20 -31.94 9.22
C ILE A 620 -13.01 -31.32 10.36
N ASP A 621 -12.37 -31.15 11.51
CA ASP A 621 -13.02 -30.57 12.64
C ASP A 621 -12.24 -29.32 13.03
N THR A 622 -12.92 -28.16 13.01
CA THR A 622 -12.28 -26.87 13.30
C THR A 622 -12.71 -26.32 14.66
N SER A 623 -13.34 -27.16 15.51
CA SER A 623 -13.95 -26.65 16.75
C SER A 623 -12.88 -26.00 17.65
N GLU A 624 -11.69 -26.62 17.75
CA GLU A 624 -10.63 -26.08 18.60
C GLU A 624 -10.01 -24.83 17.97
N ALA A 625 -9.86 -24.81 16.65
CA ALA A 625 -9.33 -23.63 15.97
C ALA A 625 -10.19 -22.38 16.26
N LYS A 626 -11.52 -22.54 16.30
CA LYS A 626 -12.49 -21.44 16.50
C LYS A 626 -12.38 -20.81 17.88
N LYS A 627 -11.74 -21.49 18.83
CA LYS A 627 -11.62 -20.98 20.17
C LYS A 627 -10.37 -20.11 20.29
N VAL A 628 -9.49 -20.15 19.28
CA VAL A 628 -8.26 -19.37 19.42
C VAL A 628 -8.62 -17.90 19.24
N PRO A 629 -8.17 -17.00 20.13
CA PRO A 629 -8.51 -15.59 19.97
C PRO A 629 -7.98 -15.05 18.62
N GLY A 630 -8.77 -14.20 17.95
CA GLY A 630 -8.37 -13.59 16.69
C GLY A 630 -8.63 -14.48 15.47
N PHE A 631 -9.19 -15.68 15.68
CA PHE A 631 -9.50 -16.61 14.56
C PHE A 631 -10.59 -16.01 13.69
N VAL A 632 -10.40 -16.00 12.37
CA VAL A 632 -11.35 -15.44 11.45
C VAL A 632 -12.05 -16.56 10.68
N CYS A 633 -11.31 -17.44 10.01
CA CYS A 633 -11.95 -18.46 9.18
C CYS A 633 -10.91 -19.52 8.80
N PHE A 634 -11.41 -20.70 8.43
CA PHE A 634 -10.64 -21.75 7.84
C PHE A 634 -11.11 -21.91 6.37
N LEU A 635 -10.23 -21.62 5.41
CA LEU A 635 -10.53 -21.77 3.99
C LEU A 635 -10.23 -23.20 3.53
N THR A 636 -11.13 -23.75 2.70
CA THR A 636 -10.97 -25.07 2.10
C THR A 636 -11.37 -24.97 0.64
N ALA A 637 -11.30 -26.11 -0.06
CA ALA A 637 -11.69 -26.20 -1.47
C ALA A 637 -13.05 -25.55 -1.71
N GLU A 638 -13.99 -25.72 -0.78
CA GLU A 638 -15.40 -25.21 -0.90
C GLU A 638 -15.43 -23.69 -1.12
N ASP A 639 -14.44 -22.97 -0.57
CA ASP A 639 -14.34 -21.51 -0.57
C ASP A 639 -13.80 -20.95 -1.89
N VAL A 640 -13.30 -21.79 -2.79
CA VAL A 640 -12.68 -21.28 -3.98
C VAL A 640 -13.78 -20.77 -4.90
N PRO A 641 -13.75 -19.50 -5.38
CA PRO A 641 -14.86 -18.98 -6.18
C PRO A 641 -15.03 -19.65 -7.55
N ASN A 642 -13.93 -19.91 -8.24
CA ASN A 642 -14.01 -20.37 -9.61
C ASN A 642 -13.39 -21.76 -9.73
N SER A 643 -12.07 -21.87 -9.81
CA SER A 643 -11.45 -23.16 -10.16
C SER A 643 -10.47 -23.58 -9.07
N ASN A 644 -10.56 -24.85 -8.65
CA ASN A 644 -9.64 -25.47 -7.70
C ASN A 644 -8.47 -26.15 -8.46
N ALA A 645 -8.47 -26.07 -9.79
CA ALA A 645 -7.41 -26.67 -10.56
C ALA A 645 -6.34 -25.61 -10.87
N THR A 646 -5.08 -25.91 -10.53
CA THR A 646 -4.01 -24.96 -10.65
C THR A 646 -2.73 -25.70 -11.06
N GLY A 647 -1.63 -24.96 -11.08
CA GLY A 647 -0.31 -25.55 -11.39
C GLY A 647 -0.03 -25.46 -12.86
N LEU A 648 1.26 -25.67 -13.20
CA LEU A 648 1.70 -25.43 -14.49
C LEU A 648 0.94 -26.28 -15.51
N PHE A 649 0.64 -27.55 -15.17
CA PHE A 649 -0.08 -28.47 -16.07
C PHE A 649 -1.50 -28.78 -15.56
N ASN A 650 -2.01 -27.94 -14.66
CA ASN A 650 -3.44 -27.94 -14.27
C ASN A 650 -3.83 -29.22 -13.51
N ASP A 651 -2.85 -29.87 -12.88
CA ASP A 651 -3.09 -31.16 -12.26
C ASP A 651 -2.98 -31.04 -10.74
N GLU A 652 -3.01 -29.82 -10.22
CA GLU A 652 -2.84 -29.55 -8.83
C GLU A 652 -4.11 -28.89 -8.27
N THR A 653 -4.37 -29.16 -7.00
CA THR A 653 -5.44 -28.49 -6.28
C THR A 653 -4.91 -27.20 -5.65
N VAL A 654 -5.74 -26.18 -5.62
CA VAL A 654 -5.46 -25.04 -4.76
C VAL A 654 -5.52 -25.54 -3.31
N PHE A 655 -6.65 -26.17 -2.97
CA PHE A 655 -6.83 -26.85 -1.71
C PHE A 655 -7.31 -28.29 -1.94
N ALA A 656 -6.74 -29.25 -1.21
CA ALA A 656 -7.07 -30.69 -1.30
C ALA A 656 -8.58 -30.88 -1.26
N LYS A 657 -9.08 -31.74 -2.16
CA LYS A 657 -10.49 -32.10 -2.20
C LYS A 657 -10.60 -33.64 -2.16
N ASP A 658 -11.18 -34.16 -1.10
CA ASP A 658 -11.49 -35.61 -0.98
C ASP A 658 -10.23 -36.40 -0.61
N GLU A 659 -9.07 -36.11 -1.21
CA GLU A 659 -7.89 -36.90 -0.93
C GLU A 659 -6.61 -36.06 -0.95
N VAL A 660 -5.64 -36.52 -0.17
CA VAL A 660 -4.33 -35.91 -0.12
C VAL A 660 -3.34 -36.88 -0.77
N THR A 661 -2.29 -36.32 -1.39
CA THR A 661 -1.39 -37.04 -2.26
C THR A 661 0.07 -36.81 -1.91
N CYS A 662 0.36 -36.12 -0.80
CA CYS A 662 1.70 -36.12 -0.19
C CYS A 662 1.61 -35.56 1.22
N VAL A 663 2.61 -35.89 2.06
CA VAL A 663 2.82 -35.20 3.27
C VAL A 663 3.27 -33.77 2.87
N GLY A 664 2.47 -32.77 3.28
CA GLY A 664 2.68 -31.37 2.90
C GLY A 664 1.63 -30.86 1.93
N HIS A 665 0.73 -31.72 1.46
CA HIS A 665 -0.35 -31.28 0.53
C HIS A 665 -1.26 -30.29 1.27
N ILE A 666 -1.46 -29.12 0.69
CA ILE A 666 -2.22 -28.08 1.37
C ILE A 666 -3.71 -28.44 1.34
N ILE A 667 -4.28 -28.54 2.53
CA ILE A 667 -5.73 -28.86 2.72
C ILE A 667 -6.53 -27.57 2.82
N GLY A 668 -6.00 -26.59 3.56
CA GLY A 668 -6.69 -25.36 3.80
C GLY A 668 -5.77 -24.28 4.32
N ALA A 669 -6.39 -23.19 4.82
CA ALA A 669 -5.64 -22.05 5.33
C ALA A 669 -6.46 -21.38 6.41
N VAL A 670 -5.88 -21.24 7.59
CA VAL A 670 -6.47 -20.48 8.66
C VAL A 670 -6.16 -19.01 8.43
N VAL A 671 -7.16 -18.16 8.71
CA VAL A 671 -6.99 -16.72 8.72
C VAL A 671 -7.24 -16.23 10.14
N ALA A 672 -6.28 -15.48 10.70
CA ALA A 672 -6.43 -14.88 12.01
C ALA A 672 -5.77 -13.50 12.02
N ASP A 673 -5.93 -12.78 13.12
CA ASP A 673 -5.33 -11.45 13.27
C ASP A 673 -3.79 -11.53 13.23
N THR A 674 -3.15 -12.47 13.90
CA THR A 674 -1.71 -12.48 14.01
C THR A 674 -1.18 -13.80 13.51
N PRO A 675 0.13 -13.86 13.17
CA PRO A 675 0.76 -15.12 12.82
C PRO A 675 0.69 -16.16 13.96
N GLU A 676 0.85 -15.69 15.20
CA GLU A 676 0.90 -16.59 16.38
C GLU A 676 -0.49 -17.23 16.53
N HIS A 677 -1.53 -16.40 16.39
CA HIS A 677 -2.93 -16.87 16.49
C HIS A 677 -3.29 -17.79 15.32
N ALA A 678 -2.72 -17.50 14.13
CA ALA A 678 -2.97 -18.36 12.98
C ALA A 678 -2.31 -19.71 13.23
N GLN A 679 -1.12 -19.71 13.84
CA GLN A 679 -0.39 -20.95 14.07
C GLN A 679 -1.14 -21.79 15.11
N ARG A 680 -1.53 -21.17 16.22
CA ARG A 680 -2.32 -21.90 17.28
C ARG A 680 -3.61 -22.47 16.68
N ALA A 681 -4.30 -21.72 15.82
CA ALA A 681 -5.58 -22.16 15.27
C ALA A 681 -5.38 -23.32 14.27
N ALA A 682 -4.31 -23.23 13.47
CA ALA A 682 -3.96 -24.31 12.55
C ALA A 682 -3.77 -25.64 13.29
N ARG A 683 -3.14 -25.59 14.48
CA ARG A 683 -2.99 -26.79 15.35
C ARG A 683 -4.37 -27.34 15.75
N GLY A 684 -5.39 -26.49 15.84
CA GLY A 684 -6.75 -26.92 16.22
C GLY A 684 -7.59 -27.42 15.06
N VAL A 685 -7.02 -27.52 13.85
CA VAL A 685 -7.70 -28.11 12.72
C VAL A 685 -7.33 -29.59 12.70
N LYS A 686 -8.31 -30.46 13.01
CA LYS A 686 -8.08 -31.89 13.17
C LYS A 686 -8.65 -32.61 11.95
N ILE A 687 -7.76 -33.30 11.23
CA ILE A 687 -8.12 -34.00 10.05
C ILE A 687 -8.14 -35.50 10.39
N THR A 688 -9.16 -36.21 9.92
CA THR A 688 -9.17 -37.68 9.98
C THR A 688 -9.02 -38.21 8.55
N TYR A 689 -8.20 -39.24 8.43
CA TYR A 689 -7.79 -39.78 7.18
C TYR A 689 -8.09 -41.29 7.11
N GLU A 690 -8.24 -41.79 5.88
CA GLU A 690 -8.21 -43.21 5.57
C GLU A 690 -7.09 -43.45 4.55
N ASP A 691 -6.00 -44.09 4.98
CA ASP A 691 -4.83 -44.32 4.11
C ASP A 691 -5.19 -45.01 2.81
N LEU A 692 -4.44 -44.66 1.75
CA LEU A 692 -4.52 -45.27 0.42
C LEU A 692 -3.09 -45.71 0.04
N PRO A 693 -2.93 -46.75 -0.79
CA PRO A 693 -1.60 -47.20 -1.21
C PRO A 693 -0.75 -46.02 -1.72
N ALA A 694 0.43 -45.84 -1.12
CA ALA A 694 1.33 -44.75 -1.48
C ALA A 694 2.48 -45.29 -2.34
N ILE A 695 2.93 -44.45 -3.29
CA ILE A 695 4.07 -44.66 -4.17
C ILE A 695 5.08 -43.56 -3.82
N ILE A 696 6.20 -43.93 -3.20
CA ILE A 696 7.14 -43.01 -2.56
C ILE A 696 8.42 -42.90 -3.39
N THR A 697 9.09 -44.04 -3.61
CA THR A 697 10.39 -44.00 -4.25
C THR A 697 10.28 -44.16 -5.76
N ILE A 698 11.39 -43.88 -6.42
CA ILE A 698 11.57 -44.17 -7.83
C ILE A 698 11.24 -45.64 -8.13
N GLN A 699 11.74 -46.56 -7.31
CA GLN A 699 11.49 -47.98 -7.57
C GLN A 699 10.00 -48.27 -7.34
N ASP A 700 9.35 -47.67 -6.35
CA ASP A 700 7.89 -47.88 -6.21
C ASP A 700 7.15 -47.46 -7.50
N ALA A 701 7.54 -46.32 -8.08
CA ALA A 701 6.86 -45.81 -9.27
C ALA A 701 7.12 -46.74 -10.47
N ILE A 702 8.37 -47.16 -10.66
CA ILE A 702 8.69 -48.12 -11.71
C ILE A 702 7.79 -49.36 -11.58
N ASN A 703 7.71 -49.93 -10.38
CA ASN A 703 6.87 -51.10 -10.12
C ASN A 703 5.36 -50.88 -10.34
N ASN A 704 4.88 -49.63 -10.24
CA ASN A 704 3.49 -49.37 -10.36
C ASN A 704 3.19 -48.66 -11.68
N ASN A 705 4.20 -48.52 -12.55
CA ASN A 705 4.02 -47.83 -13.82
C ASN A 705 3.41 -46.43 -13.58
N SER A 706 3.93 -45.70 -12.59
CA SER A 706 3.41 -44.37 -12.17
C SER A 706 4.37 -43.27 -12.65
N PHE A 707 4.09 -42.70 -13.83
CA PHE A 707 4.97 -41.78 -14.51
C PHE A 707 4.19 -40.54 -14.98
N TYR A 708 4.91 -39.42 -15.18
CA TYR A 708 4.34 -38.27 -15.93
C TYR A 708 4.61 -38.42 -17.41
N GLY A 709 3.60 -38.87 -18.16
CA GLY A 709 3.69 -39.02 -19.57
C GLY A 709 4.63 -40.15 -19.99
N SER A 710 5.07 -40.12 -21.23
CA SER A 710 5.77 -41.24 -21.83
C SER A 710 7.30 -40.99 -21.75
N GLU A 711 8.07 -42.04 -22.01
CA GLU A 711 9.52 -42.03 -22.12
C GLU A 711 9.96 -40.89 -23.03
N ILE A 712 11.03 -40.18 -22.63
CA ILE A 712 11.73 -39.23 -23.49
C ILE A 712 13.02 -39.89 -23.92
N LYS A 713 13.42 -39.69 -25.19
CA LYS A 713 14.57 -40.43 -25.71
C LYS A 713 15.31 -39.61 -26.75
N ILE A 714 16.65 -39.62 -26.68
CA ILE A 714 17.45 -39.11 -27.72
C ILE A 714 18.40 -40.25 -28.10
N GLU A 715 18.49 -40.57 -29.40
CA GLU A 715 19.40 -41.64 -29.84
C GLU A 715 20.01 -41.31 -31.20
N LYS A 716 21.30 -41.62 -31.34
CA LYS A 716 22.09 -41.31 -32.48
C LYS A 716 23.07 -42.47 -32.71
N GLY A 717 23.26 -42.83 -33.98
CA GLY A 717 24.24 -43.82 -34.42
C GLY A 717 23.69 -45.22 -34.21
N ASP A 718 24.58 -46.16 -33.92
CA ASP A 718 24.30 -47.61 -33.99
C ASP A 718 24.85 -48.28 -32.73
N LEU A 719 24.00 -48.48 -31.73
CA LEU A 719 24.48 -48.97 -30.38
C LEU A 719 25.05 -50.38 -30.48
N LYS A 720 24.33 -51.27 -31.16
CA LYS A 720 24.75 -52.67 -31.22
C LYS A 720 26.15 -52.72 -31.87
N LYS A 721 26.36 -51.95 -32.93
CA LYS A 721 27.63 -51.90 -33.57
C LYS A 721 28.67 -51.30 -32.61
N GLY A 722 28.37 -50.15 -32.02
CA GLY A 722 29.30 -49.54 -31.06
C GLY A 722 29.71 -50.50 -29.93
N PHE A 723 28.75 -51.23 -29.34
CA PHE A 723 29.09 -52.12 -28.22
C PHE A 723 29.91 -53.32 -28.73
N SER A 724 29.55 -53.83 -29.90
CA SER A 724 30.24 -55.03 -30.38
C SER A 724 31.65 -54.67 -30.91
N GLU A 725 31.97 -53.39 -31.17
CA GLU A 725 33.34 -52.95 -31.57
C GLU A 725 34.22 -52.53 -30.39
N ALA A 726 33.63 -52.39 -29.20
CA ALA A 726 34.34 -51.88 -28.02
C ALA A 726 35.37 -52.93 -27.55
N ASP A 727 36.47 -52.46 -27.00
CA ASP A 727 37.40 -53.29 -26.21
C ASP A 727 36.81 -53.66 -24.83
N ASN A 728 36.07 -52.72 -24.20
CA ASN A 728 35.65 -52.86 -22.83
C ASN A 728 34.21 -52.36 -22.69
N VAL A 729 33.44 -53.00 -21.82
CA VAL A 729 32.12 -52.54 -21.51
C VAL A 729 32.04 -52.40 -19.98
N VAL A 730 31.54 -51.25 -19.50
CA VAL A 730 31.28 -51.04 -18.04
C VAL A 730 29.80 -50.66 -17.82
N SER A 731 29.12 -51.36 -16.92
CA SER A 731 27.72 -51.12 -16.48
C SER A 731 27.74 -50.55 -15.07
N GLY A 732 26.70 -49.83 -14.68
CA GLY A 732 26.55 -49.39 -13.33
C GLY A 732 25.26 -48.62 -13.11
N GLU A 733 25.04 -48.23 -11.86
CA GLU A 733 23.86 -47.46 -11.48
C GLU A 733 24.40 -46.34 -10.61
N LEU A 734 23.68 -45.20 -10.58
CA LEU A 734 24.06 -44.06 -9.78
C LEU A 734 22.79 -43.40 -9.24
N TYR A 735 22.81 -43.12 -7.94
CA TYR A 735 21.71 -42.36 -7.30
C TYR A 735 22.27 -40.97 -6.96
N ILE A 736 21.47 -39.94 -7.27
CA ILE A 736 21.80 -38.52 -7.00
C ILE A 736 20.64 -37.95 -6.16
N GLY A 737 20.93 -37.59 -4.89
CA GLY A 737 19.94 -37.01 -4.03
C GLY A 737 19.49 -35.65 -4.54
N GLY A 738 18.31 -35.21 -4.08
CA GLY A 738 17.75 -33.90 -4.36
C GLY A 738 18.43 -32.76 -3.58
N GLN A 739 17.70 -31.63 -3.48
CA GLN A 739 18.26 -30.45 -2.91
C GLN A 739 17.16 -29.45 -2.59
N GLU A 740 17.27 -28.85 -1.41
CA GLU A 740 16.42 -27.72 -1.00
C GLU A 740 17.15 -26.43 -1.35
N HIS A 741 16.43 -25.47 -1.95
CA HIS A 741 16.97 -24.22 -2.41
C HIS A 741 17.60 -23.45 -1.26
N PHE A 742 16.90 -23.40 -0.13
CA PHE A 742 17.34 -22.64 1.04
C PHE A 742 17.68 -21.20 0.66
N TYR A 743 16.80 -20.57 -0.15
CA TYR A 743 16.77 -19.09 -0.24
C TYR A 743 16.66 -18.55 1.18
N LEU A 744 17.46 -17.54 1.53
CA LEU A 744 17.44 -17.12 2.93
C LEU A 744 16.08 -16.47 3.28
N GLU A 745 15.43 -15.84 2.33
CA GLU A 745 14.03 -15.41 2.45
C GLU A 745 13.10 -16.52 1.91
N THR A 746 12.22 -17.03 2.79
CA THR A 746 11.21 -18.00 2.41
C THR A 746 10.12 -17.35 1.54
N ASN A 747 9.20 -18.18 1.03
CA ASN A 747 8.06 -17.76 0.24
C ASN A 747 7.16 -16.83 1.07
N CYS A 748 6.66 -15.77 0.43
CA CYS A 748 5.94 -14.68 1.14
C CYS A 748 5.06 -13.99 0.10
N THR A 749 3.78 -13.74 0.44
CA THR A 749 2.84 -12.97 -0.32
C THR A 749 2.04 -12.08 0.65
N ILE A 750 1.83 -10.82 0.24
CA ILE A 750 0.83 -9.90 0.71
C ILE A 750 -0.17 -9.66 -0.43
N ALA A 751 -1.45 -9.90 -0.17
CA ALA A 751 -2.47 -9.62 -1.14
C ALA A 751 -3.38 -8.50 -0.60
N VAL A 752 -3.56 -7.47 -1.41
CA VAL A 752 -4.28 -6.27 -1.02
C VAL A 752 -5.50 -6.18 -1.95
N PRO A 753 -6.71 -6.43 -1.40
CA PRO A 753 -7.94 -6.35 -2.21
C PRO A 753 -8.28 -4.86 -2.35
N LYS A 754 -8.66 -4.43 -3.54
CA LYS A 754 -9.04 -2.99 -3.73
C LYS A 754 -10.56 -2.75 -3.59
N GLY A 755 -11.38 -3.80 -3.46
CA GLY A 755 -12.81 -3.60 -3.21
C GLY A 755 -13.64 -3.21 -4.45
N GLU A 756 -13.01 -3.11 -5.62
CA GLU A 756 -13.60 -2.67 -6.87
C GLU A 756 -13.28 -3.63 -8.00
N ALA A 757 -14.33 -4.13 -8.64
CA ALA A 757 -14.24 -4.87 -9.87
C ALA A 757 -13.27 -6.05 -9.75
N GLY A 758 -13.15 -6.65 -8.56
CA GLY A 758 -12.28 -7.82 -8.39
C GLY A 758 -10.79 -7.46 -8.38
N GLU A 759 -10.46 -6.17 -8.35
CA GLU A 759 -9.09 -5.68 -8.40
C GLU A 759 -8.31 -6.12 -7.13
N MET A 760 -7.08 -6.57 -7.37
CA MET A 760 -6.22 -7.02 -6.30
C MET A 760 -4.77 -6.76 -6.70
N GLU A 761 -3.98 -6.33 -5.72
CA GLU A 761 -2.58 -6.11 -5.90
C GLU A 761 -1.81 -7.05 -4.95
N LEU A 762 -0.81 -7.77 -5.47
CA LEU A 762 -0.03 -8.73 -4.67
C LEU A 762 1.43 -8.32 -4.68
N PHE A 763 2.02 -8.29 -3.48
CA PHE A 763 3.43 -8.16 -3.24
C PHE A 763 3.97 -9.56 -2.93
N VAL A 764 4.89 -10.04 -3.77
CA VAL A 764 5.27 -11.44 -3.76
C VAL A 764 6.79 -11.57 -3.91
N SER A 765 7.38 -12.52 -3.18
CA SER A 765 8.72 -13.01 -3.44
C SER A 765 8.61 -14.13 -4.48
N THR A 766 8.64 -13.75 -5.75
CA THR A 766 8.48 -14.71 -6.83
C THR A 766 9.37 -14.34 -8.02
N GLN A 767 9.83 -15.40 -8.73
CA GLN A 767 10.54 -15.24 -10.00
C GLN A 767 9.55 -15.14 -11.18
N ASN A 768 8.24 -15.38 -10.92
CA ASN A 768 7.24 -15.59 -11.96
C ASN A 768 5.97 -14.77 -11.69
N THR A 769 6.03 -13.49 -12.03
CA THR A 769 4.87 -12.61 -11.85
C THR A 769 3.68 -13.05 -12.72
N MET A 770 3.97 -13.48 -13.95
CA MET A 770 2.94 -13.85 -14.92
C MET A 770 2.10 -15.02 -14.41
N LYS A 771 2.74 -16.11 -14.00
CA LYS A 771 1.98 -17.27 -13.56
C LYS A 771 1.31 -16.95 -12.23
N THR A 772 1.94 -16.09 -11.41
CA THR A 772 1.27 -15.75 -10.16
C THR A 772 -0.10 -15.08 -10.46
N GLN A 773 -0.07 -14.08 -11.35
CA GLN A 773 -1.24 -13.35 -11.80
C GLN A 773 -2.28 -14.31 -12.39
N SER A 774 -1.86 -15.17 -13.34
CA SER A 774 -2.73 -16.14 -14.01
C SER A 774 -3.45 -17.02 -12.99
N PHE A 775 -2.67 -17.58 -12.06
CA PHE A 775 -3.17 -18.55 -11.15
C PHE A 775 -4.14 -17.89 -10.16
N VAL A 776 -3.86 -16.66 -9.76
CA VAL A 776 -4.76 -15.96 -8.86
C VAL A 776 -6.08 -15.66 -9.58
N ALA A 777 -5.98 -15.15 -10.80
CA ALA A 777 -7.13 -14.73 -11.60
C ALA A 777 -8.05 -15.92 -11.90
N LYS A 778 -7.45 -17.05 -12.23
CA LYS A 778 -8.20 -18.28 -12.54
C LYS A 778 -8.93 -18.80 -11.30
N MET A 779 -8.23 -18.81 -10.17
CA MET A 779 -8.83 -19.27 -8.92
C MET A 779 -10.07 -18.41 -8.55
N LEU A 780 -9.94 -17.10 -8.66
CA LEU A 780 -11.01 -16.13 -8.28
C LEU A 780 -12.11 -16.04 -9.35
N GLY A 781 -11.77 -16.41 -10.59
CA GLY A 781 -12.62 -16.29 -11.79
C GLY A 781 -12.76 -14.84 -12.22
N VAL A 782 -11.66 -14.05 -12.18
CA VAL A 782 -11.67 -12.71 -12.74
C VAL A 782 -10.64 -12.65 -13.86
N PRO A 783 -10.73 -11.66 -14.77
CA PRO A 783 -9.71 -11.51 -15.81
C PRO A 783 -8.32 -11.11 -15.26
N ASP A 784 -7.30 -11.47 -16.01
CA ASP A 784 -5.92 -11.11 -15.68
C ASP A 784 -5.79 -9.61 -15.46
N ASN A 785 -6.57 -8.79 -16.20
CA ASN A 785 -6.45 -7.32 -16.13
C ASN A 785 -6.81 -6.75 -14.75
N ARG A 786 -7.38 -7.54 -13.84
CA ARG A 786 -7.77 -7.04 -12.49
C ARG A 786 -6.64 -7.26 -11.45
N ILE A 787 -5.68 -8.10 -11.80
CA ILE A 787 -4.75 -8.67 -10.87
C ILE A 787 -3.35 -8.11 -11.21
N VAL A 788 -2.73 -7.45 -10.23
CA VAL A 788 -1.40 -6.86 -10.41
C VAL A 788 -0.44 -7.58 -9.46
N VAL A 789 0.68 -8.07 -9.97
CA VAL A 789 1.69 -8.69 -9.14
C VAL A 789 2.99 -7.86 -9.25
N ARG A 790 3.54 -7.52 -8.08
CA ARG A 790 4.70 -6.63 -7.96
C ARG A 790 5.81 -7.35 -7.19
N VAL A 791 7.02 -7.27 -7.75
CA VAL A 791 8.17 -7.83 -7.10
C VAL A 791 9.22 -6.74 -7.05
N LYS A 792 9.57 -6.33 -5.84
CA LYS A 792 10.74 -5.45 -5.70
C LYS A 792 12.03 -6.27 -5.73
N ARG A 793 12.17 -7.22 -4.82
CA ARG A 793 13.32 -8.14 -4.81
C ARG A 793 12.93 -9.37 -3.98
N MET A 794 13.69 -10.45 -4.20
CA MET A 794 13.61 -11.68 -3.46
C MET A 794 14.93 -11.85 -2.73
N GLY A 795 14.84 -12.35 -1.52
CA GLY A 795 16.01 -12.85 -0.83
C GLY A 795 16.39 -14.25 -1.28
N GLY A 796 16.75 -14.41 -2.56
CA GLY A 796 17.04 -15.65 -3.19
C GLY A 796 15.83 -16.32 -3.84
N GLY A 797 16.08 -17.06 -4.92
CA GLY A 797 15.06 -17.87 -5.61
C GLY A 797 15.57 -19.22 -6.06
N PHE A 798 16.56 -19.16 -6.96
CA PHE A 798 17.35 -20.34 -7.40
C PHE A 798 16.47 -21.35 -8.14
N GLY A 799 15.29 -20.94 -8.61
CA GLY A 799 14.36 -21.82 -9.28
C GLY A 799 13.18 -22.23 -8.40
N GLY A 800 13.35 -22.14 -7.08
CA GLY A 800 12.31 -22.59 -6.18
C GLY A 800 11.13 -21.62 -6.08
N LYS A 801 11.25 -20.47 -6.74
CA LYS A 801 10.15 -19.49 -6.77
C LYS A 801 9.77 -19.22 -8.24
N GLU A 802 10.21 -20.10 -9.16
CA GLU A 802 9.74 -20.06 -10.56
C GLU A 802 8.26 -20.48 -10.65
N THR A 803 7.82 -21.47 -9.88
CA THR A 803 6.39 -21.88 -9.86
C THR A 803 5.86 -22.06 -8.44
N ARG A 804 6.65 -22.61 -7.49
CA ARG A 804 6.04 -23.13 -6.27
C ARG A 804 5.65 -22.00 -5.32
N SER A 805 6.06 -20.77 -5.59
CA SER A 805 5.57 -19.60 -4.84
C SER A 805 4.05 -19.45 -4.89
N THR A 806 3.41 -19.93 -5.97
CA THR A 806 1.98 -19.67 -6.24
C THR A 806 1.09 -20.41 -5.24
N VAL A 807 1.58 -21.47 -4.59
CA VAL A 807 0.74 -22.21 -3.66
C VAL A 807 0.44 -21.35 -2.45
N VAL A 808 1.33 -20.41 -2.16
CA VAL A 808 1.11 -19.43 -1.13
C VAL A 808 0.24 -18.28 -1.65
N SER A 809 0.67 -17.70 -2.78
CA SER A 809 0.00 -16.58 -3.42
C SER A 809 -1.50 -16.81 -3.57
N THR A 810 -1.91 -18.00 -4.03
CA THR A 810 -3.31 -18.25 -4.35
C THR A 810 -4.12 -18.32 -3.06
N ALA A 811 -3.52 -18.91 -2.03
CA ALA A 811 -4.19 -19.00 -0.73
C ALA A 811 -4.38 -17.60 -0.11
N LEU A 812 -3.36 -16.73 -0.17
CA LEU A 812 -3.52 -15.41 0.46
C LEU A 812 -4.48 -14.58 -0.36
N ALA A 813 -4.44 -14.75 -1.69
CA ALA A 813 -5.36 -14.03 -2.56
C ALA A 813 -6.81 -14.37 -2.23
N LEU A 814 -7.07 -15.64 -1.95
CA LEU A 814 -8.47 -16.04 -1.61
C LEU A 814 -8.88 -15.42 -0.28
N ALA A 815 -7.97 -15.42 0.69
CA ALA A 815 -8.26 -14.82 1.99
C ALA A 815 -8.59 -13.33 1.86
N ALA A 816 -7.79 -12.62 1.06
CA ALA A 816 -8.01 -11.21 0.83
C ALA A 816 -9.38 -10.97 0.17
N HIS A 817 -9.71 -11.77 -0.85
CA HIS A 817 -10.98 -11.67 -1.54
C HIS A 817 -12.14 -11.92 -0.57
N LYS A 818 -12.02 -12.99 0.24
CA LYS A 818 -13.09 -13.38 1.10
C LYS A 818 -13.34 -12.33 2.19
N THR A 819 -12.28 -11.80 2.79
CA THR A 819 -12.40 -10.90 3.89
C THR A 819 -12.53 -9.46 3.46
N GLY A 820 -12.09 -9.15 2.24
CA GLY A 820 -11.95 -7.77 1.77
C GLY A 820 -10.91 -7.00 2.55
N ARG A 821 -10.04 -7.72 3.26
CA ARG A 821 -8.90 -7.13 3.99
C ARG A 821 -7.56 -7.57 3.40
N PRO A 822 -6.49 -6.80 3.56
CA PRO A 822 -5.18 -7.26 3.13
C PRO A 822 -4.84 -8.47 4.01
N VAL A 823 -4.12 -9.44 3.43
CA VAL A 823 -3.69 -10.60 4.12
C VAL A 823 -2.24 -10.91 3.72
N ARG A 824 -1.49 -11.46 4.67
CA ARG A 824 -0.07 -11.75 4.49
C ARG A 824 0.24 -13.15 5.02
N CYS A 825 1.19 -13.80 4.37
CA CYS A 825 1.76 -15.06 4.81
C CYS A 825 3.22 -15.13 4.37
N MET A 826 4.10 -15.33 5.34
CA MET A 826 5.50 -15.69 5.15
C MET A 826 5.68 -17.08 5.74
N LEU A 827 6.18 -18.01 4.93
CA LEU A 827 6.34 -19.41 5.42
C LEU A 827 7.50 -19.46 6.41
N ASP A 828 7.27 -20.19 7.50
CA ASP A 828 8.37 -20.62 8.34
C ASP A 828 9.22 -21.58 7.51
N ARG A 829 10.49 -21.69 7.89
CA ARG A 829 11.44 -22.52 7.15
C ARG A 829 10.93 -23.97 7.04
N ASP A 830 10.36 -24.53 8.12
CA ASP A 830 9.97 -25.94 8.16
C ASP A 830 8.79 -26.17 7.20
N GLU A 831 7.84 -25.24 7.19
CA GLU A 831 6.73 -25.24 6.24
C GLU A 831 7.22 -25.14 4.79
N ASP A 832 8.15 -24.20 4.57
CA ASP A 832 8.65 -23.94 3.22
C ASP A 832 9.36 -25.21 2.69
N MET A 833 10.26 -25.78 3.48
CA MET A 833 11.03 -26.97 3.06
C MET A 833 10.09 -28.14 2.78
N LEU A 834 9.01 -28.25 3.55
CA LEU A 834 8.00 -29.33 3.37
C LEU A 834 7.14 -29.15 2.12
N ILE A 835 6.52 -27.99 1.97
CA ILE A 835 5.52 -27.71 0.95
C ILE A 835 6.13 -27.58 -0.45
N THR A 836 7.25 -26.88 -0.62
CA THR A 836 7.56 -26.27 -1.90
C THR A 836 8.51 -27.11 -2.79
N GLY A 837 8.95 -28.26 -2.31
CA GLY A 837 9.76 -29.18 -3.09
C GLY A 837 11.14 -28.64 -3.42
N GLY A 838 11.85 -29.37 -4.27
CA GLY A 838 13.25 -29.13 -4.48
C GLY A 838 13.73 -29.71 -5.79
N ARG A 839 15.06 -29.85 -5.88
CA ARG A 839 15.69 -30.46 -7.02
C ARG A 839 15.20 -31.93 -7.11
N HIS A 840 15.11 -32.45 -8.32
CA HIS A 840 14.72 -33.84 -8.61
C HIS A 840 15.86 -34.81 -8.29
N PRO A 841 15.66 -35.75 -7.37
CA PRO A 841 16.56 -36.88 -7.23
C PRO A 841 16.50 -37.65 -8.58
N PHE A 842 17.63 -38.23 -8.98
CA PHE A 842 17.76 -39.01 -10.17
C PHE A 842 18.34 -40.38 -9.82
N LEU A 843 17.82 -41.38 -10.53
CA LEU A 843 18.43 -42.71 -10.57
C LEU A 843 18.81 -43.01 -12.02
N ALA A 844 20.04 -43.47 -12.24
CA ALA A 844 20.45 -43.77 -13.59
C ALA A 844 21.08 -45.15 -13.68
N LYS A 845 20.86 -45.81 -14.82
CA LYS A 845 21.52 -47.07 -15.16
C LYS A 845 22.28 -46.83 -16.47
N TYR A 846 23.58 -47.12 -16.49
CA TYR A 846 24.38 -46.81 -17.65
C TYR A 846 25.11 -48.09 -18.09
N LYS A 847 25.45 -48.09 -19.37
CA LYS A 847 26.40 -49.06 -19.94
C LYS A 847 27.23 -48.29 -20.97
N VAL A 848 28.55 -48.32 -20.82
CA VAL A 848 29.46 -47.56 -21.67
C VAL A 848 30.48 -48.54 -22.30
N GLY A 849 30.70 -48.38 -23.60
CA GLY A 849 31.64 -49.21 -24.39
C GLY A 849 32.75 -48.33 -24.89
N PHE A 850 33.99 -48.74 -24.69
CA PHE A 850 35.13 -47.92 -24.98
C PHE A 850 36.33 -48.76 -25.43
N MET A 851 37.27 -48.07 -26.07
CA MET A 851 38.51 -48.69 -26.56
C MET A 851 39.55 -48.63 -25.45
N LYS A 852 40.62 -49.43 -25.60
CA LYS A 852 41.77 -49.47 -24.64
C LYS A 852 42.43 -48.10 -24.51
N THR A 853 42.22 -47.24 -25.50
CA THR A 853 42.77 -45.91 -25.52
C THR A 853 41.94 -44.94 -24.64
N GLY A 854 40.76 -45.37 -24.20
CA GLY A 854 39.87 -44.49 -23.45
C GLY A 854 38.82 -43.82 -24.32
N THR A 855 38.92 -43.99 -25.66
CA THR A 855 37.90 -43.45 -26.59
C THR A 855 36.56 -44.17 -26.38
N VAL A 856 35.51 -43.39 -26.09
CA VAL A 856 34.21 -43.93 -25.90
C VAL A 856 33.50 -44.11 -27.24
N VAL A 857 32.88 -45.29 -27.44
CA VAL A 857 32.29 -45.63 -28.71
C VAL A 857 30.81 -45.95 -28.58
N ALA A 858 30.30 -46.19 -27.38
CA ALA A 858 28.93 -46.53 -27.22
C ALA A 858 28.49 -46.14 -25.80
N LEU A 859 27.27 -45.63 -25.69
CA LEU A 859 26.73 -45.24 -24.39
C LEU A 859 25.23 -45.37 -24.43
N GLU A 860 24.72 -46.03 -23.40
CA GLU A 860 23.31 -46.12 -23.19
C GLU A 860 23.02 -45.81 -21.73
N VAL A 861 22.11 -44.85 -21.49
CA VAL A 861 21.75 -44.39 -20.10
C VAL A 861 20.23 -44.33 -20.03
N ALA A 862 19.65 -44.99 -19.03
CA ALA A 862 18.26 -44.83 -18.62
C ALA A 862 18.20 -43.98 -17.32
N HIS A 863 17.50 -42.84 -17.38
CA HIS A 863 17.34 -41.92 -16.29
C HIS A 863 15.91 -42.01 -15.76
N PHE A 864 15.76 -41.90 -14.44
CA PHE A 864 14.49 -41.81 -13.70
C PHE A 864 14.63 -40.65 -12.68
N SER A 865 13.62 -39.78 -12.62
CA SER A 865 13.60 -38.70 -11.70
C SER A 865 12.39 -38.87 -10.81
N ASN A 866 12.48 -38.42 -9.55
CA ASN A 866 11.38 -38.46 -8.67
C ASN A 866 10.65 -37.11 -8.77
N GLY A 867 9.49 -37.09 -9.43
CA GLY A 867 8.77 -35.82 -9.71
C GLY A 867 7.88 -35.32 -8.56
N GLY A 868 7.49 -36.21 -7.63
CA GLY A 868 6.46 -35.92 -6.62
C GLY A 868 5.06 -35.80 -7.22
N ASN A 869 4.19 -35.05 -6.56
CA ASN A 869 2.72 -35.24 -6.71
C ASN A 869 2.07 -34.24 -7.68
N THR A 870 2.82 -33.38 -8.41
CA THR A 870 2.26 -32.67 -9.59
C THR A 870 3.32 -32.69 -10.67
N GLU A 871 2.93 -32.49 -11.93
CA GLU A 871 3.91 -32.49 -13.01
C GLU A 871 4.90 -31.34 -12.83
N ASP A 872 4.40 -30.11 -12.69
CA ASP A 872 5.25 -28.90 -12.63
C ASP A 872 6.23 -28.94 -13.81
N LEU A 873 7.52 -28.63 -13.56
CA LEU A 873 8.55 -28.50 -14.58
C LEU A 873 9.28 -29.82 -14.88
N SER A 874 8.79 -30.91 -14.31
CA SER A 874 9.54 -32.17 -14.22
C SER A 874 9.93 -32.70 -15.62
N ARG A 875 9.05 -32.59 -16.62
CA ARG A 875 9.37 -33.15 -17.99
C ARG A 875 10.45 -32.32 -18.66
N SER A 876 10.39 -30.99 -18.49
CA SER A 876 11.38 -30.11 -19.10
C SER A 876 12.77 -30.31 -18.47
N ILE A 877 12.79 -30.60 -17.17
CA ILE A 877 14.00 -30.88 -16.44
C ILE A 877 14.63 -32.17 -16.99
N MET A 878 13.78 -33.19 -17.23
CA MET A 878 14.27 -34.44 -17.79
C MET A 878 14.80 -34.20 -19.21
N GLU A 879 14.14 -33.31 -19.98
CA GLU A 879 14.67 -32.93 -21.30
C GLU A 879 16.08 -32.36 -21.15
N ARG A 880 16.26 -31.41 -20.24
CA ARG A 880 17.56 -30.76 -20.12
C ARG A 880 18.64 -31.77 -19.65
N ALA A 881 18.29 -32.71 -18.76
CA ALA A 881 19.24 -33.77 -18.39
C ALA A 881 19.70 -34.53 -19.65
N LEU A 882 18.73 -34.94 -20.45
CA LEU A 882 19.07 -35.71 -21.67
C LEU A 882 19.90 -34.85 -22.63
N PHE A 883 19.60 -33.55 -22.75
CA PHE A 883 20.40 -32.66 -23.60
C PHE A 883 21.85 -32.52 -23.10
N HIS A 884 22.13 -32.84 -21.83
CA HIS A 884 23.49 -32.69 -21.27
C HIS A 884 24.12 -34.03 -20.88
N MET A 885 23.57 -35.17 -21.33
CA MET A 885 24.09 -36.50 -20.95
C MET A 885 25.46 -36.74 -21.59
N ASP A 886 25.83 -35.88 -22.53
CA ASP A 886 27.12 -35.93 -23.24
C ASP A 886 28.22 -35.22 -22.44
N ASN A 887 27.82 -34.36 -21.49
CA ASN A 887 28.62 -33.27 -20.96
C ASN A 887 29.46 -32.62 -22.06
N ALA A 888 30.80 -32.83 -22.07
CA ALA A 888 31.69 -32.19 -23.00
C ALA A 888 32.16 -33.16 -24.12
N TYR A 889 31.52 -34.32 -24.25
CA TYR A 889 32.13 -35.50 -24.93
C TYR A 889 31.32 -35.92 -26.17
N LYS A 890 32.04 -36.11 -27.29
CA LYS A 890 31.52 -36.64 -28.55
C LYS A 890 31.41 -38.17 -28.46
N ILE A 891 30.18 -38.67 -28.57
CA ILE A 891 29.90 -40.06 -28.45
C ILE A 891 29.13 -40.50 -29.68
N PRO A 892 29.75 -41.28 -30.61
CA PRO A 892 29.12 -41.54 -31.91
C PRO A 892 27.85 -42.38 -31.84
N ASN A 893 27.77 -43.36 -30.91
CA ASN A 893 26.65 -44.28 -30.79
C ASN A 893 26.07 -44.11 -29.37
N ILE A 894 24.86 -43.56 -29.25
CA ILE A 894 24.41 -43.05 -27.96
C ILE A 894 22.89 -43.16 -27.88
N ARG A 895 22.42 -43.51 -26.70
CA ARG A 895 21.04 -43.57 -26.41
C ARG A 895 20.80 -43.15 -24.96
N GLY A 896 19.97 -42.11 -24.77
CA GLY A 896 19.45 -41.79 -23.45
C GLY A 896 17.94 -41.83 -23.41
N THR A 897 17.41 -42.44 -22.35
CA THR A 897 16.01 -42.40 -22.03
C THR A 897 15.81 -41.67 -20.69
N GLY A 898 14.65 -41.04 -20.56
CA GLY A 898 14.22 -40.46 -19.33
C GLY A 898 12.77 -40.80 -19.03
N ARG A 899 12.51 -41.12 -17.76
CA ARG A 899 11.16 -41.29 -17.27
C ARG A 899 11.02 -40.49 -15.98
N ILE A 900 9.89 -39.79 -15.85
CA ILE A 900 9.61 -38.99 -14.67
C ILE A 900 8.58 -39.75 -13.83
N CYS A 901 8.99 -40.10 -12.60
CA CYS A 901 8.17 -40.82 -11.70
C CYS A 901 7.17 -39.88 -11.02
N LYS A 902 5.93 -40.35 -10.96
CA LYS A 902 4.83 -39.71 -10.28
C LYS A 902 4.64 -40.39 -8.91
N THR A 903 4.87 -39.66 -7.81
CA THR A 903 4.95 -40.21 -6.50
C THR A 903 4.18 -39.36 -5.51
N ASN A 904 3.94 -39.94 -4.33
CA ASN A 904 3.24 -39.25 -3.25
C ASN A 904 4.25 -38.51 -2.36
N LEU A 905 4.99 -37.56 -2.95
CA LEU A 905 5.93 -36.65 -2.30
C LEU A 905 5.59 -35.24 -2.77
N PRO A 906 6.03 -34.21 -2.04
CA PRO A 906 5.93 -32.83 -2.50
C PRO A 906 6.52 -32.76 -3.90
N SER A 907 5.86 -31.95 -4.75
CA SER A 907 6.25 -31.79 -6.15
C SER A 907 7.65 -31.12 -6.24
N ASN A 908 8.55 -31.75 -6.98
CA ASN A 908 9.86 -31.22 -7.23
C ASN A 908 9.77 -30.31 -8.45
N THR A 909 10.74 -29.38 -8.57
CA THR A 909 10.66 -28.22 -9.40
C THR A 909 12.03 -27.81 -9.92
N ALA A 910 12.08 -26.59 -10.50
CA ALA A 910 13.30 -25.98 -10.95
C ALA A 910 14.23 -25.76 -9.76
N PHE A 911 15.50 -26.04 -10.00
CA PHE A 911 16.60 -25.65 -9.14
C PHE A 911 17.79 -25.43 -10.08
N ARG A 912 18.32 -24.21 -10.07
CA ARG A 912 19.56 -23.81 -10.73
C ARG A 912 20.32 -25.02 -11.30
N GLY A 913 20.24 -25.12 -12.64
CA GLY A 913 20.82 -26.19 -13.40
C GLY A 913 19.78 -27.04 -14.09
N PHE A 914 18.65 -27.28 -13.40
CA PHE A 914 17.41 -27.72 -14.06
C PHE A 914 17.65 -29.03 -14.83
N GLY A 915 18.21 -30.04 -14.15
CA GLY A 915 18.42 -31.34 -14.76
C GLY A 915 19.80 -31.50 -15.35
N GLY A 916 20.42 -30.39 -15.80
CA GLY A 916 21.79 -30.33 -16.25
C GLY A 916 22.77 -31.03 -15.31
N PRO A 917 22.82 -30.63 -14.03
CA PRO A 917 23.83 -31.22 -13.13
C PRO A 917 23.67 -32.73 -12.96
N GLN A 918 22.44 -33.23 -12.82
CA GLN A 918 22.18 -34.63 -12.72
C GLN A 918 22.69 -35.36 -13.98
N GLY A 919 22.31 -34.88 -15.15
CA GLY A 919 22.70 -35.52 -16.42
C GLY A 919 24.22 -35.54 -16.55
N MET A 920 24.86 -34.42 -16.18
CA MET A 920 26.28 -34.31 -16.34
C MET A 920 27.06 -35.11 -15.26
N LEU A 921 26.53 -35.30 -14.04
CA LEU A 921 27.24 -36.08 -13.05
C LEU A 921 27.32 -37.55 -13.50
N ILE A 922 26.22 -38.04 -14.07
CA ILE A 922 26.17 -39.36 -14.56
C ILE A 922 27.25 -39.56 -15.63
N ALA A 923 27.35 -38.62 -16.57
CA ALA A 923 28.37 -38.67 -17.64
C ALA A 923 29.75 -38.74 -17.00
N GLU A 924 30.00 -37.86 -16.02
CA GLU A 924 31.30 -37.81 -15.43
C GLU A 924 31.57 -39.06 -14.59
N TYR A 925 30.49 -39.69 -14.08
CA TYR A 925 30.67 -40.85 -13.29
C TYR A 925 31.16 -42.03 -14.16
N TRP A 926 30.46 -42.34 -15.25
CA TRP A 926 30.96 -43.45 -16.08
C TRP A 926 32.30 -43.03 -16.73
N MET A 927 32.52 -41.73 -17.00
CA MET A 927 33.81 -41.29 -17.58
C MET A 927 34.96 -41.61 -16.61
N SER A 928 34.71 -41.41 -15.30
CA SER A 928 35.71 -41.72 -14.30
C SER A 928 36.04 -43.23 -14.34
N GLU A 929 35.07 -44.08 -14.63
CA GLU A 929 35.25 -45.49 -14.61
C GLU A 929 35.95 -45.96 -15.90
N VAL A 930 35.73 -45.24 -17.02
CA VAL A 930 36.48 -45.46 -18.28
C VAL A 930 37.97 -45.26 -17.99
N ALA A 931 38.32 -44.14 -17.33
CA ALA A 931 39.71 -43.82 -17.12
C ALA A 931 40.38 -44.88 -16.24
N ILE A 932 39.70 -45.29 -15.17
CA ILE A 932 40.21 -46.28 -14.22
C ILE A 932 40.40 -47.61 -14.96
N THR A 933 39.40 -48.01 -15.76
CA THR A 933 39.43 -49.29 -16.42
C THR A 933 40.59 -49.36 -17.42
N CYS A 934 40.83 -48.27 -18.14
CA CYS A 934 41.90 -48.22 -19.13
C CYS A 934 43.28 -48.05 -18.48
N GLY A 935 43.33 -47.59 -17.23
CA GLY A 935 44.57 -47.35 -16.55
C GLY A 935 45.31 -46.18 -17.12
N LEU A 936 44.57 -45.21 -17.66
CA LEU A 936 45.15 -43.97 -18.21
C LEU A 936 44.76 -42.76 -17.36
N PRO A 937 45.54 -41.67 -17.39
CA PRO A 937 45.21 -40.46 -16.61
C PRO A 937 43.83 -39.89 -17.03
N ALA A 938 43.02 -39.55 -16.04
CA ALA A 938 41.62 -39.13 -16.32
C ALA A 938 41.59 -37.88 -17.20
N GLU A 939 42.49 -36.93 -16.97
CA GLU A 939 42.52 -35.68 -17.72
C GLU A 939 42.75 -35.98 -19.22
N GLU A 940 43.53 -37.01 -19.51
CA GLU A 940 43.81 -37.37 -20.89
C GLU A 940 42.64 -38.05 -21.53
N VAL A 941 41.93 -38.89 -20.77
CA VAL A 941 40.80 -39.59 -21.25
C VAL A 941 39.66 -38.58 -21.54
N ARG A 942 39.46 -37.65 -20.62
CA ARG A 942 38.47 -36.58 -20.85
C ARG A 942 38.82 -35.75 -22.10
N ARG A 943 40.06 -35.29 -22.19
CA ARG A 943 40.47 -34.42 -23.25
C ARG A 943 40.30 -35.12 -24.62
N LYS A 944 40.62 -36.41 -24.73
CA LYS A 944 40.59 -37.07 -26.08
C LYS A 944 39.14 -37.42 -26.47
N ASN A 945 38.20 -37.39 -25.52
CA ASN A 945 36.84 -37.63 -25.87
C ASN A 945 36.02 -36.35 -26.12
N MET A 946 36.61 -35.19 -25.83
CA MET A 946 35.95 -33.92 -25.84
C MET A 946 35.61 -33.58 -27.29
N TYR A 947 34.44 -32.96 -27.46
CA TYR A 947 34.05 -32.32 -28.71
C TYR A 947 35.17 -31.43 -29.24
N LYS A 948 35.11 -31.16 -30.55
CA LYS A 948 35.85 -30.07 -31.12
C LYS A 948 34.90 -29.14 -31.87
N GLU A 949 35.40 -27.97 -32.20
CA GLU A 949 34.66 -26.92 -32.90
C GLU A 949 34.00 -27.50 -34.16
N GLY A 950 32.70 -27.25 -34.31
CA GLY A 950 31.97 -27.69 -35.49
C GLY A 950 31.33 -29.04 -35.35
N ASP A 951 31.69 -29.82 -34.32
CA ASP A 951 31.03 -31.05 -34.04
C ASP A 951 29.52 -30.81 -33.79
N LEU A 952 28.73 -31.83 -34.12
CA LEU A 952 27.34 -31.91 -33.71
C LEU A 952 27.23 -32.66 -32.38
N THR A 953 26.32 -32.18 -31.53
CA THR A 953 25.95 -32.92 -30.29
C THR A 953 25.13 -34.16 -30.66
N HIS A 954 24.80 -34.98 -29.64
CA HIS A 954 23.89 -36.14 -29.82
C HIS A 954 22.50 -35.69 -30.30
N PHE A 955 22.14 -34.41 -30.06
CA PHE A 955 20.83 -33.85 -30.49
C PHE A 955 21.03 -32.98 -31.74
N ASN A 956 22.18 -33.13 -32.41
CA ASN A 956 22.45 -32.61 -33.73
C ASN A 956 22.59 -31.07 -33.79
N GLN A 957 23.00 -30.43 -32.69
CA GLN A 957 23.24 -29.03 -32.69
C GLN A 957 24.73 -28.82 -32.88
N LYS A 958 25.08 -27.90 -33.79
CA LYS A 958 26.47 -27.65 -34.11
C LYS A 958 27.09 -26.75 -33.04
N LEU A 959 28.30 -27.10 -32.57
CA LEU A 959 29.05 -26.30 -31.54
C LEU A 959 29.96 -25.28 -32.21
N GLU A 960 29.53 -24.01 -32.23
CA GLU A 960 30.30 -22.96 -32.86
C GLU A 960 30.80 -22.08 -31.73
N GLY A 961 31.94 -21.41 -31.93
CA GLY A 961 32.53 -20.59 -30.88
C GLY A 961 32.78 -21.44 -29.63
N PHE A 962 33.43 -22.56 -29.87
CA PHE A 962 33.64 -23.62 -28.89
C PHE A 962 34.88 -23.30 -28.08
N THR A 963 34.71 -22.67 -26.92
CA THR A 963 35.83 -22.09 -26.16
C THR A 963 36.36 -23.08 -25.12
N LEU A 964 35.72 -24.24 -25.02
CA LEU A 964 36.03 -25.19 -23.94
C LEU A 964 37.51 -25.59 -23.94
N PRO A 965 38.13 -25.90 -25.10
CA PRO A 965 39.56 -26.24 -25.11
C PRO A 965 40.42 -25.15 -24.48
N ARG A 966 40.11 -23.88 -24.74
CA ARG A 966 40.88 -22.79 -24.14
C ARG A 966 40.65 -22.76 -22.62
N CYS A 967 39.40 -22.97 -22.16
CA CYS A 967 39.14 -23.00 -20.72
C CYS A 967 39.99 -24.10 -20.04
N TRP A 968 40.03 -25.27 -20.69
CA TRP A 968 40.71 -26.43 -20.25
C TRP A 968 42.21 -26.18 -20.18
N ASP A 969 42.80 -25.70 -21.29
CA ASP A 969 44.24 -25.46 -21.32
C ASP A 969 44.62 -24.41 -20.30
N GLU A 970 43.85 -23.32 -20.19
CA GLU A 970 44.23 -22.29 -19.22
C GLU A 970 44.13 -22.84 -17.79
N CYS A 971 43.12 -23.67 -17.54
CA CYS A 971 42.89 -24.17 -16.20
C CYS A 971 43.99 -25.17 -15.83
N ILE A 972 44.34 -26.02 -16.80
CA ILE A 972 45.46 -26.99 -16.57
C ILE A 972 46.73 -26.21 -16.19
N ALA A 973 46.96 -25.06 -16.83
CA ALA A 973 48.20 -24.29 -16.64
C ALA A 973 48.13 -23.48 -15.34
N SER A 974 47.02 -22.78 -15.09
CA SER A 974 46.98 -21.91 -13.90
C SER A 974 46.80 -22.76 -12.63
N SER A 975 46.22 -23.96 -12.74
CA SER A 975 46.09 -24.86 -11.58
C SER A 975 47.40 -25.63 -11.30
N GLN A 976 48.34 -25.61 -12.26
CA GLN A 976 49.59 -26.42 -12.22
C GLN A 976 49.25 -27.88 -11.99
N TYR A 977 48.27 -28.34 -12.75
CA TYR A 977 47.62 -29.58 -12.52
C TYR A 977 48.64 -30.73 -12.44
N LEU A 978 49.56 -30.83 -13.41
CA LEU A 978 50.43 -32.03 -13.47
C LEU A 978 51.37 -32.06 -12.27
N ALA A 979 51.89 -30.90 -11.89
CA ALA A 979 52.75 -30.74 -10.71
C ALA A 979 51.99 -31.13 -9.44
N ARG A 980 50.77 -30.63 -9.31
CA ARG A 980 50.01 -30.90 -8.12
C ARG A 980 49.61 -32.37 -8.07
N LYS A 981 49.43 -33.04 -9.22
CA LYS A 981 49.12 -34.45 -9.23
C LYS A 981 50.24 -35.23 -8.51
N ARG A 982 51.50 -34.84 -8.78
CA ARG A 982 52.71 -35.44 -8.19
C ARG A 982 52.73 -35.19 -6.67
N GLU A 983 52.37 -33.97 -6.29
CA GLU A 983 52.31 -33.61 -4.88
C GLU A 983 51.24 -34.45 -4.16
N VAL A 984 50.10 -34.72 -4.83
CA VAL A 984 49.05 -35.53 -4.22
C VAL A 984 49.57 -36.97 -4.01
N GLU A 985 50.21 -37.52 -5.06
CA GLU A 985 50.78 -38.86 -5.03
C GLU A 985 51.71 -39.02 -3.83
N LYS A 986 52.58 -38.04 -3.64
CA LYS A 986 53.55 -38.01 -2.55
C LYS A 986 52.87 -37.93 -1.18
N PHE A 987 51.91 -37.02 -1.01
CA PHE A 987 51.17 -36.98 0.22
C PHE A 987 50.56 -38.36 0.53
N ASN A 988 50.03 -39.06 -0.49
CA ASN A 988 49.33 -40.28 -0.25
C ASN A 988 50.29 -41.42 0.16
N ARG A 989 51.52 -41.43 -0.37
CA ARG A 989 52.57 -42.38 0.06
C ARG A 989 52.96 -42.08 1.51
N GLU A 990 52.88 -40.81 1.91
CA GLU A 990 53.37 -40.42 3.21
C GLU A 990 52.30 -40.48 4.30
N ASN A 991 51.04 -40.77 3.94
CA ASN A 991 49.95 -40.67 4.95
C ASN A 991 49.00 -41.85 4.79
N CYS A 992 48.78 -42.58 5.88
CA CYS A 992 47.96 -43.73 5.85
C CYS A 992 46.47 -43.37 6.09
N TRP A 993 46.16 -42.39 6.94
CA TRP A 993 44.76 -42.21 7.41
C TRP A 993 44.17 -40.89 6.92
N LYS A 994 44.94 -40.12 6.16
CA LYS A 994 44.48 -38.97 5.36
C LYS A 994 44.92 -39.21 3.92
N LYS A 995 44.09 -38.80 2.96
CA LYS A 995 44.47 -38.95 1.53
C LYS A 995 43.96 -37.74 0.78
N ARG A 996 44.67 -37.41 -0.29
CA ARG A 996 44.31 -36.29 -1.07
C ARG A 996 43.86 -36.79 -2.42
N GLY A 997 43.05 -35.97 -3.07
CA GLY A 997 42.55 -36.26 -4.42
C GLY A 997 42.47 -34.97 -5.22
N LEU A 998 42.57 -35.12 -6.52
CA LEU A 998 42.66 -34.01 -7.40
C LEU A 998 41.91 -34.38 -8.69
N CYS A 999 41.03 -33.50 -9.18
CA CYS A 999 40.31 -33.81 -10.41
C CYS A 999 39.98 -32.50 -11.16
N ILE A 1000 39.99 -32.58 -12.50
CA ILE A 1000 39.64 -31.46 -13.36
C ILE A 1000 38.48 -31.88 -14.24
N ILE A 1001 37.41 -31.07 -14.19
CA ILE A 1001 36.15 -31.39 -14.84
C ILE A 1001 35.77 -30.22 -15.76
N PRO A 1002 35.35 -30.52 -17.01
CA PRO A 1002 34.79 -29.52 -17.93
C PRO A 1002 33.25 -29.52 -17.89
N THR A 1003 32.65 -28.53 -18.53
CA THR A 1003 31.21 -28.53 -18.71
C THR A 1003 30.83 -27.72 -19.95
N LYS A 1004 29.75 -28.18 -20.56
CA LYS A 1004 29.02 -27.46 -21.59
C LYS A 1004 27.56 -27.34 -21.14
N PHE A 1005 27.00 -26.15 -21.26
CA PHE A 1005 25.62 -25.88 -20.74
C PHE A 1005 24.89 -24.99 -21.79
N GLY A 1006 23.83 -25.56 -22.36
CA GLY A 1006 23.01 -24.90 -23.35
C GLY A 1006 22.15 -23.80 -22.76
N ILE A 1007 22.21 -22.62 -23.38
CA ILE A 1007 21.47 -21.46 -22.91
C ILE A 1007 20.22 -21.22 -23.77
N SER A 1008 19.06 -21.26 -23.11
CA SER A 1008 17.73 -20.87 -23.59
C SER A 1008 16.74 -21.82 -22.91
N PHE A 1009 15.53 -21.34 -22.66
CA PHE A 1009 14.45 -22.20 -22.21
C PHE A 1009 14.21 -23.34 -23.24
N THR A 1010 14.05 -24.57 -22.72
CA THR A 1010 13.74 -25.79 -23.52
C THR A 1010 12.40 -25.62 -24.23
N LEU A 1011 11.54 -24.75 -23.69
CA LEU A 1011 10.28 -24.38 -24.31
C LEU A 1011 10.47 -23.06 -25.06
N PRO A 1012 10.55 -23.07 -26.41
CA PRO A 1012 11.10 -21.96 -27.17
C PRO A 1012 10.42 -20.61 -26.92
N PHE A 1013 9.09 -20.59 -26.82
CA PHE A 1013 8.39 -19.27 -26.75
C PHE A 1013 8.70 -18.55 -25.43
N LEU A 1014 9.24 -19.24 -24.42
CA LEU A 1014 9.61 -18.55 -23.15
C LEU A 1014 10.81 -17.62 -23.35
N ASN A 1015 11.52 -17.77 -24.47
CA ASN A 1015 12.71 -16.95 -24.81
C ASN A 1015 12.24 -15.62 -25.42
N GLN A 1016 11.58 -14.80 -24.60
CA GLN A 1016 11.13 -13.50 -24.95
C GLN A 1016 11.22 -12.62 -23.70
N GLY A 1017 11.30 -11.31 -23.91
CA GLY A 1017 11.23 -10.38 -22.78
C GLY A 1017 10.86 -8.97 -23.23
N GLY A 1018 10.44 -8.17 -22.25
CA GLY A 1018 9.94 -6.84 -22.45
C GLY A 1018 10.51 -5.86 -21.47
N ALA A 1019 10.46 -4.57 -21.89
CA ALA A 1019 10.82 -3.46 -21.08
C ALA A 1019 9.90 -2.27 -21.36
N LEU A 1020 9.88 -1.36 -20.41
CA LEU A 1020 9.19 -0.10 -20.52
C LEU A 1020 10.10 0.96 -19.97
N VAL A 1021 10.35 2.01 -20.74
CA VAL A 1021 11.20 3.10 -20.27
C VAL A 1021 10.44 4.41 -20.37
N HIS A 1022 10.60 5.23 -19.34
CA HIS A 1022 10.12 6.60 -19.34
C HIS A 1022 11.28 7.56 -19.09
N VAL A 1023 11.31 8.67 -19.82
CA VAL A 1023 12.21 9.78 -19.47
C VAL A 1023 11.34 10.93 -18.98
N TYR A 1024 11.52 11.36 -17.73
CA TYR A 1024 10.81 12.52 -17.19
C TYR A 1024 11.48 13.81 -17.64
N THR A 1025 10.79 14.93 -17.39
CA THR A 1025 11.18 16.18 -18.00
C THR A 1025 12.42 16.75 -17.30
N ASP A 1026 12.79 16.23 -16.12
CA ASP A 1026 14.10 16.55 -15.49
C ASP A 1026 15.27 15.74 -16.10
N GLY A 1027 15.01 14.92 -17.13
CA GLY A 1027 15.98 14.04 -17.71
C GLY A 1027 16.24 12.71 -16.99
N SER A 1028 15.65 12.48 -15.81
CA SER A 1028 15.85 11.21 -15.16
C SER A 1028 15.01 10.15 -15.87
N VAL A 1029 15.47 8.89 -15.80
CA VAL A 1029 14.89 7.77 -16.53
C VAL A 1029 14.39 6.74 -15.51
N LEU A 1030 13.14 6.31 -15.68
CA LEU A 1030 12.62 5.21 -14.90
C LEU A 1030 12.45 4.04 -15.87
N LEU A 1031 13.11 2.92 -15.54
CA LEU A 1031 13.17 1.75 -16.38
C LEU A 1031 12.51 0.60 -15.64
N THR A 1032 11.81 -0.24 -16.39
CA THR A 1032 11.39 -1.47 -15.81
C THR A 1032 11.48 -2.54 -16.89
N HIS A 1033 11.65 -3.79 -16.46
CA HIS A 1033 11.63 -4.91 -17.40
C HIS A 1033 10.96 -6.07 -16.70
N GLY A 1034 10.75 -7.15 -17.47
CA GLY A 1034 10.11 -8.39 -16.94
C GLY A 1034 10.90 -9.13 -15.87
N GLY A 1035 12.24 -8.98 -15.86
CA GLY A 1035 13.09 -9.68 -14.95
C GLY A 1035 12.91 -9.26 -13.49
N THR A 1036 13.09 -10.21 -12.58
CA THR A 1036 13.03 -9.96 -11.13
C THR A 1036 14.44 -10.09 -10.54
N GLU A 1037 14.70 -9.28 -9.53
CA GLU A 1037 15.95 -9.32 -8.80
C GLU A 1037 15.85 -10.30 -7.65
N MET A 1038 16.76 -11.28 -7.63
CA MET A 1038 16.85 -12.28 -6.56
C MET A 1038 18.28 -12.40 -6.02
N GLY A 1039 19.10 -11.38 -6.24
CA GLY A 1039 20.47 -11.29 -5.78
C GLY A 1039 21.50 -11.44 -6.89
N GLN A 1040 21.07 -11.74 -8.13
CA GLN A 1040 21.94 -12.04 -9.26
C GLN A 1040 22.44 -10.77 -9.94
N GLY A 1041 21.99 -9.61 -9.48
CA GLY A 1041 22.41 -8.35 -10.03
C GLY A 1041 21.84 -8.03 -11.42
N LEU A 1042 20.63 -8.52 -11.70
CA LEU A 1042 19.99 -8.30 -12.99
C LEU A 1042 19.65 -6.81 -13.18
N HIS A 1043 19.09 -6.13 -12.17
CA HIS A 1043 18.78 -4.71 -12.34
C HIS A 1043 20.06 -3.92 -12.57
N THR A 1044 21.10 -4.23 -11.80
CA THR A 1044 22.43 -3.58 -11.96
C THR A 1044 22.89 -3.71 -13.43
N LYS A 1045 22.84 -4.92 -13.98
CA LYS A 1045 23.18 -5.17 -15.39
C LYS A 1045 22.29 -4.41 -16.37
N MET A 1046 20.97 -4.31 -16.09
CA MET A 1046 20.06 -3.62 -17.00
C MET A 1046 20.30 -2.09 -16.97
N VAL A 1047 20.70 -1.54 -15.83
CA VAL A 1047 21.03 -0.15 -15.71
C VAL A 1047 22.34 0.13 -16.47
N GLN A 1048 23.30 -0.78 -16.36
CA GLN A 1048 24.55 -0.67 -17.09
C GLN A 1048 24.24 -0.68 -18.60
N VAL A 1049 23.37 -1.59 -19.06
CA VAL A 1049 23.02 -1.70 -20.46
C VAL A 1049 22.29 -0.43 -20.92
N ALA A 1050 21.31 0.03 -20.13
CA ALA A 1050 20.55 1.25 -20.52
C ALA A 1050 21.49 2.45 -20.63
N SER A 1051 22.44 2.57 -19.71
CA SER A 1051 23.32 3.72 -19.65
C SER A 1051 24.24 3.73 -20.89
N ARG A 1052 24.65 2.54 -21.37
CA ARG A 1052 25.47 2.50 -22.57
C ARG A 1052 24.61 2.88 -23.77
N ALA A 1053 23.43 2.28 -23.84
CA ALA A 1053 22.51 2.45 -24.97
C ALA A 1053 22.12 3.92 -25.13
N LEU A 1054 21.84 4.59 -24.01
CA LEU A 1054 21.37 5.97 -24.02
C LEU A 1054 22.52 6.98 -24.04
N LYS A 1055 23.73 6.55 -23.66
CA LYS A 1055 24.91 7.39 -23.52
C LYS A 1055 24.70 8.46 -22.46
N ILE A 1056 24.17 8.02 -21.30
CA ILE A 1056 24.06 8.84 -20.10
C ILE A 1056 24.60 8.04 -18.92
N PRO A 1057 25.01 8.72 -17.84
CA PRO A 1057 25.48 8.05 -16.64
C PRO A 1057 24.41 7.15 -16.00
N THR A 1058 24.85 6.05 -15.38
CA THR A 1058 23.95 5.13 -14.68
C THR A 1058 23.20 5.86 -13.57
N SER A 1059 23.79 6.92 -13.01
CA SER A 1059 23.16 7.66 -11.94
C SER A 1059 21.81 8.24 -12.41
N LYS A 1060 21.61 8.45 -13.71
CA LYS A 1060 20.35 9.12 -14.16
C LYS A 1060 19.23 8.10 -14.44
N ILE A 1061 19.51 6.81 -14.25
CA ILE A 1061 18.56 5.71 -14.53
C ILE A 1061 18.27 4.95 -13.24
N HIS A 1062 16.99 4.65 -13.02
CA HIS A 1062 16.58 3.94 -11.84
C HIS A 1062 15.60 2.82 -12.23
N ILE A 1063 15.70 1.69 -11.53
CA ILE A 1063 14.73 0.60 -11.58
C ILE A 1063 14.22 0.43 -10.16
N SER A 1064 12.90 0.50 -10.01
CA SER A 1064 12.30 0.44 -8.74
C SER A 1064 11.71 -0.97 -8.47
N GLU A 1065 11.11 -1.63 -9.47
CA GLU A 1065 10.44 -2.90 -9.23
C GLU A 1065 10.06 -3.57 -10.56
N THR A 1066 9.51 -4.77 -10.43
CA THR A 1066 8.97 -5.52 -11.55
C THR A 1066 7.45 -5.63 -11.32
N SER A 1067 6.64 -5.40 -12.36
CA SER A 1067 5.24 -5.47 -12.15
C SER A 1067 4.48 -5.82 -13.43
N THR A 1068 3.42 -6.63 -13.29
CA THR A 1068 2.66 -7.12 -14.42
C THR A 1068 1.89 -5.99 -15.13
N ASN A 1069 1.72 -4.83 -14.48
CA ASN A 1069 0.99 -3.71 -15.06
C ASN A 1069 1.95 -2.72 -15.71
N THR A 1070 3.27 -2.98 -15.74
CA THR A 1070 4.20 -2.23 -16.60
C THR A 1070 4.71 -3.08 -17.75
N VAL A 1071 5.03 -4.36 -17.51
CA VAL A 1071 5.41 -5.28 -18.57
C VAL A 1071 4.62 -6.56 -18.40
N PRO A 1072 3.74 -6.90 -19.38
CA PRO A 1072 2.90 -8.07 -19.28
C PRO A 1072 3.54 -9.32 -19.89
N ASN A 1073 2.98 -10.47 -19.56
CA ASN A 1073 3.25 -11.76 -20.26
C ASN A 1073 4.75 -12.14 -20.20
N THR A 1074 5.38 -11.86 -19.06
CA THR A 1074 6.79 -12.11 -18.89
C THR A 1074 7.06 -13.58 -18.56
N SER A 1075 8.19 -14.07 -19.11
CA SER A 1075 8.74 -15.36 -18.73
C SER A 1075 9.24 -15.30 -17.30
N PRO A 1076 9.38 -16.42 -16.57
CA PRO A 1076 10.01 -16.35 -15.26
C PRO A 1076 11.46 -15.91 -15.40
N THR A 1077 12.03 -15.38 -14.31
CA THR A 1077 13.42 -15.04 -14.23
C THR A 1077 14.13 -16.35 -13.91
N ALA A 1078 14.64 -16.99 -14.96
CA ALA A 1078 15.10 -18.34 -14.91
C ALA A 1078 15.93 -18.65 -16.16
N ALA A 1079 16.44 -19.87 -16.20
CA ALA A 1079 17.17 -20.46 -17.34
C ALA A 1079 18.39 -19.59 -17.68
N SER A 1080 18.89 -18.88 -16.66
CA SER A 1080 20.08 -18.06 -16.77
C SER A 1080 19.93 -17.00 -17.86
N ALA A 1081 18.73 -16.83 -18.40
CA ALA A 1081 18.53 -16.11 -19.68
C ALA A 1081 18.08 -14.67 -19.48
N SER A 1082 17.82 -14.26 -18.24
CA SER A 1082 17.10 -13.04 -17.99
C SER A 1082 17.87 -11.78 -18.42
N ALA A 1083 19.19 -11.73 -18.26
CA ALA A 1083 19.94 -10.55 -18.71
C ALA A 1083 19.98 -10.57 -20.24
N ASP A 1084 20.05 -11.76 -20.83
CA ASP A 1084 20.08 -11.82 -22.29
C ASP A 1084 18.76 -11.27 -22.86
N LEU A 1085 17.61 -11.67 -22.28
CA LEU A 1085 16.31 -11.37 -22.85
C LEU A 1085 15.95 -9.92 -22.54
N ASN A 1086 16.05 -9.55 -21.27
CA ASN A 1086 15.67 -8.25 -20.84
C ASN A 1086 16.69 -7.20 -21.32
N GLY A 1087 17.95 -7.58 -21.48
CA GLY A 1087 18.95 -6.61 -21.92
C GLY A 1087 18.64 -6.14 -23.34
N GLN A 1088 18.23 -7.08 -24.19
CA GLN A 1088 17.78 -6.75 -25.58
C GLN A 1088 16.53 -5.85 -25.55
N GLY A 1089 15.52 -6.23 -24.75
CA GLY A 1089 14.30 -5.46 -24.53
C GLY A 1089 14.66 -4.03 -24.15
N VAL A 1090 15.52 -3.91 -23.16
CA VAL A 1090 15.93 -2.61 -22.63
C VAL A 1090 16.63 -1.81 -23.73
N TYR A 1091 17.53 -2.49 -24.45
CA TYR A 1091 18.30 -1.86 -25.50
C TYR A 1091 17.34 -1.26 -26.57
N GLU A 1092 16.34 -2.03 -26.98
CA GLU A 1092 15.39 -1.60 -28.03
C GLU A 1092 14.57 -0.41 -27.54
N ALA A 1093 14.13 -0.43 -26.29
CA ALA A 1093 13.34 0.69 -25.80
C ALA A 1093 14.23 1.95 -25.80
N CYS A 1094 15.50 1.79 -25.42
CA CYS A 1094 16.43 2.90 -25.42
C CYS A 1094 16.66 3.41 -26.86
N GLN A 1095 16.75 2.51 -27.84
CA GLN A 1095 16.94 2.92 -29.26
C GLN A 1095 15.74 3.76 -29.71
N THR A 1096 14.53 3.36 -29.32
CA THR A 1096 13.34 4.11 -29.68
C THR A 1096 13.43 5.55 -29.14
N ILE A 1097 13.77 5.72 -27.84
CA ILE A 1097 13.91 7.05 -27.25
C ILE A 1097 15.00 7.84 -28.00
N LEU A 1098 16.13 7.19 -28.31
CA LEU A 1098 17.23 7.90 -29.00
C LEU A 1098 16.75 8.42 -30.36
N LYS A 1099 16.02 7.58 -31.11
CA LYS A 1099 15.54 7.95 -32.42
C LYS A 1099 14.67 9.21 -32.33
N ARG A 1100 13.83 9.28 -31.27
CA ARG A 1100 12.97 10.42 -31.07
C ARG A 1100 13.74 11.65 -30.67
N LEU A 1101 14.89 11.50 -30.00
CA LEU A 1101 15.67 12.67 -29.56
C LEU A 1101 16.61 13.15 -30.69
N GLU A 1102 16.84 12.34 -31.72
CA GLU A 1102 17.86 12.62 -32.76
C GLU A 1102 17.71 14.05 -33.29
N PRO A 1103 16.51 14.53 -33.66
CA PRO A 1103 16.41 15.89 -34.19
C PRO A 1103 16.89 16.95 -33.19
N PHE A 1104 16.70 16.70 -31.88
CA PHE A 1104 17.07 17.68 -30.86
C PHE A 1104 18.58 17.68 -30.63
N LYS A 1105 19.20 16.50 -30.76
CA LYS A 1105 20.64 16.28 -30.67
C LYS A 1105 21.35 17.00 -31.85
N LYS A 1106 20.77 16.94 -33.05
CA LYS A 1106 21.39 17.61 -34.22
C LYS A 1106 21.30 19.13 -34.09
N LYS A 1107 20.17 19.65 -33.62
CA LYS A 1107 20.01 21.07 -33.50
C LYS A 1107 20.85 21.60 -32.35
N LYS A 1108 21.25 20.77 -31.37
CA LYS A 1108 22.14 21.20 -30.26
C LYS A 1108 23.15 20.11 -29.90
N PRO A 1109 24.22 19.88 -30.69
CA PRO A 1109 24.97 18.64 -30.59
C PRO A 1109 25.77 18.53 -29.29
N THR A 1110 25.99 19.64 -28.58
CA THR A 1110 26.71 19.59 -27.28
C THR A 1110 25.75 19.81 -26.08
N GLY A 1111 24.64 20.53 -26.31
CA GLY A 1111 23.70 20.96 -25.23
C GLY A 1111 23.43 19.72 -24.42
N PRO A 1112 23.24 19.77 -23.08
CA PRO A 1112 23.25 18.53 -22.30
C PRO A 1112 21.97 17.72 -22.58
N TRP A 1113 21.99 16.46 -22.14
CA TRP A 1113 20.87 15.55 -22.19
C TRP A 1113 19.57 16.25 -21.72
N GLU A 1114 19.65 17.05 -20.67
CA GLU A 1114 18.50 17.67 -20.04
C GLU A 1114 17.81 18.63 -21.02
N ALA A 1115 18.59 19.30 -21.89
CA ALA A 1115 18.04 20.25 -22.82
C ALA A 1115 17.34 19.50 -23.95
N TRP A 1116 17.93 18.39 -24.41
CA TRP A 1116 17.30 17.62 -25.45
C TRP A 1116 15.92 17.12 -24.98
N VAL A 1117 15.88 16.65 -23.74
CA VAL A 1117 14.68 16.05 -23.19
C VAL A 1117 13.59 17.13 -23.06
N MET A 1118 13.93 18.29 -22.51
CA MET A 1118 12.96 19.35 -22.27
C MET A 1118 12.47 19.91 -23.61
N ASP A 1119 13.36 19.96 -24.61
CA ASP A 1119 13.00 20.40 -25.96
C ASP A 1119 12.07 19.38 -26.59
N ALA A 1120 12.28 18.07 -26.33
CA ALA A 1120 11.37 17.04 -26.87
C ALA A 1120 9.98 17.20 -26.24
N TYR A 1121 9.94 17.38 -24.91
CA TYR A 1121 8.71 17.50 -24.18
C TYR A 1121 7.90 18.72 -24.68
N THR A 1122 8.55 19.90 -24.79
CA THR A 1122 7.83 21.13 -25.20
C THR A 1122 7.51 21.10 -26.71
N SER A 1123 8.02 20.13 -27.47
CA SER A 1123 7.69 19.87 -28.86
C SER A 1123 6.65 18.76 -28.97
N ALA A 1124 6.16 18.29 -27.81
CA ALA A 1124 5.14 17.25 -27.75
C ALA A 1124 5.61 16.02 -28.51
N VAL A 1125 6.77 15.50 -28.07
CA VAL A 1125 7.33 14.25 -28.54
C VAL A 1125 7.27 13.24 -27.38
N SER A 1126 6.79 12.03 -27.65
CA SER A 1126 6.62 11.01 -26.59
C SER A 1126 7.98 10.57 -26.01
N LEU A 1127 8.09 10.58 -24.68
CA LEU A 1127 9.28 10.15 -23.95
C LEU A 1127 9.02 8.84 -23.18
N SER A 1128 8.15 7.96 -23.69
CA SER A 1128 7.91 6.62 -23.17
C SER A 1128 7.91 5.62 -24.31
N ALA A 1129 8.54 4.46 -24.11
CA ALA A 1129 8.66 3.46 -25.12
C ALA A 1129 8.68 2.08 -24.48
N THR A 1130 8.08 1.12 -25.16
CA THR A 1130 8.32 -0.25 -24.86
C THR A 1130 9.50 -0.77 -25.69
N GLY A 1131 10.02 -1.91 -25.25
CA GLY A 1131 10.99 -2.69 -25.97
C GLY A 1131 10.68 -4.17 -25.80
N PHE A 1132 11.09 -4.97 -26.79
CA PHE A 1132 10.79 -6.34 -26.80
C PHE A 1132 11.88 -7.10 -27.56
N TYR A 1133 12.08 -8.36 -27.18
CA TYR A 1133 13.03 -9.24 -27.85
C TYR A 1133 12.53 -10.67 -27.75
N LYS A 1134 12.76 -11.42 -28.83
CA LYS A 1134 12.59 -12.84 -28.84
C LYS A 1134 13.87 -13.49 -29.39
N THR A 1135 14.31 -14.58 -28.75
CA THR A 1135 15.47 -15.30 -29.26
C THR A 1135 15.05 -16.00 -30.55
N PRO A 1136 15.78 -15.78 -31.66
CA PRO A 1136 15.38 -16.37 -32.94
C PRO A 1136 15.91 -17.81 -33.11
N ASN A 1137 15.19 -18.56 -33.97
CA ASN A 1137 15.69 -19.80 -34.60
C ASN A 1137 15.85 -20.93 -33.57
N LEU A 1138 15.04 -20.95 -32.50
CA LEU A 1138 15.00 -22.08 -31.57
C LEU A 1138 13.86 -23.01 -31.96
N GLY A 1139 14.01 -24.28 -31.67
CA GLY A 1139 12.92 -25.23 -31.78
C GLY A 1139 13.45 -26.62 -32.10
N TYR A 1140 13.64 -27.44 -31.07
CA TYR A 1140 14.09 -28.84 -31.20
C TYR A 1140 12.88 -29.76 -31.31
N SER A 1141 12.98 -30.78 -32.15
CA SER A 1141 11.97 -31.83 -32.19
C SER A 1141 12.59 -33.12 -31.68
N PHE A 1142 11.97 -33.76 -30.67
CA PHE A 1142 12.37 -35.11 -30.19
C PHE A 1142 12.06 -36.15 -31.27
N GLU A 1143 11.04 -35.86 -32.10
CA GLU A 1143 10.61 -36.79 -33.14
C GLU A 1143 11.72 -36.95 -34.21
N THR A 1144 12.27 -35.85 -34.72
CA THR A 1144 13.24 -35.91 -35.82
C THR A 1144 14.67 -35.68 -35.35
N ASN A 1145 14.89 -35.40 -34.06
CA ASN A 1145 16.26 -35.11 -33.55
C ASN A 1145 16.91 -33.98 -34.37
N SER A 1146 16.16 -32.89 -34.59
CA SER A 1146 16.64 -31.78 -35.39
C SER A 1146 16.05 -30.49 -34.81
N GLY A 1147 16.66 -29.37 -35.18
CA GLY A 1147 16.27 -28.08 -34.61
C GLY A 1147 17.15 -27.76 -33.41
N ASN A 1148 17.45 -26.48 -33.22
CA ASN A 1148 18.34 -26.02 -32.13
C ASN A 1148 17.55 -25.76 -30.86
N PRO A 1149 17.68 -26.54 -29.78
CA PRO A 1149 17.09 -26.10 -28.50
C PRO A 1149 17.75 -24.83 -27.93
N PHE A 1150 19.04 -24.59 -28.21
CA PHE A 1150 19.84 -23.55 -27.50
C PHE A 1150 20.32 -22.47 -28.47
N HIS A 1151 20.46 -21.27 -27.94
CA HIS A 1151 20.93 -20.12 -28.71
C HIS A 1151 22.46 -20.15 -28.85
N TYR A 1152 23.13 -20.64 -27.79
CA TYR A 1152 24.58 -20.78 -27.64
C TYR A 1152 24.81 -21.64 -26.38
N PHE A 1153 26.08 -21.92 -26.08
CA PHE A 1153 26.48 -22.74 -24.94
C PHE A 1153 27.42 -21.91 -24.05
N SER A 1154 27.33 -22.17 -22.75
CA SER A 1154 28.29 -21.71 -21.76
C SER A 1154 29.33 -22.83 -21.60
N TYR A 1155 30.58 -22.43 -21.33
CA TYR A 1155 31.66 -23.36 -21.18
C TYR A 1155 32.50 -22.97 -19.96
N GLY A 1156 33.06 -23.97 -19.29
CA GLY A 1156 34.00 -23.73 -18.21
C GLY A 1156 34.64 -25.01 -17.71
N VAL A 1157 35.66 -24.85 -16.88
CA VAL A 1157 36.46 -25.95 -16.36
C VAL A 1157 36.82 -25.60 -14.91
N ALA A 1158 36.76 -26.61 -14.03
CA ALA A 1158 37.27 -26.49 -12.67
C ALA A 1158 38.17 -27.68 -12.30
N CYS A 1159 39.27 -27.31 -11.64
CA CYS A 1159 40.22 -28.23 -11.00
C CYS A 1159 40.08 -28.10 -9.50
N SER A 1160 39.77 -29.19 -8.79
CA SER A 1160 39.67 -29.16 -7.34
C SER A 1160 40.57 -30.23 -6.71
N GLU A 1161 41.11 -29.87 -5.54
CA GLU A 1161 41.90 -30.76 -4.68
C GLU A 1161 41.26 -30.82 -3.29
N VAL A 1162 41.18 -32.03 -2.76
CA VAL A 1162 40.61 -32.29 -1.45
C VAL A 1162 41.62 -33.11 -0.60
N GLU A 1163 41.38 -33.09 0.71
CA GLU A 1163 42.06 -33.99 1.64
C GLU A 1163 41.00 -34.66 2.50
N ILE A 1164 40.87 -35.98 2.42
CA ILE A 1164 39.86 -36.67 3.24
C ILE A 1164 40.49 -37.21 4.53
N ASP A 1165 39.65 -37.24 5.56
CA ASP A 1165 39.98 -37.98 6.79
C ASP A 1165 39.42 -39.39 6.64
N CYS A 1166 40.30 -40.39 6.39
CA CYS A 1166 39.85 -41.73 6.11
C CYS A 1166 39.17 -42.35 7.35
N LEU A 1167 39.42 -41.84 8.55
CA LEU A 1167 38.84 -42.42 9.75
C LEU A 1167 37.48 -41.79 10.11
N THR A 1168 37.13 -40.59 9.60
CA THR A 1168 35.85 -39.91 10.02
C THR A 1168 34.90 -39.61 8.87
N GLY A 1169 35.43 -39.58 7.65
CA GLY A 1169 34.70 -39.21 6.46
C GLY A 1169 34.61 -37.69 6.22
N ASP A 1170 35.13 -36.88 7.13
CA ASP A 1170 35.32 -35.44 6.96
C ASP A 1170 36.35 -35.22 5.83
N HIS A 1171 36.33 -34.04 5.23
CA HIS A 1171 37.34 -33.64 4.25
C HIS A 1171 37.53 -32.13 4.25
N LYS A 1172 38.68 -31.71 3.73
CA LYS A 1172 38.93 -30.32 3.46
C LYS A 1172 38.99 -30.06 1.94
N ASN A 1173 38.42 -28.94 1.51
CA ASN A 1173 38.50 -28.46 0.13
C ASN A 1173 39.72 -27.53 0.08
N LEU A 1174 40.84 -28.04 -0.44
CA LEU A 1174 42.16 -27.32 -0.33
C LEU A 1174 42.26 -26.22 -1.37
N ARG A 1175 41.84 -26.48 -2.61
CA ARG A 1175 42.03 -25.55 -3.63
C ARG A 1175 41.13 -25.89 -4.82
N THR A 1176 40.54 -24.83 -5.38
CA THR A 1176 39.72 -24.92 -6.55
C THR A 1176 40.13 -23.80 -7.51
N ASP A 1177 40.34 -24.16 -8.78
CA ASP A 1177 40.62 -23.22 -9.86
C ASP A 1177 39.57 -23.36 -10.96
N ILE A 1178 38.91 -22.25 -11.28
CA ILE A 1178 37.83 -22.20 -12.28
C ILE A 1178 38.24 -21.23 -13.39
N VAL A 1179 38.02 -21.65 -14.61
CA VAL A 1179 38.09 -20.77 -15.79
C VAL A 1179 36.73 -20.89 -16.45
N MET A 1180 36.02 -19.75 -16.53
CA MET A 1180 34.64 -19.70 -17.04
C MET A 1180 34.59 -18.73 -18.24
N ASP A 1181 33.88 -19.17 -19.27
CA ASP A 1181 33.55 -18.30 -20.39
C ASP A 1181 32.19 -17.64 -20.12
N VAL A 1182 32.21 -16.33 -19.83
CA VAL A 1182 30.98 -15.51 -19.71
C VAL A 1182 30.94 -14.50 -20.86
N GLY A 1183 31.52 -14.87 -22.02
CA GLY A 1183 31.60 -13.90 -23.09
C GLY A 1183 32.33 -12.64 -22.63
N SER A 1184 31.97 -11.48 -23.18
CA SER A 1184 32.48 -10.20 -22.68
C SER A 1184 31.52 -9.85 -21.54
N SER A 1185 31.94 -10.15 -20.32
CA SER A 1185 31.10 -9.99 -19.15
C SER A 1185 30.41 -8.63 -19.17
N LEU A 1186 29.11 -8.55 -18.84
CA LEU A 1186 28.46 -7.28 -18.60
C LEU A 1186 29.00 -6.62 -17.33
N ASN A 1187 29.45 -7.45 -16.37
CA ASN A 1187 29.81 -6.99 -15.06
C ASN A 1187 30.62 -8.11 -14.39
N PRO A 1188 31.96 -7.99 -14.42
CA PRO A 1188 32.82 -9.08 -13.99
C PRO A 1188 32.71 -9.33 -12.47
N ALA A 1189 32.36 -8.30 -11.70
CA ALA A 1189 32.16 -8.49 -10.25
C ALA A 1189 30.93 -9.39 -10.04
N ILE A 1190 29.86 -9.09 -10.76
CA ILE A 1190 28.64 -9.82 -10.58
C ILE A 1190 28.81 -11.22 -11.15
N ASP A 1191 29.51 -11.36 -12.28
CA ASP A 1191 29.69 -12.64 -12.94
C ASP A 1191 30.64 -13.55 -12.13
N ILE A 1192 31.68 -12.97 -11.51
CA ILE A 1192 32.53 -13.76 -10.60
C ILE A 1192 31.71 -14.21 -9.38
N GLY A 1193 30.86 -13.32 -8.87
CA GLY A 1193 29.95 -13.68 -7.76
C GLY A 1193 28.99 -14.80 -8.13
N GLN A 1194 28.52 -14.82 -9.38
CA GLN A 1194 27.61 -15.91 -9.85
C GLN A 1194 28.39 -17.22 -10.00
N VAL A 1195 29.64 -17.14 -10.52
CA VAL A 1195 30.47 -18.37 -10.59
C VAL A 1195 30.67 -18.98 -9.19
N GLU A 1196 31.11 -18.15 -8.24
CA GLU A 1196 31.45 -18.64 -6.89
C GLU A 1196 30.18 -19.16 -6.21
N GLY A 1197 29.09 -18.38 -6.31
CA GLY A 1197 27.80 -18.73 -5.67
C GLY A 1197 27.27 -20.04 -6.22
N ALA A 1198 27.22 -20.15 -7.56
CA ALA A 1198 26.72 -21.38 -8.23
C ALA A 1198 27.60 -22.57 -7.81
N PHE A 1199 28.93 -22.35 -7.80
CA PHE A 1199 29.88 -23.41 -7.50
C PHE A 1199 29.64 -23.93 -6.09
N VAL A 1200 29.41 -23.01 -5.14
CA VAL A 1200 29.24 -23.43 -3.76
C VAL A 1200 27.89 -24.13 -3.57
N GLN A 1201 26.82 -23.74 -4.29
CA GLN A 1201 25.59 -24.53 -4.22
C GLN A 1201 25.81 -25.94 -4.77
N GLY A 1202 26.64 -26.07 -5.81
CA GLY A 1202 26.93 -27.39 -6.37
C GLY A 1202 27.79 -28.23 -5.41
N LEU A 1203 28.67 -27.57 -4.67
CA LEU A 1203 29.46 -28.22 -3.62
C LEU A 1203 28.49 -28.82 -2.61
N GLY A 1204 27.47 -28.03 -2.21
CA GLY A 1204 26.43 -28.53 -1.33
C GLY A 1204 25.73 -29.75 -1.89
N LEU A 1205 25.27 -29.62 -3.13
CA LEU A 1205 24.52 -30.70 -3.81
C LEU A 1205 25.33 -32.00 -3.82
N PHE A 1206 26.62 -31.91 -4.15
CA PHE A 1206 27.38 -33.14 -4.38
C PHE A 1206 28.10 -33.67 -3.12
N THR A 1207 28.19 -32.92 -2.01
CA THR A 1207 28.99 -33.37 -0.85
C THR A 1207 28.34 -33.16 0.53
N MET A 1208 27.29 -32.35 0.64
CA MET A 1208 26.86 -31.98 1.96
C MET A 1208 25.36 -32.13 2.20
N GLU A 1209 24.54 -31.71 1.25
CA GLU A 1209 23.11 -31.53 1.44
C GLU A 1209 22.37 -32.84 1.20
N GLU A 1210 21.57 -33.24 2.18
CA GLU A 1210 20.87 -34.47 2.12
C GLU A 1210 19.48 -34.26 2.76
N LEU A 1211 18.42 -34.67 2.04
CA LEU A 1211 17.10 -34.66 2.60
C LEU A 1211 16.73 -36.08 3.00
N HIS A 1212 16.07 -36.27 4.17
CA HIS A 1212 15.70 -37.62 4.63
C HIS A 1212 14.18 -37.67 4.84
N TYR A 1213 13.56 -38.75 4.38
CA TYR A 1213 12.10 -38.96 4.43
C TYR A 1213 11.81 -40.25 5.22
N SER A 1214 10.76 -40.28 6.01
CA SER A 1214 10.36 -41.51 6.63
C SER A 1214 9.92 -42.52 5.56
N PRO A 1215 9.79 -43.81 5.93
CA PRO A 1215 9.32 -44.80 4.97
C PRO A 1215 7.94 -44.41 4.41
N GLU A 1216 7.15 -43.71 5.21
CA GLU A 1216 5.80 -43.32 4.81
C GLU A 1216 5.79 -41.96 4.05
N GLY A 1217 6.96 -41.44 3.65
CA GLY A 1217 7.08 -40.26 2.78
C GLY A 1217 7.03 -38.89 3.46
N SER A 1218 7.23 -38.84 4.77
CA SER A 1218 7.24 -37.56 5.53
C SER A 1218 8.67 -37.00 5.55
N LEU A 1219 8.89 -35.80 4.97
CA LEU A 1219 10.21 -35.14 5.05
C LEU A 1219 10.58 -34.96 6.52
N HIS A 1220 11.74 -35.46 6.92
CA HIS A 1220 12.21 -35.26 8.30
C HIS A 1220 13.17 -34.08 8.39
N THR A 1221 13.81 -33.72 7.28
CA THR A 1221 14.82 -32.67 7.25
C THR A 1221 14.15 -31.33 6.97
N ARG A 1222 13.92 -30.51 7.99
CA ARG A 1222 13.02 -29.33 7.77
C ARG A 1222 13.62 -28.01 8.30
N GLY A 1223 14.93 -28.00 8.54
CA GLY A 1223 15.58 -26.78 8.94
C GLY A 1223 17.10 -26.92 8.86
N PRO A 1224 17.83 -25.82 9.11
CA PRO A 1224 19.28 -25.86 9.08
C PRO A 1224 19.93 -26.75 10.14
N SER A 1225 19.21 -27.16 11.21
CA SER A 1225 19.78 -28.07 12.15
C SER A 1225 20.13 -29.39 11.44
N THR A 1226 19.30 -29.83 10.49
CA THR A 1226 19.40 -31.18 9.85
C THR A 1226 19.76 -31.08 8.36
N TYR A 1227 19.58 -29.92 7.74
CA TYR A 1227 19.89 -29.71 6.35
C TYR A 1227 21.09 -28.75 6.29
N LYS A 1228 22.24 -29.28 5.90
CA LYS A 1228 23.52 -28.58 6.08
C LYS A 1228 23.99 -27.99 4.74
N ILE A 1229 23.68 -26.72 4.49
CA ILE A 1229 24.21 -26.05 3.36
C ILE A 1229 25.64 -25.61 3.68
N PRO A 1230 26.46 -25.33 2.65
CA PRO A 1230 27.82 -24.84 2.87
C PRO A 1230 27.87 -23.63 3.80
N ALA A 1231 28.85 -23.66 4.71
CA ALA A 1231 29.07 -22.62 5.67
C ALA A 1231 30.34 -21.87 5.28
N PHE A 1232 30.64 -20.78 5.99
CA PHE A 1232 31.89 -20.05 5.69
C PHE A 1232 33.11 -20.97 5.61
N GLY A 1233 33.19 -21.99 6.47
CA GLY A 1233 34.35 -22.91 6.62
C GLY A 1233 34.37 -24.02 5.58
N SER A 1234 33.34 -24.08 4.71
CA SER A 1234 33.14 -25.19 3.74
C SER A 1234 33.92 -24.94 2.44
N ILE A 1235 34.29 -23.68 2.20
CA ILE A 1235 34.68 -23.29 0.83
C ILE A 1235 36.14 -23.65 0.59
N PRO A 1236 36.55 -23.80 -0.68
CA PRO A 1236 37.96 -24.09 -0.98
C PRO A 1236 38.87 -23.03 -0.33
N ILE A 1237 39.96 -23.47 0.28
CA ILE A 1237 40.88 -22.60 1.03
C ILE A 1237 41.57 -21.63 0.08
N GLU A 1238 42.01 -22.16 -1.06
CA GLU A 1238 42.49 -21.35 -2.13
C GLU A 1238 41.48 -21.44 -3.26
N PHE A 1239 40.86 -20.31 -3.56
CA PHE A 1239 39.69 -20.24 -4.39
C PHE A 1239 40.00 -19.22 -5.48
N ARG A 1240 40.22 -19.72 -6.69
CA ARG A 1240 40.70 -18.99 -7.85
C ARG A 1240 39.71 -19.06 -9.01
N VAL A 1241 39.25 -17.88 -9.46
CA VAL A 1241 38.26 -17.78 -10.51
C VAL A 1241 38.83 -16.83 -11.57
N SER A 1242 38.80 -17.29 -12.82
CA SER A 1242 39.17 -16.47 -13.96
C SER A 1242 38.03 -16.43 -14.96
N LEU A 1243 37.72 -15.24 -15.48
CA LEU A 1243 36.84 -15.12 -16.61
C LEU A 1243 37.66 -15.17 -17.90
N LEU A 1244 37.24 -15.99 -18.85
CA LEU A 1244 37.99 -16.19 -20.09
C LEU A 1244 38.09 -14.85 -20.84
N ARG A 1245 39.31 -14.52 -21.30
CA ARG A 1245 39.63 -13.28 -22.06
C ARG A 1245 39.30 -13.44 -23.56
N ASP A 1246 38.93 -12.34 -24.21
CA ASP A 1246 38.87 -12.27 -25.65
C ASP A 1246 37.95 -13.35 -26.20
N CYS A 1247 36.68 -13.31 -25.82
CA CYS A 1247 35.74 -14.32 -26.29
C CYS A 1247 34.35 -13.70 -26.45
N PRO A 1248 34.19 -12.61 -27.24
CA PRO A 1248 32.88 -11.96 -27.40
C PRO A 1248 31.88 -12.98 -27.95
N ASN A 1249 30.65 -12.94 -27.43
CA ASN A 1249 29.55 -13.76 -27.92
C ASN A 1249 28.54 -12.88 -28.67
N LYS A 1250 28.66 -12.76 -29.98
CA LYS A 1250 27.95 -11.65 -30.71
C LYS A 1250 26.41 -11.75 -30.58
N ARG A 1251 25.93 -12.97 -30.37
CA ARG A 1251 24.46 -13.26 -30.34
C ARG A 1251 23.81 -13.17 -28.95
N ALA A 1252 24.42 -12.45 -28.02
CA ALA A 1252 23.71 -11.97 -26.84
C ALA A 1252 24.17 -10.54 -26.58
N ILE A 1253 23.43 -9.83 -25.73
CA ILE A 1253 23.56 -8.44 -25.45
C ILE A 1253 25.02 -8.05 -25.13
N TYR A 1254 25.52 -7.08 -25.94
CA TYR A 1254 26.87 -6.53 -25.87
C TYR A 1254 27.93 -7.63 -25.72
N ALA A 1255 27.67 -8.75 -26.38
CA ALA A 1255 28.60 -9.86 -26.58
C ALA A 1255 28.83 -10.67 -25.29
N SER A 1256 27.93 -10.57 -24.32
CA SER A 1256 28.01 -11.31 -23.04
C SER A 1256 27.50 -12.74 -23.20
N LYS A 1257 27.64 -13.50 -22.13
CA LYS A 1257 26.95 -14.71 -21.98
C LYS A 1257 26.30 -14.75 -20.60
N ALA A 1258 25.23 -15.55 -20.54
CA ALA A 1258 24.56 -15.99 -19.33
C ALA A 1258 25.55 -16.72 -18.41
N VAL A 1259 25.33 -16.55 -17.10
CA VAL A 1259 26.29 -17.02 -16.10
C VAL A 1259 25.61 -17.81 -14.98
N GLY A 1260 24.31 -17.65 -14.74
CA GLY A 1260 23.64 -18.12 -13.46
C GLY A 1260 23.83 -19.61 -13.14
N GLU A 1261 23.48 -20.49 -14.10
CA GLU A 1261 23.45 -21.94 -13.84
C GLU A 1261 24.72 -22.70 -14.25
N PRO A 1262 25.39 -22.38 -15.38
CA PRO A 1262 26.49 -23.23 -15.87
C PRO A 1262 27.62 -23.56 -14.91
N PRO A 1263 28.03 -22.68 -13.96
CA PRO A 1263 29.11 -23.05 -13.07
C PRO A 1263 28.78 -24.09 -12.01
N LEU A 1264 27.49 -24.34 -11.72
CA LEU A 1264 27.13 -25.14 -10.60
C LEU A 1264 27.74 -26.54 -10.73
N PHE A 1265 27.58 -27.13 -11.92
CA PHE A 1265 28.03 -28.49 -12.15
C PHE A 1265 29.55 -28.63 -11.92
N LEU A 1266 30.33 -27.55 -12.06
CA LEU A 1266 31.76 -27.66 -11.95
C LEU A 1266 32.24 -28.03 -10.54
N ALA A 1267 31.36 -27.94 -9.53
CA ALA A 1267 31.67 -28.47 -8.20
C ALA A 1267 31.77 -30.00 -8.17
N SER A 1268 31.35 -30.66 -9.24
CA SER A 1268 31.57 -32.09 -9.38
C SER A 1268 33.08 -32.39 -9.32
N SER A 1269 33.92 -31.40 -9.57
CA SER A 1269 35.37 -31.57 -9.45
C SER A 1269 35.73 -31.98 -8.01
N ILE A 1270 35.01 -31.44 -7.01
CA ILE A 1270 35.22 -31.84 -5.63
C ILE A 1270 34.74 -33.27 -5.41
N PHE A 1271 33.58 -33.65 -5.96
CA PHE A 1271 33.05 -34.99 -5.87
C PHE A 1271 34.08 -35.99 -6.42
N PHE A 1272 34.62 -35.72 -7.60
CA PHE A 1272 35.52 -36.70 -8.22
C PHE A 1272 36.92 -36.66 -7.58
N ALA A 1273 37.32 -35.53 -7.02
CA ALA A 1273 38.55 -35.46 -6.22
C ALA A 1273 38.42 -36.34 -4.95
N ILE A 1274 37.24 -36.27 -4.31
CA ILE A 1274 36.91 -37.10 -3.20
C ILE A 1274 36.98 -38.57 -3.64
N LYS A 1275 36.37 -38.89 -4.78
CA LYS A 1275 36.36 -40.28 -5.25
C LYS A 1275 37.81 -40.77 -5.42
N ASP A 1276 38.67 -39.91 -5.97
CA ASP A 1276 40.11 -40.24 -6.22
C ASP A 1276 40.84 -40.48 -4.90
N ALA A 1277 40.58 -39.63 -3.90
CA ALA A 1277 41.13 -39.83 -2.53
C ALA A 1277 40.64 -41.12 -1.88
N ILE A 1278 39.35 -41.45 -2.03
CA ILE A 1278 38.80 -42.68 -1.53
C ILE A 1278 39.51 -43.89 -2.20
N ARG A 1279 39.74 -43.82 -3.50
CA ARG A 1279 40.46 -44.89 -4.22
C ARG A 1279 41.83 -45.12 -3.59
N ALA A 1280 42.58 -44.04 -3.30
CA ALA A 1280 43.91 -44.09 -2.66
C ALA A 1280 43.80 -44.72 -1.27
N ALA A 1281 42.71 -44.43 -0.53
CA ALA A 1281 42.47 -45.04 0.78
C ALA A 1281 42.24 -46.54 0.62
N ARG A 1282 41.45 -46.91 -0.36
CA ARG A 1282 41.12 -48.30 -0.54
C ARG A 1282 42.38 -49.08 -0.99
N ALA A 1283 43.22 -48.47 -1.82
CA ALA A 1283 44.45 -49.16 -2.27
C ALA A 1283 45.34 -49.40 -1.04
N GLN A 1284 45.39 -48.43 -0.12
CA GLN A 1284 46.18 -48.54 1.13
C GLN A 1284 45.77 -49.81 1.89
N HIS A 1285 44.50 -50.25 1.79
CA HIS A 1285 43.96 -51.50 2.42
C HIS A 1285 43.59 -52.55 1.35
N GLN A 1291 39.33 -51.38 -9.83
CA GLN A 1291 38.16 -51.70 -8.94
C GLN A 1291 37.18 -50.51 -8.87
N LEU A 1292 35.93 -50.78 -9.24
CA LEU A 1292 34.96 -49.71 -9.47
C LEU A 1292 33.95 -49.63 -8.32
N PHE A 1293 34.31 -49.00 -7.23
CA PHE A 1293 33.47 -49.00 -6.08
C PHE A 1293 32.36 -47.94 -6.24
N GLN A 1294 31.30 -48.08 -5.45
CA GLN A 1294 30.15 -47.17 -5.55
C GLN A 1294 30.36 -45.89 -4.73
N LEU A 1295 30.08 -44.75 -5.33
CA LEU A 1295 29.95 -43.47 -4.62
C LEU A 1295 28.74 -42.72 -5.17
N ASP A 1296 27.59 -42.83 -4.48
CA ASP A 1296 26.39 -42.06 -4.84
C ASP A 1296 26.57 -40.60 -4.39
N SER A 1297 25.68 -39.72 -4.88
CA SER A 1297 25.67 -38.31 -4.50
C SER A 1297 24.47 -38.07 -3.60
N PRO A 1298 24.65 -37.27 -2.53
CA PRO A 1298 25.85 -36.55 -2.17
C PRO A 1298 26.88 -37.45 -1.49
N ALA A 1299 28.17 -37.13 -1.73
CA ALA A 1299 29.29 -37.83 -1.06
C ALA A 1299 29.51 -37.20 0.34
N THR A 1300 28.65 -37.63 1.27
CA THR A 1300 28.63 -37.15 2.63
C THR A 1300 29.72 -37.82 3.45
N PRO A 1301 30.02 -37.34 4.68
CA PRO A 1301 30.90 -38.08 5.57
C PRO A 1301 30.51 -39.57 5.67
N GLU A 1302 29.21 -39.90 5.80
CA GLU A 1302 28.77 -41.26 5.84
C GLU A 1302 29.30 -42.05 4.65
N LYS A 1303 29.03 -41.57 3.43
CA LYS A 1303 29.37 -42.33 2.23
C LYS A 1303 30.90 -42.40 2.06
N ILE A 1304 31.62 -41.34 2.42
CA ILE A 1304 33.09 -41.32 2.27
C ILE A 1304 33.69 -42.35 3.25
N ARG A 1305 33.25 -42.31 4.52
CA ARG A 1305 33.83 -43.15 5.54
C ARG A 1305 33.56 -44.61 5.21
N ASN A 1306 32.31 -44.89 4.79
CA ASN A 1306 31.91 -46.25 4.56
C ASN A 1306 32.69 -46.85 3.36
N ALA A 1307 33.09 -46.00 2.42
CA ALA A 1307 33.80 -46.44 1.23
C ALA A 1307 35.30 -46.64 1.53
N CYS A 1308 35.83 -46.03 2.60
CA CYS A 1308 37.19 -46.26 3.04
C CYS A 1308 37.29 -47.56 3.87
N VAL A 1309 37.12 -48.68 3.19
CA VAL A 1309 37.06 -49.98 3.83
C VAL A 1309 38.39 -50.26 4.52
N ASP A 1310 38.30 -50.81 5.73
CA ASP A 1310 39.52 -51.06 6.54
C ASP A 1310 39.22 -52.10 7.62
N GLN A 1311 40.14 -52.29 8.56
CA GLN A 1311 39.95 -53.21 9.74
C GLN A 1311 38.75 -52.77 10.59
N PHE A 1312 38.43 -51.47 10.62
CA PHE A 1312 37.34 -50.99 11.48
C PHE A 1312 35.98 -51.24 10.81
N THR A 1313 35.82 -50.82 9.55
CA THR A 1313 34.58 -51.07 8.82
C THR A 1313 34.28 -52.59 8.74
N THR A 1314 35.33 -53.39 8.48
CA THR A 1314 35.21 -54.86 8.35
C THR A 1314 34.68 -55.47 9.64
N LEU A 1315 35.28 -55.07 10.76
CA LEU A 1315 34.87 -55.57 12.05
C LEU A 1315 33.40 -55.17 12.32
N CYS A 1316 33.04 -53.91 12.06
CA CYS A 1316 31.70 -53.42 12.34
C CYS A 1316 30.61 -54.12 11.51
N VAL A 1317 30.88 -54.41 10.22
CA VAL A 1317 29.89 -54.99 9.27
C VAL A 1317 29.85 -56.53 9.36
N THR A 1318 31.02 -57.18 9.32
CA THR A 1318 31.10 -58.64 9.11
C THR A 1318 31.31 -59.35 10.46
N GLY A 1319 31.77 -58.59 11.46
CA GLY A 1319 32.17 -59.15 12.76
C GLY A 1319 33.53 -59.85 12.74
N VAL A 1320 34.35 -59.63 11.68
CA VAL A 1320 35.68 -60.27 11.48
C VAL A 1320 36.79 -59.21 11.58
N PRO A 1321 37.77 -59.31 12.52
CA PRO A 1321 39.01 -58.52 12.44
C PRO A 1321 40.02 -59.05 11.41
N ALA B 3 -23.65 2.36 34.32
CA ALA B 3 -22.54 1.67 33.59
C ALA B 3 -21.83 2.65 32.65
N ASP B 4 -21.18 2.04 31.63
CA ASP B 4 -19.99 2.53 31.05
C ASP B 4 -19.61 1.78 29.73
N GLU B 5 -20.16 0.61 29.39
CA GLU B 5 -20.10 0.11 27.98
C GLU B 5 -21.18 0.79 27.12
N LEU B 6 -20.80 1.16 25.90
CA LEU B 6 -21.70 1.72 24.91
C LEU B 6 -21.99 0.60 23.91
N VAL B 7 -23.28 0.31 23.72
CA VAL B 7 -23.67 -0.85 22.93
C VAL B 7 -24.69 -0.42 21.88
N PHE B 8 -24.35 -0.67 20.60
CA PHE B 8 -25.21 -0.32 19.44
C PHE B 8 -24.92 -1.31 18.34
N PHE B 9 -25.68 -1.20 17.27
CA PHE B 9 -25.58 -2.09 16.14
C PHE B 9 -25.26 -1.31 14.87
N VAL B 10 -24.45 -1.91 13.99
CA VAL B 10 -24.10 -1.31 12.75
C VAL B 10 -24.25 -2.37 11.68
N ASN B 11 -25.15 -2.09 10.74
CA ASN B 11 -25.47 -3.03 9.67
C ASN B 11 -25.77 -4.41 10.28
N GLY B 12 -26.44 -4.43 11.43
CA GLY B 12 -26.94 -5.68 12.01
C GLY B 12 -25.92 -6.35 12.94
N LYS B 13 -24.69 -5.84 12.98
CA LYS B 13 -23.63 -6.39 13.81
C LYS B 13 -23.52 -5.57 15.10
N LYS B 14 -23.36 -6.26 16.24
CA LYS B 14 -23.35 -5.63 17.52
C LYS B 14 -21.98 -4.97 17.70
N VAL B 15 -21.97 -3.75 18.18
CA VAL B 15 -20.78 -3.05 18.59
C VAL B 15 -20.82 -2.87 20.10
N VAL B 16 -19.73 -3.26 20.76
CA VAL B 16 -19.53 -3.00 22.16
C VAL B 16 -18.25 -2.19 22.34
N GLU B 17 -18.42 -0.93 22.71
CA GLU B 17 -17.35 0.00 22.89
C GLU B 17 -17.12 0.22 24.40
N LYS B 18 -15.97 -0.26 24.89
CA LYS B 18 -15.73 -0.30 26.37
C LYS B 18 -15.20 1.04 26.89
N ASN B 19 -14.66 1.87 25.99
CA ASN B 19 -14.09 3.17 26.36
C ASN B 19 -14.52 4.26 25.39
N ALA B 20 -15.82 4.49 25.26
CA ALA B 20 -16.31 5.51 24.35
C ALA B 20 -15.86 6.89 24.83
N ASP B 21 -15.29 7.67 23.91
CA ASP B 21 -14.95 9.06 24.12
C ASP B 21 -16.12 9.92 23.63
N PRO B 22 -16.67 10.84 24.46
CA PRO B 22 -17.77 11.68 24.01
C PRO B 22 -17.47 12.60 22.81
N GLU B 23 -16.20 12.84 22.49
CA GLU B 23 -15.84 13.63 21.33
C GLU B 23 -15.88 12.82 20.02
N THR B 24 -16.06 11.50 20.09
CA THR B 24 -16.06 10.64 18.90
C THR B 24 -17.40 10.73 18.17
N THR B 25 -17.36 11.13 16.90
CA THR B 25 -18.54 11.14 16.05
C THR B 25 -18.75 9.75 15.44
N LEU B 26 -20.00 9.47 15.08
CA LEU B 26 -20.35 8.26 14.38
C LEU B 26 -19.58 8.14 13.06
N LEU B 27 -19.38 9.25 12.34
CA LEU B 27 -18.70 9.24 11.05
C LEU B 27 -17.26 8.71 11.25
N VAL B 28 -16.56 9.24 12.27
CA VAL B 28 -15.19 8.77 12.57
C VAL B 28 -15.21 7.32 13.03
N TYR B 29 -16.20 6.93 13.85
CA TYR B 29 -16.24 5.58 14.34
C TYR B 29 -16.46 4.57 13.20
N LEU B 30 -17.36 4.91 12.28
CA LEU B 30 -17.68 4.03 11.12
C LEU B 30 -16.42 3.87 10.27
N ARG B 31 -15.75 5.00 9.99
CA ARG B 31 -14.70 4.99 8.97
C ARG B 31 -13.41 4.43 9.56
N ARG B 32 -13.05 4.91 10.77
CA ARG B 32 -11.71 4.69 11.32
C ARG B 32 -11.74 3.48 12.25
N LYS B 33 -12.82 3.25 13.00
CA LYS B 33 -12.86 2.09 13.90
C LYS B 33 -13.40 0.84 13.19
N LEU B 34 -14.46 0.98 12.38
CA LEU B 34 -15.08 -0.19 11.78
C LEU B 34 -14.61 -0.39 10.33
N GLY B 35 -13.92 0.60 9.76
CA GLY B 35 -13.47 0.49 8.38
C GLY B 35 -14.57 0.61 7.31
N LEU B 36 -15.78 1.08 7.64
CA LEU B 36 -16.85 1.24 6.67
C LEU B 36 -16.78 2.65 6.05
N CYS B 37 -16.12 2.77 4.90
CA CYS B 37 -15.78 4.05 4.34
C CYS B 37 -16.78 4.53 3.26
N GLY B 38 -17.91 3.83 3.11
CA GLY B 38 -18.97 4.32 2.22
C GLY B 38 -19.49 5.70 2.61
N THR B 39 -19.68 5.88 3.93
CA THR B 39 -20.10 7.13 4.55
C THR B 39 -18.93 8.12 4.46
N LYS B 40 -19.16 9.32 3.90
CA LYS B 40 -18.12 10.27 3.54
C LYS B 40 -18.18 11.53 4.41
N LEU B 41 -17.01 12.19 4.53
CA LEU B 41 -16.86 13.54 5.03
C LEU B 41 -16.79 14.51 3.85
N GLY B 42 -17.78 15.39 3.82
CA GLY B 42 -17.89 16.49 2.87
C GLY B 42 -17.79 17.88 3.50
N CYS B 43 -18.05 18.02 4.81
CA CYS B 43 -18.08 19.35 5.38
C CYS B 43 -17.93 19.36 6.91
N GLY B 44 -18.42 18.33 7.63
CA GLY B 44 -18.38 18.28 9.08
C GLY B 44 -19.31 19.26 9.81
N GLU B 45 -20.23 19.90 9.09
CA GLU B 45 -21.09 20.95 9.68
C GLU B 45 -22.58 20.79 9.31
N GLY B 46 -22.98 19.61 8.81
CA GLY B 46 -24.36 19.23 8.65
C GLY B 46 -24.99 19.75 7.37
N GLY B 47 -24.21 20.39 6.51
CA GLY B 47 -24.78 21.09 5.37
C GLY B 47 -24.77 20.33 4.06
N CYS B 48 -24.05 19.20 3.96
CA CYS B 48 -23.85 18.52 2.66
C CYS B 48 -24.55 17.16 2.52
N GLY B 49 -24.82 16.47 3.64
CA GLY B 49 -25.48 15.13 3.68
C GLY B 49 -24.62 13.97 3.18
N ALA B 50 -23.34 14.20 2.93
CA ALA B 50 -22.47 13.15 2.38
C ALA B 50 -22.23 12.01 3.39
N CYS B 51 -22.40 12.32 4.69
CA CYS B 51 -22.29 11.44 5.83
C CYS B 51 -23.65 10.87 6.29
N THR B 52 -24.69 10.98 5.47
CA THR B 52 -26.05 10.54 5.89
C THR B 52 -26.07 9.05 6.14
N VAL B 53 -26.63 8.65 7.29
CA VAL B 53 -26.93 7.26 7.58
C VAL B 53 -28.32 7.17 8.19
N MET B 54 -28.83 5.96 8.32
CA MET B 54 -30.14 5.75 8.89
C MET B 54 -29.97 5.19 10.30
N ILE B 55 -30.81 5.63 11.22
CA ILE B 55 -30.88 5.10 12.57
C ILE B 55 -32.23 4.40 12.71
N SER B 56 -32.26 3.21 13.33
CA SER B 56 -33.50 2.58 13.78
C SER B 56 -33.46 2.37 15.29
N LYS B 57 -34.60 2.53 15.95
CA LYS B 57 -34.71 2.24 17.35
C LYS B 57 -36.14 1.82 17.68
N TYR B 58 -36.25 1.18 18.84
CA TYR B 58 -37.56 1.01 19.41
C TYR B 58 -37.93 2.23 20.25
N ASP B 59 -38.92 2.99 19.81
CA ASP B 59 -39.37 4.20 20.51
C ASP B 59 -40.35 3.77 21.62
N ARG B 60 -39.97 3.97 22.88
CA ARG B 60 -40.74 3.52 24.04
C ARG B 60 -42.04 4.33 24.15
N LEU B 61 -42.01 5.60 23.71
CA LEU B 61 -43.13 6.53 23.85
C LEU B 61 -44.22 6.24 22.80
N GLN B 62 -43.85 6.06 21.53
CA GLN B 62 -44.83 5.67 20.50
C GLN B 62 -45.00 4.16 20.41
N ASN B 63 -44.21 3.38 21.16
CA ASN B 63 -44.22 1.90 21.18
C ASN B 63 -44.17 1.27 19.79
N LYS B 64 -43.08 1.50 19.03
CA LYS B 64 -42.90 0.86 17.72
C LYS B 64 -41.47 1.11 17.21
N ILE B 65 -41.02 0.28 16.26
CA ILE B 65 -39.72 0.53 15.59
C ILE B 65 -39.84 1.78 14.71
N VAL B 66 -38.91 2.73 14.86
CA VAL B 66 -38.85 3.92 14.02
C VAL B 66 -37.51 3.93 13.25
N HIS B 67 -37.52 4.66 12.13
CA HIS B 67 -36.37 4.89 11.25
C HIS B 67 -36.27 6.38 10.90
N PHE B 68 -35.07 6.94 11.00
CA PHE B 68 -34.80 8.29 10.61
C PHE B 68 -33.34 8.43 10.17
N SER B 69 -33.09 9.49 9.38
CA SER B 69 -31.74 9.79 8.88
C SER B 69 -31.03 10.81 9.79
N VAL B 70 -29.70 10.69 9.87
CA VAL B 70 -28.84 11.60 10.61
C VAL B 70 -27.58 11.90 9.83
N ASN B 71 -27.01 13.05 10.13
CA ASN B 71 -25.66 13.37 9.75
C ASN B 71 -24.69 12.67 10.74
N ALA B 72 -24.00 11.63 10.27
CA ALA B 72 -23.01 10.93 11.08
C ALA B 72 -21.90 11.89 11.55
N CYS B 73 -21.66 12.98 10.79
CA CYS B 73 -20.58 13.91 11.15
C CYS B 73 -20.91 14.66 12.45
N LEU B 74 -22.19 14.69 12.85
CA LEU B 74 -22.56 15.44 14.04
C LEU B 74 -23.20 14.53 15.08
N ALA B 75 -23.24 13.21 14.86
CA ALA B 75 -23.87 12.34 15.83
C ALA B 75 -22.80 11.82 16.80
N PRO B 76 -22.82 12.20 18.10
CA PRO B 76 -21.90 11.60 19.07
C PRO B 76 -22.26 10.13 19.22
N ILE B 77 -21.27 9.23 19.21
CA ILE B 77 -21.56 7.82 19.42
C ILE B 77 -22.17 7.64 20.80
N CYS B 78 -21.80 8.51 21.76
CA CYS B 78 -22.33 8.36 23.08
C CYS B 78 -23.85 8.61 23.17
N SER B 79 -24.48 9.16 22.11
CA SER B 79 -25.93 9.40 22.07
C SER B 79 -26.64 8.17 21.49
N LEU B 80 -25.88 7.16 21.06
CA LEU B 80 -26.41 6.08 20.17
C LEU B 80 -26.59 4.77 20.93
N HIS B 81 -26.63 4.78 22.28
CA HIS B 81 -26.75 3.51 22.98
C HIS B 81 -28.08 2.85 22.61
N HIS B 82 -28.04 1.57 22.23
CA HIS B 82 -29.19 0.76 21.94
C HIS B 82 -29.98 1.32 20.74
N VAL B 83 -29.26 1.85 19.73
CA VAL B 83 -29.85 2.06 18.38
C VAL B 83 -29.18 1.13 17.37
N ALA B 84 -29.75 1.10 16.17
CA ALA B 84 -29.25 0.35 15.09
C ALA B 84 -28.97 1.27 13.93
N VAL B 85 -27.69 1.34 13.54
CA VAL B 85 -27.25 2.14 12.42
C VAL B 85 -27.23 1.31 11.14
N THR B 86 -27.74 1.91 10.07
CA THR B 86 -27.59 1.37 8.74
C THR B 86 -26.83 2.36 7.87
N THR B 87 -25.77 1.87 7.21
CA THR B 87 -24.98 2.63 6.25
C THR B 87 -25.26 2.16 4.83
N VAL B 88 -24.66 2.81 3.84
CA VAL B 88 -24.79 2.43 2.44
C VAL B 88 -24.40 0.94 2.27
N GLU B 89 -23.40 0.47 3.03
CA GLU B 89 -22.95 -0.95 2.95
C GLU B 89 -24.04 -1.91 3.48
N GLY B 90 -24.91 -1.41 4.35
CA GLY B 90 -25.93 -2.23 5.01
C GLY B 90 -27.13 -2.54 4.12
N ILE B 91 -27.31 -1.84 2.99
CA ILE B 91 -28.53 -2.00 2.22
C ILE B 91 -28.29 -2.82 0.95
N GLY B 92 -27.04 -2.96 0.49
CA GLY B 92 -26.75 -3.61 -0.74
C GLY B 92 -25.28 -3.42 -1.16
N ASN B 93 -24.87 -4.16 -2.19
CA ASN B 93 -23.53 -4.03 -2.71
C ASN B 93 -23.57 -4.42 -4.16
N THR B 94 -22.42 -4.37 -4.85
CA THR B 94 -22.50 -4.61 -6.30
C THR B 94 -22.93 -6.04 -6.63
N GLN B 95 -22.80 -6.98 -5.70
CA GLN B 95 -23.26 -8.35 -5.94
C GLN B 95 -24.80 -8.40 -5.86
N LYS B 96 -25.38 -7.51 -5.04
CA LYS B 96 -26.86 -7.39 -4.94
C LYS B 96 -27.23 -5.96 -4.54
N LEU B 97 -27.47 -5.11 -5.55
CA LEU B 97 -27.71 -3.72 -5.36
C LEU B 97 -29.13 -3.57 -4.81
N HIS B 98 -29.28 -2.68 -3.83
CA HIS B 98 -30.58 -2.25 -3.42
C HIS B 98 -31.21 -1.49 -4.58
N PRO B 99 -32.54 -1.57 -4.79
CA PRO B 99 -33.18 -0.75 -5.80
C PRO B 99 -32.79 0.74 -5.82
N VAL B 100 -32.60 1.34 -4.64
CA VAL B 100 -32.20 2.71 -4.61
C VAL B 100 -30.83 2.86 -5.32
N GLN B 101 -29.89 1.96 -5.00
CA GLN B 101 -28.54 2.01 -5.54
C GLN B 101 -28.57 1.78 -7.05
N GLU B 102 -29.37 0.81 -7.48
CA GLU B 102 -29.48 0.48 -8.89
C GLU B 102 -30.00 1.66 -9.70
N ARG B 103 -31.06 2.30 -9.20
CA ARG B 103 -31.74 3.32 -9.98
C ARG B 103 -30.89 4.58 -10.09
N ILE B 104 -30.17 4.96 -9.02
CA ILE B 104 -29.38 6.18 -9.11
C ILE B 104 -28.21 5.95 -10.08
N ALA B 105 -27.66 4.74 -10.08
CA ALA B 105 -26.53 4.40 -10.96
C ALA B 105 -27.01 4.38 -12.40
N ARG B 106 -28.10 3.62 -12.66
CA ARG B 106 -28.50 3.38 -14.05
C ARG B 106 -29.10 4.64 -14.70
N SER B 107 -29.61 5.58 -13.89
CA SER B 107 -30.22 6.80 -14.40
C SER B 107 -29.19 7.95 -14.61
N HIS B 108 -27.91 7.66 -14.39
CA HIS B 108 -26.79 8.58 -14.58
C HIS B 108 -26.85 9.66 -13.50
N GLY B 109 -27.23 9.23 -12.31
CA GLY B 109 -27.37 10.05 -11.08
C GLY B 109 -26.08 10.18 -10.30
N SER B 110 -25.01 9.52 -10.77
CA SER B 110 -23.72 9.45 -10.08
C SER B 110 -22.61 9.75 -11.08
N GLN B 111 -21.87 10.81 -10.82
CA GLN B 111 -20.77 11.26 -11.69
C GLN B 111 -19.48 11.04 -10.89
N CYS B 112 -19.06 12.00 -10.05
CA CYS B 112 -17.85 11.76 -9.21
C CYS B 112 -18.11 10.69 -8.14
N GLY B 113 -19.37 10.57 -7.71
CA GLY B 113 -19.80 9.50 -6.81
C GLY B 113 -19.72 9.83 -5.32
N PHE B 114 -19.10 10.96 -4.96
CA PHE B 114 -18.83 11.21 -3.54
C PHE B 114 -20.11 11.53 -2.74
N CYS B 115 -21.13 12.13 -3.37
CA CYS B 115 -22.39 12.43 -2.72
C CYS B 115 -23.37 11.24 -2.79
N THR B 116 -23.01 10.22 -3.57
CA THR B 116 -23.99 9.19 -3.92
C THR B 116 -24.43 8.41 -2.71
N PRO B 117 -23.54 7.91 -1.84
CA PRO B 117 -23.98 7.20 -0.65
C PRO B 117 -24.97 7.99 0.21
N GLY B 118 -24.67 9.25 0.50
CA GLY B 118 -25.54 10.03 1.34
C GLY B 118 -26.93 10.19 0.72
N ILE B 119 -26.98 10.40 -0.60
CA ILE B 119 -28.27 10.62 -1.30
C ILE B 119 -29.02 9.29 -1.29
N VAL B 120 -28.32 8.18 -1.53
CA VAL B 120 -28.86 6.85 -1.41
C VAL B 120 -29.50 6.66 -0.03
N MET B 121 -28.82 7.10 1.03
CA MET B 121 -29.35 6.84 2.35
C MET B 121 -30.54 7.77 2.66
N SER B 122 -30.54 9.01 2.13
CA SER B 122 -31.71 9.84 2.25
C SER B 122 -32.93 9.18 1.60
N MET B 123 -32.76 8.67 0.38
CA MET B 123 -33.87 8.04 -0.39
C MET B 123 -34.30 6.74 0.29
N TYR B 124 -33.30 5.96 0.76
CA TYR B 124 -33.55 4.71 1.40
C TYR B 124 -34.40 4.93 2.65
N THR B 125 -34.03 5.93 3.46
CA THR B 125 -34.78 6.20 4.71
C THR B 125 -36.24 6.59 4.39
N LEU B 126 -36.44 7.48 3.42
CA LEU B 126 -37.76 7.86 2.96
C LEU B 126 -38.57 6.59 2.69
N LEU B 127 -37.99 5.63 1.93
CA LEU B 127 -38.73 4.44 1.51
C LEU B 127 -39.06 3.54 2.71
N ARG B 128 -38.22 3.52 3.75
CA ARG B 128 -38.48 2.72 4.91
C ARG B 128 -39.67 3.33 5.71
N ASN B 129 -39.90 4.62 5.54
CA ASN B 129 -40.97 5.37 6.23
C ASN B 129 -42.22 5.44 5.36
N GLN B 130 -42.04 5.56 4.03
CA GLN B 130 -43.15 5.79 3.12
C GLN B 130 -42.83 5.01 1.85
N PRO B 131 -43.29 3.75 1.73
CA PRO B 131 -42.91 2.91 0.59
C PRO B 131 -43.49 3.43 -0.73
N GLU B 132 -44.46 4.34 -0.68
CA GLU B 132 -44.99 4.92 -1.89
C GLU B 132 -45.00 6.44 -1.77
N PRO B 133 -43.83 7.10 -1.83
CA PRO B 133 -43.77 8.53 -1.61
C PRO B 133 -44.34 9.30 -2.81
N THR B 134 -44.67 10.57 -2.59
CA THR B 134 -44.98 11.52 -3.63
C THR B 134 -43.68 12.11 -4.20
N VAL B 135 -43.78 12.69 -5.40
CA VAL B 135 -42.72 13.45 -6.02
C VAL B 135 -42.20 14.52 -5.06
N GLU B 136 -43.10 15.22 -4.36
CA GLU B 136 -42.72 16.29 -3.45
C GLU B 136 -41.95 15.73 -2.27
N GLU B 137 -42.41 14.60 -1.73
CA GLU B 137 -41.73 13.95 -0.60
C GLU B 137 -40.29 13.55 -1.00
N ILE B 138 -40.14 13.09 -2.24
CA ILE B 138 -38.84 12.65 -2.76
C ILE B 138 -37.91 13.87 -2.78
N GLU B 139 -38.34 14.98 -3.38
CA GLU B 139 -37.51 16.20 -3.43
C GLU B 139 -37.14 16.61 -2.00
N ASN B 140 -38.12 16.55 -1.08
CA ASN B 140 -37.96 17.00 0.31
C ASN B 140 -36.95 16.14 1.07
N ALA B 141 -36.75 14.90 0.64
CA ALA B 141 -35.79 14.01 1.30
C ALA B 141 -34.35 14.53 1.19
N PHE B 142 -34.08 15.42 0.21
CA PHE B 142 -32.73 15.82 -0.16
C PHE B 142 -32.45 17.30 0.16
N GLN B 143 -33.27 17.92 1.00
CA GLN B 143 -32.99 19.31 1.36
C GLN B 143 -31.61 19.42 2.01
N GLY B 144 -31.17 18.34 2.64
CA GLY B 144 -29.91 18.28 3.31
C GLY B 144 -28.78 17.60 2.57
N ASN B 145 -28.94 17.33 1.26
CA ASN B 145 -27.93 16.66 0.42
C ASN B 145 -27.51 17.58 -0.73
N LEU B 146 -26.18 17.69 -0.95
CA LEU B 146 -25.62 18.46 -2.02
C LEU B 146 -24.91 17.55 -3.04
N CYS B 147 -25.01 17.93 -4.30
CA CYS B 147 -24.27 17.31 -5.37
C CYS B 147 -23.70 18.44 -6.23
N ARG B 148 -22.40 18.37 -6.54
CA ARG B 148 -21.75 19.43 -7.27
C ARG B 148 -21.68 19.09 -8.76
N CYS B 149 -21.90 17.83 -9.14
CA CYS B 149 -21.61 17.41 -10.51
C CYS B 149 -22.83 17.28 -11.42
N THR B 150 -23.93 16.70 -10.89
CA THR B 150 -24.96 16.17 -11.74
C THR B 150 -26.00 17.24 -12.18
N GLY B 151 -26.12 18.34 -11.46
CA GLY B 151 -27.20 19.27 -11.73
C GLY B 151 -28.54 18.72 -11.27
N TYR B 152 -28.51 17.65 -10.48
CA TYR B 152 -29.61 17.04 -9.75
C TYR B 152 -30.67 16.35 -10.61
N ARG B 153 -30.99 16.92 -11.78
CA ARG B 153 -32.03 16.38 -12.68
C ARG B 153 -32.08 14.85 -12.71
N PRO B 154 -30.98 14.13 -13.07
CA PRO B 154 -31.04 12.67 -13.23
C PRO B 154 -31.36 11.92 -11.94
N ILE B 155 -30.95 12.49 -10.80
CA ILE B 155 -31.20 11.86 -9.52
C ILE B 155 -32.72 11.83 -9.28
N LEU B 156 -33.38 12.98 -9.49
CA LEU B 156 -34.82 13.08 -9.21
C LEU B 156 -35.57 12.24 -10.26
N GLN B 157 -35.10 12.29 -11.51
CA GLN B 157 -35.75 11.53 -12.59
C GLN B 157 -35.69 10.02 -12.33
N GLY B 158 -34.52 9.49 -11.95
CA GLY B 158 -34.41 8.06 -11.59
C GLY B 158 -35.32 7.68 -10.42
N PHE B 159 -35.33 8.53 -9.41
CA PHE B 159 -36.09 8.25 -8.17
C PHE B 159 -37.59 8.48 -8.37
N ARG B 160 -37.99 9.30 -9.36
CA ARG B 160 -39.44 9.55 -9.67
C ARG B 160 -40.16 8.20 -9.89
N THR B 161 -39.42 7.19 -10.35
CA THR B 161 -39.94 5.86 -10.58
C THR B 161 -40.46 5.23 -9.29
N PHE B 162 -40.05 5.71 -8.10
CA PHE B 162 -40.61 5.19 -6.83
C PHE B 162 -41.94 5.86 -6.46
N ALA B 163 -42.32 6.95 -7.13
CA ALA B 163 -43.38 7.84 -6.63
C ALA B 163 -44.77 7.31 -7.01
N LYS B 164 -45.78 7.52 -6.15
CA LYS B 164 -47.22 7.43 -6.57
C LYS B 164 -47.54 6.04 -7.10
N PRO B 192 -34.76 8.12 -28.56
CA PRO B 192 -33.90 7.18 -27.78
C PRO B 192 -33.84 7.65 -26.31
N SER B 193 -33.74 6.71 -25.36
CA SER B 193 -33.84 6.99 -23.89
C SER B 193 -32.46 6.96 -23.23
N LEU B 194 -32.25 7.72 -22.15
CA LEU B 194 -30.93 7.66 -21.45
C LEU B 194 -30.85 6.41 -20.56
N PHE B 195 -32.02 5.91 -20.11
CA PHE B 195 -32.06 4.74 -19.31
C PHE B 195 -33.46 4.13 -19.45
N ASN B 196 -33.62 2.90 -18.99
CA ASN B 196 -34.87 2.15 -19.20
C ASN B 196 -35.43 1.74 -17.84
N PRO B 197 -36.41 2.48 -17.30
CA PRO B 197 -36.96 2.19 -15.97
C PRO B 197 -37.68 0.83 -15.90
N GLU B 198 -38.09 0.28 -17.05
CA GLU B 198 -38.78 -1.04 -17.07
C GLU B 198 -37.80 -2.19 -16.71
N ASP B 199 -36.47 -1.97 -16.77
CA ASP B 199 -35.50 -3.01 -16.40
C ASP B 199 -35.10 -2.89 -14.92
N PHE B 200 -35.66 -1.93 -14.18
CA PHE B 200 -35.37 -1.73 -12.77
C PHE B 200 -36.06 -2.83 -11.97
N LYS B 201 -35.35 -3.44 -11.02
CA LYS B 201 -35.96 -4.53 -10.27
C LYS B 201 -36.86 -3.91 -9.20
N PRO B 202 -37.95 -4.62 -8.83
CA PRO B 202 -38.95 -4.06 -7.94
C PRO B 202 -38.42 -4.16 -6.52
N LEU B 203 -39.00 -3.36 -5.66
CA LEU B 203 -38.71 -3.25 -4.27
C LEU B 203 -39.49 -4.36 -3.57
N ASP B 204 -38.81 -5.15 -2.72
CA ASP B 204 -39.45 -6.09 -1.78
C ASP B 204 -39.10 -5.68 -0.35
N PRO B 205 -39.96 -4.93 0.38
CA PRO B 205 -39.66 -4.51 1.75
C PRO B 205 -39.44 -5.60 2.79
N THR B 206 -39.88 -6.84 2.52
CA THR B 206 -39.61 -7.93 3.46
C THR B 206 -38.14 -8.34 3.43
N GLN B 207 -37.42 -7.89 2.41
CA GLN B 207 -36.02 -8.27 2.25
C GLN B 207 -35.09 -7.26 2.91
N GLU B 208 -35.61 -6.19 3.51
CA GLU B 208 -34.76 -5.22 4.29
C GLU B 208 -34.20 -5.87 5.55
N PRO B 209 -33.09 -5.36 6.14
CA PRO B 209 -32.53 -6.00 7.33
C PRO B 209 -33.47 -5.98 8.54
N ILE B 210 -33.51 -7.12 9.24
CA ILE B 210 -34.19 -7.33 10.52
C ILE B 210 -33.78 -6.23 11.49
N PHE B 211 -34.73 -5.74 12.29
CA PHE B 211 -34.39 -4.92 13.39
C PHE B 211 -33.73 -5.82 14.44
N PRO B 212 -32.51 -5.53 14.94
CA PRO B 212 -31.78 -6.46 15.84
C PRO B 212 -32.56 -7.00 17.03
N PRO B 213 -32.86 -8.32 17.07
CA PRO B 213 -33.78 -8.88 18.06
C PRO B 213 -33.34 -8.58 19.49
N GLU B 214 -32.03 -8.46 19.71
CA GLU B 214 -31.56 -8.11 21.03
C GLU B 214 -32.16 -6.78 21.51
N LEU B 215 -32.31 -5.80 20.59
CA LEU B 215 -32.77 -4.48 20.94
C LEU B 215 -34.25 -4.52 21.35
N LEU B 216 -35.04 -5.38 20.71
CA LEU B 216 -36.44 -5.55 21.08
C LEU B 216 -36.53 -6.19 22.46
N ARG B 217 -35.58 -7.08 22.78
CA ARG B 217 -35.58 -7.74 24.10
C ARG B 217 -35.30 -6.71 25.21
N LEU B 218 -34.38 -5.79 24.90
CA LEU B 218 -33.89 -4.79 25.85
C LEU B 218 -34.89 -3.65 26.03
N LYS B 219 -35.93 -3.56 25.19
CA LYS B 219 -36.92 -2.49 25.35
C LYS B 219 -37.76 -2.77 26.61
N ASP B 220 -37.66 -4.00 27.14
CA ASP B 220 -38.41 -4.44 28.33
C ASP B 220 -37.55 -4.34 29.61
N THR B 221 -36.39 -3.67 29.54
CA THR B 221 -35.57 -3.43 30.72
C THR B 221 -35.50 -1.91 30.91
N PRO B 222 -35.46 -1.38 32.15
CA PRO B 222 -35.44 0.07 32.35
C PRO B 222 -34.10 0.63 31.87
N GLN B 223 -34.11 1.85 31.35
CA GLN B 223 -32.88 2.56 30.99
C GLN B 223 -32.18 2.98 32.29
N LYS B 224 -30.88 2.73 32.37
CA LYS B 224 -30.09 3.22 33.49
C LYS B 224 -29.18 4.34 32.98
N LYS B 225 -28.85 5.25 33.88
CA LYS B 225 -27.93 6.30 33.65
C LYS B 225 -26.59 5.72 33.17
N LEU B 226 -25.93 6.37 32.20
CA LEU B 226 -24.59 5.93 31.73
C LEU B 226 -23.59 7.08 31.83
N ARG B 227 -22.33 6.73 32.00
CA ARG B 227 -21.26 7.68 32.06
C ARG B 227 -20.15 7.19 31.15
N PHE B 228 -19.70 8.08 30.26
CA PHE B 228 -18.61 7.84 29.35
C PHE B 228 -17.59 8.93 29.63
N GLU B 229 -16.31 8.53 29.71
CA GLU B 229 -15.18 9.45 29.95
C GLU B 229 -14.15 9.31 28.83
N GLY B 230 -13.88 10.43 28.16
CA GLY B 230 -12.88 10.54 27.12
C GLY B 230 -11.65 11.27 27.61
N GLU B 231 -10.78 11.65 26.66
CA GLU B 231 -9.55 12.41 26.91
C GLU B 231 -9.86 13.72 27.66
N ARG B 232 -10.99 14.38 27.35
CA ARG B 232 -11.28 15.71 27.90
C ARG B 232 -12.72 15.86 28.39
N VAL B 233 -13.63 15.00 27.95
CA VAL B 233 -15.05 15.25 28.12
C VAL B 233 -15.67 14.06 28.85
N THR B 234 -16.49 14.36 29.85
CA THR B 234 -17.36 13.41 30.47
C THR B 234 -18.79 13.62 29.99
N TRP B 235 -19.43 12.53 29.54
CA TRP B 235 -20.81 12.49 29.05
C TRP B 235 -21.69 11.66 29.99
N ILE B 236 -22.75 12.29 30.50
CA ILE B 236 -23.77 11.57 31.25
C ILE B 236 -25.05 11.45 30.41
N GLN B 237 -25.47 10.23 30.17
CA GLN B 237 -26.77 9.95 29.57
C GLN B 237 -27.79 9.77 30.69
N ALA B 238 -28.55 10.83 30.99
CA ALA B 238 -29.51 10.84 32.09
C ALA B 238 -30.76 10.03 31.73
N SER B 239 -31.25 9.18 32.65
CA SER B 239 -32.40 8.32 32.43
C SER B 239 -33.70 8.89 33.01
N THR B 240 -33.64 9.70 34.09
CA THR B 240 -34.84 10.30 34.70
C THR B 240 -34.67 11.81 34.86
N MET B 241 -35.81 12.48 35.06
CA MET B 241 -35.87 13.90 35.30
C MET B 241 -35.12 14.24 36.61
N GLU B 242 -35.34 13.42 37.64
CA GLU B 242 -34.67 13.60 38.92
C GLU B 242 -33.14 13.62 38.74
N GLU B 243 -32.58 12.67 37.97
CA GLU B 243 -31.12 12.61 37.75
C GLU B 243 -30.62 13.90 37.08
N LEU B 244 -31.39 14.39 36.11
CA LEU B 244 -31.02 15.57 35.37
C LEU B 244 -31.00 16.82 36.29
N LEU B 245 -32.10 16.99 37.04
CA LEU B 245 -32.22 18.13 37.96
C LEU B 245 -31.13 18.06 39.04
N ASP B 246 -30.93 16.87 39.65
CA ASP B 246 -29.89 16.71 40.69
C ASP B 246 -28.55 17.15 40.10
N LEU B 247 -28.25 16.66 38.89
CA LEU B 247 -26.98 16.97 38.23
C LEU B 247 -26.84 18.49 38.03
N LYS B 248 -27.89 19.15 37.52
CA LYS B 248 -27.79 20.55 37.23
C LYS B 248 -27.74 21.38 38.53
N ALA B 249 -28.34 20.86 39.61
CA ALA B 249 -28.24 21.51 40.94
C ALA B 249 -26.78 21.49 41.42
N GLN B 250 -26.19 20.30 41.50
CA GLN B 250 -24.81 20.09 41.99
C GLN B 250 -23.77 20.60 41.00
N HIS B 251 -24.08 20.59 39.70
CA HIS B 251 -23.09 20.97 38.72
C HIS B 251 -23.77 21.77 37.60
N PRO B 252 -24.08 23.08 37.83
CA PRO B 252 -24.76 23.90 36.81
C PRO B 252 -23.96 24.09 35.52
N ASP B 253 -22.65 23.87 35.58
CA ASP B 253 -21.75 23.89 34.43
C ASP B 253 -22.13 22.76 33.43
N ALA B 254 -22.78 21.68 33.88
CA ALA B 254 -23.11 20.56 33.01
C ALA B 254 -23.83 21.07 31.75
N LYS B 255 -23.28 20.75 30.57
CA LYS B 255 -23.81 21.23 29.29
C LYS B 255 -24.84 20.21 28.76
N LEU B 256 -26.09 20.65 28.60
CA LEU B 256 -27.11 19.80 27.95
C LEU B 256 -26.75 19.66 26.47
N VAL B 257 -26.80 18.42 25.97
CA VAL B 257 -26.77 18.08 24.52
C VAL B 257 -27.95 17.17 24.23
N VAL B 258 -28.75 17.57 23.24
CA VAL B 258 -29.81 16.74 22.73
C VAL B 258 -29.41 16.31 21.31
N GLY B 259 -29.62 17.18 20.32
CA GLY B 259 -29.31 16.83 18.92
C GLY B 259 -27.83 17.02 18.56
N ASN B 260 -27.12 17.90 19.30
CA ASN B 260 -25.73 18.24 19.07
C ASN B 260 -25.54 19.07 17.79
N THR B 261 -26.64 19.58 17.20
CA THR B 261 -26.52 20.25 15.93
C THR B 261 -26.02 21.68 16.13
N GLU B 262 -26.05 22.18 17.38
CA GLU B 262 -25.42 23.48 17.70
C GLU B 262 -24.11 23.25 18.43
N ILE B 263 -24.16 22.45 19.50
CA ILE B 263 -22.97 22.12 20.33
C ILE B 263 -21.86 21.51 19.47
N GLY B 264 -22.20 20.63 18.50
CA GLY B 264 -21.20 20.04 17.61
C GLY B 264 -20.45 21.08 16.80
N ILE B 265 -21.14 22.17 16.42
CA ILE B 265 -20.56 23.27 15.67
C ILE B 265 -19.63 24.08 16.60
N GLU B 266 -20.14 24.41 17.79
CA GLU B 266 -19.38 25.16 18.80
C GLU B 266 -18.05 24.46 19.08
N MET B 267 -18.08 23.12 19.21
CA MET B 267 -16.90 22.34 19.56
C MET B 267 -15.94 22.22 18.37
N LYS B 268 -16.48 21.98 17.17
CA LYS B 268 -15.64 21.70 16.02
C LYS B 268 -15.11 23.01 15.45
N PHE B 269 -15.94 24.06 15.42
CA PHE B 269 -15.56 25.22 14.65
C PHE B 269 -15.19 26.41 15.54
N LYS B 270 -15.65 26.48 16.79
CA LYS B 270 -15.31 27.65 17.60
C LYS B 270 -14.41 27.23 18.78
N ASN B 271 -13.89 26.00 18.76
CA ASN B 271 -12.89 25.47 19.75
C ASN B 271 -13.42 25.53 21.19
N MET B 272 -14.74 25.40 21.35
CA MET B 272 -15.31 25.41 22.68
C MET B 272 -15.30 23.97 23.23
N LEU B 273 -14.93 23.85 24.50
CA LEU B 273 -14.82 22.57 25.17
C LEU B 273 -15.69 22.63 26.42
N PHE B 274 -16.71 21.78 26.46
CA PHE B 274 -17.54 21.61 27.62
C PHE B 274 -17.15 20.29 28.26
N PRO B 275 -16.40 20.30 29.39
CA PRO B 275 -15.85 19.06 29.96
C PRO B 275 -16.89 18.12 30.60
N LEU B 276 -18.05 18.66 30.98
CA LEU B 276 -19.16 17.85 31.42
C LEU B 276 -20.39 18.11 30.54
N ILE B 277 -20.89 17.03 29.92
CA ILE B 277 -22.06 17.10 29.06
C ILE B 277 -23.09 16.15 29.66
N VAL B 278 -24.35 16.57 29.69
CA VAL B 278 -25.44 15.68 30.04
C VAL B 278 -26.41 15.58 28.85
N CYS B 279 -26.75 14.35 28.44
CA CYS B 279 -27.73 14.12 27.39
C CYS B 279 -29.05 13.65 27.97
N PRO B 280 -30.11 14.49 27.91
CA PRO B 280 -31.43 14.11 28.45
C PRO B 280 -32.48 13.53 27.49
N ALA B 281 -32.06 13.09 26.29
CA ALA B 281 -32.94 12.72 25.22
C ALA B 281 -33.87 11.59 25.65
N TRP B 282 -33.41 10.72 26.54
CA TRP B 282 -34.21 9.56 26.96
C TRP B 282 -35.38 9.94 27.88
N ILE B 283 -35.33 11.11 28.50
CA ILE B 283 -36.27 11.40 29.60
C ILE B 283 -37.68 11.60 29.05
N PRO B 284 -38.70 10.84 29.52
CA PRO B 284 -40.05 10.90 28.94
C PRO B 284 -40.72 12.29 29.00
N GLU B 285 -40.47 13.03 30.08
CA GLU B 285 -41.13 14.30 30.29
C GLU B 285 -40.63 15.31 29.24
N LEU B 286 -39.39 15.14 28.76
CA LEU B 286 -38.87 16.08 27.75
C LEU B 286 -39.31 15.68 26.33
N ASN B 287 -40.07 14.60 26.19
CA ASN B 287 -40.41 14.05 24.89
C ASN B 287 -41.92 13.97 24.69
N SER B 288 -42.69 14.51 25.64
CA SER B 288 -44.16 14.42 25.66
C SER B 288 -44.80 15.47 24.75
N VAL B 289 -45.95 15.11 24.21
CA VAL B 289 -46.84 16.02 23.52
C VAL B 289 -48.20 15.95 24.22
N VAL B 290 -48.69 17.08 24.73
CA VAL B 290 -49.98 17.11 25.46
C VAL B 290 -50.84 18.20 24.81
N HIS B 291 -52.09 17.85 24.50
CA HIS B 291 -53.05 18.81 23.98
C HIS B 291 -53.76 19.49 25.14
N GLY B 292 -53.61 20.81 25.27
CA GLY B 292 -54.27 21.61 26.32
C GLY B 292 -55.37 22.50 25.73
N PRO B 293 -56.08 23.28 26.57
CA PRO B 293 -57.06 24.25 26.06
C PRO B 293 -56.49 25.43 25.22
N GLU B 294 -55.32 25.94 25.61
CA GLU B 294 -54.66 27.10 24.96
C GLU B 294 -53.81 26.66 23.75
N GLY B 295 -53.46 25.37 23.64
CA GLY B 295 -52.47 24.94 22.63
C GLY B 295 -51.92 23.54 22.85
N ILE B 296 -50.81 23.25 22.13
CA ILE B 296 -50.09 22.00 22.20
C ILE B 296 -48.71 22.25 22.82
N SER B 297 -48.44 21.51 23.90
CA SER B 297 -47.18 21.55 24.65
C SER B 297 -46.22 20.45 24.17
N PHE B 298 -45.00 20.83 23.82
CA PHE B 298 -43.99 19.88 23.38
C PHE B 298 -42.88 19.86 24.43
N GLY B 299 -42.53 18.65 24.89
CA GLY B 299 -41.28 18.45 25.62
C GLY B 299 -40.13 19.11 24.90
N ALA B 300 -39.17 19.69 25.65
CA ALA B 300 -38.13 20.52 25.03
C ALA B 300 -37.16 19.68 24.18
N SER B 301 -37.16 18.36 24.34
CA SER B 301 -36.22 17.45 23.63
C SER B 301 -36.88 16.82 22.40
N CYS B 302 -38.17 17.12 22.18
CA CYS B 302 -38.88 16.65 20.99
C CYS B 302 -38.13 17.11 19.75
N PRO B 303 -37.79 16.22 18.80
CA PRO B 303 -37.14 16.64 17.55
C PRO B 303 -38.08 17.51 16.71
N LEU B 304 -37.52 18.34 15.84
CA LEU B 304 -38.36 19.19 15.03
C LEU B 304 -39.20 18.36 14.05
N SER B 305 -38.69 17.16 13.66
CA SER B 305 -39.47 16.24 12.82
C SER B 305 -40.79 15.87 13.50
N LEU B 306 -40.78 15.68 14.82
CA LEU B 306 -42.00 15.31 15.56
C LEU B 306 -42.92 16.54 15.68
N VAL B 307 -42.36 17.72 15.94
CA VAL B 307 -43.17 18.95 15.97
C VAL B 307 -43.91 19.08 14.63
N GLU B 308 -43.16 18.89 13.54
CA GLU B 308 -43.72 18.92 12.19
C GLU B 308 -44.86 17.92 12.00
N SER B 309 -44.68 16.64 12.37
CA SER B 309 -45.72 15.66 12.08
C SER B 309 -46.98 15.91 12.94
N VAL B 310 -46.77 16.34 14.19
CA VAL B 310 -47.88 16.65 15.08
C VAL B 310 -48.65 17.87 14.54
N LEU B 311 -47.95 18.98 14.28
CA LEU B 311 -48.61 20.18 13.82
C LEU B 311 -49.30 19.94 12.47
N ALA B 312 -48.68 19.15 11.58
CA ALA B 312 -49.31 18.85 10.27
C ALA B 312 -50.68 18.17 10.46
N GLU B 313 -50.75 17.19 11.38
CA GLU B 313 -52.02 16.49 11.62
C GLU B 313 -53.07 17.46 12.18
N GLU B 314 -52.64 18.40 13.05
CA GLU B 314 -53.54 19.33 13.72
C GLU B 314 -54.11 20.31 12.71
N ILE B 315 -53.24 20.76 11.79
CA ILE B 315 -53.58 21.68 10.76
C ILE B 315 -54.57 21.01 9.80
N ALA B 316 -54.37 19.72 9.53
CA ALA B 316 -55.24 19.00 8.59
C ALA B 316 -56.64 18.83 9.18
N LYS B 317 -56.76 18.77 10.52
CA LYS B 317 -58.04 18.31 11.12
C LYS B 317 -58.80 19.47 11.80
N LEU B 318 -58.12 20.53 12.21
CA LEU B 318 -58.72 21.61 12.95
C LEU B 318 -59.20 22.68 11.99
N PRO B 319 -60.10 23.59 12.45
CA PRO B 319 -60.46 24.78 11.67
C PRO B 319 -59.26 25.72 11.47
N GLU B 320 -59.21 26.35 10.30
CA GLU B 320 -58.17 27.28 9.89
C GLU B 320 -58.05 28.40 10.93
N GLN B 321 -59.18 28.78 11.52
CA GLN B 321 -59.19 29.88 12.47
C GLN B 321 -58.24 29.59 13.66
N LYS B 322 -58.03 28.32 14.02
CA LYS B 322 -57.27 27.92 15.21
C LYS B 322 -55.79 27.61 14.90
N THR B 323 -55.41 27.52 13.61
CA THR B 323 -54.08 26.99 13.28
C THR B 323 -53.13 28.03 12.68
N GLU B 324 -53.41 29.32 12.88
CA GLU B 324 -52.59 30.35 12.26
C GLU B 324 -51.12 30.23 12.73
N VAL B 325 -50.91 30.06 14.04
CA VAL B 325 -49.58 30.00 14.61
C VAL B 325 -48.93 28.68 14.19
N PHE B 326 -49.70 27.59 14.20
CA PHE B 326 -49.17 26.28 13.78
C PHE B 326 -48.61 26.36 12.35
N ARG B 327 -49.37 26.99 11.44
CA ARG B 327 -48.97 27.16 10.04
C ARG B 327 -47.71 28.05 9.95
N GLY B 328 -47.56 29.00 10.87
CA GLY B 328 -46.37 29.87 10.87
C GLY B 328 -45.10 29.05 11.12
N VAL B 329 -45.14 28.23 12.17
CA VAL B 329 -44.09 27.32 12.57
C VAL B 329 -43.79 26.37 11.40
N MET B 330 -44.82 25.73 10.83
CA MET B 330 -44.64 24.81 9.71
C MET B 330 -43.93 25.50 8.53
N GLU B 331 -44.23 26.77 8.28
CA GLU B 331 -43.69 27.47 7.13
C GLU B 331 -42.19 27.69 7.34
N GLN B 332 -41.81 27.99 8.58
CA GLN B 332 -40.39 28.14 8.95
C GLN B 332 -39.67 26.78 8.84
N LEU B 333 -40.29 25.70 9.35
CA LEU B 333 -39.67 24.38 9.33
C LEU B 333 -39.46 23.84 7.92
N ARG B 334 -40.26 24.28 6.95
CA ARG B 334 -40.03 23.97 5.50
C ARG B 334 -38.60 24.33 5.06
N TRP B 335 -38.11 25.44 5.58
CA TRP B 335 -36.84 26.01 5.16
C TRP B 335 -35.79 25.90 6.29
N PHE B 336 -36.02 24.99 7.25
CA PHE B 336 -35.14 24.74 8.37
C PHE B 336 -34.29 23.49 8.07
N ALA B 337 -33.02 23.71 7.73
CA ALA B 337 -32.05 22.62 7.46
C ALA B 337 -32.63 21.60 6.46
N GLY B 338 -32.45 20.30 6.74
CA GLY B 338 -33.02 19.19 6.04
C GLY B 338 -33.47 18.07 6.98
N LYS B 339 -33.77 16.91 6.40
CA LYS B 339 -34.36 15.80 7.20
C LYS B 339 -33.38 15.31 8.27
N GLN B 340 -32.08 15.26 7.93
CA GLN B 340 -31.05 14.72 8.79
C GLN B 340 -30.93 15.59 10.04
N VAL B 341 -30.94 16.90 9.86
CA VAL B 341 -30.83 17.80 11.04
C VAL B 341 -32.15 17.77 11.83
N LYS B 342 -33.30 17.74 11.14
CA LYS B 342 -34.59 17.88 11.87
C LYS B 342 -34.99 16.62 12.62
N SER B 343 -34.37 15.48 12.30
CA SER B 343 -34.58 14.25 12.98
C SER B 343 -34.05 14.31 14.40
N VAL B 344 -33.01 15.11 14.61
CA VAL B 344 -32.37 15.12 15.92
C VAL B 344 -32.35 16.49 16.57
N ALA B 345 -32.39 17.58 15.78
CA ALA B 345 -32.53 18.96 16.34
C ALA B 345 -33.82 19.10 17.15
N SER B 346 -33.71 19.62 18.38
CA SER B 346 -34.83 19.73 19.28
C SER B 346 -35.38 21.16 19.27
N ILE B 347 -36.67 21.27 19.58
CA ILE B 347 -37.36 22.52 19.75
C ILE B 347 -36.74 23.30 20.91
N GLY B 348 -36.46 22.65 22.05
CA GLY B 348 -35.81 23.37 23.15
C GLY B 348 -34.40 23.81 22.82
N GLY B 349 -33.67 23.00 22.04
CA GLY B 349 -32.31 23.36 21.63
C GLY B 349 -32.27 24.62 20.78
N ASN B 350 -33.23 24.75 19.86
CA ASN B 350 -33.33 26.00 19.07
C ASN B 350 -33.57 27.19 20.00
N ILE B 351 -34.48 27.01 20.96
CA ILE B 351 -34.87 28.15 21.86
C ILE B 351 -33.65 28.62 22.67
N ILE B 352 -32.94 27.66 23.28
CA ILE B 352 -31.94 28.02 24.28
C ILE B 352 -30.65 28.42 23.57
N THR B 353 -30.42 27.89 22.36
CA THR B 353 -29.30 28.33 21.54
C THR B 353 -29.36 29.84 21.41
N ALA B 354 -30.56 30.39 21.21
CA ALA B 354 -30.75 31.86 21.25
C ALA B 354 -29.89 32.52 20.17
N SER B 355 -29.86 31.91 18.99
CA SER B 355 -29.13 32.50 17.91
C SER B 355 -29.88 33.74 17.44
N PRO B 356 -29.17 34.82 17.06
CA PRO B 356 -29.82 35.96 16.42
C PRO B 356 -30.65 35.57 15.19
N ILE B 357 -30.27 34.47 14.52
CA ILE B 357 -30.93 34.10 13.28
C ILE B 357 -31.84 32.87 13.47
N SER B 358 -32.22 32.52 14.70
CA SER B 358 -33.25 31.51 14.95
C SER B 358 -34.48 31.82 14.08
N ASP B 359 -35.00 30.81 13.39
CA ASP B 359 -36.17 30.97 12.61
C ASP B 359 -37.42 30.74 13.46
N LEU B 360 -37.25 30.09 14.62
CA LEU B 360 -38.39 29.69 15.45
C LEU B 360 -38.68 30.71 16.55
N ASN B 361 -37.63 31.33 17.12
CA ASN B 361 -37.82 32.20 18.29
C ASN B 361 -38.65 33.43 17.93
N PRO B 362 -38.50 33.99 16.71
CA PRO B 362 -39.38 35.07 16.29
C PRO B 362 -40.86 34.65 16.22
N VAL B 363 -41.14 33.40 15.85
CA VAL B 363 -42.51 32.89 15.78
C VAL B 363 -43.03 32.68 17.21
N PHE B 364 -42.18 32.11 18.07
CA PHE B 364 -42.55 31.89 19.47
C PHE B 364 -42.76 33.20 20.26
N MET B 365 -41.95 34.22 19.95
CA MET B 365 -42.04 35.53 20.60
C MET B 365 -43.30 36.26 20.11
N ALA B 366 -43.55 36.24 18.80
CA ALA B 366 -44.69 36.89 18.22
C ALA B 366 -45.98 36.26 18.73
N SER B 367 -45.98 34.95 19.00
CA SER B 367 -47.20 34.30 19.43
C SER B 367 -47.28 34.17 20.96
N GLY B 368 -46.35 34.77 21.71
CA GLY B 368 -46.30 34.68 23.19
C GLY B 368 -46.28 33.25 23.70
N ALA B 369 -45.53 32.35 23.05
CA ALA B 369 -45.53 30.94 23.43
C ALA B 369 -45.09 30.80 24.89
N LYS B 370 -45.70 29.84 25.58
CA LYS B 370 -45.53 29.62 27.00
C LYS B 370 -44.47 28.53 27.23
N LEU B 371 -43.42 28.91 27.98
CA LEU B 371 -42.26 28.08 28.34
C LEU B 371 -42.32 27.72 29.84
N THR B 372 -42.17 26.44 30.15
CA THR B 372 -42.03 25.95 31.51
C THR B 372 -40.56 25.64 31.81
N LEU B 373 -40.04 26.24 32.88
CA LEU B 373 -38.67 26.09 33.34
C LEU B 373 -38.68 25.38 34.70
N VAL B 374 -37.73 24.46 34.89
CA VAL B 374 -37.61 23.67 36.13
C VAL B 374 -36.14 23.58 36.53
N SER B 375 -35.95 23.52 37.86
CA SER B 375 -34.72 23.09 38.53
C SER B 375 -35.12 22.15 39.67
N ARG B 376 -34.14 21.54 40.35
CA ARG B 376 -34.49 20.73 41.53
C ARG B 376 -35.28 21.62 42.51
N GLY B 377 -36.51 21.22 42.78
CA GLY B 377 -37.42 21.92 43.68
C GLY B 377 -38.02 23.21 43.12
N THR B 378 -37.82 23.57 41.84
CA THR B 378 -38.49 24.80 41.31
C THR B 378 -39.17 24.53 39.96
N ARG B 379 -40.17 25.37 39.69
CA ARG B 379 -40.98 25.34 38.50
C ARG B 379 -41.56 26.74 38.32
N ARG B 380 -41.35 27.34 37.14
CA ARG B 380 -42.01 28.60 36.75
C ARG B 380 -42.37 28.54 35.25
N THR B 381 -43.41 29.30 34.88
CA THR B 381 -43.92 29.44 33.54
C THR B 381 -43.69 30.89 33.12
N VAL B 382 -43.18 31.13 31.91
CA VAL B 382 -43.10 32.49 31.35
C VAL B 382 -43.65 32.45 29.92
N ARG B 383 -44.11 33.62 29.44
CA ARG B 383 -44.48 33.84 28.05
C ARG B 383 -43.25 34.43 27.37
N MET B 384 -42.76 33.81 26.29
CA MET B 384 -41.64 34.40 25.58
C MET B 384 -42.04 35.80 25.09
N ASP B 385 -41.20 36.77 25.44
CA ASP B 385 -41.26 38.13 25.02
C ASP B 385 -39.81 38.62 25.05
N HIS B 386 -39.59 39.92 24.82
CA HIS B 386 -38.26 40.45 24.64
C HIS B 386 -37.37 40.14 25.85
N THR B 387 -37.97 40.02 27.05
CA THR B 387 -37.24 39.74 28.34
C THR B 387 -36.53 38.38 28.32
N PHE B 388 -37.09 37.42 27.59
CA PHE B 388 -36.56 36.06 27.59
C PHE B 388 -35.12 36.06 27.05
N PHE B 389 -34.82 36.97 26.12
CA PHE B 389 -33.53 37.08 25.43
C PHE B 389 -32.86 38.41 25.80
N PRO B 390 -32.08 38.46 26.89
CA PRO B 390 -31.51 39.72 27.37
C PRO B 390 -30.14 40.13 26.82
N GLY B 391 -29.61 39.39 25.85
CA GLY B 391 -28.22 39.55 25.48
C GLY B 391 -27.73 38.40 24.65
N TYR B 392 -26.67 38.66 23.89
CA TYR B 392 -26.11 37.76 22.94
C TYR B 392 -26.03 36.33 23.51
N ARG B 393 -26.93 35.48 23.02
CA ARG B 393 -26.95 34.05 23.20
C ARG B 393 -27.27 33.73 24.66
N LYS B 394 -28.00 34.63 25.32
CA LYS B 394 -28.41 34.42 26.67
C LYS B 394 -29.93 34.32 26.74
N THR B 395 -30.40 33.54 27.71
CA THR B 395 -31.77 33.54 28.13
C THR B 395 -31.83 33.90 29.62
N LEU B 396 -33.05 34.01 30.12
CA LEU B 396 -33.33 34.33 31.52
C LEU B 396 -33.43 33.03 32.33
N LEU B 397 -32.88 31.93 31.80
CA LEU B 397 -32.73 30.73 32.58
C LEU B 397 -31.64 30.94 33.62
N ARG B 398 -31.91 30.47 34.83
CA ARG B 398 -30.88 30.32 35.85
C ARG B 398 -29.95 29.17 35.43
N PRO B 399 -28.64 29.19 35.81
CA PRO B 399 -27.70 28.16 35.36
C PRO B 399 -28.11 26.73 35.74
N GLU B 400 -28.87 26.57 36.83
CA GLU B 400 -29.31 25.27 37.29
C GLU B 400 -30.67 24.86 36.69
N GLU B 401 -31.26 25.73 35.85
CA GLU B 401 -32.58 25.50 35.27
C GLU B 401 -32.47 24.82 33.89
N ILE B 402 -33.46 24.00 33.54
CA ILE B 402 -33.62 23.48 32.16
C ILE B 402 -35.00 23.90 31.65
N LEU B 403 -35.15 23.96 30.32
CA LEU B 403 -36.45 24.14 29.67
C LEU B 403 -37.16 22.78 29.61
N LEU B 404 -38.36 22.67 30.20
CA LEU B 404 -39.13 21.43 30.20
C LEU B 404 -40.02 21.31 28.95
N SER B 405 -40.76 22.38 28.62
CA SER B 405 -41.77 22.31 27.58
C SER B 405 -42.05 23.71 27.03
N ILE B 406 -42.62 23.72 25.83
CA ILE B 406 -43.12 24.92 25.14
C ILE B 406 -44.53 24.61 24.61
N GLU B 407 -45.49 25.50 24.93
CA GLU B 407 -46.82 25.41 24.43
C GLU B 407 -46.96 26.34 23.24
N ILE B 408 -47.19 25.78 22.05
CA ILE B 408 -47.46 26.57 20.88
C ILE B 408 -48.98 26.82 20.85
N PRO B 409 -49.45 28.09 20.83
CA PRO B 409 -50.88 28.36 21.01
C PRO B 409 -51.77 28.20 19.77
N TYR B 410 -53.01 27.76 20.03
CA TYR B 410 -54.09 27.92 19.10
C TYR B 410 -54.26 29.41 18.83
N SER B 411 -54.63 29.78 17.60
CA SER B 411 -54.99 31.15 17.30
C SER B 411 -56.48 31.35 17.65
N LYS B 412 -56.85 32.60 17.97
CA LYS B 412 -58.25 32.96 18.26
C LYS B 412 -58.94 33.55 17.02
N GLU B 413 -60.28 33.69 17.13
CA GLU B 413 -61.08 34.46 16.13
C GLU B 413 -60.51 35.88 16.03
N GLY B 414 -60.25 36.32 14.79
CA GLY B 414 -59.75 37.65 14.52
C GLY B 414 -58.26 37.78 14.78
N GLU B 415 -57.55 36.64 14.90
CA GLU B 415 -56.09 36.58 15.12
C GLU B 415 -55.43 35.92 13.90
N PHE B 416 -54.50 36.64 13.30
CA PHE B 416 -53.81 36.20 12.09
C PHE B 416 -52.31 36.21 12.31
N PHE B 417 -51.64 35.30 11.61
CA PHE B 417 -50.21 35.03 11.80
C PHE B 417 -49.53 34.77 10.43
N SER B 418 -48.38 35.40 10.24
CA SER B 418 -47.46 35.11 9.14
C SER B 418 -46.05 34.90 9.70
N ALA B 419 -45.29 34.00 9.05
CA ALA B 419 -43.88 33.89 9.30
C ALA B 419 -43.15 34.01 7.96
N PHE B 420 -41.94 34.57 8.00
CA PHE B 420 -41.12 34.90 6.85
C PHE B 420 -39.66 34.57 7.13
N LYS B 421 -38.96 34.15 6.07
CA LYS B 421 -37.52 33.90 6.08
C LYS B 421 -36.99 34.24 4.69
N GLN B 422 -35.95 35.06 4.64
CA GLN B 422 -35.26 35.25 3.42
C GLN B 422 -33.80 35.01 3.73
N ALA B 423 -33.20 34.15 2.89
CA ALA B 423 -31.82 33.79 3.02
C ALA B 423 -31.10 34.00 1.67
N SER B 424 -29.93 33.38 1.47
CA SER B 424 -29.25 33.37 0.18
C SER B 424 -29.84 32.27 -0.73
N ARG B 425 -30.31 31.17 -0.14
CA ARG B 425 -30.90 30.01 -0.83
C ARG B 425 -32.11 29.55 -0.02
N ARG B 426 -33.16 29.02 -0.68
CA ARG B 426 -34.40 28.66 0.05
C ARG B 426 -34.13 27.53 1.06
N GLU B 427 -33.47 26.47 0.59
CA GLU B 427 -33.30 25.16 1.25
C GLU B 427 -31.99 25.18 2.07
N ASP B 428 -32.08 24.72 3.32
CA ASP B 428 -30.94 24.53 4.22
C ASP B 428 -30.00 25.74 4.21
N ASP B 429 -30.50 26.90 4.61
CA ASP B 429 -29.65 28.09 4.72
C ASP B 429 -29.97 28.83 6.02
N ILE B 430 -29.11 29.80 6.34
CA ILE B 430 -29.26 30.66 7.52
C ILE B 430 -30.01 31.92 7.09
N ALA B 431 -31.01 32.32 7.88
CA ALA B 431 -31.75 33.56 7.66
C ALA B 431 -30.82 34.77 7.57
N LYS B 432 -31.05 35.64 6.59
CA LYS B 432 -30.60 37.05 6.63
C LYS B 432 -31.56 37.85 7.51
N VAL B 433 -32.87 37.73 7.22
CA VAL B 433 -33.91 38.20 8.09
C VAL B 433 -34.96 37.12 8.20
N THR B 434 -35.50 36.93 9.40
CA THR B 434 -36.54 35.98 9.64
C THR B 434 -37.55 36.62 10.62
N SER B 435 -38.84 36.25 10.55
CA SER B 435 -39.85 37.03 11.29
C SER B 435 -41.11 36.23 11.57
N GLY B 436 -41.72 36.52 12.72
CA GLY B 436 -43.05 36.09 13.08
C GLY B 436 -43.90 37.35 13.24
N MET B 437 -45.10 37.37 12.65
CA MET B 437 -45.99 38.55 12.78
C MET B 437 -47.41 38.09 13.14
N ARG B 438 -47.99 38.81 14.12
CA ARG B 438 -49.28 38.48 14.71
C ARG B 438 -50.11 39.77 14.88
N VAL B 439 -51.38 39.69 14.48
CA VAL B 439 -52.34 40.78 14.73
C VAL B 439 -53.61 40.16 15.33
N LEU B 440 -54.18 40.84 16.34
CA LEU B 440 -55.49 40.46 16.90
C LEU B 440 -56.42 41.67 16.70
N PHE B 441 -57.60 41.44 16.12
CA PHE B 441 -58.57 42.52 15.93
C PHE B 441 -59.61 42.47 17.06
N LYS B 442 -60.11 43.65 17.48
CA LYS B 442 -61.31 43.74 18.35
C LYS B 442 -62.45 43.04 17.66
N PRO B 443 -63.25 42.18 18.34
CA PRO B 443 -64.24 41.36 17.64
C PRO B 443 -65.16 42.27 16.80
N GLY B 444 -65.43 41.85 15.56
CA GLY B 444 -66.34 42.52 14.64
C GLY B 444 -65.77 43.75 13.96
N THR B 445 -64.52 44.13 14.27
CA THR B 445 -63.84 45.29 13.67
C THR B 445 -62.62 44.87 12.85
N ILE B 446 -62.02 45.88 12.20
CA ILE B 446 -60.67 45.83 11.62
C ILE B 446 -59.75 46.73 12.45
N GLU B 447 -60.09 46.91 13.72
CA GLU B 447 -59.30 47.72 14.63
C GLU B 447 -58.36 46.79 15.42
N VAL B 448 -57.13 47.24 15.57
CA VAL B 448 -56.04 46.43 16.13
C VAL B 448 -56.20 46.43 17.65
N GLN B 449 -56.33 45.24 18.26
CA GLN B 449 -56.24 45.05 19.73
C GLN B 449 -54.80 44.75 20.16
N GLU B 450 -54.13 43.86 19.41
CA GLU B 450 -52.74 43.46 19.67
C GLU B 450 -52.00 43.36 18.34
N LEU B 451 -50.75 43.83 18.32
CA LEU B 451 -49.87 43.72 17.15
C LEU B 451 -48.46 43.39 17.63
N SER B 452 -47.85 42.33 17.06
CA SER B 452 -46.50 41.86 17.42
C SER B 452 -45.71 41.56 16.14
N LEU B 453 -44.61 42.26 15.95
CA LEU B 453 -43.67 42.05 14.83
C LEU B 453 -42.30 41.71 15.42
N CYS B 454 -41.89 40.43 15.28
CA CYS B 454 -40.59 40.01 15.82
C CYS B 454 -39.66 39.49 14.70
N PHE B 455 -38.37 39.72 14.91
CA PHE B 455 -37.36 39.58 13.89
C PHE B 455 -36.11 38.91 14.42
N GLY B 456 -35.58 38.03 13.58
CA GLY B 456 -34.22 37.56 13.63
C GLY B 456 -33.38 38.25 12.57
N GLY B 457 -32.07 38.29 12.81
CA GLY B 457 -31.10 38.76 11.87
C GLY B 457 -31.00 40.27 11.82
N MET B 458 -31.60 40.98 12.79
CA MET B 458 -31.54 42.44 12.79
C MET B 458 -30.85 43.00 14.06
N ALA B 459 -30.22 42.14 14.85
CA ALA B 459 -29.64 42.52 16.16
C ALA B 459 -28.92 41.29 16.67
N ASP B 460 -28.38 41.37 17.88
CA ASP B 460 -27.62 40.31 18.45
C ASP B 460 -28.56 39.37 19.20
N ARG B 461 -29.87 39.51 18.99
CA ARG B 461 -30.85 38.59 19.54
C ARG B 461 -32.17 38.70 18.75
N THR B 462 -33.10 37.78 19.03
CA THR B 462 -34.46 37.93 18.53
C THR B 462 -35.09 39.16 19.20
N ILE B 463 -35.58 40.12 18.40
CA ILE B 463 -36.17 41.42 18.97
C ILE B 463 -37.62 41.59 18.52
N SER B 464 -38.38 42.33 19.34
CA SER B 464 -39.74 42.79 19.04
C SER B 464 -39.67 44.27 18.67
N ALA B 465 -40.48 44.72 17.71
CA ALA B 465 -40.51 46.13 17.33
C ALA B 465 -41.42 46.90 18.32
N LEU B 466 -40.98 46.90 19.59
CA LEU B 466 -41.76 47.32 20.79
C LEU B 466 -42.10 48.80 20.78
N LYS B 467 -41.31 49.62 20.08
CA LYS B 467 -41.61 51.05 19.89
C LYS B 467 -42.70 51.27 18.82
N THR B 468 -42.64 50.54 17.70
CA THR B 468 -43.54 50.75 16.57
C THR B 468 -44.97 50.22 16.83
N THR B 469 -45.11 49.03 17.41
CA THR B 469 -46.41 48.37 17.43
C THR B 469 -47.40 48.98 18.42
N PRO B 470 -47.03 49.44 19.65
CA PRO B 470 -47.96 50.13 20.55
C PRO B 470 -48.80 51.25 19.88
N LYS B 471 -48.14 52.02 19.02
CA LYS B 471 -48.70 53.18 18.37
C LYS B 471 -49.83 52.84 17.41
N GLN B 472 -50.01 51.56 17.06
CA GLN B 472 -51.01 51.16 16.06
C GLN B 472 -52.23 50.55 16.76
N LEU B 473 -52.19 50.45 18.10
CA LEU B 473 -53.33 49.93 18.86
C LEU B 473 -54.53 50.88 18.67
N SER B 474 -55.70 50.30 18.41
CA SER B 474 -57.00 50.94 18.06
C SER B 474 -57.06 51.47 16.62
N LYS B 475 -55.95 51.50 15.87
CA LYS B 475 -56.02 51.94 14.46
C LYS B 475 -56.73 50.88 13.62
N SER B 476 -57.30 51.34 12.50
CA SER B 476 -57.91 50.42 11.50
C SER B 476 -56.80 49.93 10.54
N TRP B 477 -56.97 48.70 10.08
CA TRP B 477 -56.05 48.07 9.11
C TRP B 477 -56.21 48.72 7.74
N ASN B 478 -55.43 49.78 7.49
CA ASN B 478 -55.53 50.57 6.27
C ASN B 478 -54.17 51.16 5.90
N GLU B 479 -54.17 51.95 4.83
CA GLU B 479 -52.99 52.45 4.22
C GLU B 479 -52.19 53.28 5.24
N GLU B 480 -52.86 54.01 6.14
CA GLU B 480 -52.14 54.86 7.11
C GLU B 480 -51.37 53.98 8.10
N LEU B 481 -51.96 52.86 8.52
CA LEU B 481 -51.26 51.87 9.38
C LEU B 481 -50.05 51.32 8.60
N LEU B 482 -50.24 50.95 7.32
CA LEU B 482 -49.15 50.44 6.47
C LEU B 482 -48.00 51.42 6.55
N GLN B 483 -48.28 52.69 6.24
CA GLN B 483 -47.25 53.73 6.12
C GLN B 483 -46.63 54.02 7.48
N SER B 484 -47.43 53.99 8.55
CA SER B 484 -46.94 54.31 9.93
C SER B 484 -45.99 53.21 10.40
N VAL B 485 -46.40 51.95 10.21
CA VAL B 485 -45.58 50.78 10.60
C VAL B 485 -44.28 50.79 9.80
N CYS B 486 -44.32 51.04 8.48
CA CYS B 486 -43.07 51.06 7.70
C CYS B 486 -42.15 52.20 8.20
N ALA B 487 -42.69 53.40 8.41
CA ALA B 487 -41.83 54.47 8.90
C ALA B 487 -41.24 54.08 10.26
N GLY B 488 -42.06 53.46 11.13
CA GLY B 488 -41.60 53.06 12.47
C GLY B 488 -40.45 52.04 12.42
N LEU B 489 -40.63 50.99 11.62
CA LEU B 489 -39.66 49.90 11.42
C LEU B 489 -38.36 50.48 10.87
N ALA B 490 -38.45 51.38 9.88
CA ALA B 490 -37.23 51.98 9.31
C ALA B 490 -36.41 52.71 10.39
N GLU B 491 -37.09 53.40 11.32
CA GLU B 491 -36.41 54.13 12.42
C GLU B 491 -35.96 53.15 13.53
N GLU B 492 -36.86 52.26 13.96
CA GLU B 492 -36.62 51.38 15.09
C GLU B 492 -35.55 50.31 14.79
N LEU B 493 -35.49 49.77 13.56
CA LEU B 493 -34.57 48.60 13.30
C LEU B 493 -33.34 49.07 12.51
N GLN B 494 -32.54 49.90 13.17
CA GLN B 494 -31.32 50.48 12.61
C GLN B 494 -30.21 49.43 12.57
N LEU B 495 -29.32 49.56 11.59
CA LEU B 495 -28.13 48.76 11.51
C LEU B 495 -26.92 49.66 11.26
N ALA B 496 -25.85 49.41 12.03
CA ALA B 496 -24.61 50.10 11.85
C ALA B 496 -23.99 49.66 10.53
N PRO B 497 -23.43 50.60 9.73
CA PRO B 497 -22.54 50.24 8.63
C PRO B 497 -21.70 48.99 8.88
N ASP B 498 -21.33 48.75 10.14
CA ASP B 498 -20.37 47.72 10.48
C ASP B 498 -21.08 46.43 10.96
N ALA B 499 -22.38 46.29 10.76
CA ALA B 499 -23.09 45.21 11.42
C ALA B 499 -22.62 43.87 10.84
N PRO B 500 -22.44 42.84 11.69
CA PRO B 500 -21.92 41.56 11.19
C PRO B 500 -22.78 41.04 10.01
N GLY B 501 -22.14 40.51 8.96
CA GLY B 501 -22.84 39.99 7.77
C GLY B 501 -23.12 41.06 6.72
N GLY B 502 -23.02 42.34 7.06
CA GLY B 502 -23.29 43.43 6.11
C GLY B 502 -24.71 43.36 5.53
N MET B 503 -24.85 43.75 4.27
CA MET B 503 -26.13 43.82 3.53
C MET B 503 -27.18 44.59 4.35
N VAL B 504 -26.81 45.76 4.87
CA VAL B 504 -27.69 46.48 5.79
C VAL B 504 -28.90 47.00 5.03
N GLU B 505 -28.70 47.49 3.81
CA GLU B 505 -29.86 48.04 3.05
C GLU B 505 -30.88 46.94 2.73
N PHE B 506 -30.39 45.78 2.30
CA PHE B 506 -31.23 44.62 1.99
C PHE B 506 -32.00 44.17 3.24
N ARG B 507 -31.28 44.01 4.35
CA ARG B 507 -31.92 43.51 5.55
C ARG B 507 -33.01 44.48 6.00
N ARG B 508 -32.74 45.78 5.96
CA ARG B 508 -33.76 46.77 6.39
C ARG B 508 -35.00 46.70 5.46
N THR B 509 -34.72 46.66 4.17
CA THR B 509 -35.72 46.55 3.15
C THR B 509 -36.60 45.31 3.33
N LEU B 510 -36.02 44.17 3.77
CA LEU B 510 -36.79 42.94 3.98
C LEU B 510 -37.77 43.15 5.15
N THR B 511 -37.36 43.85 6.21
CA THR B 511 -38.28 44.00 7.37
C THR B 511 -39.57 44.69 6.90
N LEU B 512 -39.43 45.76 6.11
CA LEU B 512 -40.59 46.51 5.59
C LEU B 512 -41.37 45.65 4.59
N SER B 513 -40.62 44.93 3.73
CA SER B 513 -41.21 44.16 2.68
C SER B 513 -41.99 43.00 3.30
N PHE B 514 -41.45 42.37 4.35
CA PHE B 514 -42.17 41.31 5.00
C PHE B 514 -43.45 41.88 5.62
N PHE B 515 -43.35 43.06 6.25
CA PHE B 515 -44.54 43.65 6.89
C PHE B 515 -45.61 43.95 5.82
N PHE B 516 -45.16 44.45 4.66
CA PHE B 516 -46.10 44.69 3.52
C PHE B 516 -46.86 43.41 3.16
N LYS B 517 -46.12 42.29 3.09
CA LYS B 517 -46.75 41.06 2.70
C LYS B 517 -47.79 40.68 3.76
N PHE B 518 -47.41 40.85 5.03
CA PHE B 518 -48.31 40.51 6.12
C PHE B 518 -49.56 41.41 6.06
N TYR B 519 -49.33 42.71 5.80
CA TYR B 519 -50.40 43.71 5.68
C TYR B 519 -51.39 43.26 4.61
N LEU B 520 -50.88 42.92 3.40
CA LEU B 520 -51.71 42.47 2.30
C LEU B 520 -52.40 41.15 2.63
N THR B 521 -51.68 40.24 3.31
CA THR B 521 -52.21 38.92 3.65
C THR B 521 -53.41 39.09 4.60
N VAL B 522 -53.24 39.99 5.58
CA VAL B 522 -54.29 40.20 6.57
C VAL B 522 -55.50 40.84 5.88
N LEU B 523 -55.27 41.76 4.95
CA LEU B 523 -56.41 42.30 4.13
C LEU B 523 -57.21 41.13 3.57
N GLN B 524 -56.52 40.14 2.98
CA GLN B 524 -57.21 38.97 2.34
C GLN B 524 -57.93 38.15 3.40
N LYS B 525 -57.30 37.98 4.56
CA LYS B 525 -57.88 37.20 5.61
C LYS B 525 -59.11 37.93 6.16
N LEU B 526 -59.02 39.25 6.34
CA LEU B 526 -60.21 40.08 6.68
C LEU B 526 -61.32 39.88 5.63
N GLY B 527 -60.93 39.88 4.35
CA GLY B 527 -61.81 39.54 3.23
C GLY B 527 -62.58 38.26 3.49
N ARG B 528 -61.86 37.17 3.80
CA ARG B 528 -62.49 35.86 3.89
C ARG B 528 -63.33 35.78 5.17
N ALA B 529 -63.14 36.72 6.12
CA ALA B 529 -63.99 36.82 7.33
C ALA B 529 -65.21 37.73 7.07
N ASP B 530 -65.45 38.05 5.79
CA ASP B 530 -66.62 38.76 5.29
C ASP B 530 -66.58 40.24 5.70
N LEU B 531 -65.40 40.83 5.88
CA LEU B 531 -65.28 42.26 6.30
C LEU B 531 -64.60 43.10 5.22
N GLU B 532 -64.83 42.74 3.95
CA GLU B 532 -64.17 43.40 2.80
C GLU B 532 -64.61 44.85 2.70
N ASP B 533 -65.85 45.15 3.12
CA ASP B 533 -66.40 46.51 3.04
C ASP B 533 -65.61 47.47 3.92
N MET B 534 -65.18 47.02 5.11
CA MET B 534 -64.49 47.89 6.05
C MET B 534 -63.05 48.16 5.57
N CYS B 535 -62.28 47.09 5.30
CA CYS B 535 -60.91 47.19 4.73
C CYS B 535 -61.04 47.04 3.22
N GLY B 536 -60.16 47.63 2.40
CA GLY B 536 -60.38 47.50 0.90
C GLY B 536 -60.63 46.05 0.44
N LYS B 537 -60.96 45.86 -0.84
CA LYS B 537 -60.65 44.61 -1.55
C LYS B 537 -59.16 44.71 -1.97
N LEU B 538 -58.45 43.59 -2.09
CA LEU B 538 -57.06 43.62 -2.62
C LEU B 538 -57.12 43.84 -4.14
N ASP B 539 -56.39 44.85 -4.63
CA ASP B 539 -56.18 44.99 -6.07
C ASP B 539 -55.64 43.67 -6.63
N PRO B 540 -56.28 43.06 -7.68
CA PRO B 540 -55.87 41.73 -8.14
C PRO B 540 -54.42 41.66 -8.68
N THR B 541 -53.82 42.80 -9.04
CA THR B 541 -52.41 42.81 -9.46
C THR B 541 -51.46 42.75 -8.24
N PHE B 542 -52.02 42.74 -7.01
CA PHE B 542 -51.24 42.65 -5.78
C PHE B 542 -51.33 41.24 -5.19
N ALA B 543 -52.27 40.41 -5.65
CA ALA B 543 -52.57 39.13 -4.98
C ALA B 543 -51.34 38.21 -4.98
N SER B 544 -50.51 38.27 -6.03
CA SER B 544 -49.38 37.34 -6.14
C SER B 544 -48.32 37.64 -5.05
N ALA B 545 -48.33 38.86 -4.51
CA ALA B 545 -47.44 39.25 -3.36
C ALA B 545 -47.58 38.32 -2.16
N THR B 546 -48.75 37.73 -1.92
CA THR B 546 -49.00 37.05 -0.65
C THR B 546 -48.89 35.53 -0.76
N LEU B 547 -48.64 35.02 -1.98
CA LEU B 547 -48.63 33.58 -2.21
C LEU B 547 -47.46 32.97 -1.39
N LEU B 548 -47.69 31.83 -0.73
CA LEU B 548 -46.62 31.01 -0.11
C LEU B 548 -45.87 30.28 -1.23
N PHE B 549 -44.55 30.17 -1.12
CA PHE B 549 -43.74 29.53 -2.17
C PHE B 549 -44.26 28.12 -2.49
N GLN B 550 -44.38 27.81 -3.79
CA GLN B 550 -44.50 26.39 -4.31
C GLN B 550 -43.89 26.35 -5.71
N LYS B 551 -43.11 25.31 -6.06
CA LYS B 551 -42.37 25.37 -7.35
C LYS B 551 -43.29 24.85 -8.48
N ASP B 552 -43.70 23.58 -8.37
CA ASP B 552 -44.37 22.80 -9.46
C ASP B 552 -43.54 21.55 -9.74
N PRO B 553 -44.17 20.43 -10.14
CA PRO B 553 -43.43 19.21 -10.45
C PRO B 553 -42.54 19.48 -11.67
N PRO B 554 -41.32 18.90 -11.70
CA PRO B 554 -40.42 19.12 -12.83
C PRO B 554 -40.95 18.47 -14.11
N ALA B 555 -40.58 19.05 -15.26
CA ALA B 555 -40.75 18.43 -16.57
C ALA B 555 -39.43 18.54 -17.33
N ASN B 556 -38.80 17.41 -17.64
CA ASN B 556 -37.49 17.40 -18.24
C ASN B 556 -37.54 16.70 -19.59
N VAL B 557 -36.62 17.08 -20.48
CA VAL B 557 -36.50 16.46 -21.78
C VAL B 557 -35.01 16.30 -22.06
N GLN B 558 -34.58 15.11 -22.48
CA GLN B 558 -33.23 14.90 -22.99
C GLN B 558 -33.32 14.34 -24.40
N LEU B 559 -32.76 15.07 -25.36
CA LEU B 559 -32.78 14.66 -26.76
C LEU B 559 -31.34 14.45 -27.25
N PHE B 560 -31.07 13.32 -27.90
CA PHE B 560 -29.78 13.05 -28.47
C PHE B 560 -29.98 12.18 -29.73
N GLN B 561 -28.90 11.82 -30.42
CA GLN B 561 -29.01 11.11 -31.69
C GLN B 561 -28.68 9.64 -31.46
N GLU B 562 -29.53 8.79 -32.01
CA GLU B 562 -29.32 7.37 -32.04
C GLU B 562 -28.07 7.07 -32.90
N VAL B 563 -27.33 6.00 -32.61
CA VAL B 563 -26.23 5.64 -33.49
C VAL B 563 -26.84 4.99 -34.73
N PRO B 564 -26.09 4.85 -35.85
CA PRO B 564 -26.58 4.08 -37.00
C PRO B 564 -27.13 2.69 -36.67
N LYS B 565 -28.15 2.33 -37.46
CA LYS B 565 -28.80 1.02 -37.47
C LYS B 565 -27.75 -0.09 -37.55
N ASP B 566 -26.72 0.13 -38.41
CA ASP B 566 -25.77 -0.90 -38.79
C ASP B 566 -24.68 -1.05 -37.73
N GLN B 567 -24.57 -0.11 -36.79
CA GLN B 567 -23.47 -0.18 -35.80
C GLN B 567 -23.60 -1.45 -34.96
N SER B 568 -22.49 -2.15 -34.80
CA SER B 568 -22.40 -3.33 -33.95
C SER B 568 -22.96 -3.01 -32.57
N GLU B 569 -23.66 -3.98 -31.98
CA GLU B 569 -24.17 -3.82 -30.63
C GLU B 569 -23.01 -3.80 -29.61
N GLU B 570 -21.82 -4.28 -29.98
CA GLU B 570 -20.65 -4.24 -29.10
C GLU B 570 -19.85 -2.94 -29.25
N ASP B 571 -20.14 -2.16 -30.29
CA ASP B 571 -19.55 -0.84 -30.46
C ASP B 571 -20.38 0.16 -29.66
N MET B 572 -19.83 0.59 -28.51
CA MET B 572 -20.55 1.44 -27.56
C MET B 572 -20.28 2.94 -27.79
N VAL B 573 -19.41 3.29 -28.73
CA VAL B 573 -19.17 4.70 -29.08
C VAL B 573 -20.48 5.33 -29.60
N GLY B 574 -20.91 6.41 -28.94
CA GLY B 574 -22.16 7.11 -29.25
C GLY B 574 -23.37 6.52 -28.54
N ARG B 575 -23.20 5.46 -27.74
CA ARG B 575 -24.28 4.93 -26.93
C ARG B 575 -24.21 5.45 -25.50
N PRO B 576 -25.38 5.52 -24.81
CA PRO B 576 -25.40 6.06 -23.45
C PRO B 576 -25.00 5.07 -22.34
N LEU B 577 -23.75 4.63 -22.38
CA LEU B 577 -23.28 3.69 -21.41
C LEU B 577 -23.13 4.39 -20.04
N PRO B 578 -23.71 3.87 -18.95
CA PRO B 578 -23.49 4.46 -17.63
C PRO B 578 -22.00 4.48 -17.26
N HIS B 579 -21.62 5.50 -16.50
CA HIS B 579 -20.29 5.60 -15.88
C HIS B 579 -19.89 4.23 -15.35
N LEU B 580 -18.71 3.73 -15.73
CA LEU B 580 -18.27 2.41 -15.32
C LEU B 580 -18.23 2.20 -13.80
N ALA B 581 -18.11 3.23 -12.98
CA ALA B 581 -18.05 3.03 -11.56
C ALA B 581 -19.36 3.38 -10.86
N ALA B 582 -20.42 3.67 -11.62
CA ALA B 582 -21.65 4.15 -11.02
C ALA B 582 -22.18 3.13 -9.98
N ASN B 583 -22.11 1.81 -10.26
CA ASN B 583 -22.68 0.86 -9.33
C ASN B 583 -21.92 0.88 -8.00
N MET B 584 -20.59 0.94 -8.10
CA MET B 584 -19.70 0.94 -6.94
C MET B 584 -19.82 2.24 -6.16
N GLN B 585 -20.09 3.34 -6.87
CA GLN B 585 -20.28 4.64 -6.19
C GLN B 585 -21.58 4.61 -5.38
N ALA B 586 -22.64 4.08 -5.99
CA ALA B 586 -23.94 3.94 -5.28
C ALA B 586 -23.85 3.00 -4.07
N SER B 587 -22.95 2.03 -4.08
CA SER B 587 -22.82 1.04 -3.02
C SER B 587 -21.76 1.46 -1.97
N GLY B 588 -21.02 2.54 -2.23
CA GLY B 588 -19.97 2.97 -1.29
C GLY B 588 -18.72 2.10 -1.33
N GLU B 589 -18.60 1.28 -2.38
CA GLU B 589 -17.45 0.40 -2.55
C GLU B 589 -16.34 1.12 -3.32
N ALA B 590 -16.67 2.16 -4.11
CA ALA B 590 -15.69 2.94 -4.83
C ALA B 590 -14.75 3.60 -3.81
N VAL B 591 -13.45 3.49 -4.07
CA VAL B 591 -12.42 3.92 -3.11
C VAL B 591 -11.87 5.27 -3.54
N TYR B 592 -12.02 6.26 -2.66
CA TYR B 592 -11.40 7.59 -2.73
C TYR B 592 -10.21 7.57 -1.77
N CYS B 593 -9.31 8.54 -1.94
CA CYS B 593 -8.06 8.59 -1.22
C CYS B 593 -8.18 8.22 0.26
N ASP B 594 -9.00 8.94 1.05
CA ASP B 594 -9.10 8.74 2.48
C ASP B 594 -9.80 7.43 2.87
N ASP B 595 -10.42 6.74 1.90
CA ASP B 595 -11.01 5.43 2.14
C ASP B 595 -9.93 4.34 2.16
N ILE B 596 -8.74 4.62 1.64
CA ILE B 596 -7.66 3.66 1.68
C ILE B 596 -7.30 3.36 3.13
N PRO B 597 -7.16 2.07 3.52
CA PRO B 597 -6.85 1.72 4.89
C PRO B 597 -5.48 2.34 5.27
N ARG B 598 -5.39 2.76 6.52
CA ARG B 598 -4.14 3.30 7.11
C ARG B 598 -3.17 2.15 7.33
N TYR B 599 -1.87 2.36 7.07
CA TYR B 599 -0.86 1.48 7.61
C TYR B 599 -0.86 1.60 9.13
N GLU B 600 -0.43 0.52 9.79
CA GLU B 600 -0.34 0.47 11.22
C GLU B 600 0.57 1.60 11.75
N ASN B 601 1.57 2.03 10.96
CA ASN B 601 2.58 3.06 11.42
C ASN B 601 2.29 4.45 10.81
N GLU B 602 1.11 4.65 10.24
CA GLU B 602 0.81 5.87 9.47
C GLU B 602 0.55 7.03 10.44
N LEU B 603 1.02 8.22 10.06
CA LEU B 603 0.84 9.44 10.84
C LEU B 603 -0.10 10.40 10.10
N SER B 604 -0.65 11.37 10.84
CA SER B 604 -1.56 12.38 10.34
C SER B 604 -0.85 13.75 10.31
N LEU B 605 -1.17 14.57 9.31
CA LEU B 605 -0.58 15.91 9.18
C LEU B 605 -1.70 16.94 9.20
N ARG B 606 -1.45 18.05 9.89
CA ARG B 606 -2.33 19.21 9.85
C ARG B 606 -1.51 20.44 9.49
N LEU B 607 -2.01 21.20 8.51
CA LEU B 607 -1.34 22.41 8.08
C LEU B 607 -1.60 23.53 9.10
N VAL B 608 -0.60 24.40 9.27
CA VAL B 608 -0.78 25.59 10.15
C VAL B 608 -0.63 26.81 9.25
N THR B 609 -1.66 27.68 9.23
CA THR B 609 -1.74 28.74 8.28
C THR B 609 -1.73 30.10 8.98
N SER B 610 -1.26 31.09 8.22
CA SER B 610 -1.25 32.52 8.56
C SER B 610 -2.66 33.05 8.87
N THR B 611 -2.78 33.83 9.95
CA THR B 611 -3.99 34.58 10.27
C THR B 611 -3.84 36.07 9.94
N ARG B 612 -2.78 36.43 9.18
CA ARG B 612 -2.52 37.79 8.72
C ARG B 612 -2.33 37.80 7.20
N ALA B 613 -2.85 38.86 6.56
CA ALA B 613 -2.77 39.04 5.12
C ALA B 613 -1.35 39.39 4.68
N HIS B 614 -0.61 40.12 5.52
CA HIS B 614 0.78 40.46 5.18
C HIS B 614 1.50 40.88 6.46
N ALA B 615 2.56 40.15 6.79
CA ALA B 615 3.21 40.29 8.07
C ALA B 615 4.53 39.53 8.05
N LYS B 616 5.42 39.97 8.94
CA LYS B 616 6.63 39.30 9.27
C LYS B 616 6.29 38.24 10.31
N ILE B 617 6.91 37.06 10.18
CA ILE B 617 6.82 36.12 11.24
C ILE B 617 7.93 36.49 12.24
N THR B 618 7.56 36.95 13.44
CA THR B 618 8.59 37.38 14.41
C THR B 618 9.03 36.16 15.24
N SER B 619 8.12 35.25 15.59
CA SER B 619 8.56 34.05 16.26
C SER B 619 7.48 32.97 16.14
N ILE B 620 7.88 31.70 16.38
CA ILE B 620 6.96 30.56 16.48
C ILE B 620 7.22 29.82 17.79
N ASP B 621 6.17 29.60 18.56
CA ASP B 621 6.26 28.91 19.84
C ASP B 621 5.45 27.60 19.74
N THR B 622 6.13 26.47 19.80
CA THR B 622 5.49 25.15 19.70
C THR B 622 5.32 24.51 21.08
N SER B 623 5.54 25.27 22.18
CA SER B 623 5.56 24.70 23.53
C SER B 623 4.24 23.99 23.86
N GLU B 624 3.07 24.56 23.51
CA GLU B 624 1.77 23.89 23.78
C GLU B 624 1.57 22.69 22.83
N ALA B 625 1.92 22.85 21.55
CA ALA B 625 1.83 21.75 20.56
C ALA B 625 2.49 20.46 21.11
N LYS B 626 3.71 20.57 21.67
CA LYS B 626 4.55 19.45 22.19
C LYS B 626 3.88 18.66 23.32
N LYS B 627 2.93 19.26 24.03
CA LYS B 627 2.29 18.62 25.18
C LYS B 627 1.06 17.80 24.75
N VAL B 628 0.60 17.98 23.50
CA VAL B 628 -0.52 17.17 23.02
C VAL B 628 -0.05 15.73 22.85
N PRO B 629 -0.79 14.75 23.41
CA PRO B 629 -0.45 13.33 23.21
C PRO B 629 -0.38 13.02 21.69
N GLY B 630 0.65 12.26 21.29
CA GLY B 630 0.82 11.75 19.92
C GLY B 630 1.55 12.73 19.01
N PHE B 631 1.86 13.94 19.50
CA PHE B 631 2.62 14.93 18.74
C PHE B 631 3.94 14.29 18.29
N VAL B 632 4.34 14.52 17.03
CA VAL B 632 5.57 13.99 16.50
C VAL B 632 6.53 15.14 16.21
N CYS B 633 6.12 16.09 15.38
CA CYS B 633 6.99 17.23 15.05
C CYS B 633 6.19 18.34 14.33
N PHE B 634 6.78 19.53 14.27
CA PHE B 634 6.26 20.68 13.57
C PHE B 634 7.22 21.00 12.45
N LEU B 635 6.78 20.88 11.21
CA LEU B 635 7.66 21.11 10.07
C LEU B 635 7.51 22.57 9.62
N THR B 636 8.64 23.21 9.24
CA THR B 636 8.71 24.62 8.79
C THR B 636 9.68 24.68 7.61
N ALA B 637 9.92 25.87 7.08
CA ALA B 637 10.85 26.03 5.96
C ALA B 637 12.21 25.36 6.25
N GLU B 638 12.67 25.38 7.50
CA GLU B 638 14.01 24.87 7.84
C GLU B 638 14.12 23.37 7.52
N ASP B 639 13.00 22.65 7.47
CA ASP B 639 13.02 21.21 7.36
C ASP B 639 13.01 20.78 5.90
N VAL B 640 12.82 21.72 4.98
CA VAL B 640 12.77 21.38 3.59
C VAL B 640 14.15 20.92 3.15
N PRO B 641 14.36 19.69 2.59
CA PRO B 641 15.71 19.24 2.22
C PRO B 641 16.39 20.03 1.11
N ASN B 642 15.68 20.34 0.02
CA ASN B 642 16.29 20.96 -1.11
C ASN B 642 15.70 22.35 -1.29
N SER B 643 14.59 22.52 -2.00
CA SER B 643 14.10 23.84 -2.42
C SER B 643 12.76 24.16 -1.76
N ASN B 644 12.66 25.37 -1.21
CA ASN B 644 11.40 25.90 -0.66
C ASN B 644 10.62 26.67 -1.74
N ALA B 645 11.10 26.66 -2.97
CA ALA B 645 10.45 27.42 -4.02
C ALA B 645 9.63 26.43 -4.87
N THR B 646 8.30 26.69 -4.96
CA THR B 646 7.38 25.75 -5.56
C THR B 646 6.37 26.56 -6.40
N GLY B 647 5.33 25.87 -6.90
CA GLY B 647 4.32 26.55 -7.66
C GLY B 647 4.67 26.57 -9.14
N LEU B 648 3.66 26.76 -9.98
CA LEU B 648 3.84 26.70 -11.40
C LEU B 648 4.90 27.72 -11.89
N PHE B 649 4.98 28.91 -11.29
CA PHE B 649 5.96 29.92 -11.75
C PHE B 649 7.03 30.14 -10.68
N ASN B 650 7.19 29.17 -9.78
CA ASN B 650 8.30 29.08 -8.90
C ASN B 650 8.33 30.29 -7.95
N ASP B 651 7.18 30.87 -7.65
CA ASP B 651 7.09 32.08 -6.82
C ASP B 651 6.37 31.82 -5.51
N GLU B 652 6.17 30.53 -5.17
CA GLU B 652 5.50 30.15 -3.97
C GLU B 652 6.48 29.46 -3.02
N THR B 653 6.20 29.59 -1.72
CA THR B 653 6.89 28.82 -0.70
C THR B 653 6.18 27.46 -0.53
N VAL B 654 6.96 26.42 -0.24
CA VAL B 654 6.40 25.23 0.38
C VAL B 654 5.85 25.60 1.75
N PHE B 655 6.70 26.26 2.56
CA PHE B 655 6.33 26.76 3.88
C PHE B 655 6.85 28.19 4.07
N ALA B 656 6.04 29.10 4.62
CA ALA B 656 6.39 30.54 4.77
C ALA B 656 7.78 30.66 5.40
N LYS B 657 8.56 31.64 4.90
CA LYS B 657 9.87 31.98 5.43
C LYS B 657 9.89 33.51 5.60
N ASP B 658 9.96 33.93 6.85
CA ASP B 658 10.19 35.30 7.30
C ASP B 658 8.90 36.12 7.19
N GLU B 659 8.08 35.91 6.16
CA GLU B 659 6.85 36.70 6.03
C GLU B 659 5.70 35.82 5.49
N VAL B 660 4.49 36.23 5.84
CA VAL B 660 3.22 35.61 5.32
C VAL B 660 2.58 36.63 4.38
N THR B 661 1.94 36.15 3.30
CA THR B 661 1.43 37.04 2.27
C THR B 661 -0.06 36.81 1.97
N CYS B 662 -0.74 36.05 2.80
CA CYS B 662 -2.18 35.98 2.80
C CYS B 662 -2.67 35.29 4.08
N VAL B 663 -3.91 35.57 4.46
CA VAL B 663 -4.58 34.74 5.42
C VAL B 663 -4.84 33.40 4.72
N GLY B 664 -4.26 32.34 5.27
CA GLY B 664 -4.27 31.01 4.66
C GLY B 664 -2.90 30.57 4.18
N HIS B 665 -1.91 31.47 4.19
CA HIS B 665 -0.52 31.12 3.79
C HIS B 665 0.00 30.01 4.72
N ILE B 666 0.45 28.90 4.15
CA ILE B 666 0.91 27.78 4.95
C ILE B 666 2.30 28.12 5.57
N ILE B 667 2.36 28.09 6.90
CA ILE B 667 3.59 28.34 7.65
C ILE B 667 4.31 27.03 7.94
N GLY B 668 3.56 26.00 8.34
CA GLY B 668 4.18 24.72 8.70
C GLY B 668 3.14 23.61 8.75
N ALA B 669 3.56 22.44 9.23
CA ALA B 669 2.68 21.29 9.30
C ALA B 669 2.98 20.53 10.60
N VAL B 670 1.96 20.31 11.43
CA VAL B 670 2.05 19.43 12.57
C VAL B 670 1.90 17.98 12.09
N VAL B 671 2.77 17.09 12.62
CA VAL B 671 2.64 15.65 12.42
C VAL B 671 2.31 15.00 13.76
N ALA B 672 1.26 14.21 13.81
CA ALA B 672 0.83 13.51 15.03
C ALA B 672 0.33 12.09 14.70
N ASP B 673 0.02 11.26 15.71
CA ASP B 673 -0.53 9.91 15.45
C ASP B 673 -1.92 10.03 14.80
N THR B 674 -2.82 10.87 15.33
CA THR B 674 -4.19 10.92 14.82
C THR B 674 -4.54 12.31 14.33
N PRO B 675 -5.58 12.47 13.47
CA PRO B 675 -5.97 13.79 12.98
C PRO B 675 -6.47 14.68 14.12
N GLU B 676 -7.14 14.10 15.11
CA GLU B 676 -7.61 14.86 16.32
C GLU B 676 -6.41 15.46 17.05
N HIS B 677 -5.38 14.65 17.29
CA HIS B 677 -4.20 15.14 18.00
C HIS B 677 -3.44 16.14 17.15
N ALA B 678 -3.46 15.97 15.81
CA ALA B 678 -2.77 16.91 14.95
C ALA B 678 -3.49 18.25 15.01
N GLN B 679 -4.82 18.22 15.02
CA GLN B 679 -5.62 19.46 15.10
C GLN B 679 -5.32 20.16 16.42
N ARG B 680 -5.35 19.42 17.55
CA ARG B 680 -5.15 20.01 18.85
C ARG B 680 -3.73 20.62 18.93
N ALA B 681 -2.74 19.90 18.39
CA ALA B 681 -1.38 20.38 18.42
C ALA B 681 -1.21 21.64 17.56
N ALA B 682 -1.85 21.68 16.39
CA ALA B 682 -1.84 22.85 15.50
C ALA B 682 -2.35 24.12 16.20
N ARG B 683 -3.35 23.95 17.07
CA ARG B 683 -3.89 25.04 17.87
C ARG B 683 -2.83 25.55 18.88
N GLY B 684 -1.91 24.69 19.33
CA GLY B 684 -0.81 25.07 20.25
C GLY B 684 0.47 25.57 19.56
N VAL B 685 0.42 25.83 18.26
CA VAL B 685 1.48 26.52 17.58
C VAL B 685 1.14 28.00 17.56
N LYS B 686 1.85 28.80 18.40
CA LYS B 686 1.57 30.25 18.56
C LYS B 686 2.53 31.03 17.67
N ILE B 687 1.96 31.86 16.80
CA ILE B 687 2.74 32.61 15.89
C ILE B 687 2.63 34.08 16.28
N THR B 688 3.76 34.79 16.28
CA THR B 688 3.74 36.22 16.52
C THR B 688 4.14 36.91 15.23
N TYR B 689 3.38 37.96 14.92
CA TYR B 689 3.52 38.68 13.70
C TYR B 689 3.78 40.18 13.94
N GLU B 690 4.40 40.79 12.93
CA GLU B 690 4.47 42.24 12.74
C GLU B 690 3.88 42.59 11.36
N ASP B 691 2.73 43.26 11.36
CA ASP B 691 2.00 43.58 10.10
C ASP B 691 2.85 44.41 9.14
N LEU B 692 2.70 44.15 7.84
CA LEU B 692 3.23 44.91 6.75
C LEU B 692 2.08 45.40 5.90
N PRO B 693 2.27 46.50 5.13
CA PRO B 693 1.20 47.03 4.28
C PRO B 693 0.63 45.92 3.37
N ALA B 694 -0.70 45.75 3.44
CA ALA B 694 -1.45 44.71 2.71
C ALA B 694 -2.09 45.31 1.45
N ILE B 695 -2.07 44.54 0.34
CA ILE B 695 -2.78 44.84 -0.87
C ILE B 695 -3.89 43.79 -1.07
N ILE B 696 -5.17 44.18 -0.87
CA ILE B 696 -6.29 43.21 -0.79
C ILE B 696 -7.07 43.25 -2.10
N THR B 697 -7.59 44.42 -2.46
CA THR B 697 -8.55 44.60 -3.53
C THR B 697 -7.84 44.88 -4.86
N ILE B 698 -8.58 44.70 -5.93
CA ILE B 698 -8.15 45.05 -7.27
C ILE B 698 -7.78 46.55 -7.28
N GLN B 699 -8.60 47.40 -6.66
CA GLN B 699 -8.26 48.86 -6.59
C GLN B 699 -6.95 49.04 -5.81
N ASP B 700 -6.78 48.34 -4.68
CA ASP B 700 -5.51 48.37 -3.94
C ASP B 700 -4.36 48.07 -4.89
N ALA B 701 -4.51 47.04 -5.73
CA ALA B 701 -3.42 46.60 -6.58
C ALA B 701 -3.16 47.62 -7.70
N ILE B 702 -4.24 48.23 -8.24
CA ILE B 702 -4.11 49.29 -9.30
C ILE B 702 -3.34 50.47 -8.69
N ASN B 703 -3.71 50.89 -7.48
CA ASN B 703 -3.12 52.06 -6.81
C ASN B 703 -1.65 51.81 -6.48
N ASN B 704 -1.26 50.55 -6.25
CA ASN B 704 0.10 50.21 -5.89
C ASN B 704 0.87 49.61 -7.06
N ASN B 705 0.29 49.61 -8.26
CA ASN B 705 0.99 49.02 -9.41
C ASN B 705 1.48 47.59 -9.07
N SER B 706 0.59 46.77 -8.53
CA SER B 706 0.94 45.40 -8.10
C SER B 706 0.26 44.38 -9.02
N PHE B 707 1.02 43.86 -10.00
CA PHE B 707 0.47 43.00 -11.07
C PHE B 707 1.39 41.82 -11.34
N TYR B 708 0.85 40.75 -11.97
CA TYR B 708 1.64 39.65 -12.46
C TYR B 708 1.95 39.95 -13.91
N GLY B 709 3.18 40.40 -14.14
CA GLY B 709 3.64 40.71 -15.46
C GLY B 709 2.94 41.91 -16.07
N SER B 710 3.10 42.01 -17.38
CA SER B 710 2.66 43.18 -18.10
C SER B 710 1.22 42.99 -18.59
N GLU B 711 0.66 44.09 -19.10
CA GLU B 711 -0.68 44.07 -19.71
C GLU B 711 -0.70 43.11 -20.90
N ILE B 712 -1.80 42.36 -21.03
CA ILE B 712 -2.08 41.49 -22.16
C ILE B 712 -3.11 42.23 -23.05
N LYS B 713 -3.00 42.10 -24.36
CA LYS B 713 -3.85 42.90 -25.24
C LYS B 713 -4.14 42.19 -26.55
N ILE B 714 -5.38 42.25 -27.01
CA ILE B 714 -5.75 41.88 -28.33
C ILE B 714 -6.47 43.08 -28.95
N GLU B 715 -6.07 43.46 -30.15
CA GLU B 715 -6.72 44.60 -30.82
C GLU B 715 -6.69 44.36 -32.33
N LYS B 716 -7.79 44.78 -32.96
CA LYS B 716 -8.00 44.60 -34.36
C LYS B 716 -8.85 45.77 -34.86
N GLY B 717 -8.57 46.19 -36.09
CA GLY B 717 -9.32 47.27 -36.74
C GLY B 717 -8.88 48.63 -36.24
N ASP B 718 -9.79 49.61 -36.37
CA ASP B 718 -9.53 50.99 -36.06
C ASP B 718 -10.55 51.50 -35.04
N LEU B 719 -10.16 51.62 -33.76
CA LEU B 719 -11.12 52.00 -32.75
C LEU B 719 -11.60 53.43 -32.96
N LYS B 720 -10.66 54.30 -33.35
CA LYS B 720 -10.95 55.75 -33.50
C LYS B 720 -12.10 55.91 -34.50
N LYS B 721 -11.93 55.28 -35.65
CA LYS B 721 -12.86 55.31 -36.71
C LYS B 721 -14.21 54.70 -36.27
N GLY B 722 -14.18 53.58 -35.54
CA GLY B 722 -15.45 52.89 -35.18
C GLY B 722 -16.31 53.74 -34.28
N PHE B 723 -15.67 54.36 -33.28
CA PHE B 723 -16.42 55.18 -32.34
C PHE B 723 -16.95 56.45 -33.03
N SER B 724 -16.18 57.00 -34.00
CA SER B 724 -16.64 58.19 -34.71
C SER B 724 -17.84 57.82 -35.61
N GLU B 725 -17.81 56.63 -36.24
CA GLU B 725 -18.93 56.17 -37.11
C GLU B 725 -20.19 55.82 -36.30
N ALA B 726 -20.05 55.56 -34.99
CA ALA B 726 -21.15 55.00 -34.18
C ALA B 726 -22.22 56.05 -33.93
N ASP B 727 -23.48 55.64 -34.10
CA ASP B 727 -24.61 56.48 -33.71
C ASP B 727 -24.61 56.66 -32.21
N ASN B 728 -24.23 55.62 -31.42
CA ASN B 728 -24.37 55.65 -29.98
C ASN B 728 -23.13 55.04 -29.33
N VAL B 729 -22.83 55.47 -28.10
CA VAL B 729 -21.71 54.96 -27.32
C VAL B 729 -22.18 54.83 -25.87
N VAL B 730 -21.99 53.63 -25.33
CA VAL B 730 -22.32 53.36 -23.95
C VAL B 730 -21.05 52.86 -23.24
N SER B 731 -20.83 53.41 -22.04
CA SER B 731 -19.72 53.10 -21.19
C SER B 731 -20.28 52.51 -19.91
N GLY B 732 -19.52 51.60 -19.27
CA GLY B 732 -19.85 51.20 -17.91
C GLY B 732 -18.79 50.26 -17.32
N GLU B 733 -19.12 49.69 -16.17
CA GLU B 733 -18.28 48.72 -15.52
C GLU B 733 -19.13 47.53 -15.11
N LEU B 734 -18.45 46.39 -14.93
CA LEU B 734 -19.10 45.19 -14.34
C LEU B 734 -18.09 44.51 -13.42
N TYR B 735 -18.59 44.11 -12.23
CA TYR B 735 -17.87 43.29 -11.26
C TYR B 735 -18.45 41.88 -11.26
N ILE B 736 -17.57 40.87 -11.30
CA ILE B 736 -17.93 39.46 -11.25
C ILE B 736 -17.18 38.80 -10.08
N GLY B 737 -17.95 38.37 -9.09
CA GLY B 737 -17.47 37.63 -7.93
C GLY B 737 -16.85 36.31 -8.36
N GLY B 738 -15.92 35.82 -7.53
CA GLY B 738 -15.24 34.55 -7.79
C GLY B 738 -16.13 33.35 -7.44
N GLN B 739 -15.51 32.22 -7.09
CA GLN B 739 -16.24 30.95 -6.95
C GLN B 739 -15.34 29.89 -6.31
N GLU B 740 -15.86 29.23 -5.27
CA GLU B 740 -15.22 28.05 -4.68
C GLU B 740 -15.70 26.79 -5.44
N HIS B 741 -14.77 25.90 -5.81
CA HIS B 741 -15.09 24.69 -6.53
C HIS B 741 -16.10 23.80 -5.79
N PHE B 742 -15.92 23.64 -4.47
CA PHE B 742 -16.79 22.79 -3.66
C PHE B 742 -16.93 21.40 -4.32
N TYR B 743 -15.79 20.85 -4.78
CA TYR B 743 -15.66 19.38 -4.98
C TYR B 743 -16.10 18.75 -3.65
N LEU B 744 -16.97 17.73 -3.72
CA LEU B 744 -17.49 17.17 -2.47
C LEU B 744 -16.37 16.48 -1.68
N GLU B 745 -15.40 15.91 -2.38
CA GLU B 745 -14.16 15.40 -1.76
C GLU B 745 -13.10 16.51 -1.76
N THR B 746 -12.63 16.89 -0.58
CA THR B 746 -11.62 17.94 -0.46
C THR B 746 -10.28 17.37 -0.90
N ASN B 747 -9.25 18.21 -0.88
CA ASN B 747 -7.86 17.86 -1.18
C ASN B 747 -7.36 16.85 -0.13
N CYS B 748 -6.63 15.84 -0.61
CA CYS B 748 -6.22 14.69 0.15
C CYS B 748 -4.94 14.12 -0.51
N THR B 749 -3.95 13.74 0.32
CA THR B 749 -2.75 13.03 -0.13
C THR B 749 -2.34 12.01 0.96
N ILE B 750 -1.91 10.81 0.52
CA ILE B 750 -1.23 9.85 1.35
C ILE B 750 0.14 9.72 0.70
N ALA B 751 1.21 9.92 1.49
CA ALA B 751 2.57 9.72 0.98
C ALA B 751 3.17 8.51 1.69
N VAL B 752 3.67 7.57 0.90
CA VAL B 752 4.21 6.31 1.42
C VAL B 752 5.70 6.28 1.07
N PRO B 753 6.61 6.46 2.03
CA PRO B 753 8.06 6.39 1.75
C PRO B 753 8.48 4.92 1.65
N LYS B 754 9.37 4.60 0.73
CA LYS B 754 9.77 3.20 0.51
C LYS B 754 11.12 2.87 1.18
N GLY B 755 11.81 3.86 1.74
CA GLY B 755 12.98 3.56 2.54
C GLY B 755 14.25 3.33 1.73
N GLU B 756 14.14 3.28 0.41
CA GLU B 756 15.25 3.05 -0.50
C GLU B 756 15.32 4.16 -1.52
N ALA B 757 16.53 4.67 -1.73
CA ALA B 757 16.88 5.44 -2.88
C ALA B 757 15.98 6.67 -3.06
N GLY B 758 15.39 7.19 -1.98
CA GLY B 758 14.52 8.35 -2.05
C GLY B 758 13.12 8.02 -2.62
N GLU B 759 12.81 6.73 -2.77
CA GLU B 759 11.59 6.31 -3.48
C GLU B 759 10.39 6.64 -2.60
N MET B 760 9.35 7.21 -3.20
CA MET B 760 8.12 7.47 -2.49
C MET B 760 6.94 7.31 -3.46
N GLU B 761 5.81 6.80 -2.95
CA GLU B 761 4.60 6.67 -3.73
C GLU B 761 3.51 7.51 -3.02
N LEU B 762 2.76 8.29 -3.81
CA LEU B 762 1.72 9.19 -3.30
C LEU B 762 0.40 8.82 -3.96
N PHE B 763 -0.65 8.74 -3.12
CA PHE B 763 -2.03 8.54 -3.53
C PHE B 763 -2.71 9.89 -3.31
N VAL B 764 -3.19 10.51 -4.39
CA VAL B 764 -3.58 11.89 -4.33
C VAL B 764 -4.89 12.08 -5.09
N SER B 765 -5.74 12.97 -4.56
CA SER B 765 -6.86 13.52 -5.27
C SER B 765 -6.36 14.73 -6.08
N THR B 766 -5.85 14.49 -7.28
CA THR B 766 -5.32 15.55 -8.12
C THR B 766 -5.64 15.30 -9.59
N GLN B 767 -5.82 16.40 -10.32
CA GLN B 767 -5.95 16.39 -11.78
C GLN B 767 -4.57 16.45 -12.45
N ASN B 768 -3.48 16.59 -11.65
CA ASN B 768 -2.15 16.85 -12.20
C ASN B 768 -1.08 15.98 -11.51
N THR B 769 -0.99 14.74 -11.95
CA THR B 769 0.02 13.83 -11.41
C THR B 769 1.43 14.36 -11.72
N MET B 770 1.67 14.84 -12.95
CA MET B 770 3.02 15.28 -13.36
C MET B 770 3.54 16.42 -12.46
N LYS B 771 2.76 17.48 -12.27
CA LYS B 771 3.23 18.58 -11.43
C LYS B 771 3.33 18.13 -9.97
N THR B 772 2.44 17.24 -9.53
CA THR B 772 2.53 16.75 -8.17
C THR B 772 3.89 16.05 -7.97
N GLN B 773 4.26 15.21 -8.94
CA GLN B 773 5.52 14.44 -8.94
C GLN B 773 6.73 15.39 -8.93
N SER B 774 6.72 16.34 -9.88
CA SER B 774 7.80 17.35 -10.08
C SER B 774 8.02 18.15 -8.81
N PHE B 775 6.92 18.61 -8.20
CA PHE B 775 7.00 19.49 -7.05
C PHE B 775 7.51 18.75 -5.81
N VAL B 776 7.10 17.48 -5.65
CA VAL B 776 7.57 16.67 -4.56
C VAL B 776 9.08 16.43 -4.77
N ALA B 777 9.45 16.03 -5.98
CA ALA B 777 10.84 15.69 -6.26
C ALA B 777 11.76 16.91 -6.03
N LYS B 778 11.30 18.10 -6.44
CA LYS B 778 12.13 19.32 -6.32
C LYS B 778 12.31 19.69 -4.85
N MET B 779 11.25 19.53 -4.05
CA MET B 779 11.30 19.86 -2.67
C MET B 779 12.28 18.93 -1.93
N LEU B 780 12.23 17.63 -2.25
CA LEU B 780 13.09 16.60 -1.62
C LEU B 780 14.53 16.65 -2.18
N GLY B 781 14.69 17.18 -3.39
CA GLY B 781 15.91 17.16 -4.15
C GLY B 781 16.28 15.77 -4.66
N VAL B 782 15.28 14.99 -5.10
CA VAL B 782 15.57 13.71 -5.73
C VAL B 782 15.08 13.76 -7.15
N PRO B 783 15.56 12.88 -8.03
CA PRO B 783 15.06 12.86 -9.39
C PRO B 783 13.58 12.39 -9.47
N ASP B 784 12.92 12.81 -10.53
CA ASP B 784 11.50 12.51 -10.78
C ASP B 784 11.28 10.99 -10.78
N ASN B 785 12.32 10.23 -11.19
CA ASN B 785 12.20 8.75 -11.38
C ASN B 785 12.04 8.02 -10.04
N ARG B 786 12.19 8.73 -8.94
CA ARG B 786 12.02 8.15 -7.62
C ARG B 786 10.57 8.29 -7.11
N ILE B 787 9.81 9.23 -7.68
CA ILE B 787 8.51 9.62 -7.17
C ILE B 787 7.42 9.09 -8.10
N VAL B 788 6.43 8.37 -7.50
CA VAL B 788 5.28 7.88 -8.24
C VAL B 788 4.05 8.51 -7.64
N VAL B 789 3.19 9.06 -8.50
CA VAL B 789 1.94 9.63 -8.09
C VAL B 789 0.82 8.83 -8.77
N ARG B 790 -0.10 8.38 -7.94
CA ARG B 790 -1.22 7.52 -8.35
C ARG B 790 -2.57 8.20 -8.03
N VAL B 791 -3.47 8.17 -9.01
CA VAL B 791 -4.82 8.73 -8.83
C VAL B 791 -5.79 7.67 -9.34
N LYS B 792 -6.61 7.10 -8.44
CA LYS B 792 -7.67 6.21 -8.90
C LYS B 792 -8.86 7.05 -9.37
N ARG B 793 -9.29 7.99 -8.52
CA ARG B 793 -10.36 8.92 -8.84
C ARG B 793 -10.40 10.04 -7.81
N MET B 794 -11.03 11.14 -8.23
CA MET B 794 -11.34 12.30 -7.37
C MET B 794 -12.86 12.41 -7.22
N GLY B 795 -13.32 12.83 -6.04
CA GLY B 795 -14.68 13.27 -5.81
C GLY B 795 -14.83 14.72 -6.23
N GLY B 796 -14.58 14.95 -7.53
CA GLY B 796 -14.63 16.26 -8.09
C GLY B 796 -13.29 17.00 -8.08
N GLY B 797 -13.09 17.82 -9.10
CA GLY B 797 -11.91 18.65 -9.23
C GLY B 797 -12.24 20.04 -9.78
N PHE B 798 -12.76 20.10 -11.00
CA PHE B 798 -13.33 21.35 -11.59
C PHE B 798 -12.26 22.44 -11.84
N GLY B 799 -10.98 22.08 -11.86
CA GLY B 799 -9.86 23.01 -11.97
C GLY B 799 -9.13 23.28 -10.66
N GLY B 800 -9.84 23.08 -9.54
CA GLY B 800 -9.34 23.29 -8.20
C GLY B 800 -8.23 22.36 -7.81
N LYS B 801 -8.08 21.25 -8.53
CA LYS B 801 -7.07 20.29 -8.25
C LYS B 801 -6.11 20.17 -9.43
N GLU B 802 -6.12 21.18 -10.31
CA GLU B 802 -5.16 21.25 -11.40
C GLU B 802 -3.74 21.65 -10.90
N THR B 803 -3.64 22.53 -9.90
CA THR B 803 -2.33 22.91 -9.32
C THR B 803 -2.38 22.96 -7.79
N ARG B 804 -3.50 23.37 -7.20
CA ARG B 804 -3.52 23.78 -5.78
C ARG B 804 -3.49 22.55 -4.88
N SER B 805 -3.69 21.35 -5.44
CA SER B 805 -3.57 20.09 -4.67
C SER B 805 -2.14 19.94 -4.12
N THR B 806 -1.15 20.49 -4.85
CA THR B 806 0.26 20.22 -4.54
C THR B 806 0.67 20.86 -3.21
N VAL B 807 -0.07 21.87 -2.71
CA VAL B 807 0.30 22.52 -1.45
C VAL B 807 0.08 21.54 -0.28
N VAL B 808 -0.83 20.55 -0.45
CA VAL B 808 -0.98 19.50 0.52
C VAL B 808 0.05 18.41 0.22
N SER B 809 0.17 18.01 -1.03
CA SER B 809 1.00 16.87 -1.36
C SER B 809 2.43 17.09 -0.88
N THR B 810 2.97 18.29 -1.10
CA THR B 810 4.40 18.57 -0.78
C THR B 810 4.64 18.48 0.71
N ALA B 811 3.69 18.98 1.49
CA ALA B 811 3.78 18.95 2.92
C ALA B 811 3.77 17.51 3.44
N LEU B 812 2.83 16.69 2.93
CA LEU B 812 2.75 15.29 3.35
C LEU B 812 3.99 14.52 2.93
N ALA B 813 4.47 14.73 1.70
CA ALA B 813 5.69 14.06 1.20
C ALA B 813 6.84 14.36 2.15
N LEU B 814 6.92 15.61 2.57
CA LEU B 814 8.03 16.02 3.47
C LEU B 814 7.93 15.25 4.78
N ALA B 815 6.72 15.20 5.36
CA ALA B 815 6.52 14.49 6.61
C ALA B 815 6.90 13.02 6.47
N ALA B 816 6.54 12.40 5.32
CA ALA B 816 6.81 11.00 5.14
C ALA B 816 8.33 10.80 5.04
N HIS B 817 8.98 11.66 4.26
CA HIS B 817 10.41 11.57 4.11
C HIS B 817 11.12 11.66 5.47
N LYS B 818 10.75 12.67 6.26
CA LYS B 818 11.37 12.95 7.57
C LYS B 818 11.16 11.78 8.56
N THR B 819 9.96 11.19 8.63
CA THR B 819 9.65 10.19 9.63
C THR B 819 9.98 8.79 9.13
N GLY B 820 10.04 8.57 7.82
CA GLY B 820 10.19 7.25 7.28
C GLY B 820 8.90 6.44 7.44
N ARG B 821 7.79 7.12 7.70
CA ARG B 821 6.45 6.53 7.91
C ARG B 821 5.44 7.09 6.91
N PRO B 822 4.42 6.31 6.51
CA PRO B 822 3.36 6.84 5.69
C PRO B 822 2.72 7.97 6.48
N VAL B 823 2.27 8.99 5.76
CA VAL B 823 1.57 10.16 6.34
C VAL B 823 0.40 10.52 5.44
N ARG B 824 -0.69 10.99 6.04
CA ARG B 824 -1.93 11.29 5.37
C ARG B 824 -2.47 12.65 5.86
N CYS B 825 -3.12 13.37 4.93
CA CYS B 825 -3.82 14.58 5.22
C CYS B 825 -5.00 14.72 4.27
N MET B 826 -6.21 14.82 4.83
CA MET B 826 -7.33 15.29 4.08
C MET B 826 -7.77 16.61 4.70
N LEU B 827 -7.97 17.63 3.89
CA LEU B 827 -8.38 18.93 4.46
C LEU B 827 -9.83 18.87 4.91
N ASP B 828 -10.08 19.57 6.02
CA ASP B 828 -11.41 19.89 6.38
C ASP B 828 -11.94 20.93 5.40
N ARG B 829 -13.27 21.04 5.31
CA ARG B 829 -13.82 21.93 4.29
C ARG B 829 -13.34 23.36 4.54
N ASP B 830 -13.26 23.76 5.82
CA ASP B 830 -12.90 25.20 6.12
C ASP B 830 -11.46 25.48 5.71
N GLU B 831 -10.59 24.53 6.00
CA GLU B 831 -9.21 24.64 5.58
C GLU B 831 -9.11 24.71 4.04
N ASP B 832 -9.83 23.81 3.34
CA ASP B 832 -9.70 23.72 1.91
C ASP B 832 -10.18 25.03 1.26
N MET B 833 -11.33 25.54 1.74
CA MET B 833 -11.90 26.75 1.14
C MET B 833 -10.95 27.94 1.34
N LEU B 834 -10.27 27.99 2.48
CA LEU B 834 -9.35 29.10 2.87
C LEU B 834 -8.04 29.03 2.07
N ILE B 835 -7.44 27.83 2.00
CA ILE B 835 -6.07 27.65 1.45
C ILE B 835 -6.03 27.65 -0.08
N THR B 836 -6.97 26.96 -0.74
CA THR B 836 -6.77 26.51 -2.12
C THR B 836 -7.28 27.47 -3.21
N GLY B 837 -7.90 28.59 -2.82
CA GLY B 837 -8.37 29.60 -3.76
C GLY B 837 -9.50 29.10 -4.66
N GLY B 838 -9.79 29.88 -5.71
CA GLY B 838 -11.00 29.77 -6.48
C GLY B 838 -10.89 30.47 -7.83
N ARG B 839 -12.07 30.67 -8.44
CA ARG B 839 -12.23 31.39 -9.65
C ARG B 839 -11.83 32.85 -9.39
N HIS B 840 -11.28 33.47 -10.41
CA HIS B 840 -10.81 34.85 -10.32
C HIS B 840 -11.99 35.82 -10.36
N PRO B 841 -12.17 36.69 -9.33
CA PRO B 841 -13.03 37.86 -9.45
C PRO B 841 -12.48 38.69 -10.61
N PHE B 842 -13.39 39.33 -11.35
CA PHE B 842 -13.04 40.20 -12.47
C PHE B 842 -13.72 41.56 -12.29
N LEU B 843 -13.01 42.63 -12.62
CA LEU B 843 -13.58 43.99 -12.75
C LEU B 843 -13.33 44.39 -14.20
N ALA B 844 -14.37 44.83 -14.91
CA ALA B 844 -14.19 45.23 -16.29
C ALA B 844 -14.76 46.64 -16.49
N LYS B 845 -14.10 47.39 -17.35
CA LYS B 845 -14.52 48.74 -17.77
C LYS B 845 -14.68 48.70 -19.28
N TYR B 846 -15.90 48.96 -19.76
CA TYR B 846 -16.16 48.81 -21.18
C TYR B 846 -16.67 50.13 -21.79
N LYS B 847 -16.53 50.21 -23.10
CA LYS B 847 -17.11 51.27 -23.92
C LYS B 847 -17.47 50.64 -25.25
N VAL B 848 -18.75 50.68 -25.61
CA VAL B 848 -19.18 50.05 -26.83
C VAL B 848 -19.83 51.13 -27.73
N GLY B 849 -19.46 51.05 -29.01
CA GLY B 849 -20.01 51.88 -30.08
C GLY B 849 -20.90 51.05 -31.00
N PHE B 850 -22.08 51.58 -31.33
CA PHE B 850 -23.05 50.83 -32.10
C PHE B 850 -24.01 51.75 -32.87
N MET B 851 -24.57 51.18 -33.94
CA MET B 851 -25.56 51.85 -34.79
C MET B 851 -26.95 51.74 -34.17
N LYS B 852 -27.88 52.56 -34.68
CA LYS B 852 -29.23 52.58 -34.20
C LYS B 852 -29.90 51.23 -34.51
N THR B 853 -29.41 50.50 -35.50
CA THR B 853 -29.89 49.16 -35.86
C THR B 853 -29.44 48.05 -34.89
N GLY B 854 -28.57 48.37 -33.92
CA GLY B 854 -28.05 47.36 -32.98
C GLY B 854 -26.70 46.80 -33.40
N THR B 855 -26.25 47.09 -34.63
CA THR B 855 -24.94 46.63 -35.11
C THR B 855 -23.84 47.30 -34.27
N VAL B 856 -22.95 46.49 -33.70
CA VAL B 856 -21.87 46.91 -32.91
C VAL B 856 -20.67 47.24 -33.82
N VAL B 857 -20.10 48.43 -33.68
CA VAL B 857 -18.99 48.85 -34.57
C VAL B 857 -17.68 49.07 -33.80
N ALA B 858 -17.73 49.13 -32.47
CA ALA B 858 -16.54 49.44 -31.74
C ALA B 858 -16.68 48.97 -30.29
N LEU B 859 -15.58 48.41 -29.75
CA LEU B 859 -15.54 47.92 -28.39
C LEU B 859 -14.12 48.01 -27.82
N GLU B 860 -14.04 48.59 -26.64
CA GLU B 860 -12.83 48.62 -25.85
C GLU B 860 -13.21 48.12 -24.45
N VAL B 861 -12.50 47.08 -23.99
CA VAL B 861 -12.73 46.52 -22.66
C VAL B 861 -11.41 46.39 -21.91
N ALA B 862 -11.36 46.92 -20.69
CA ALA B 862 -10.24 46.72 -19.79
C ALA B 862 -10.72 45.78 -18.68
N HIS B 863 -10.01 44.66 -18.57
CA HIS B 863 -10.23 43.61 -17.58
C HIS B 863 -9.13 43.66 -16.51
N PHE B 864 -9.55 43.53 -15.25
CA PHE B 864 -8.72 43.31 -14.10
C PHE B 864 -9.19 42.06 -13.34
N SER B 865 -8.25 41.22 -12.93
CA SER B 865 -8.56 40.02 -12.12
C SER B 865 -7.78 40.11 -10.81
N ASN B 866 -8.33 39.50 -9.77
CA ASN B 866 -7.67 39.40 -8.55
C ASN B 866 -7.00 38.01 -8.49
N GLY B 867 -5.68 37.96 -8.58
CA GLY B 867 -4.93 36.71 -8.68
C GLY B 867 -4.50 36.12 -7.33
N GLY B 868 -4.51 36.91 -6.27
CA GLY B 868 -3.96 36.53 -5.00
C GLY B 868 -2.44 36.46 -5.03
N ASN B 869 -1.87 35.61 -4.15
CA ASN B 869 -0.48 35.77 -3.68
C ASN B 869 0.54 34.90 -4.43
N THR B 870 0.16 34.18 -5.49
CA THR B 870 1.13 33.54 -6.38
C THR B 870 0.57 33.68 -7.78
N GLU B 871 1.40 33.55 -8.83
CA GLU B 871 0.91 33.69 -10.18
C GLU B 871 -0.06 32.54 -10.50
N ASP B 872 0.39 31.30 -10.26
CA ASP B 872 -0.32 30.11 -10.67
C ASP B 872 -0.80 30.31 -12.13
N LEU B 873 -2.08 30.00 -12.42
CA LEU B 873 -2.57 29.98 -13.81
C LEU B 873 -3.16 31.33 -14.22
N SER B 874 -2.96 32.36 -13.40
CA SER B 874 -3.70 33.62 -13.53
C SER B 874 -3.56 34.24 -14.93
N ARG B 875 -2.37 34.16 -15.54
CA ARG B 875 -2.13 34.87 -16.78
C ARG B 875 -2.82 34.16 -17.96
N SER B 876 -2.81 32.82 -17.93
CA SER B 876 -3.43 32.00 -18.93
C SER B 876 -4.96 32.16 -18.88
N ILE B 877 -5.50 32.38 -17.69
CA ILE B 877 -6.94 32.62 -17.45
C ILE B 877 -7.33 33.98 -18.10
N MET B 878 -6.49 34.98 -17.92
CA MET B 878 -6.72 36.29 -18.54
C MET B 878 -6.63 36.19 -20.07
N GLU B 879 -5.69 35.41 -20.60
CA GLU B 879 -5.64 35.20 -21.99
C GLU B 879 -6.94 34.57 -22.49
N ARG B 880 -7.45 33.54 -21.81
CA ARG B 880 -8.71 32.92 -22.30
C ARG B 880 -9.88 33.91 -22.17
N ALA B 881 -9.92 34.77 -21.15
CA ALA B 881 -10.97 35.76 -21.06
C ALA B 881 -10.90 36.69 -22.28
N LEU B 882 -9.70 37.16 -22.61
CA LEU B 882 -9.53 37.99 -23.80
C LEU B 882 -9.91 37.21 -25.05
N PHE B 883 -9.58 35.91 -25.15
CA PHE B 883 -9.93 35.16 -26.35
C PHE B 883 -11.47 35.03 -26.50
N HIS B 884 -12.24 35.28 -25.42
CA HIS B 884 -13.69 35.10 -25.41
C HIS B 884 -14.46 36.40 -25.18
N MET B 885 -13.80 37.57 -25.31
CA MET B 885 -14.44 38.85 -25.07
C MET B 885 -15.43 39.20 -26.17
N ASP B 886 -15.33 38.51 -27.32
CA ASP B 886 -16.30 38.59 -28.47
C ASP B 886 -17.62 37.84 -28.20
N ASN B 887 -17.58 36.85 -27.30
CA ASN B 887 -18.54 35.75 -27.25
C ASN B 887 -18.87 35.27 -28.67
N ALA B 888 -20.14 35.43 -29.11
CA ALA B 888 -20.53 34.94 -30.44
C ALA B 888 -20.54 36.05 -31.51
N TYR B 889 -19.95 37.21 -31.25
CA TYR B 889 -20.21 38.44 -32.04
C TYR B 889 -18.97 38.94 -32.80
N LYS B 890 -19.18 39.20 -34.09
CA LYS B 890 -18.21 39.80 -35.02
C LYS B 890 -18.16 41.30 -34.73
N ILE B 891 -17.02 41.79 -34.26
CA ILE B 891 -16.85 43.18 -33.97
C ILE B 891 -15.64 43.72 -34.72
N PRO B 892 -15.81 44.56 -35.76
CA PRO B 892 -14.71 44.90 -36.67
C PRO B 892 -13.62 45.74 -36.01
N ASN B 893 -13.96 46.54 -35.01
CA ASN B 893 -13.00 47.42 -34.34
C ASN B 893 -13.07 47.13 -32.84
N ILE B 894 -12.01 46.50 -32.32
CA ILE B 894 -12.02 45.92 -30.97
C ILE B 894 -10.64 46.02 -30.32
N ARG B 895 -10.67 46.29 -29.03
CA ARG B 895 -9.51 46.30 -28.20
C ARG B 895 -9.85 45.82 -26.79
N GLY B 896 -9.22 44.70 -26.38
CA GLY B 896 -9.28 44.27 -24.99
C GLY B 896 -7.90 44.20 -24.37
N THR B 897 -7.83 44.63 -23.11
CA THR B 897 -6.71 44.51 -22.28
C THR B 897 -7.07 43.74 -21.01
N GLY B 898 -6.07 43.06 -20.45
CA GLY B 898 -6.16 42.48 -19.15
C GLY B 898 -4.91 42.70 -18.33
N ARG B 899 -5.12 42.86 -17.04
CA ARG B 899 -4.12 42.98 -16.06
C ARG B 899 -4.48 42.04 -14.91
N ILE B 900 -3.48 41.29 -14.43
CA ILE B 900 -3.67 40.43 -13.30
C ILE B 900 -3.10 41.07 -12.04
N CYS B 901 -3.98 41.31 -11.06
CA CYS B 901 -3.63 41.93 -9.84
C CYS B 901 -2.96 40.94 -8.89
N LYS B 902 -1.85 41.38 -8.28
CA LYS B 902 -1.11 40.62 -7.30
C LYS B 902 -1.46 41.15 -5.92
N THR B 903 -2.06 40.29 -5.08
CA THR B 903 -2.68 40.73 -3.86
C THR B 903 -2.31 39.79 -2.74
N ASN B 904 -2.60 40.20 -1.49
CA ASN B 904 -2.42 39.42 -0.29
C ASN B 904 -3.70 38.63 0.05
N LEU B 905 -4.10 37.76 -0.91
CA LEU B 905 -5.19 36.84 -0.76
C LEU B 905 -4.71 35.46 -1.23
N PRO B 906 -5.40 34.36 -0.86
CA PRO B 906 -5.06 33.06 -1.40
C PRO B 906 -5.02 33.15 -2.94
N SER B 907 -4.11 32.38 -3.52
CA SER B 907 -3.89 32.40 -4.95
C SER B 907 -5.12 31.79 -5.60
N ASN B 908 -5.70 32.50 -6.56
CA ASN B 908 -6.79 31.98 -7.38
C ASN B 908 -6.19 31.17 -8.55
N THR B 909 -7.03 30.30 -9.10
CA THR B 909 -6.55 29.22 -9.98
C THR B 909 -7.61 28.90 -11.04
N ALA B 910 -7.45 27.73 -11.66
CA ALA B 910 -8.39 27.29 -12.67
C ALA B 910 -9.73 26.96 -12.00
N PHE B 911 -10.81 27.38 -12.65
CA PHE B 911 -12.14 26.86 -12.37
C PHE B 911 -12.84 26.72 -13.72
N ARG B 912 -13.38 25.52 -14.01
CA ARG B 912 -14.18 25.14 -15.19
C ARG B 912 -14.62 26.40 -15.94
N GLY B 913 -13.99 26.64 -17.08
CA GLY B 913 -14.25 27.84 -17.87
C GLY B 913 -13.01 28.72 -18.00
N PHE B 914 -12.23 28.81 -16.91
CA PHE B 914 -10.85 29.31 -17.00
C PHE B 914 -10.82 30.70 -17.66
N GLY B 915 -11.64 31.64 -17.14
CA GLY B 915 -11.66 33.02 -17.65
C GLY B 915 -12.70 33.25 -18.75
N GLY B 916 -13.07 32.18 -19.46
CA GLY B 916 -14.13 32.24 -20.47
C GLY B 916 -15.42 32.87 -19.94
N PRO B 917 -15.99 32.32 -18.85
CA PRO B 917 -17.27 32.80 -18.32
C PRO B 917 -17.20 34.29 -18.00
N GLN B 918 -16.08 34.76 -17.45
CA GLN B 918 -15.93 36.15 -17.03
C GLN B 918 -15.90 37.04 -18.29
N GLY B 919 -15.06 36.67 -19.26
CA GLY B 919 -14.99 37.34 -20.53
C GLY B 919 -16.34 37.50 -21.20
N MET B 920 -17.10 36.40 -21.26
CA MET B 920 -18.30 36.32 -22.05
C MET B 920 -19.45 37.02 -21.31
N LEU B 921 -19.46 37.02 -19.97
CA LEU B 921 -20.49 37.71 -19.22
C LEU B 921 -20.37 39.22 -19.45
N ILE B 922 -19.15 39.73 -19.42
CA ILE B 922 -18.93 41.15 -19.81
C ILE B 922 -19.49 41.40 -21.22
N ALA B 923 -19.18 40.55 -22.20
CA ALA B 923 -19.68 40.77 -23.55
C ALA B 923 -21.21 40.81 -23.56
N GLU B 924 -21.84 39.85 -22.88
CA GLU B 924 -23.30 39.82 -22.87
C GLU B 924 -23.87 41.04 -22.13
N TYR B 925 -23.16 41.55 -21.12
CA TYR B 925 -23.63 42.63 -20.31
C TYR B 925 -23.74 43.91 -21.15
N TRP B 926 -22.68 44.27 -21.86
CA TRP B 926 -22.76 45.49 -22.74
C TRP B 926 -23.70 45.21 -23.93
N MET B 927 -23.77 43.95 -24.41
CA MET B 927 -24.73 43.58 -25.46
C MET B 927 -26.17 43.83 -25.00
N SER B 928 -26.47 43.54 -23.72
CA SER B 928 -27.81 43.79 -23.15
C SER B 928 -28.16 45.29 -23.21
N GLU B 929 -27.17 46.14 -22.93
CA GLU B 929 -27.32 47.60 -22.89
C GLU B 929 -27.40 48.18 -24.31
N VAL B 930 -26.78 47.53 -25.29
CA VAL B 930 -26.96 47.90 -26.67
C VAL B 930 -28.45 47.75 -27.05
N ALA B 931 -28.99 46.54 -26.84
CA ALA B 931 -30.39 46.25 -27.20
C ALA B 931 -31.33 47.25 -26.50
N ILE B 932 -31.12 47.51 -25.21
CA ILE B 932 -31.98 48.40 -24.45
C ILE B 932 -31.87 49.81 -25.07
N THR B 933 -30.64 50.24 -25.39
CA THR B 933 -30.41 51.60 -25.83
C THR B 933 -31.05 51.78 -27.21
N CYS B 934 -30.99 50.77 -28.06
CA CYS B 934 -31.59 50.85 -29.38
C CYS B 934 -33.11 50.68 -29.33
N GLY B 935 -33.67 50.21 -28.22
CA GLY B 935 -35.09 49.81 -28.15
C GLY B 935 -35.44 48.71 -29.14
N LEU B 936 -34.53 47.75 -29.36
CA LEU B 936 -34.82 46.61 -30.23
C LEU B 936 -34.83 45.31 -29.41
N PRO B 937 -35.55 44.27 -29.84
CA PRO B 937 -35.56 42.99 -29.11
C PRO B 937 -34.13 42.37 -29.03
N ALA B 938 -33.72 42.02 -27.81
CA ALA B 938 -32.36 41.56 -27.52
C ALA B 938 -31.95 40.43 -28.45
N GLU B 939 -32.88 39.52 -28.78
CA GLU B 939 -32.54 38.34 -29.59
C GLU B 939 -32.20 38.75 -31.03
N GLU B 940 -32.82 39.84 -31.52
CA GLU B 940 -32.60 40.29 -32.90
C GLU B 940 -31.22 40.97 -32.96
N VAL B 941 -30.88 41.70 -31.91
CA VAL B 941 -29.60 42.41 -31.78
C VAL B 941 -28.45 41.38 -31.68
N ARG B 942 -28.63 40.35 -30.86
CA ARG B 942 -27.63 39.28 -30.76
C ARG B 942 -27.49 38.60 -32.11
N ARG B 943 -28.61 38.19 -32.71
CA ARG B 943 -28.56 37.44 -33.93
C ARG B 943 -27.81 38.20 -35.04
N LYS B 944 -28.03 39.52 -35.19
CA LYS B 944 -27.51 40.24 -36.34
C LYS B 944 -26.05 40.60 -36.13
N ASN B 945 -25.55 40.46 -34.90
CA ASN B 945 -24.12 40.72 -34.57
C ASN B 945 -23.32 39.42 -34.60
N MET B 946 -24.03 38.30 -34.64
CA MET B 946 -23.41 36.98 -34.60
C MET B 946 -22.44 36.83 -35.77
N TYR B 947 -21.27 36.23 -35.51
CA TYR B 947 -20.42 35.71 -36.59
C TYR B 947 -21.21 34.89 -37.60
N LYS B 948 -20.63 34.73 -38.80
CA LYS B 948 -21.03 33.69 -39.71
C LYS B 948 -19.84 32.80 -40.10
N GLU B 949 -20.16 31.65 -40.69
CA GLU B 949 -19.21 30.68 -41.15
C GLU B 949 -18.12 31.39 -41.96
N GLY B 950 -16.85 31.17 -41.61
CA GLY B 950 -15.70 31.68 -42.37
C GLY B 950 -15.18 33.01 -41.85
N ASP B 951 -15.92 33.67 -40.97
CA ASP B 951 -15.43 34.91 -40.38
C ASP B 951 -14.17 34.63 -39.56
N LEU B 952 -13.35 35.67 -39.36
CA LEU B 952 -12.25 35.64 -38.42
C LEU B 952 -12.70 36.26 -37.09
N THR B 953 -12.23 35.66 -35.99
CA THR B 953 -12.36 36.22 -34.68
C THR B 953 -11.44 37.45 -34.58
N HIS B 954 -11.56 38.17 -33.47
CA HIS B 954 -10.67 39.27 -33.19
C HIS B 954 -9.20 38.80 -33.10
N PHE B 955 -8.95 37.50 -32.88
CA PHE B 955 -7.59 37.00 -32.82
C PHE B 955 -7.25 36.25 -34.10
N ASN B 956 -8.07 36.47 -35.14
CA ASN B 956 -7.75 36.12 -36.53
C ASN B 956 -7.83 34.60 -36.78
N GLN B 957 -8.62 33.88 -35.97
CA GLN B 957 -8.83 32.49 -36.21
C GLN B 957 -10.11 32.39 -37.00
N LYS B 958 -10.09 31.53 -38.02
CA LYS B 958 -11.23 31.33 -38.86
C LYS B 958 -12.23 30.36 -38.21
N LEU B 959 -13.52 30.69 -38.28
CA LEU B 959 -14.57 29.83 -37.71
C LEU B 959 -15.10 28.88 -38.79
N GLU B 960 -14.61 27.64 -38.79
CA GLU B 960 -15.09 26.62 -39.70
C GLU B 960 -16.03 25.69 -38.94
N GLY B 961 -16.96 25.06 -39.66
CA GLY B 961 -17.93 24.17 -39.05
C GLY B 961 -18.67 24.87 -37.92
N PHE B 962 -19.12 26.09 -38.23
CA PHE B 962 -19.74 27.03 -37.32
C PHE B 962 -21.21 26.62 -37.15
N THR B 963 -21.50 25.85 -36.11
CA THR B 963 -22.87 25.31 -35.91
C THR B 963 -23.74 26.24 -35.06
N LEU B 964 -23.20 27.35 -34.59
CA LEU B 964 -23.91 28.20 -33.66
C LEU B 964 -25.28 28.61 -34.21
N PRO B 965 -25.39 29.05 -35.48
CA PRO B 965 -26.70 29.43 -36.03
C PRO B 965 -27.75 28.30 -35.98
N ARG B 966 -27.34 27.04 -36.22
CA ARG B 966 -28.21 25.89 -36.07
C ARG B 966 -28.68 25.74 -34.61
N CYS B 967 -27.75 25.82 -33.65
CA CYS B 967 -28.09 25.73 -32.22
C CYS B 967 -29.15 26.81 -31.86
N TRP B 968 -28.93 28.00 -32.41
CA TRP B 968 -29.76 29.16 -32.11
C TRP B 968 -31.20 28.96 -32.59
N ASP B 969 -31.31 28.65 -33.88
CA ASP B 969 -32.58 28.42 -34.54
C ASP B 969 -33.32 27.27 -33.87
N GLU B 970 -32.62 26.16 -33.56
CA GLU B 970 -33.26 25.02 -32.88
C GLU B 970 -33.77 25.42 -31.49
N CYS B 971 -32.96 26.17 -30.75
CA CYS B 971 -33.33 26.60 -29.40
C CYS B 971 -34.51 27.58 -29.42
N ILE B 972 -34.44 28.58 -30.31
CA ILE B 972 -35.51 29.56 -30.48
C ILE B 972 -36.83 28.82 -30.74
N ALA B 973 -36.79 27.81 -31.63
CA ALA B 973 -38.00 27.09 -32.07
C ALA B 973 -38.52 26.14 -30.98
N SER B 974 -37.65 25.32 -30.38
CA SER B 974 -38.09 24.32 -29.43
C SER B 974 -38.51 25.01 -28.12
N SER B 975 -37.91 26.15 -27.80
CA SER B 975 -38.26 26.83 -26.56
C SER B 975 -39.53 27.69 -26.74
N GLN B 976 -40.05 27.79 -27.97
CA GLN B 976 -41.17 28.69 -28.35
C GLN B 976 -40.92 30.10 -27.77
N TYR B 977 -39.72 30.60 -28.01
CA TYR B 977 -39.23 31.84 -27.38
C TYR B 977 -40.20 33.02 -27.63
N LEU B 978 -40.62 33.18 -28.87
CA LEU B 978 -41.48 34.32 -29.26
C LEU B 978 -42.85 34.30 -28.56
N ALA B 979 -43.51 33.15 -28.52
CA ALA B 979 -44.80 33.08 -27.83
C ALA B 979 -44.58 33.25 -26.31
N ARG B 980 -43.41 32.81 -25.82
CA ARG B 980 -43.16 32.90 -24.40
C ARG B 980 -42.91 34.37 -24.03
N LYS B 981 -42.36 35.16 -24.96
CA LYS B 981 -42.19 36.61 -24.73
C LYS B 981 -43.56 37.25 -24.42
N ARG B 982 -44.59 36.83 -25.17
CA ARG B 982 -46.00 37.35 -25.03
C ARG B 982 -46.52 37.02 -23.61
N GLU B 983 -46.27 35.80 -23.13
CA GLU B 983 -46.75 35.38 -21.79
C GLU B 983 -46.03 36.17 -20.69
N VAL B 984 -44.72 36.40 -20.84
CA VAL B 984 -43.94 37.19 -19.91
C VAL B 984 -44.49 38.63 -19.86
N GLU B 985 -44.71 39.26 -21.00
CA GLU B 985 -45.26 40.65 -21.06
C GLU B 985 -46.63 40.72 -20.33
N LYS B 986 -47.51 39.77 -20.60
CA LYS B 986 -48.85 39.68 -19.94
C LYS B 986 -48.72 39.51 -18.43
N PHE B 987 -47.88 38.56 -17.98
CA PHE B 987 -47.65 38.38 -16.57
C PHE B 987 -47.24 39.71 -15.92
N ASN B 988 -46.33 40.45 -16.58
CA ASN B 988 -45.76 41.65 -16.01
C ASN B 988 -46.79 42.79 -15.94
N ARG B 989 -47.71 42.82 -16.89
CA ARG B 989 -48.81 43.83 -16.86
C ARG B 989 -49.86 43.49 -15.80
N GLU B 990 -49.95 42.23 -15.36
CA GLU B 990 -51.03 41.73 -14.47
C GLU B 990 -50.51 41.48 -13.04
N ASN B 991 -49.22 41.70 -12.78
CA ASN B 991 -48.65 41.47 -11.42
C ASN B 991 -47.70 42.63 -11.07
N CYS B 992 -47.88 43.23 -9.89
CA CYS B 992 -47.09 44.41 -9.48
C CYS B 992 -45.83 43.96 -8.71
N TRP B 993 -45.91 42.85 -7.98
CA TRP B 993 -44.89 42.52 -6.97
C TRP B 993 -44.12 41.22 -7.27
N LYS B 994 -44.43 40.57 -8.40
CA LYS B 994 -43.65 39.52 -9.02
C LYS B 994 -43.47 39.89 -10.48
N LYS B 995 -42.34 39.53 -11.08
CA LYS B 995 -42.13 39.82 -12.48
C LYS B 995 -41.41 38.65 -13.12
N ARG B 996 -41.69 38.43 -14.40
CA ARG B 996 -40.96 37.44 -15.14
C ARG B 996 -39.96 38.10 -16.07
N GLY B 997 -38.95 37.32 -16.42
CA GLY B 997 -37.98 37.68 -17.44
C GLY B 997 -37.60 36.46 -18.26
N LEU B 998 -37.13 36.73 -19.48
CA LEU B 998 -36.83 35.68 -20.44
C LEU B 998 -35.61 36.11 -21.27
N CYS B 999 -34.63 35.22 -21.47
CA CYS B 999 -33.48 35.60 -22.29
C CYS B 999 -32.91 34.36 -22.97
N ILE B 1000 -32.36 34.57 -24.16
CA ILE B 1000 -31.66 33.53 -24.89
C ILE B 1000 -30.23 34.02 -25.19
N ILE B 1001 -29.25 33.18 -24.82
CA ILE B 1001 -27.82 33.52 -24.85
C ILE B 1001 -27.05 32.45 -25.63
N PRO B 1002 -26.16 32.84 -26.56
CA PRO B 1002 -25.33 31.88 -27.28
C PRO B 1002 -23.95 31.81 -26.64
N THR B 1003 -23.16 30.85 -27.07
CA THR B 1003 -21.74 30.85 -26.67
C THR B 1003 -20.90 30.16 -27.73
N LYS B 1004 -19.64 30.60 -27.77
CA LYS B 1004 -18.56 30.02 -28.53
C LYS B 1004 -17.40 29.76 -27.55
N PHE B 1005 -16.86 28.53 -27.53
CA PHE B 1005 -15.79 28.23 -26.52
C PHE B 1005 -14.64 27.50 -27.23
N GLY B 1006 -13.47 28.12 -27.22
CA GLY B 1006 -12.27 27.59 -27.86
C GLY B 1006 -11.69 26.39 -27.12
N ILE B 1007 -11.51 25.30 -27.87
CA ILE B 1007 -10.97 24.00 -27.35
C ILE B 1007 -9.48 23.85 -27.67
N SER B 1008 -8.70 23.80 -26.57
CA SER B 1008 -7.27 23.42 -26.48
C SER B 1008 -6.64 24.25 -25.37
N PHE B 1009 -5.60 23.70 -24.74
CA PHE B 1009 -4.86 24.47 -23.77
C PHE B 1009 -4.28 25.72 -24.47
N THR B 1010 -4.34 26.87 -23.79
CA THR B 1010 -3.75 28.15 -24.30
C THR B 1010 -2.22 28.04 -24.44
N LEU B 1011 -1.61 27.16 -23.65
CA LEU B 1011 -0.18 26.81 -23.77
C LEU B 1011 -0.04 25.61 -24.71
N PRO B 1012 0.39 25.81 -25.99
CA PRO B 1012 0.29 24.78 -27.02
C PRO B 1012 0.78 23.37 -26.66
N PHE B 1013 1.95 23.27 -26.03
CA PHE B 1013 2.61 21.95 -25.80
C PHE B 1013 1.85 21.12 -24.74
N LEU B 1014 0.92 21.70 -23.97
CA LEU B 1014 0.09 20.90 -23.07
C LEU B 1014 -0.94 20.06 -23.82
N ASN B 1015 -1.12 20.31 -25.13
CA ASN B 1015 -2.05 19.57 -26.01
C ASN B 1015 -1.38 18.29 -26.51
N GLN B 1016 -1.12 17.37 -25.56
CA GLN B 1016 -0.51 16.11 -25.80
C GLN B 1016 -1.01 15.10 -24.78
N GLY B 1017 -1.05 13.83 -25.18
CA GLY B 1017 -1.43 12.76 -24.24
C GLY B 1017 -0.81 11.44 -24.62
N GLY B 1018 -0.76 10.54 -23.64
CA GLY B 1018 -0.20 9.22 -23.81
C GLY B 1018 -1.09 8.16 -23.20
N ALA B 1019 -0.92 6.94 -23.70
CA ALA B 1019 -1.53 5.78 -23.15
C ALA B 1019 -0.54 4.61 -23.17
N LEU B 1020 -0.90 3.60 -22.42
CA LEU B 1020 -0.21 2.29 -22.37
C LEU B 1020 -1.26 1.19 -22.33
N VAL B 1021 -1.14 0.23 -23.24
CA VAL B 1021 -2.09 -0.87 -23.22
C VAL B 1021 -1.34 -2.20 -23.13
N HIS B 1022 -1.87 -3.13 -22.33
CA HIS B 1022 -1.43 -4.51 -22.27
C HIS B 1022 -2.59 -5.43 -22.64
N VAL B 1023 -2.29 -6.47 -23.42
CA VAL B 1023 -3.17 -7.58 -23.58
C VAL B 1023 -2.54 -8.79 -22.89
N TYR B 1024 -3.22 -9.33 -21.89
CA TYR B 1024 -2.76 -10.53 -21.20
C TYR B 1024 -3.18 -11.75 -22.01
N THR B 1025 -2.61 -12.90 -21.66
CA THR B 1025 -2.78 -14.12 -22.50
C THR B 1025 -4.19 -14.74 -22.36
N ASP B 1026 -5.03 -14.26 -21.42
CA ASP B 1026 -6.46 -14.63 -21.36
C ASP B 1026 -7.29 -13.74 -22.31
N GLY B 1027 -6.65 -12.80 -23.01
CA GLY B 1027 -7.34 -11.89 -23.88
C GLY B 1027 -7.77 -10.60 -23.22
N SER B 1028 -7.73 -10.51 -21.88
CA SER B 1028 -8.22 -9.31 -21.22
C SER B 1028 -7.19 -8.19 -21.38
N VAL B 1029 -7.68 -6.95 -21.40
CA VAL B 1029 -6.91 -5.80 -21.77
C VAL B 1029 -6.86 -4.86 -20.57
N LEU B 1030 -5.65 -4.44 -20.18
CA LEU B 1030 -5.48 -3.44 -19.10
C LEU B 1030 -4.99 -2.15 -19.76
N LEU B 1031 -5.82 -1.11 -19.69
CA LEU B 1031 -5.56 0.16 -20.34
C LEU B 1031 -5.27 1.20 -19.25
N THR B 1032 -4.36 2.13 -19.53
CA THR B 1032 -4.21 3.30 -18.75
C THR B 1032 -3.83 4.44 -19.71
N HIS B 1033 -4.10 5.66 -19.26
CA HIS B 1033 -3.78 6.87 -19.98
C HIS B 1033 -3.47 7.98 -18.96
N GLY B 1034 -3.02 9.14 -19.45
CA GLY B 1034 -2.63 10.27 -18.59
C GLY B 1034 -3.80 10.95 -17.87
N GLY B 1035 -5.04 10.75 -18.35
CA GLY B 1035 -6.22 11.39 -17.78
C GLY B 1035 -6.64 10.80 -16.44
N THR B 1036 -7.22 11.68 -15.60
CA THR B 1036 -7.70 11.29 -14.32
C THR B 1036 -9.23 11.40 -14.31
N GLU B 1037 -9.86 10.47 -13.56
CA GLU B 1037 -11.30 10.43 -13.39
C GLU B 1037 -11.68 11.31 -12.21
N MET B 1038 -12.52 12.31 -12.47
CA MET B 1038 -13.01 13.19 -11.46
C MET B 1038 -14.54 13.29 -11.51
N GLY B 1039 -15.16 12.30 -12.18
CA GLY B 1039 -16.60 12.22 -12.28
C GLY B 1039 -17.14 12.52 -13.68
N GLN B 1040 -16.26 12.95 -14.60
CA GLN B 1040 -16.66 13.36 -15.95
C GLN B 1040 -16.83 12.16 -16.89
N GLY B 1041 -16.59 10.95 -16.38
CA GLY B 1041 -16.74 9.76 -17.18
C GLY B 1041 -15.65 9.59 -18.22
N LEU B 1042 -14.43 10.08 -17.92
CA LEU B 1042 -13.28 9.94 -18.86
C LEU B 1042 -12.91 8.48 -19.07
N HIS B 1043 -12.77 7.69 -17.99
CA HIS B 1043 -12.40 6.30 -18.18
C HIS B 1043 -13.46 5.54 -18.99
N THR B 1044 -14.73 5.81 -18.69
CA THR B 1044 -15.81 5.24 -19.47
C THR B 1044 -15.61 5.50 -20.97
N LYS B 1045 -15.43 6.76 -21.33
CA LYS B 1045 -15.22 7.10 -22.73
C LYS B 1045 -14.03 6.39 -23.35
N MET B 1046 -12.91 6.28 -22.60
CA MET B 1046 -11.66 5.67 -23.12
C MET B 1046 -11.86 4.17 -23.37
N VAL B 1047 -12.63 3.53 -22.50
CA VAL B 1047 -13.04 2.14 -22.68
C VAL B 1047 -13.92 2.01 -23.93
N GLN B 1048 -14.88 2.92 -24.11
CA GLN B 1048 -15.74 2.94 -25.31
C GLN B 1048 -14.85 3.02 -26.56
N VAL B 1049 -13.89 3.93 -26.52
CA VAL B 1049 -12.96 4.18 -27.61
C VAL B 1049 -12.13 2.92 -27.88
N ALA B 1050 -11.52 2.35 -26.83
CA ALA B 1050 -10.65 1.19 -27.01
C ALA B 1050 -11.42 -0.02 -27.56
N SER B 1051 -12.67 -0.17 -27.13
CA SER B 1051 -13.51 -1.25 -27.54
C SER B 1051 -13.85 -1.15 -29.04
N ARG B 1052 -14.08 0.06 -29.53
CA ARG B 1052 -14.30 0.23 -30.96
C ARG B 1052 -12.98 -0.02 -31.71
N ALA B 1053 -11.90 0.58 -31.22
CA ALA B 1053 -10.62 0.49 -31.92
C ALA B 1053 -10.15 -0.96 -32.04
N LEU B 1054 -10.33 -1.76 -30.98
CA LEU B 1054 -9.85 -3.15 -30.95
C LEU B 1054 -10.88 -4.13 -31.51
N LYS B 1055 -12.12 -3.70 -31.67
CA LYS B 1055 -13.30 -4.50 -32.04
C LYS B 1055 -13.49 -5.68 -31.07
N ILE B 1056 -13.57 -5.36 -29.78
CA ILE B 1056 -13.87 -6.29 -28.73
C ILE B 1056 -14.85 -5.60 -27.78
N PRO B 1057 -15.64 -6.36 -27.01
CA PRO B 1057 -16.58 -5.78 -26.06
C PRO B 1057 -15.85 -4.95 -25.00
N THR B 1058 -16.52 -3.92 -24.47
CA THR B 1058 -16.00 -3.15 -23.36
C THR B 1058 -15.71 -4.04 -22.15
N SER B 1059 -16.44 -5.14 -21.98
CA SER B 1059 -16.27 -6.06 -20.87
C SER B 1059 -14.85 -6.62 -20.78
N LYS B 1060 -14.10 -6.66 -21.88
CA LYS B 1060 -12.78 -7.27 -21.87
C LYS B 1060 -11.70 -6.22 -21.55
N ILE B 1061 -12.08 -4.95 -21.37
CA ILE B 1061 -11.11 -3.87 -21.22
C ILE B 1061 -11.32 -3.29 -19.82
N HIS B 1062 -10.22 -2.95 -19.13
CA HIS B 1062 -10.31 -2.39 -17.78
C HIS B 1062 -9.28 -1.29 -17.63
N ILE B 1063 -9.69 -0.22 -16.92
CA ILE B 1063 -8.84 0.85 -16.47
C ILE B 1063 -8.96 0.84 -14.95
N SER B 1064 -7.80 0.75 -14.30
CA SER B 1064 -7.75 0.67 -12.88
C SER B 1064 -7.32 2.01 -12.24
N GLU B 1065 -6.40 2.74 -12.85
CA GLU B 1065 -5.92 3.99 -12.26
C GLU B 1065 -5.04 4.76 -13.25
N THR B 1066 -4.60 5.93 -12.80
CA THR B 1066 -3.73 6.78 -13.49
C THR B 1066 -2.42 6.84 -12.68
N SER B 1067 -1.27 6.67 -13.33
CA SER B 1067 0.01 6.73 -12.58
C SER B 1067 1.15 7.26 -13.46
N THR B 1068 2.05 8.02 -12.81
CA THR B 1068 3.21 8.60 -13.47
C THR B 1068 4.21 7.53 -13.93
N ASN B 1069 4.14 6.31 -13.37
CA ASN B 1069 5.06 5.26 -13.70
C ASN B 1069 4.46 4.34 -14.78
N THR B 1070 3.26 4.63 -15.29
CA THR B 1070 2.76 3.95 -16.50
C THR B 1070 2.73 4.87 -17.74
N VAL B 1071 2.27 6.13 -17.57
CA VAL B 1071 2.32 7.18 -18.59
C VAL B 1071 2.96 8.41 -17.98
N PRO B 1072 4.13 8.85 -18.48
CA PRO B 1072 4.86 9.98 -17.92
C PRO B 1072 4.50 11.31 -18.59
N ASN B 1073 4.83 12.42 -17.93
CA ASN B 1073 4.87 13.74 -18.57
C ASN B 1073 3.47 14.14 -19.08
N THR B 1074 2.47 13.86 -18.25
CA THR B 1074 1.11 14.05 -18.67
C THR B 1074 0.65 15.48 -18.37
N SER B 1075 -0.17 16.03 -19.28
CA SER B 1075 -0.82 17.30 -18.99
C SER B 1075 -1.86 17.07 -17.89
N PRO B 1076 -2.30 18.13 -17.21
CA PRO B 1076 -3.42 18.01 -16.29
C PRO B 1076 -4.71 17.65 -17.06
N THR B 1077 -5.59 16.96 -16.36
CA THR B 1077 -6.92 16.67 -16.82
C THR B 1077 -7.70 17.98 -16.68
N ALA B 1078 -7.73 18.71 -17.79
CA ALA B 1078 -8.15 20.08 -17.79
C ALA B 1078 -8.45 20.52 -19.21
N ALA B 1079 -8.95 21.73 -19.34
CA ALA B 1079 -9.20 22.40 -20.62
C ALA B 1079 -10.21 21.61 -21.46
N SER B 1080 -11.04 20.79 -20.80
CA SER B 1080 -12.11 19.97 -21.47
C SER B 1080 -11.52 19.04 -22.53
N ALA B 1081 -10.18 18.93 -22.58
CA ALA B 1081 -9.49 18.35 -23.73
C ALA B 1081 -9.08 16.89 -23.52
N SER B 1082 -9.31 16.34 -22.32
CA SER B 1082 -8.70 15.07 -21.90
C SER B 1082 -9.21 13.86 -22.68
N ALA B 1083 -10.49 13.83 -23.07
CA ALA B 1083 -10.97 12.74 -23.91
C ALA B 1083 -10.42 12.88 -25.35
N ASP B 1084 -10.31 14.11 -25.83
CA ASP B 1084 -9.71 14.36 -27.17
C ASP B 1084 -8.28 13.78 -27.21
N LEU B 1085 -7.47 14.17 -26.21
CA LEU B 1085 -6.02 13.85 -26.22
C LEU B 1085 -5.79 12.38 -25.90
N ASN B 1086 -6.36 11.91 -24.78
CA ASN B 1086 -6.21 10.53 -24.34
C ASN B 1086 -6.94 9.55 -25.29
N GLY B 1087 -8.10 9.95 -25.87
CA GLY B 1087 -8.81 9.16 -26.90
C GLY B 1087 -7.89 8.82 -28.06
N GLN B 1088 -7.19 9.83 -28.58
CA GLN B 1088 -6.25 9.63 -29.70
C GLN B 1088 -5.13 8.66 -29.26
N GLY B 1089 -4.57 8.91 -28.06
CA GLY B 1089 -3.45 8.13 -27.44
C GLY B 1089 -3.86 6.66 -27.37
N VAL B 1090 -5.05 6.43 -26.84
CA VAL B 1090 -5.60 5.09 -26.69
C VAL B 1090 -5.80 4.44 -28.07
N TYR B 1091 -6.45 5.19 -28.97
CA TYR B 1091 -6.70 4.75 -30.34
C TYR B 1091 -5.37 4.27 -30.93
N GLU B 1092 -4.30 5.05 -30.78
CA GLU B 1092 -3.01 4.72 -31.44
C GLU B 1092 -2.40 3.45 -30.83
N ALA B 1093 -2.41 3.38 -29.49
CA ALA B 1093 -1.94 2.20 -28.79
C ALA B 1093 -2.70 0.96 -29.28
N CYS B 1094 -4.03 1.08 -29.45
CA CYS B 1094 -4.88 -0.03 -29.94
C CYS B 1094 -4.50 -0.41 -31.38
N GLN B 1095 -4.27 0.59 -32.22
CA GLN B 1095 -3.87 0.34 -33.63
C GLN B 1095 -2.53 -0.44 -33.68
N THR B 1096 -1.60 -0.16 -32.79
CA THR B 1096 -0.37 -0.90 -32.76
C THR B 1096 -0.61 -2.38 -32.42
N ILE B 1097 -1.43 -2.65 -31.39
CA ILE B 1097 -1.74 -4.01 -31.07
C ILE B 1097 -2.39 -4.69 -32.30
N LEU B 1098 -3.33 -4.01 -32.96
CA LEU B 1098 -4.05 -4.67 -34.05
C LEU B 1098 -3.09 -5.05 -35.19
N LYS B 1099 -2.21 -4.14 -35.52
CA LYS B 1099 -1.16 -4.38 -36.51
C LYS B 1099 -0.36 -5.65 -36.17
N ARG B 1100 -0.05 -5.86 -34.88
CA ARG B 1100 0.71 -7.03 -34.50
C ARG B 1100 -0.14 -8.30 -34.58
N LEU B 1101 -1.46 -8.21 -34.36
CA LEU B 1101 -2.30 -9.38 -34.40
C LEU B 1101 -2.70 -9.72 -35.85
N GLU B 1102 -2.54 -8.81 -36.82
CA GLU B 1102 -3.02 -8.98 -38.23
C GLU B 1102 -2.67 -10.36 -38.80
N PRO B 1103 -1.41 -10.83 -38.80
CA PRO B 1103 -1.10 -12.14 -39.41
C PRO B 1103 -1.89 -13.28 -38.73
N PHE B 1104 -2.21 -13.15 -37.43
CA PHE B 1104 -2.97 -14.19 -36.71
C PHE B 1104 -4.44 -14.12 -37.10
N LYS B 1105 -4.91 -12.90 -37.34
CA LYS B 1105 -6.27 -12.68 -37.81
C LYS B 1105 -6.42 -13.33 -39.20
N LYS B 1106 -5.43 -13.09 -40.06
CA LYS B 1106 -5.44 -13.58 -41.47
C LYS B 1106 -5.50 -15.12 -41.50
N LYS B 1107 -4.79 -15.79 -40.58
CA LYS B 1107 -4.70 -17.25 -40.56
C LYS B 1107 -5.95 -17.85 -39.91
N LYS B 1108 -6.62 -17.11 -39.04
CA LYS B 1108 -7.74 -17.67 -38.28
C LYS B 1108 -8.88 -16.65 -38.29
N PRO B 1109 -9.39 -16.28 -39.48
CA PRO B 1109 -10.23 -15.10 -39.64
C PRO B 1109 -11.47 -15.03 -38.74
N THR B 1110 -11.98 -16.17 -38.30
CA THR B 1110 -13.20 -16.25 -37.49
C THR B 1110 -12.82 -16.56 -36.03
N GLY B 1111 -11.87 -17.49 -35.80
CA GLY B 1111 -11.47 -18.04 -34.44
C GLY B 1111 -11.29 -16.87 -33.49
N PRO B 1112 -11.68 -16.96 -32.21
CA PRO B 1112 -11.99 -15.76 -31.44
C PRO B 1112 -10.73 -14.92 -31.13
N TRP B 1113 -10.97 -13.76 -30.53
CA TRP B 1113 -9.95 -12.85 -30.10
C TRP B 1113 -8.89 -13.59 -29.26
N GLU B 1114 -9.35 -14.44 -28.35
CA GLU B 1114 -8.54 -15.15 -27.32
C GLU B 1114 -7.55 -16.08 -28.03
N ALA B 1115 -7.96 -16.69 -29.17
CA ALA B 1115 -7.10 -17.53 -29.93
C ALA B 1115 -6.01 -16.71 -30.63
N TRP B 1116 -6.33 -15.53 -31.22
CA TRP B 1116 -5.30 -14.64 -31.82
C TRP B 1116 -4.26 -14.23 -30.76
N VAL B 1117 -4.74 -13.84 -29.60
CA VAL B 1117 -3.86 -13.39 -28.51
C VAL B 1117 -2.89 -14.52 -28.10
N MET B 1118 -3.41 -15.72 -27.82
CA MET B 1118 -2.58 -16.82 -27.36
C MET B 1118 -1.59 -17.20 -28.47
N ASP B 1119 -2.03 -17.11 -29.74
CA ASP B 1119 -1.17 -17.40 -30.89
C ASP B 1119 -0.04 -16.36 -30.98
N ALA B 1120 -0.35 -15.08 -30.78
CA ALA B 1120 0.67 -14.06 -30.80
C ALA B 1120 1.66 -14.31 -29.66
N TYR B 1121 1.13 -14.65 -28.48
CA TYR B 1121 2.00 -14.82 -27.34
C TYR B 1121 2.98 -15.99 -27.57
N THR B 1122 2.47 -17.15 -27.99
CA THR B 1122 3.29 -18.31 -28.16
C THR B 1122 4.15 -18.18 -29.42
N SER B 1123 3.94 -17.13 -30.22
CA SER B 1123 4.84 -16.76 -31.33
C SER B 1123 5.82 -15.70 -30.90
N ALA B 1124 5.84 -15.32 -29.62
CA ALA B 1124 6.73 -14.29 -29.10
C ALA B 1124 6.54 -12.95 -29.83
N VAL B 1125 5.29 -12.47 -29.83
CA VAL B 1125 4.95 -11.15 -30.35
C VAL B 1125 4.55 -10.31 -29.12
N SER B 1126 5.03 -9.09 -29.04
CA SER B 1126 4.78 -8.20 -27.89
C SER B 1126 3.27 -7.85 -27.86
N LEU B 1127 2.69 -7.89 -26.68
CA LEU B 1127 1.28 -7.54 -26.52
C LEU B 1127 1.16 -6.31 -25.60
N SER B 1128 2.18 -5.46 -25.65
CA SER B 1128 2.17 -4.21 -24.95
C SER B 1128 2.53 -3.08 -25.92
N ALA B 1129 1.82 -1.96 -25.82
CA ALA B 1129 2.15 -0.79 -26.67
C ALA B 1129 1.85 0.53 -25.95
N THR B 1130 2.68 1.53 -26.24
CA THR B 1130 2.39 2.90 -25.92
C THR B 1130 1.64 3.53 -27.07
N GLY B 1131 0.95 4.61 -26.76
CA GLY B 1131 0.25 5.44 -27.73
C GLY B 1131 0.40 6.88 -27.31
N PHE B 1132 0.40 7.77 -28.29
CA PHE B 1132 0.66 9.16 -28.09
C PHE B 1132 -0.05 10.03 -29.15
N TYR B 1133 -0.39 11.23 -28.75
CA TYR B 1133 -1.00 12.20 -29.62
C TYR B 1133 -0.59 13.61 -29.21
N LYS B 1134 -0.37 14.45 -30.21
CA LYS B 1134 -0.24 15.91 -30.06
C LYS B 1134 -1.25 16.58 -31.01
N THR B 1135 -1.92 17.61 -30.49
CA THR B 1135 -2.82 18.37 -31.30
C THR B 1135 -1.97 19.17 -32.30
N PRO B 1136 -2.21 19.02 -33.61
CA PRO B 1136 -1.39 19.69 -34.62
C PRO B 1136 -1.76 21.15 -34.85
N ASN B 1137 -0.78 21.93 -35.34
CA ASN B 1137 -1.08 23.26 -35.96
C ASN B 1137 -1.53 24.30 -34.92
N LEU B 1138 -1.13 24.21 -33.65
CA LEU B 1138 -1.51 25.22 -32.66
C LEU B 1138 -0.33 26.16 -32.41
N GLY B 1139 -0.65 27.40 -32.08
CA GLY B 1139 0.32 28.33 -31.53
C GLY B 1139 0.01 29.76 -31.93
N TYR B 1140 -0.59 30.51 -31.02
CA TYR B 1140 -0.97 31.90 -31.24
C TYR B 1140 0.13 32.83 -30.73
N SER B 1141 0.33 33.95 -31.42
CA SER B 1141 1.23 35.00 -30.97
C SER B 1141 0.45 36.28 -30.66
N PHE B 1142 0.62 36.81 -29.46
CA PHE B 1142 0.03 38.09 -29.10
C PHE B 1142 0.75 39.23 -29.85
N GLU B 1143 2.04 39.03 -30.17
CA GLU B 1143 2.84 40.05 -30.89
C GLU B 1143 2.27 40.25 -32.31
N THR B 1144 1.88 39.18 -33.00
CA THR B 1144 1.48 39.32 -34.37
C THR B 1144 -0.03 39.08 -34.54
N ASN B 1145 -0.75 38.75 -33.46
CA ASN B 1145 -2.22 38.41 -33.58
C ASN B 1145 -2.45 37.40 -34.72
N SER B 1146 -1.70 36.30 -34.69
CA SER B 1146 -1.75 35.27 -35.71
C SER B 1146 -1.40 33.91 -35.07
N GLY B 1147 -1.73 32.84 -35.78
CA GLY B 1147 -1.63 31.48 -35.28
C GLY B 1147 -2.93 31.09 -34.58
N ASN B 1148 -3.29 29.82 -34.59
CA ASN B 1148 -4.55 29.28 -33.98
C ASN B 1148 -4.32 28.93 -32.51
N PRO B 1149 -4.93 29.58 -31.51
CA PRO B 1149 -4.85 29.05 -30.15
C PRO B 1149 -5.63 27.73 -30.01
N PHE B 1150 -6.65 27.50 -30.85
CA PHE B 1150 -7.68 26.47 -30.62
C PHE B 1150 -7.73 25.54 -31.81
N HIS B 1151 -8.06 24.27 -31.53
CA HIS B 1151 -8.14 23.23 -32.52
C HIS B 1151 -9.53 23.27 -33.19
N TYR B 1152 -10.55 23.65 -32.42
CA TYR B 1152 -11.90 23.84 -32.91
C TYR B 1152 -12.65 24.56 -31.80
N PHE B 1153 -13.95 24.81 -31.99
CA PHE B 1153 -14.75 25.54 -31.02
C PHE B 1153 -16.01 24.71 -30.70
N SER B 1154 -16.46 24.82 -29.45
CA SER B 1154 -17.72 24.32 -29.02
C SER B 1154 -18.72 25.45 -29.17
N TYR B 1155 -19.99 25.07 -29.37
CA TYR B 1155 -21.10 26.03 -29.58
C TYR B 1155 -22.33 25.52 -28.85
N GLY B 1156 -23.14 26.44 -28.35
CA GLY B 1156 -24.41 26.10 -27.79
C GLY B 1156 -25.21 27.35 -27.50
N VAL B 1157 -26.50 27.16 -27.19
CA VAL B 1157 -27.45 28.24 -26.90
C VAL B 1157 -28.36 27.76 -25.75
N ALA B 1158 -28.64 28.67 -24.83
CA ALA B 1158 -29.66 28.43 -23.78
C ALA B 1158 -30.66 29.58 -23.71
N CYS B 1159 -31.92 29.19 -23.54
CA CYS B 1159 -33.03 30.10 -23.31
C CYS B 1159 -33.56 29.82 -21.90
N SER B 1160 -33.58 30.84 -21.04
CA SER B 1160 -34.09 30.67 -19.68
C SER B 1160 -35.15 31.72 -19.36
N GLU B 1161 -36.13 31.28 -18.55
CA GLU B 1161 -37.22 32.09 -18.01
C GLU B 1161 -37.12 32.07 -16.48
N VAL B 1162 -37.33 33.22 -15.85
CA VAL B 1162 -37.40 33.31 -14.39
C VAL B 1162 -38.68 34.04 -13.95
N GLU B 1163 -39.02 33.87 -12.67
CA GLU B 1163 -39.97 34.72 -12.00
C GLU B 1163 -39.34 35.23 -10.70
N ILE B 1164 -39.19 36.55 -10.58
CA ILE B 1164 -38.59 37.13 -9.38
C ILE B 1164 -39.70 37.55 -8.40
N ASP B 1165 -39.34 37.52 -7.11
CA ASP B 1165 -40.10 38.14 -6.02
C ASP B 1165 -39.54 39.55 -5.76
N CYS B 1166 -40.29 40.57 -6.17
CA CYS B 1166 -39.76 41.92 -6.13
C CYS B 1166 -39.64 42.43 -4.69
N LEU B 1167 -40.33 41.76 -3.76
CA LEU B 1167 -40.31 42.18 -2.37
C LEU B 1167 -39.20 41.50 -1.55
N THR B 1168 -38.70 40.32 -1.98
CA THR B 1168 -37.72 39.53 -1.19
C THR B 1168 -36.37 39.36 -1.92
N GLY B 1169 -36.38 39.44 -3.25
CA GLY B 1169 -35.21 39.09 -4.03
C GLY B 1169 -35.09 37.64 -4.44
N ASP B 1170 -35.93 36.76 -3.90
CA ASP B 1170 -35.99 35.33 -4.28
C ASP B 1170 -36.46 35.23 -5.73
N HIS B 1171 -36.15 34.12 -6.41
CA HIS B 1171 -36.66 33.89 -7.75
C HIS B 1171 -36.79 32.39 -7.99
N LYS B 1172 -37.64 32.05 -8.94
CA LYS B 1172 -37.78 30.70 -9.43
C LYS B 1172 -37.17 30.62 -10.81
N ASN B 1173 -36.43 29.55 -11.10
CA ASN B 1173 -35.97 29.23 -12.44
C ASN B 1173 -37.06 28.38 -13.12
N LEU B 1174 -37.89 28.99 -13.96
CA LEU B 1174 -39.10 28.35 -14.43
C LEU B 1174 -38.77 27.32 -15.51
N ARG B 1175 -37.88 27.70 -16.44
CA ARG B 1175 -37.60 26.86 -17.55
C ARG B 1175 -36.27 27.24 -18.18
N THR B 1176 -35.52 26.21 -18.59
CA THR B 1176 -34.32 26.37 -19.38
C THR B 1176 -34.33 25.32 -20.52
N ASP B 1177 -33.99 25.78 -21.72
CA ASP B 1177 -33.81 24.92 -22.91
C ASP B 1177 -32.40 25.18 -23.45
N ILE B 1178 -31.65 24.10 -23.64
CA ILE B 1178 -30.25 24.12 -24.07
C ILE B 1178 -30.17 23.27 -25.32
N VAL B 1179 -29.50 23.81 -26.33
CA VAL B 1179 -29.03 23.03 -27.47
C VAL B 1179 -27.51 23.16 -27.52
N MET B 1180 -26.82 22.01 -27.44
CA MET B 1180 -25.39 21.96 -27.34
C MET B 1180 -24.81 21.14 -28.48
N ASP B 1181 -23.76 21.68 -29.10
CA ASP B 1181 -23.01 20.98 -30.14
C ASP B 1181 -21.90 20.21 -29.45
N VAL B 1182 -22.03 18.89 -29.31
CA VAL B 1182 -20.94 18.10 -28.79
C VAL B 1182 -20.37 17.18 -29.88
N GLY B 1183 -20.50 17.60 -31.14
CA GLY B 1183 -20.15 16.79 -32.24
C GLY B 1183 -20.93 15.49 -32.25
N SER B 1184 -20.33 14.42 -32.79
CA SER B 1184 -20.87 13.08 -32.60
C SER B 1184 -20.46 12.62 -31.20
N SER B 1185 -21.38 12.71 -30.25
CA SER B 1185 -21.05 12.43 -28.84
C SER B 1185 -20.43 11.04 -28.70
N LEU B 1186 -19.35 10.91 -27.91
CA LEU B 1186 -18.82 9.57 -27.55
C LEU B 1186 -19.79 8.81 -26.65
N ASN B 1187 -20.58 9.56 -25.88
CA ASN B 1187 -21.48 9.03 -24.88
C ASN B 1187 -22.48 10.11 -24.49
N PRO B 1188 -23.70 10.05 -25.04
CA PRO B 1188 -24.68 11.11 -24.83
C PRO B 1188 -25.17 11.19 -23.40
N ALA B 1189 -25.15 10.06 -22.67
CA ALA B 1189 -25.56 10.12 -21.29
C ALA B 1189 -24.58 10.98 -20.48
N ILE B 1190 -23.28 10.71 -20.69
CA ILE B 1190 -22.25 11.41 -19.94
C ILE B 1190 -22.24 12.86 -20.42
N ASP B 1191 -22.39 13.08 -21.74
CA ASP B 1191 -22.33 14.45 -22.27
C ASP B 1191 -23.52 15.31 -21.81
N ILE B 1192 -24.73 14.74 -21.79
CA ILE B 1192 -25.84 15.50 -21.26
C ILE B 1192 -25.61 15.83 -19.78
N GLY B 1193 -25.01 14.87 -19.07
CA GLY B 1193 -24.68 15.05 -17.67
C GLY B 1193 -23.71 16.18 -17.45
N GLN B 1194 -22.73 16.29 -18.38
CA GLN B 1194 -21.76 17.40 -18.34
C GLN B 1194 -22.42 18.74 -18.68
N VAL B 1195 -23.32 18.73 -19.67
CA VAL B 1195 -24.06 19.95 -19.94
C VAL B 1195 -24.81 20.42 -18.70
N GLU B 1196 -25.53 19.50 -18.05
CA GLU B 1196 -26.42 19.86 -16.97
C GLU B 1196 -25.56 20.29 -15.77
N GLY B 1197 -24.51 19.51 -15.49
CA GLY B 1197 -23.64 19.80 -14.35
C GLY B 1197 -22.93 21.14 -14.54
N ALA B 1198 -22.34 21.35 -15.71
CA ALA B 1198 -21.70 22.65 -16.00
C ALA B 1198 -22.71 23.80 -15.89
N PHE B 1199 -23.88 23.62 -16.53
CA PHE B 1199 -24.90 24.66 -16.49
C PHE B 1199 -25.22 25.03 -15.04
N VAL B 1200 -25.39 24.04 -14.16
CA VAL B 1200 -25.80 24.34 -12.78
C VAL B 1200 -24.64 24.97 -12.00
N GLN B 1201 -23.38 24.65 -12.27
CA GLN B 1201 -22.27 25.39 -11.64
C GLN B 1201 -22.30 26.86 -12.10
N GLY B 1202 -22.67 27.09 -13.36
CA GLY B 1202 -22.84 28.45 -13.88
C GLY B 1202 -23.93 29.22 -13.19
N LEU B 1203 -25.06 28.53 -12.99
CA LEU B 1203 -26.21 29.03 -12.28
C LEU B 1203 -25.74 29.48 -10.89
N GLY B 1204 -24.90 28.67 -10.21
CA GLY B 1204 -24.32 29.07 -8.92
C GLY B 1204 -23.46 30.32 -9.05
N LEU B 1205 -22.54 30.32 -10.01
CA LEU B 1205 -21.61 31.46 -10.24
C LEU B 1205 -22.35 32.79 -10.40
N PHE B 1206 -23.47 32.77 -11.14
CA PHE B 1206 -24.07 34.01 -11.59
C PHE B 1206 -25.24 34.44 -10.69
N THR B 1207 -25.74 33.56 -9.81
CA THR B 1207 -26.94 33.87 -9.07
C THR B 1207 -26.93 33.46 -7.58
N MET B 1208 -25.96 32.69 -7.07
CA MET B 1208 -26.11 32.18 -5.70
C MET B 1208 -24.82 32.24 -4.87
N GLU B 1209 -23.70 31.91 -5.50
CA GLU B 1209 -22.43 31.67 -4.84
C GLU B 1209 -21.68 32.99 -4.66
N GLU B 1210 -21.38 33.28 -3.39
CA GLU B 1210 -20.69 34.47 -3.03
C GLU B 1210 -19.72 34.20 -1.87
N LEU B 1211 -18.47 34.66 -2.03
CA LEU B 1211 -17.47 34.61 -0.96
C LEU B 1211 -17.30 36.01 -0.35
N HIS B 1212 -17.24 36.13 0.96
CA HIS B 1212 -17.05 37.44 1.57
C HIS B 1212 -15.73 37.41 2.33
N TYR B 1213 -15.00 38.54 2.30
CA TYR B 1213 -13.73 38.74 3.02
C TYR B 1213 -13.76 39.95 3.95
N SER B 1214 -13.13 39.84 5.11
CA SER B 1214 -12.95 41.03 5.99
C SER B 1214 -12.15 42.11 5.26
N PRO B 1215 -12.14 43.38 5.75
CA PRO B 1215 -11.26 44.39 5.15
C PRO B 1215 -9.78 44.01 5.21
N GLU B 1216 -9.40 43.16 6.16
CA GLU B 1216 -8.02 42.73 6.37
C GLU B 1216 -7.69 41.45 5.57
N GLY B 1217 -8.55 41.06 4.63
CA GLY B 1217 -8.29 39.94 3.70
C GLY B 1217 -8.52 38.55 4.25
N SER B 1218 -9.33 38.41 5.30
CA SER B 1218 -9.63 37.14 5.87
C SER B 1218 -10.96 36.60 5.33
N LEU B 1219 -10.92 35.41 4.73
CA LEU B 1219 -12.13 34.80 4.15
C LEU B 1219 -13.10 34.49 5.28
N HIS B 1220 -14.32 35.03 5.23
CA HIS B 1220 -15.35 34.73 6.22
C HIS B 1220 -16.11 33.44 5.83
N THR B 1221 -16.20 33.21 4.52
CA THR B 1221 -17.09 32.18 3.95
C THR B 1221 -16.34 30.83 3.85
N ARG B 1222 -16.58 29.87 4.76
CA ARG B 1222 -15.66 28.71 4.89
C ARG B 1222 -16.44 27.37 5.02
N GLY B 1223 -17.72 27.35 4.68
CA GLY B 1223 -18.47 26.11 4.67
C GLY B 1223 -19.80 26.27 3.97
N PRO B 1224 -20.54 25.15 3.79
CA PRO B 1224 -21.84 25.19 3.14
C PRO B 1224 -22.84 26.02 3.94
N SER B 1225 -22.62 26.28 5.24
CA SER B 1225 -23.58 27.10 5.99
C SER B 1225 -23.66 28.49 5.36
N THR B 1226 -22.51 29.00 4.89
CA THR B 1226 -22.43 30.35 4.36
C THR B 1226 -22.22 30.35 2.85
N TYR B 1227 -21.67 29.28 2.28
CA TYR B 1227 -21.40 29.25 0.87
C TYR B 1227 -22.48 28.41 0.19
N LYS B 1228 -23.34 29.05 -0.61
CA LYS B 1228 -24.53 28.37 -0.97
C LYS B 1228 -24.50 27.92 -2.42
N ILE B 1229 -24.10 26.67 -2.64
CA ILE B 1229 -24.10 26.10 -4.02
C ILE B 1229 -25.53 25.69 -4.35
N PRO B 1230 -25.85 25.45 -5.64
CA PRO B 1230 -27.20 24.99 -5.97
C PRO B 1230 -27.60 23.72 -5.21
N ALA B 1231 -28.87 23.67 -4.83
CA ALA B 1231 -29.52 22.59 -4.18
C ALA B 1231 -30.50 21.91 -5.15
N PHE B 1232 -31.05 20.77 -4.72
CA PHE B 1232 -32.03 20.05 -5.54
C PHE B 1232 -33.13 21.01 -6.01
N GLY B 1233 -33.53 21.93 -5.10
CA GLY B 1233 -34.62 22.89 -5.31
C GLY B 1233 -34.26 24.08 -6.19
N SER B 1234 -32.99 24.20 -6.63
CA SER B 1234 -32.47 25.38 -7.32
C SER B 1234 -32.69 25.31 -8.83
N ILE B 1235 -32.91 24.12 -9.37
CA ILE B 1235 -32.64 23.90 -10.80
C ILE B 1235 -33.87 24.30 -11.60
N PRO B 1236 -33.77 24.56 -12.91
CA PRO B 1236 -34.93 24.95 -13.69
C PRO B 1236 -36.00 23.84 -13.61
N ILE B 1237 -37.24 24.23 -13.37
CA ILE B 1237 -38.34 23.31 -13.12
C ILE B 1237 -38.59 22.48 -14.39
N GLU B 1238 -38.58 23.16 -15.53
CA GLU B 1238 -38.62 22.54 -16.81
C GLU B 1238 -37.20 22.66 -17.38
N PHE B 1239 -36.55 21.52 -17.58
CA PHE B 1239 -35.10 21.54 -17.91
C PHE B 1239 -34.91 20.61 -19.12
N ARG B 1240 -34.66 21.25 -20.28
CA ARG B 1240 -34.56 20.56 -21.56
C ARG B 1240 -33.14 20.72 -22.12
N VAL B 1241 -32.57 19.59 -22.51
CA VAL B 1241 -31.25 19.52 -23.06
C VAL B 1241 -31.30 18.70 -24.35
N SER B 1242 -30.84 19.29 -25.45
CA SER B 1242 -30.70 18.61 -26.75
C SER B 1242 -29.25 18.66 -27.19
N LEU B 1243 -28.71 17.53 -27.63
CA LEU B 1243 -27.44 17.52 -28.30
C LEU B 1243 -27.67 17.65 -29.82
N LEU B 1244 -26.95 18.57 -30.46
CA LEU B 1244 -27.16 18.86 -31.87
C LEU B 1244 -26.94 17.59 -32.68
N ARG B 1245 -27.86 17.32 -33.61
CA ARG B 1245 -27.82 16.18 -34.50
C ARG B 1245 -26.93 16.49 -35.72
N ASP B 1246 -26.30 15.44 -36.27
CA ASP B 1246 -25.64 15.47 -37.57
C ASP B 1246 -24.60 16.59 -37.64
N CYS B 1247 -23.62 16.56 -36.73
CA CYS B 1247 -22.58 17.56 -36.69
C CYS B 1247 -21.24 16.93 -36.31
N PRO B 1248 -20.75 15.93 -37.09
CA PRO B 1248 -19.46 15.28 -36.83
C PRO B 1248 -18.32 16.30 -36.89
N ASN B 1249 -17.35 16.19 -35.96
CA ASN B 1249 -16.17 17.07 -35.85
C ASN B 1249 -14.94 16.25 -36.20
N LYS B 1250 -14.53 16.27 -37.46
CA LYS B 1250 -13.63 15.18 -37.93
C LYS B 1250 -12.24 15.25 -37.28
N ARG B 1251 -11.88 16.41 -36.72
CA ARG B 1251 -10.58 16.62 -36.08
C ARG B 1251 -10.51 16.32 -34.55
N ALA B 1252 -11.53 15.71 -33.96
CA ALA B 1252 -11.34 15.02 -32.67
C ALA B 1252 -11.80 13.57 -32.82
N ILE B 1253 -11.41 12.76 -31.83
CA ILE B 1253 -11.57 11.31 -31.78
C ILE B 1253 -13.03 10.93 -32.08
N TYR B 1254 -13.19 10.09 -33.11
CA TYR B 1254 -14.52 9.58 -33.55
C TYR B 1254 -15.56 10.70 -33.67
N ALA B 1255 -15.09 11.86 -34.12
CA ALA B 1255 -15.92 13.01 -34.59
C ALA B 1255 -16.64 13.69 -33.41
N SER B 1256 -16.14 13.46 -32.17
CA SER B 1256 -16.73 14.07 -30.97
C SER B 1256 -16.21 15.49 -30.77
N LYS B 1257 -16.78 16.19 -29.79
CA LYS B 1257 -16.23 17.38 -29.27
C LYS B 1257 -16.15 17.28 -27.75
N ALA B 1258 -15.25 18.09 -27.22
CA ALA B 1258 -15.13 18.32 -25.82
C ALA B 1258 -16.42 18.97 -25.28
N VAL B 1259 -16.75 18.71 -24.01
CA VAL B 1259 -17.99 19.15 -23.43
C VAL B 1259 -17.87 19.77 -22.02
N GLY B 1260 -16.78 19.59 -21.27
CA GLY B 1260 -16.81 19.88 -19.80
C GLY B 1260 -17.11 21.33 -19.46
N GLU B 1261 -16.42 22.26 -20.11
CA GLU B 1261 -16.47 23.65 -19.74
C GLU B 1261 -17.48 24.45 -20.56
N PRO B 1262 -17.60 24.28 -21.89
CA PRO B 1262 -18.42 25.22 -22.67
C PRO B 1262 -19.87 25.51 -22.23
N PRO B 1263 -20.60 24.54 -21.63
CA PRO B 1263 -21.99 24.80 -21.22
C PRO B 1263 -22.14 25.75 -20.03
N LEU B 1264 -21.07 25.95 -19.23
CA LEU B 1264 -21.21 26.65 -17.97
C LEU B 1264 -21.72 28.07 -18.22
N PHE B 1265 -21.15 28.74 -19.23
CA PHE B 1265 -21.50 30.15 -19.43
C PHE B 1265 -22.98 30.31 -19.84
N LEU B 1266 -23.60 29.25 -20.35
CA LEU B 1266 -25.01 29.33 -20.84
C LEU B 1266 -25.97 29.62 -19.68
N ALA B 1267 -25.54 29.40 -18.43
CA ALA B 1267 -26.36 29.79 -17.28
C ALA B 1267 -26.47 31.31 -17.16
N SER B 1268 -25.67 32.07 -17.93
CA SER B 1268 -25.87 33.54 -17.98
C SER B 1268 -27.30 33.89 -18.46
N SER B 1269 -27.93 32.98 -19.21
CA SER B 1269 -29.31 33.09 -19.63
C SER B 1269 -30.23 33.41 -18.44
N ILE B 1270 -29.94 32.82 -17.28
CA ILE B 1270 -30.68 33.03 -16.06
C ILE B 1270 -30.39 34.43 -15.52
N PHE B 1271 -29.11 34.77 -15.47
CA PHE B 1271 -28.64 36.15 -15.07
C PHE B 1271 -29.34 37.22 -15.92
N PHE B 1272 -29.36 37.05 -17.26
CA PHE B 1272 -30.01 38.08 -18.11
C PHE B 1272 -31.54 38.01 -18.03
N ALA B 1273 -32.12 36.83 -17.73
CA ALA B 1273 -33.54 36.75 -17.54
C ALA B 1273 -33.92 37.51 -16.26
N ILE B 1274 -33.11 37.36 -15.23
CA ILE B 1274 -33.28 38.12 -14.00
C ILE B 1274 -33.17 39.62 -14.31
N LYS B 1275 -32.17 40.00 -15.12
CA LYS B 1275 -31.95 41.41 -15.39
C LYS B 1275 -33.20 41.98 -16.08
N ASP B 1276 -33.73 41.21 -17.00
CA ASP B 1276 -35.00 41.55 -17.68
C ASP B 1276 -36.16 41.77 -16.68
N ALA B 1277 -36.32 40.86 -15.71
CA ALA B 1277 -37.40 40.95 -14.76
C ALA B 1277 -37.24 42.18 -13.87
N ILE B 1278 -35.99 42.44 -13.44
CA ILE B 1278 -35.70 43.63 -12.67
C ILE B 1278 -36.10 44.88 -13.48
N ARG B 1279 -35.75 44.93 -14.76
CA ARG B 1279 -36.09 46.11 -15.59
C ARG B 1279 -37.61 46.35 -15.56
N ALA B 1280 -38.40 45.27 -15.67
CA ALA B 1280 -39.87 45.36 -15.57
C ALA B 1280 -40.28 45.88 -14.19
N ALA B 1281 -39.64 45.38 -13.13
CA ALA B 1281 -39.96 45.83 -11.79
C ALA B 1281 -39.65 47.33 -11.65
N ARG B 1282 -38.57 47.78 -12.25
CA ARG B 1282 -38.15 49.19 -12.13
C ARG B 1282 -39.11 50.10 -12.92
N ALA B 1283 -39.53 49.68 -14.12
CA ALA B 1283 -40.61 50.37 -14.85
C ALA B 1283 -41.88 50.45 -13.98
N GLN B 1284 -42.15 49.42 -13.18
CA GLN B 1284 -43.37 49.41 -12.31
C GLN B 1284 -43.34 50.46 -11.18
N HIS B 1285 -42.21 50.64 -10.44
CA HIS B 1285 -42.21 51.34 -9.12
C HIS B 1285 -41.14 52.44 -9.02
N GLN B 1291 -32.67 53.44 -19.15
CA GLN B 1291 -31.99 53.47 -17.82
C GLN B 1291 -31.21 52.15 -17.63
N LEU B 1292 -29.88 52.31 -17.63
CA LEU B 1292 -28.96 51.21 -17.69
C LEU B 1292 -28.47 50.90 -16.28
N PHE B 1293 -29.34 50.30 -15.46
CA PHE B 1293 -29.02 50.09 -14.06
C PHE B 1293 -27.94 49.01 -13.95
N GLN B 1294 -27.25 49.02 -12.82
CA GLN B 1294 -26.13 48.13 -12.56
C GLN B 1294 -26.66 46.79 -12.02
N LEU B 1295 -26.26 45.67 -12.63
CA LEU B 1295 -26.45 44.38 -11.96
C LEU B 1295 -25.12 43.62 -11.96
N ASP B 1296 -24.39 43.66 -10.85
CA ASP B 1296 -23.14 42.86 -10.72
C ASP B 1296 -23.45 41.37 -10.56
N SER B 1297 -22.45 40.52 -10.77
CA SER B 1297 -22.56 39.05 -10.57
C SER B 1297 -21.84 38.71 -9.27
N PRO B 1298 -22.43 37.87 -8.43
CA PRO B 1298 -23.68 37.15 -8.67
C PRO B 1298 -24.91 38.03 -8.39
N ALA B 1299 -25.99 37.80 -9.15
CA ALA B 1299 -27.29 38.39 -8.91
C ALA B 1299 -28.02 37.55 -7.85
N THR B 1300 -27.64 37.84 -6.60
CA THR B 1300 -28.14 37.22 -5.43
C THR B 1300 -29.47 37.85 -5.04
N PRO B 1301 -30.19 37.29 -4.06
CA PRO B 1301 -31.37 37.97 -3.55
C PRO B 1301 -31.08 39.40 -3.10
N GLU B 1302 -29.93 39.64 -2.46
CA GLU B 1302 -29.55 41.03 -2.06
C GLU B 1302 -29.57 41.97 -3.28
N LYS B 1303 -28.82 41.62 -4.31
CA LYS B 1303 -28.65 42.46 -5.48
C LYS B 1303 -29.97 42.61 -6.27
N ILE B 1304 -30.75 41.54 -6.35
CA ILE B 1304 -32.04 41.62 -7.05
C ILE B 1304 -32.97 42.57 -6.30
N ARG B 1305 -33.14 42.33 -5.00
CA ARG B 1305 -34.03 43.11 -4.15
C ARG B 1305 -33.64 44.58 -4.18
N ASN B 1306 -32.33 44.86 -4.09
CA ASN B 1306 -31.86 46.24 -3.96
C ASN B 1306 -32.12 46.99 -5.26
N ALA B 1307 -32.07 46.30 -6.41
CA ALA B 1307 -32.30 46.89 -7.69
C ALA B 1307 -33.80 47.12 -7.95
N CYS B 1308 -34.69 46.41 -7.26
CA CYS B 1308 -36.16 46.61 -7.39
C CYS B 1308 -36.58 47.81 -6.53
N VAL B 1309 -36.17 49.00 -6.96
CA VAL B 1309 -36.45 50.23 -6.19
C VAL B 1309 -37.96 50.48 -6.10
N ASP B 1310 -38.40 50.85 -4.88
CA ASP B 1310 -39.83 51.06 -4.61
C ASP B 1310 -40.01 51.96 -3.38
N GLN B 1311 -41.24 51.98 -2.85
CA GLN B 1311 -41.63 52.78 -1.64
C GLN B 1311 -40.84 52.30 -0.41
N PHE B 1312 -40.40 51.03 -0.42
CA PHE B 1312 -39.80 50.43 0.76
C PHE B 1312 -38.29 50.67 0.73
N THR B 1313 -37.63 50.41 -0.41
CA THR B 1313 -36.19 50.66 -0.48
C THR B 1313 -35.86 52.15 -0.23
N THR B 1314 -36.71 53.06 -0.70
CA THR B 1314 -36.53 54.52 -0.52
C THR B 1314 -36.39 54.88 0.97
N LEU B 1315 -37.27 54.35 1.82
CA LEU B 1315 -37.24 54.60 3.29
C LEU B 1315 -36.01 54.00 4.01
N CYS B 1316 -35.27 53.07 3.37
CA CYS B 1316 -34.26 52.23 4.04
C CYS B 1316 -32.83 52.60 3.64
N VAL B 1317 -32.68 53.39 2.57
CA VAL B 1317 -31.37 53.65 1.97
C VAL B 1317 -30.82 54.92 2.64
N THR B 1318 -31.66 55.96 2.72
CA THR B 1318 -31.49 57.12 3.65
C THR B 1318 -32.82 57.42 4.35
N GLY B 1319 -33.84 57.94 3.63
CA GLY B 1319 -35.20 58.19 4.23
C GLY B 1319 -36.14 59.06 3.39
N VAL B 1320 -36.71 60.10 4.04
CA VAL B 1320 -37.90 60.92 3.62
C VAL B 1320 -39.17 60.11 3.86
N PRO B 1321 -39.83 60.22 5.05
CA PRO B 1321 -41.01 59.40 5.38
C PRO B 1321 -42.33 60.03 4.90
FE1 FES C . 21.68 -14.02 -0.37
FE2 FES C . 23.65 -14.04 1.45
S1 FES C . 23.46 -12.63 -0.22
S2 FES C . 21.81 -15.32 1.42
FE1 FES D . 17.41 -16.72 13.92
FE2 FES D . 17.82 -18.20 11.63
S1 FES D . 19.13 -18.05 13.47
S2 FES D . 16.24 -16.62 12.02
N1 URC E . 13.83 -23.93 -18.46
C2 URC E . 15.16 -24.20 -18.73
C6 URC E . 13.39 -23.47 -17.30
N3 URC E . 16.14 -24.00 -17.79
O11 URC E . 15.46 -24.67 -19.90
C4 URC E . 15.80 -23.54 -16.53
C5 URC E . 14.34 -23.25 -16.20
N9 URC E . 16.48 -23.25 -15.39
O13 URC E . 12.14 -23.21 -17.16
N7 URC E . 14.27 -22.81 -14.89
C8 URC E . 15.57 -22.82 -14.46
O24 URC E . 15.96 -22.57 -13.24
C BCT F . 16.04 -29.87 -11.00
O1 BCT F . 15.39 -28.77 -11.24
O2 BCT F . 15.52 -30.87 -10.53
O3 BCT F . 17.29 -29.98 -11.31
PA FAD G . 17.38 -23.59 28.05
O1A FAD G . 17.12 -22.31 28.74
O2A FAD G . 16.80 -23.90 26.67
O5B FAD G . 16.96 -24.84 28.99
C5B FAD G . 17.38 -26.21 28.69
C4B FAD G . 16.89 -27.19 29.68
O4B FAD G . 17.71 -27.12 30.88
C3B FAD G . 15.47 -26.91 30.14
O3B FAD G . 14.82 -28.15 30.41
C2B FAD G . 15.65 -26.11 31.41
O2B FAD G . 14.59 -26.27 32.38
C1B FAD G . 16.87 -26.71 32.00
N9A FAD G . 17.78 -25.93 32.87
C8A FAD G . 18.56 -24.87 32.57
N7A FAD G . 19.35 -24.50 33.64
C5A FAD G . 19.02 -25.39 34.62
C6A FAD G . 19.51 -25.63 35.97
N6A FAD G . 20.45 -24.78 36.41
N1A FAD G . 19.01 -26.62 36.70
C2A FAD G . 18.10 -27.46 36.18
N3A FAD G . 17.56 -27.33 34.97
C4A FAD G . 18.05 -26.32 34.13
N1 FAD G . 24.00 -28.78 21.87
C2 FAD G . 25.12 -29.53 21.75
O2 FAD G . 25.38 -30.38 22.63
N3 FAD G . 25.97 -29.43 20.71
C4 FAD G . 25.77 -28.56 19.69
O4 FAD G . 26.53 -28.52 18.67
C4X FAD G . 24.56 -27.73 19.75
N5 FAD G . 24.31 -26.83 18.74
C5X FAD G . 23.20 -26.08 18.73
C6 FAD G . 22.97 -25.23 17.66
C7 FAD G . 21.83 -24.41 17.64
C7M FAD G . 21.51 -23.48 16.49
C8 FAD G . 20.93 -24.47 18.82
C8M FAD G . 19.69 -23.64 18.88
C9 FAD G . 21.15 -25.38 19.87
C9A FAD G . 22.25 -26.21 19.88
N10 FAD G . 22.52 -27.10 20.99
C10 FAD G . 23.68 -27.90 20.90
C1' FAD G . 21.58 -27.28 22.10
C2' FAD G . 21.49 -26.13 23.14
O2' FAD G . 22.09 -24.95 22.60
C3' FAD G . 22.26 -26.51 24.37
O3' FAD G . 21.76 -27.81 24.84
C4' FAD G . 22.22 -25.38 25.38
O4' FAD G . 23.38 -25.60 26.18
C5' FAD G . 20.97 -25.28 26.26
O5' FAD G . 21.23 -24.25 27.26
P FAD G . 20.19 -23.07 27.50
O1P FAD G . 20.75 -22.28 28.66
O2P FAD G . 19.87 -22.38 26.18
O3P FAD G . 18.98 -23.92 28.04
FE1 FES H . -20.04 14.46 -7.53
FE2 FES H . -22.58 14.32 -6.65
S1 FES H . -21.67 13.11 -8.28
S2 FES H . -20.87 15.55 -5.82
FE1 FES I . -21.89 15.63 7.48
FE2 FES I . -21.38 17.34 5.33
S1 FES I . -23.28 17.06 6.52
S2 FES I . -20.06 15.75 6.23
N1 URC J . -5.80 25.85 -19.96
C2 URC J . -6.91 26.21 -20.68
C6 URC J . -5.84 25.28 -18.71
N3 URC J . -8.14 26.00 -20.22
O11 URC J . -6.77 26.78 -21.81
C4 URC J . -8.35 25.40 -19.04
C5 URC J . -7.18 24.99 -18.20
N9 URC J . -9.45 25.06 -18.30
O13 URC J . -4.73 24.97 -18.02
N7 URC J . -7.69 24.51 -17.02
C8 URC J . -9.03 24.55 -17.13
O24 URC J . -9.85 24.15 -16.17
C BCT K . -10.98 31.12 -13.53
O1 BCT K . -10.32 30.04 -13.58
O2 BCT K . -10.68 32.04 -12.78
O3 BCT K . -12.06 31.20 -14.28
PA FAD L . -27.98 21.00 21.00
O1A FAD L . -27.94 19.63 21.58
O2A FAD L . -26.94 21.41 20.04
O5B FAD L . -28.00 22.10 22.20
C5B FAD L . -28.14 23.48 21.89
C4B FAD L . -28.23 24.41 23.12
O4B FAD L . -29.43 24.19 23.85
C3B FAD L . -27.14 24.05 24.09
O3B FAD L . -26.67 25.21 24.72
C2B FAD L . -27.74 23.14 25.09
O2B FAD L . -27.03 23.23 26.36
C1B FAD L . -29.12 23.69 25.14
N9A FAD L . -30.26 22.87 25.51
C8A FAD L . -30.85 21.90 24.78
N7A FAD L . -31.93 21.46 25.40
C5A FAD L . -32.11 22.17 26.50
C6A FAD L . -33.12 22.22 27.59
N6A FAD L . -34.20 21.42 27.63
N1A FAD L . -32.88 23.15 28.53
C2A FAD L . -31.81 23.95 28.51
N3A FAD L . -30.86 23.97 27.59
C4A FAD L . -30.99 23.10 26.57
N1 FAD L . -31.44 26.85 13.24
C2 FAD L . -32.47 27.61 12.82
O2 FAD L . -33.13 28.35 13.64
N3 FAD L . -32.78 27.65 11.53
C4 FAD L . -32.20 26.94 10.55
O4 FAD L . -32.59 27.04 9.37
C4X FAD L . -31.10 26.07 10.93
N5 FAD L . -30.42 25.34 10.06
C5X FAD L . -29.41 24.57 10.43
C6 FAD L . -28.72 23.83 9.47
C7 FAD L . -27.64 23.03 9.84
C7M FAD L . -26.87 22.20 8.78
C8 FAD L . -27.30 22.95 11.25
C8M FAD L . -26.16 22.08 11.72
C9 FAD L . -27.97 23.72 12.24
C9A FAD L . -29.02 24.52 11.87
N10 FAD L . -29.74 25.30 12.82
C10 FAD L . -30.77 26.09 12.36
C1' FAD L . -29.39 25.31 14.28
C2' FAD L . -29.79 24.06 15.05
O2' FAD L . -30.15 22.98 14.20
C3' FAD L . -30.98 24.36 15.95
O3' FAD L . -30.65 25.47 16.84
C4' FAD L . -31.39 23.12 16.72
O4' FAD L . -32.77 23.40 17.12
C5' FAD L . -30.50 22.93 17.94
O5' FAD L . -31.03 21.83 18.62
P FAD L . -30.22 20.58 19.22
O1P FAD L . -31.20 19.70 19.95
O2P FAD L . -29.30 20.01 18.15
O3P FAD L . -29.36 21.42 20.27
#